data_7UFH
#
_entry.id   7UFH
#
_cell.length_a   258.581
_cell.length_b   144.453
_cell.length_c   104.764
_cell.angle_alpha   90.000
_cell.angle_beta   90.000
_cell.angle_gamma   90.000
#
_symmetry.space_group_name_H-M   'P 21 21 2'
#
loop_
_entity.id
_entity.type
_entity.pdbx_description
1 polymer 'Integrin alpha-IIb heavy chain'
2 polymer 'Isoform Beta-3C of Integrin beta-3'
3 polymer '10E5 Fab heavy chain'
4 polymer '10E5 Fab light chain'
5 branched alpha-D-mannopyranose-(1-3)-[alpha-D-mannopyranose-(1-6)]beta-D-mannopyranose-(1-4)-2-acetamido-2-deoxy-beta-D-glucopyranose-(1-4)-2-acetamido-2-deoxy-beta-D-glucopyranose
6 branched 2-acetamido-2-deoxy-beta-D-glucopyranose-(1-4)-2-acetamido-2-deoxy-beta-D-glucopyranose
7 branched alpha-D-mannopyranose-(1-3)-beta-D-mannopyranose-(1-4)-2-acetamido-2-deoxy-beta-D-glucopyranose-(1-4)-2-acetamido-2-deoxy-beta-D-glucopyranose
8 non-polymer 'SULFATE ION'
9 non-polymer GLYCEROL
10 non-polymer 'CALCIUM ION'
11 non-polymer 'MANGANESE (II) ION'
12 non-polymer 2-acetamido-2-deoxy-beta-D-glucopyranose
13 non-polymer Fradafiban
14 non-polymer 'CHLORIDE ION'
15 water water
#
loop_
_entity_poly.entity_id
_entity_poly.type
_entity_poly.pdbx_seq_one_letter_code
_entity_poly.pdbx_strand_id
1 'polypeptide(L)'
;LNLDPVQLTFYAGPNGSQFGFSLDFHKDSHGRVAIVVGAPRTLGPSQEETGGVFLCPWRAEGGQCPSLLFDLRDETRNVG
SQTLQTFKARQGLGASVVSWSDVIVACAPWQHWNVLEKTEEAEKTPVGSCFLAQPESGRRAEYSPCRGNTLSRIYVENDF
SWDKRYCEAGFSSVVTQAGELVLGAPGGYYFLGLLAQAPVADIFSSYRPGILLWHVSSQSLSFDSSNPEYFDGYWGYSVA
VGEFDGDLNTTEYVVGAPTWSWTLGAVEILDSYYQRLHRLRGEQMASYFGHSVAVTDVNGDGRHDLLVGAPLYMESRADR
KLAEVGRVYLFLQPRGPHALGAPSLLLTGTQLYGRFGSAIAPLGDLDRDGYNDIAVAAPYGGPSGRGQVLVFLGQSEGLR
SRPSQVLDSPFPTGSAFGFSLRGAVDIDDNGYPDLIVGAYGANQVAVYRAQPVVKAS
;
A,C
2 'polypeptide(L)'
;GPNICTTRGVSSCQQCLAVSPMCAWCSDEALPLGSPRCDLKENLLKDNCAPESIEFPVSEARVLEDRPLSDKGSGDSSQV
TQVSPQRIALRLRPDDSKNFSIQVRQVEDYPVDIYYLMDLSYSMKDDLWSIQNLGTKLATQMRKLTSNLRIGFGAFVDKP
VSPYMYISPPEALENPCYDMKTTCLPMFGYKHVLTLTDQVTRFNEEVKKQSVSRNRDAPEGGFDAIMQATVCDEKIGWRN
DASHLLVFTTDAKTHIALDGRLAGIVQPNDGQCHVGSDNHYSASTTMDYPSLGLMTEKLSQKNINLIFAVTENVVNLYQN
YSELIPGTTVGVLSMDSSNVLQLIVDAYGKIRSKVELEVRDLPEELSLSFNATCLNNEVIPGLKSCMGLKIGDTVSFSIE
AKVRGCPQEKEKSFTIKPVGFKDSLIVQVTFDCDCACQAQAEPNSHRCNNGNGTFECGVCRCGPGWLGSQCE
;
B,D
3 'polypeptide(L)'
;EVQLQQSGAELVKPGASVKLSCTASGFNIKDTYVHWVKQRPEQGLEWIGRIDPANGYTKYDPKFQGKATITADTSSNTAY
LQLSSLTSEDTAVYYCVRPLYDYYAMDYWGQGTSVTVSSAKTTAPSVYPLAPVCGDTTGSSVTLGCLVKGYFPEPVTLTW
NSGSLSSGVHTFPAVLQSDLYTLSSSVTVTSSTWPSQSITCNVAHPASSTKVDKKIEPRGP
;
E,H
4 'polypeptide(L)'
;DILMTQSPSSMSVSLGDTVSITCHASQGISSNIGWLQQKPGKSFMGLIYYGTNLVDGVPSRFSGSGSGADYSLTISSLDS
EDFADYYCVQYAQLPYTFGGGTKLEIKRADAAPTVSIFPPSSEQLTSGGASVVCFLNNFYPKDINVKWKIDGSERQNGVL
NSWTDQDSKDSTYSMSSTLTLTKDEYERHNSYTCEATHKTSTSPIVKSFNRNEC
;
F,L
#
loop_
_chem_comp.id
_chem_comp.type
_chem_comp.name
_chem_comp.formula
BMA D-saccharide, beta linking beta-D-mannopyranose 'C6 H12 O6'
CA non-polymer 'CALCIUM ION' 'Ca 2'
CL non-polymer 'CHLORIDE ION' 'Cl -1'
GOL non-polymer GLYCEROL 'C3 H8 O3'
MAN D-saccharide, alpha linking alpha-D-mannopyranose 'C6 H12 O6'
MN non-polymer 'MANGANESE (II) ION' 'Mn 2'
MWX non-polymer Fradafiban 'C20 H21 N3 O4'
NAG D-saccharide, beta linking 2-acetamido-2-deoxy-beta-D-glucopyranose 'C8 H15 N O6'
SO4 non-polymer 'SULFATE ION' 'O4 S -2'
#
# COMPACT_ATOMS: atom_id res chain seq x y z
N LEU A 1 -0.78 35.49 32.63
CA LEU A 1 -0.94 36.93 32.76
C LEU A 1 -0.80 37.35 34.22
N ASN A 2 -1.69 36.82 35.06
CA ASN A 2 -1.83 37.26 36.44
C ASN A 2 -1.36 36.21 37.44
N LEU A 3 -0.32 35.44 37.08
CA LEU A 3 0.36 34.60 38.04
C LEU A 3 1.45 35.41 38.72
N ASP A 4 1.58 35.23 40.04
CA ASP A 4 2.50 35.99 40.85
C ASP A 4 3.91 35.41 40.76
N PRO A 5 4.84 36.07 40.07
CA PRO A 5 6.20 35.54 39.95
C PRO A 5 7.17 36.04 41.02
N VAL A 6 6.67 36.75 42.02
CA VAL A 6 7.53 37.37 43.03
C VAL A 6 7.55 36.51 44.29
N GLN A 7 6.37 36.23 44.85
CA GLN A 7 6.25 35.51 46.10
C GLN A 7 5.79 34.09 45.79
N LEU A 8 6.75 33.22 45.51
CA LEU A 8 6.47 31.82 45.22
C LEU A 8 6.38 31.04 46.53
N THR A 9 6.08 29.75 46.40
CA THR A 9 6.09 28.82 47.52
C THR A 9 6.88 27.59 47.08
N PHE A 10 7.86 27.19 47.89
CA PHE A 10 8.78 26.13 47.52
C PHE A 10 8.61 24.94 48.47
N TYR A 11 8.30 23.78 47.89
CA TYR A 11 8.36 22.50 48.59
C TYR A 11 9.59 21.74 48.09
N ALA A 12 10.16 20.90 48.96
CA ALA A 12 11.43 20.26 48.63
C ALA A 12 11.48 18.87 49.22
N GLY A 13 12.23 17.99 48.56
CA GLY A 13 12.42 16.63 49.01
C GLY A 13 13.88 16.28 49.23
N PRO A 14 14.15 15.00 49.46
CA PRO A 14 15.54 14.57 49.69
C PRO A 14 16.41 14.81 48.46
N ASN A 15 17.73 14.84 48.70
CA ASN A 15 18.68 15.07 47.63
C ASN A 15 18.69 13.87 46.68
N GLY A 16 18.62 14.14 45.38
CA GLY A 16 18.70 13.10 44.38
C GLY A 16 17.51 12.17 44.33
N SER A 17 16.40 12.53 44.96
CA SER A 17 15.20 11.70 44.92
C SER A 17 14.31 11.99 43.72
N GLN A 18 14.64 13.01 42.92
CA GLN A 18 13.82 13.44 41.78
C GLN A 18 12.41 13.82 42.23
N PHE A 19 12.33 14.43 43.41
CA PHE A 19 11.10 14.99 43.96
C PHE A 19 10.55 16.08 43.04
N GLY A 20 9.40 15.83 42.43
CA GLY A 20 8.83 16.79 41.50
C GLY A 20 8.76 16.28 40.08
N PHE A 21 9.14 15.01 39.89
CA PHE A 21 9.01 14.36 38.59
C PHE A 21 7.55 14.33 38.13
N SER A 22 6.62 14.30 39.07
CA SER A 22 5.20 14.23 38.77
C SER A 22 4.45 14.79 39.97
N LEU A 23 3.35 15.49 39.70
CA LEU A 23 2.56 16.08 40.78
C LEU A 23 1.12 16.22 40.34
N ASP A 24 0.25 16.49 41.31
CA ASP A 24 -1.15 16.76 41.06
C ASP A 24 -1.77 17.33 42.33
N PHE A 25 -2.90 18.00 42.17
CA PHE A 25 -3.68 18.49 43.31
C PHE A 25 -4.53 17.36 43.87
N HIS A 26 -4.74 17.41 45.18
CA HIS A 26 -5.50 16.37 45.88
C HIS A 26 -6.43 17.03 46.90
N LYS A 27 -7.72 16.78 46.76
CA LYS A 27 -8.73 17.27 47.69
C LYS A 27 -9.18 16.11 48.58
N ASP A 28 -9.18 16.33 49.89
CA ASP A 28 -9.68 15.33 50.81
C ASP A 28 -11.20 15.40 50.89
N SER A 29 -11.79 14.60 51.78
CA SER A 29 -13.24 14.57 51.91
C SER A 29 -13.82 15.93 52.27
N HIS A 30 -13.01 16.81 52.87
CA HIS A 30 -13.45 18.15 53.25
C HIS A 30 -13.11 19.20 52.20
N GLY A 31 -12.63 18.79 51.02
CA GLY A 31 -12.27 19.73 49.98
C GLY A 31 -10.97 20.48 50.20
N ARG A 32 -10.30 20.27 51.32
N ARG A 32 -10.29 20.26 51.33
CA ARG A 32 -9.02 20.92 51.59
CA ARG A 32 -9.03 20.93 51.59
C ARG A 32 -7.97 20.43 50.59
C ARG A 32 -7.98 20.44 50.59
N VAL A 33 -7.47 21.36 49.77
CA VAL A 33 -6.54 21.01 48.71
C VAL A 33 -5.14 20.77 49.28
N ALA A 34 -4.49 19.73 48.78
CA ALA A 34 -3.09 19.43 49.05
C ALA A 34 -2.37 19.21 47.73
N ILE A 35 -1.09 18.87 47.80
CA ILE A 35 -0.29 18.58 46.61
C ILE A 35 0.37 17.22 46.81
N VAL A 36 0.17 16.33 45.85
CA VAL A 36 0.84 15.03 45.84
C VAL A 36 2.02 15.13 44.87
N VAL A 37 3.20 14.69 45.32
CA VAL A 37 4.42 14.78 44.54
C VAL A 37 5.06 13.41 44.49
N GLY A 38 5.53 13.02 43.31
CA GLY A 38 6.23 11.76 43.13
C GLY A 38 7.73 11.96 43.03
N ALA A 39 8.47 11.10 43.72
CA ALA A 39 9.94 11.14 43.76
C ALA A 39 10.47 9.76 43.39
N PRO A 40 10.61 9.48 42.10
CA PRO A 40 10.87 8.10 41.65
C PRO A 40 12.25 7.56 42.00
N ARG A 41 13.07 8.29 42.75
CA ARG A 41 14.38 7.77 43.13
C ARG A 41 14.62 7.93 44.63
N THR A 42 13.56 7.93 45.42
CA THR A 42 13.71 7.98 46.86
C THR A 42 14.22 6.65 47.38
N LEU A 43 15.14 6.72 48.35
CA LEU A 43 15.71 5.51 48.91
C LEU A 43 14.67 4.70 49.67
N GLY A 44 14.71 3.38 49.51
CA GLY A 44 13.79 2.50 50.19
C GLY A 44 14.31 2.04 51.53
N PRO A 45 13.99 0.80 51.90
CA PRO A 45 14.50 0.26 53.17
C PRO A 45 15.94 -0.22 53.03
N SER A 46 16.23 -0.92 51.93
CA SER A 46 17.53 -1.54 51.71
C SER A 46 18.53 -0.54 51.13
N GLN A 47 18.37 0.74 51.46
CA GLN A 47 19.22 1.83 50.96
C GLN A 47 19.31 1.85 49.44
N GLU A 48 18.31 1.32 48.76
CA GLU A 48 18.30 1.24 47.31
C GLU A 48 17.15 2.08 46.76
N GLU A 49 17.38 2.67 45.60
CA GLU A 49 16.36 3.51 44.97
C GLU A 49 15.11 2.70 44.66
N THR A 50 13.98 3.13 45.22
CA THR A 50 12.69 2.54 44.90
C THR A 50 11.64 3.57 44.50
N GLY A 51 11.83 4.85 44.81
CA GLY A 51 10.80 5.83 44.64
C GLY A 51 9.96 6.01 45.90
N GLY A 52 9.17 7.07 45.89
CA GLY A 52 8.33 7.39 47.03
C GLY A 52 7.36 8.48 46.65
N VAL A 53 6.38 8.70 47.53
CA VAL A 53 5.30 9.65 47.28
C VAL A 53 5.11 10.50 48.53
N PHE A 54 4.95 11.81 48.32
CA PHE A 54 4.75 12.77 49.39
C PHE A 54 3.43 13.51 49.18
N LEU A 55 2.81 13.91 50.29
CA LEU A 55 1.50 14.56 50.29
C LEU A 55 1.63 15.88 51.05
N CYS A 56 1.87 16.95 50.31
CA CYS A 56 2.23 18.22 50.94
C CYS A 56 0.99 19.02 51.30
N PRO A 57 0.82 19.40 52.56
CA PRO A 57 -0.26 20.33 52.91
C PRO A 57 0.04 21.73 52.38
N TRP A 58 -1.02 22.52 52.25
CA TRP A 58 -0.88 23.85 51.67
C TRP A 58 -0.41 24.84 52.73
N ARG A 59 0.79 25.38 52.53
CA ARG A 59 1.36 26.41 53.39
C ARG A 59 2.11 27.38 52.50
N ALA A 60 1.77 28.68 52.59
CA ALA A 60 2.42 29.69 51.76
C ALA A 60 3.93 29.69 51.93
N GLU A 61 4.44 29.13 53.03
CA GLU A 61 5.88 29.02 53.24
C GLU A 61 6.46 27.81 52.53
N GLY A 62 5.71 26.70 52.48
CA GLY A 62 6.21 25.48 51.90
C GLY A 62 7.03 24.67 52.90
N GLY A 63 8.01 23.93 52.37
CA GLY A 63 8.93 23.19 53.22
C GLY A 63 9.01 21.71 52.92
N GLN A 64 9.19 20.90 53.95
CA GLN A 64 9.23 19.45 53.82
C GLN A 64 7.82 18.88 53.91
N CYS A 65 7.66 17.69 53.34
CA CYS A 65 6.34 17.08 53.33
C CYS A 65 6.39 15.68 53.94
N PRO A 66 5.31 15.22 54.56
CA PRO A 66 5.27 13.85 55.05
C PRO A 66 5.12 12.87 53.91
N SER A 67 5.65 11.67 54.10
CA SER A 67 5.57 10.65 53.07
C SER A 67 4.19 9.99 53.08
N LEU A 68 3.76 9.55 51.89
CA LEU A 68 2.60 8.70 51.75
C LEU A 68 3.13 7.27 51.63
N LEU A 69 3.07 6.53 52.74
CA LEU A 69 3.83 5.29 52.87
C LEU A 69 3.21 4.17 52.06
N PHE A 70 4.07 3.41 51.37
CA PHE A 70 3.67 2.26 50.58
C PHE A 70 4.57 1.07 50.93
N ASP A 71 4.11 -0.12 50.57
CA ASP A 71 4.89 -1.33 50.80
C ASP A 71 6.02 -1.42 49.80
N LEU A 72 7.26 -1.37 50.28
CA LEU A 72 8.45 -1.41 49.43
C LEU A 72 9.23 -2.70 49.56
N ARG A 73 8.62 -3.75 50.13
CA ARG A 73 9.28 -5.04 50.29
C ARG A 73 9.01 -5.89 49.07
N ASP A 74 10.07 -6.52 48.54
CA ASP A 74 9.88 -7.47 47.45
C ASP A 74 9.03 -8.64 47.91
N GLU A 75 8.17 -9.14 47.03
CA GLU A 75 7.20 -10.16 47.37
C GLU A 75 7.48 -11.47 46.62
N THR A 76 7.10 -12.57 47.27
CA THR A 76 7.25 -13.91 46.71
C THR A 76 6.10 -14.77 47.16
N ARG A 77 5.53 -15.54 46.23
CA ARG A 77 4.41 -16.44 46.53
C ARG A 77 4.56 -17.71 45.72
N ASN A 78 4.61 -18.85 46.42
CA ASN A 78 4.72 -20.16 45.79
C ASN A 78 3.33 -20.78 45.72
N VAL A 79 2.78 -20.85 44.51
CA VAL A 79 1.40 -21.28 44.31
C VAL A 79 1.29 -21.89 42.93
N GLY A 80 0.36 -22.84 42.78
CA GLY A 80 0.11 -23.46 41.50
C GLY A 80 1.32 -24.13 40.89
N SER A 81 2.19 -24.72 41.72
CA SER A 81 3.46 -25.29 41.28
C SER A 81 4.29 -24.27 40.52
N GLN A 82 4.18 -22.99 40.92
CA GLN A 82 4.94 -21.90 40.35
C GLN A 82 5.41 -21.00 41.49
N THR A 83 6.32 -20.07 41.16
CA THR A 83 6.81 -19.08 42.11
C THR A 83 6.65 -17.71 41.49
N LEU A 84 5.86 -16.85 42.14
CA LEU A 84 5.61 -15.50 41.68
C LEU A 84 6.53 -14.53 42.41
N GLN A 85 7.13 -13.60 41.67
CA GLN A 85 8.14 -12.70 42.21
C GLN A 85 7.88 -11.28 41.75
N THR A 86 7.98 -10.33 42.67
CA THR A 86 7.97 -8.91 42.36
C THR A 86 9.26 -8.28 42.87
N PHE A 87 9.81 -7.37 42.08
CA PHE A 87 11.09 -6.73 42.39
C PHE A 87 10.91 -5.22 42.29
N LYS A 88 10.87 -4.55 43.44
CA LYS A 88 10.60 -3.14 43.51
C LYS A 88 11.86 -2.28 43.47
N ALA A 89 13.03 -2.89 43.28
CA ALA A 89 14.26 -2.12 43.18
C ALA A 89 14.28 -1.35 41.86
N ARG A 90 14.50 -0.04 41.97
CA ARG A 90 14.60 0.86 40.81
C ARG A 90 13.32 0.83 39.98
N GLN A 91 12.18 0.75 40.67
CA GLN A 91 10.87 0.70 40.03
C GLN A 91 10.36 2.08 39.66
N GLY A 92 10.88 3.14 40.27
CA GLY A 92 10.41 4.49 39.97
C GLY A 92 9.02 4.79 40.49
N LEU A 93 8.72 4.41 41.73
CA LEU A 93 7.44 4.77 42.33
C LEU A 93 7.33 6.29 42.42
N GLY A 94 6.29 6.83 41.80
CA GLY A 94 6.14 8.26 41.70
C GLY A 94 6.52 8.87 40.38
N ALA A 95 6.86 8.05 39.37
CA ALA A 95 7.12 8.56 38.03
C ALA A 95 5.86 9.06 37.33
N SER A 96 4.69 8.87 37.93
CA SER A 96 3.47 9.57 37.56
C SER A 96 2.51 9.43 38.72
N VAL A 97 1.85 10.52 39.09
CA VAL A 97 0.83 10.51 40.12
C VAL A 97 -0.38 11.26 39.58
N VAL A 98 -1.55 10.90 40.11
CA VAL A 98 -2.81 11.49 39.67
C VAL A 98 -3.82 11.30 40.77
N SER A 99 -4.71 12.28 40.92
CA SER A 99 -5.70 12.29 42.00
C SER A 99 -7.11 12.35 41.43
N TRP A 100 -8.03 11.70 42.14
CA TRP A 100 -9.45 11.73 41.80
C TRP A 100 -10.22 11.46 43.09
N SER A 101 -11.12 12.35 43.44
CA SER A 101 -11.86 12.28 44.71
C SER A 101 -10.81 12.28 45.84
N ASP A 102 -11.00 11.47 46.89
CA ASP A 102 -10.05 11.38 47.99
C ASP A 102 -9.07 10.22 47.82
N VAL A 103 -8.67 9.93 46.59
CA VAL A 103 -7.82 8.79 46.27
C VAL A 103 -6.63 9.29 45.45
N ILE A 104 -5.47 8.69 45.70
CA ILE A 104 -4.23 9.00 44.99
C ILE A 104 -3.77 7.76 44.24
N VAL A 105 -3.28 7.95 43.02
CA VAL A 105 -2.79 6.85 42.19
C VAL A 105 -1.34 7.17 41.84
N ALA A 106 -0.41 6.51 42.52
CA ALA A 106 1.02 6.65 42.25
C ALA A 106 1.53 5.37 41.62
N CYS A 107 2.30 5.50 40.56
CA CYS A 107 2.68 4.36 39.74
C CYS A 107 4.20 4.19 39.69
N ALA A 108 4.62 2.94 39.54
CA ALA A 108 6.03 2.55 39.40
C ALA A 108 6.18 1.86 38.06
N PRO A 109 6.43 2.62 36.98
CA PRO A 109 6.44 2.01 35.64
C PRO A 109 7.53 0.97 35.43
N TRP A 110 8.52 0.88 36.32
CA TRP A 110 9.62 -0.05 36.10
C TRP A 110 9.72 -1.09 37.20
N GLN A 111 8.61 -1.38 37.87
CA GLN A 111 8.57 -2.52 38.77
C GLN A 111 8.68 -3.81 37.97
N HIS A 112 9.59 -4.69 38.38
CA HIS A 112 9.87 -5.89 37.63
C HIS A 112 9.12 -7.10 38.19
N TRP A 113 8.98 -8.11 37.34
CA TRP A 113 8.11 -9.24 37.61
C TRP A 113 8.66 -10.46 36.90
N ASN A 114 8.60 -11.60 37.57
CA ASN A 114 9.06 -12.86 36.99
C ASN A 114 8.32 -14.00 37.66
N VAL A 115 8.10 -15.07 36.90
CA VAL A 115 7.45 -16.28 37.38
C VAL A 115 8.36 -17.46 37.09
N LEU A 116 8.56 -18.32 38.09
CA LEU A 116 9.44 -19.47 37.97
C LEU A 116 8.63 -20.75 38.07
N GLU A 117 8.86 -21.67 37.14
CA GLU A 117 8.29 -23.02 37.17
C GLU A 117 9.42 -23.99 36.87
N LYS A 118 9.93 -24.62 37.93
CA LYS A 118 11.09 -25.52 37.85
C LYS A 118 12.30 -24.79 37.27
N THR A 119 12.67 -25.13 36.04
CA THR A 119 13.81 -24.50 35.37
C THR A 119 13.42 -23.38 34.42
N GLU A 120 12.17 -23.37 33.94
CA GLU A 120 11.71 -22.32 33.06
C GLU A 120 11.35 -21.07 33.86
N GLU A 121 11.06 -19.98 33.14
CA GLU A 121 10.69 -18.73 33.79
C GLU A 121 9.91 -17.88 32.79
N ALA A 122 9.25 -16.86 33.32
CA ALA A 122 8.55 -15.89 32.48
C ALA A 122 9.47 -14.78 32.00
N GLU A 123 10.73 -14.77 32.43
CA GLU A 123 11.70 -13.69 32.25
C GLU A 123 11.38 -12.52 33.17
N LYS A 124 12.40 -11.97 33.82
CA LYS A 124 12.25 -10.83 34.71
C LYS A 124 12.11 -9.57 33.86
N THR A 125 10.92 -9.00 33.81
CA THR A 125 10.60 -7.93 32.89
C THR A 125 9.83 -6.83 33.62
N PRO A 126 9.85 -5.59 33.11
CA PRO A 126 9.15 -4.49 33.80
C PRO A 126 7.68 -4.37 33.41
N VAL A 127 6.80 -5.06 34.13
CA VAL A 127 5.38 -4.99 33.81
C VAL A 127 4.74 -3.70 34.29
N GLY A 128 5.35 -2.99 35.23
CA GLY A 128 4.74 -1.80 35.78
C GLY A 128 3.67 -2.13 36.80
N SER A 129 3.48 -1.23 37.76
CA SER A 129 2.47 -1.40 38.80
C SER A 129 2.08 -0.03 39.32
N CYS A 130 0.83 0.09 39.78
CA CYS A 130 0.35 1.33 40.38
C CYS A 130 -0.16 1.05 41.78
N PHE A 131 0.11 1.97 42.70
CA PHE A 131 -0.30 1.87 44.09
C PHE A 131 -1.37 2.90 44.36
N LEU A 132 -2.48 2.47 44.96
CA LEU A 132 -3.60 3.35 45.25
C LEU A 132 -3.76 3.50 46.75
N ALA A 133 -4.11 4.71 47.18
CA ALA A 133 -4.21 5.03 48.59
C ALA A 133 -5.38 5.96 48.86
N GLN A 134 -5.98 5.83 50.04
CA GLN A 134 -7.01 6.72 50.55
C GLN A 134 -6.46 7.32 51.83
N PRO A 135 -5.78 8.48 51.75
CA PRO A 135 -4.97 8.95 52.90
C PRO A 135 -5.75 9.09 54.19
N GLU A 136 -7.01 9.53 54.14
CA GLU A 136 -7.77 9.74 55.36
C GLU A 136 -8.07 8.42 56.06
N SER A 137 -8.45 7.40 55.29
CA SER A 137 -8.84 6.13 55.89
C SER A 137 -7.66 5.21 56.12
N GLY A 138 -6.61 5.34 55.31
CA GLY A 138 -5.50 4.43 55.37
C GLY A 138 -5.61 3.22 54.48
N ARG A 139 -6.71 3.11 53.72
CA ARG A 139 -6.86 2.00 52.78
C ARG A 139 -5.76 2.03 51.73
N ARG A 140 -5.38 0.84 51.26
CA ARG A 140 -4.33 0.69 50.26
C ARG A 140 -4.72 -0.40 49.27
N ALA A 141 -4.18 -0.30 48.07
CA ALA A 141 -4.41 -1.31 47.04
C ALA A 141 -3.36 -1.15 45.95
N GLU A 142 -3.30 -2.16 45.08
CA GLU A 142 -2.38 -2.18 43.95
C GLU A 142 -3.14 -2.57 42.70
N TYR A 143 -2.52 -2.32 41.55
CA TYR A 143 -3.12 -2.69 40.27
C TYR A 143 -2.00 -2.86 39.26
N SER A 144 -1.91 -4.04 38.66
CA SER A 144 -0.85 -4.36 37.71
C SER A 144 -1.40 -5.30 36.65
N PRO A 145 -2.12 -4.75 35.66
CA PRO A 145 -2.88 -5.62 34.74
C PRO A 145 -2.01 -6.43 33.80
N CYS A 146 -0.75 -6.08 33.62
CA CYS A 146 0.11 -6.78 32.67
C CYS A 146 0.87 -7.94 33.28
N ARG A 147 0.72 -8.18 34.58
CA ARG A 147 1.29 -9.37 35.19
C ARG A 147 0.66 -10.61 34.57
N GLY A 148 1.52 -11.56 34.19
CA GLY A 148 1.05 -12.82 33.66
C GLY A 148 1.85 -13.97 34.26
N ASN A 149 1.39 -15.18 33.97
CA ASN A 149 2.06 -16.40 34.43
C ASN A 149 2.43 -17.33 33.28
N THR A 150 2.48 -16.80 32.05
CA THR A 150 2.87 -17.59 30.90
C THR A 150 4.39 -17.65 30.82
N LEU A 151 4.92 -18.85 30.57
CA LEU A 151 6.36 -19.06 30.58
C LEU A 151 6.99 -18.57 29.28
N SER A 152 8.31 -18.35 29.33
CA SER A 152 9.02 -17.72 28.21
C SER A 152 8.87 -18.52 26.91
N ARG A 153 8.85 -19.85 27.01
CA ARG A 153 8.81 -20.68 25.81
C ARG A 153 7.53 -20.46 25.01
N ILE A 154 6.40 -20.31 25.71
CA ILE A 154 5.12 -20.18 25.02
C ILE A 154 5.09 -18.93 24.16
N TYR A 155 5.60 -17.82 24.69
CA TYR A 155 5.63 -16.56 23.92
C TYR A 155 6.40 -16.74 22.62
N VAL A 156 7.50 -17.50 22.66
CA VAL A 156 8.26 -17.76 21.45
C VAL A 156 7.45 -18.59 20.47
N GLU A 157 6.72 -19.59 20.98
CA GLU A 157 5.93 -20.45 20.11
C GLU A 157 4.82 -19.66 19.42
N ASN A 158 4.00 -18.95 20.20
CA ASN A 158 2.91 -18.14 19.65
C ASN A 158 3.39 -16.84 19.04
N ASP A 159 4.71 -16.65 18.93
CA ASP A 159 5.32 -15.57 18.15
C ASP A 159 5.09 -14.21 18.81
N PHE A 160 5.20 -14.17 20.14
CA PHE A 160 5.15 -12.94 20.93
C PHE A 160 3.84 -12.17 20.74
N SER A 161 2.77 -12.84 20.32
CA SER A 161 1.47 -12.19 20.28
C SER A 161 0.95 -12.01 21.70
N TRP A 162 0.38 -10.83 21.94
CA TRP A 162 -0.21 -10.49 23.25
C TRP A 162 0.81 -10.59 24.36
N ASP A 163 2.01 -10.04 24.12
CA ASP A 163 3.10 -10.07 25.08
C ASP A 163 3.01 -8.83 25.95
N LYS A 164 2.47 -8.99 27.16
CA LYS A 164 2.33 -7.88 28.10
C LYS A 164 3.44 -7.90 29.16
N ARG A 165 4.61 -8.42 28.82
CA ARG A 165 5.68 -8.57 29.81
C ARG A 165 6.45 -7.27 30.05
N TYR A 166 6.46 -6.35 29.09
CA TYR A 166 7.25 -5.13 29.20
C TYR A 166 6.36 -3.89 29.22
N CYS A 167 5.11 -4.06 29.69
CA CYS A 167 4.12 -2.98 29.67
C CYS A 167 4.68 -1.68 30.22
N GLU A 168 5.30 -1.74 31.40
CA GLU A 168 5.60 -0.56 32.19
C GLU A 168 4.32 0.23 32.46
N ALA A 169 3.31 -0.49 32.94
CA ALA A 169 2.01 0.12 33.21
C ALA A 169 2.16 1.18 34.30
N GLY A 170 1.45 2.30 34.12
CA GLY A 170 1.59 3.43 35.00
C GLY A 170 2.51 4.52 34.49
N PHE A 171 3.20 4.27 33.36
CA PHE A 171 4.01 5.27 32.69
C PHE A 171 3.32 6.63 32.64
N SER A 172 2.12 6.65 32.06
CA SER A 172 1.23 7.78 32.13
C SER A 172 -0.09 7.31 32.74
N SER A 173 -0.82 8.26 33.33
CA SER A 173 -2.06 7.90 34.00
C SER A 173 -3.04 9.06 33.89
N VAL A 174 -4.32 8.74 34.06
CA VAL A 174 -5.39 9.73 34.09
C VAL A 174 -6.61 9.01 34.67
N VAL A 175 -7.56 9.79 35.20
CA VAL A 175 -8.77 9.23 35.79
C VAL A 175 -9.97 10.01 35.28
N THR A 176 -10.96 9.29 34.75
CA THR A 176 -12.19 9.92 34.29
C THR A 176 -13.02 10.39 35.48
N GLN A 177 -13.87 11.40 35.23
N GLN A 177 -13.88 11.38 35.22
CA GLN A 177 -14.73 11.90 36.29
CA GLN A 177 -14.75 11.90 36.27
C GLN A 177 -15.65 10.82 36.85
C GLN A 177 -15.64 10.81 36.85
N ALA A 178 -15.95 9.78 36.06
CA ALA A 178 -16.71 8.64 36.54
C ALA A 178 -15.90 7.72 37.45
N GLY A 179 -14.60 7.95 37.57
CA GLY A 179 -13.78 7.15 38.46
C GLY A 179 -13.12 5.95 37.82
N GLU A 180 -12.74 6.03 36.56
CA GLU A 180 -12.14 4.92 35.83
C GLU A 180 -10.68 5.25 35.55
N LEU A 181 -9.78 4.59 36.28
CA LEU A 181 -8.36 4.79 36.10
C LEU A 181 -7.93 4.26 34.75
N VAL A 182 -7.10 5.03 34.04
CA VAL A 182 -6.62 4.67 32.72
C VAL A 182 -5.11 4.79 32.73
N LEU A 183 -4.42 3.66 32.61
CA LEU A 183 -2.97 3.63 32.62
C LEU A 183 -2.44 3.53 31.19
N GLY A 184 -1.37 4.26 30.93
CA GLY A 184 -0.63 4.08 29.68
C GLY A 184 0.53 3.12 29.89
N ALA A 185 0.68 2.20 28.95
CA ALA A 185 1.75 1.20 28.99
C ALA A 185 2.41 1.18 27.62
N PRO A 186 3.46 1.98 27.41
CA PRO A 186 4.08 2.07 26.08
C PRO A 186 4.82 0.82 25.68
N GLY A 187 4.99 -0.14 26.57
CA GLY A 187 5.76 -1.33 26.27
C GLY A 187 4.91 -2.58 26.12
N GLY A 188 3.59 -2.44 26.22
CA GLY A 188 2.72 -3.57 26.00
C GLY A 188 2.80 -4.07 24.57
N TYR A 189 2.61 -5.38 24.42
CA TYR A 189 2.57 -6.04 23.11
C TYR A 189 3.89 -5.84 22.37
N TYR A 190 4.98 -6.07 23.08
CA TYR A 190 6.34 -5.95 22.56
C TYR A 190 6.59 -4.56 21.96
N PHE A 191 6.43 -3.55 22.84
CA PHE A 191 6.73 -2.15 22.50
C PHE A 191 5.79 -1.62 21.42
N LEU A 192 4.62 -2.23 21.30
CA LEU A 192 3.55 -1.61 20.54
C LEU A 192 2.84 -0.53 21.35
N GLY A 193 2.50 -0.87 22.60
CA GLY A 193 1.78 0.06 23.45
C GLY A 193 0.33 -0.35 23.63
N LEU A 194 -0.12 -0.43 24.88
CA LEU A 194 -1.50 -0.72 25.19
C LEU A 194 -1.99 0.26 26.25
N LEU A 195 -3.31 0.30 26.42
CA LEU A 195 -3.96 1.03 27.48
C LEU A 195 -4.70 0.05 28.37
N ALA A 196 -4.77 0.36 29.66
CA ALA A 196 -5.50 -0.45 30.62
C ALA A 196 -6.44 0.42 31.42
N GLN A 197 -7.72 0.09 31.41
CA GLN A 197 -8.75 0.79 32.15
C GLN A 197 -9.38 -0.14 33.18
N ALA A 198 -9.77 0.43 34.31
CA ALA A 198 -10.46 -0.31 35.37
C ALA A 198 -11.04 0.64 36.41
N PRO A 199 -12.26 0.40 36.88
CA PRO A 199 -12.85 1.28 37.89
C PRO A 199 -12.07 1.23 39.20
N VAL A 200 -11.90 2.41 39.82
CA VAL A 200 -11.13 2.50 41.05
C VAL A 200 -11.76 1.65 42.15
N ALA A 201 -13.09 1.72 42.27
CA ALA A 201 -13.77 1.01 43.33
C ALA A 201 -13.60 -0.50 43.20
N ASP A 202 -13.60 -1.00 41.96
CA ASP A 202 -13.37 -2.43 41.75
C ASP A 202 -11.94 -2.83 42.08
N ILE A 203 -10.99 -1.92 41.88
CA ILE A 203 -9.60 -2.20 42.25
C ILE A 203 -9.49 -2.42 43.76
N PHE A 204 -10.16 -1.57 44.54
CA PHE A 204 -10.05 -1.66 45.99
C PHE A 204 -10.74 -2.90 46.52
N SER A 205 -11.86 -3.30 45.92
CA SER A 205 -12.63 -4.42 46.43
C SER A 205 -12.06 -5.77 45.99
N SER A 206 -11.37 -5.81 44.86
CA SER A 206 -10.83 -7.05 44.32
C SER A 206 -9.35 -7.24 44.64
N TYR A 207 -8.77 -6.37 45.46
CA TYR A 207 -7.37 -6.50 45.86
C TYR A 207 -7.28 -7.06 47.27
N ARG A 208 -6.34 -8.00 47.46
CA ARG A 208 -5.96 -8.51 48.76
C ARG A 208 -4.45 -8.67 48.74
N PRO A 209 -3.77 -8.38 49.85
CA PRO A 209 -2.31 -8.42 49.85
C PRO A 209 -1.78 -9.86 49.75
N GLY A 210 -0.67 -10.00 49.04
CA GLY A 210 -0.02 -11.29 48.88
C GLY A 210 -0.52 -12.13 47.73
N ILE A 211 -1.62 -11.74 47.09
CA ILE A 211 -2.16 -12.53 45.99
C ILE A 211 -1.28 -12.39 44.75
N LEU A 212 -0.81 -11.18 44.47
CA LEU A 212 0.13 -10.89 43.39
C LEU A 212 -0.50 -11.07 42.00
N LEU A 213 -1.24 -12.15 41.78
CA LEU A 213 -1.96 -12.37 40.54
C LEU A 213 -3.43 -12.56 40.86
N TRP A 214 -4.25 -11.57 40.51
CA TRP A 214 -5.68 -11.62 40.77
C TRP A 214 -6.45 -10.99 39.61
N HIS A 215 -7.72 -11.35 39.50
CA HIS A 215 -8.56 -10.90 38.40
C HIS A 215 -9.32 -9.63 38.78
N VAL A 216 -9.49 -8.76 37.80
CA VAL A 216 -10.36 -7.59 37.90
C VAL A 216 -11.29 -7.66 36.69
N SER A 217 -12.52 -8.13 36.90
CA SER A 217 -13.39 -8.47 35.78
C SER A 217 -13.81 -7.24 34.99
N SER A 218 -13.98 -6.10 35.66
CA SER A 218 -14.43 -4.89 35.00
C SER A 218 -13.33 -4.17 34.23
N GLN A 219 -12.12 -4.73 34.17
CA GLN A 219 -11.03 -4.07 33.48
C GLN A 219 -11.16 -4.25 31.97
N SER A 220 -10.39 -3.44 31.24
CA SER A 220 -10.51 -3.42 29.78
C SER A 220 -9.18 -2.95 29.20
N LEU A 221 -8.44 -3.86 28.59
CA LEU A 221 -7.20 -3.52 27.92
C LEU A 221 -7.45 -3.33 26.43
N SER A 222 -6.57 -2.56 25.79
CA SER A 222 -6.69 -2.36 24.36
C SER A 222 -6.29 -3.63 23.63
N PHE A 223 -6.05 -3.54 22.32
CA PHE A 223 -5.87 -4.72 21.50
C PHE A 223 -4.52 -4.71 20.81
N ASP A 224 -3.93 -5.90 20.71
CA ASP A 224 -2.74 -6.08 19.90
C ASP A 224 -3.05 -5.75 18.44
N SER A 225 -1.99 -5.65 17.64
CA SER A 225 -2.14 -5.34 16.23
C SER A 225 -0.96 -5.91 15.47
N SER A 226 -1.21 -6.27 14.20
CA SER A 226 -0.16 -6.76 13.32
C SER A 226 0.27 -5.70 12.30
N ASN A 227 -0.06 -4.43 12.56
CA ASN A 227 0.27 -3.36 11.65
C ASN A 227 1.66 -2.82 11.97
N PRO A 228 2.61 -2.84 11.03
CA PRO A 228 3.95 -2.32 11.34
C PRO A 228 4.00 -0.84 11.67
N GLU A 229 2.93 -0.08 11.36
CA GLU A 229 2.91 1.33 11.74
C GLU A 229 2.97 1.50 13.26
N TYR A 230 2.35 0.57 13.99
CA TYR A 230 2.37 0.63 15.45
C TYR A 230 3.61 0.02 16.07
N PHE A 231 4.55 -0.46 15.25
CA PHE A 231 5.74 -1.11 15.77
C PHE A 231 6.67 -0.06 16.38
N ASP A 232 7.04 -0.27 17.64
CA ASP A 232 7.94 0.64 18.36
C ASP A 232 7.40 2.06 18.34
N GLY A 233 6.10 2.19 18.58
CA GLY A 233 5.45 3.48 18.58
C GLY A 233 5.17 4.00 19.97
N TYR A 234 5.32 3.12 20.97
CA TYR A 234 5.13 3.46 22.39
C TYR A 234 3.75 4.07 22.62
N TRP A 235 2.73 3.47 22.01
CA TRP A 235 1.34 3.86 22.19
C TRP A 235 0.96 3.88 23.66
N GLY A 236 0.90 5.06 24.26
CA GLY A 236 0.59 5.16 25.68
C GLY A 236 1.60 5.95 26.47
N TYR A 237 2.53 6.59 25.76
CA TYR A 237 3.51 7.46 26.40
C TYR A 237 2.82 8.54 27.23
N SER A 238 1.79 9.15 26.65
CA SER A 238 0.96 10.15 27.33
C SER A 238 -0.50 9.80 27.09
N VAL A 239 -1.36 10.17 28.04
CA VAL A 239 -2.78 9.84 27.96
CA VAL A 239 -2.78 9.84 27.97
C VAL A 239 -3.58 10.98 28.57
N ALA A 240 -4.81 11.15 28.07
CA ALA A 240 -5.73 12.16 28.57
C ALA A 240 -7.15 11.74 28.17
N VAL A 241 -8.14 12.48 28.68
CA VAL A 241 -9.54 12.16 28.45
C VAL A 241 -10.31 13.43 28.10
N GLY A 242 -11.50 13.24 27.52
CA GLY A 242 -12.31 14.38 27.12
C GLY A 242 -13.58 13.92 26.43
N GLU A 243 -14.24 14.87 25.76
CA GLU A 243 -15.50 14.61 25.07
C GLU A 243 -15.36 15.07 23.62
N PHE A 244 -15.33 14.11 22.69
CA PHE A 244 -15.06 14.41 21.29
C PHE A 244 -16.06 13.78 20.32
N ASP A 245 -17.09 13.09 20.81
CA ASP A 245 -18.06 12.42 19.95
C ASP A 245 -19.41 13.10 19.89
N GLY A 246 -19.72 14.01 20.82
CA GLY A 246 -21.03 14.61 20.94
C GLY A 246 -21.92 13.94 21.96
N ASP A 247 -21.66 12.66 22.28
CA ASP A 247 -22.40 11.94 23.30
C ASP A 247 -21.75 12.22 24.66
N LEU A 248 -22.57 12.66 25.62
CA LEU A 248 -22.10 13.03 26.94
C LEU A 248 -22.10 11.88 27.93
N ASN A 249 -22.62 10.71 27.55
CA ASN A 249 -22.58 9.55 28.44
C ASN A 249 -21.30 8.75 28.30
N THR A 250 -20.69 8.75 27.12
CA THR A 250 -19.44 8.06 26.87
C THR A 250 -18.27 9.00 27.12
N THR A 251 -17.16 8.43 27.61
CA THR A 251 -15.92 9.15 27.80
C THR A 251 -14.93 8.68 26.75
N GLU A 252 -14.27 9.64 26.09
CA GLU A 252 -13.31 9.35 25.04
C GLU A 252 -11.89 9.44 25.57
N TYR A 253 -10.98 8.69 24.94
CA TYR A 253 -9.59 8.60 25.36
C TYR A 253 -8.68 9.22 24.31
N VAL A 254 -7.67 9.96 24.77
CA VAL A 254 -6.63 10.52 23.91
C VAL A 254 -5.32 9.85 24.29
N VAL A 255 -4.59 9.35 23.29
CA VAL A 255 -3.38 8.57 23.50
C VAL A 255 -2.27 9.15 22.63
N GLY A 256 -1.07 9.27 23.22
CA GLY A 256 0.10 9.69 22.47
C GLY A 256 0.94 8.48 22.04
N ALA A 257 1.46 8.56 20.82
CA ALA A 257 2.37 7.54 20.29
C ALA A 257 3.49 8.26 19.57
N PRO A 258 4.52 8.70 20.31
CA PRO A 258 5.51 9.62 19.74
C PRO A 258 6.49 8.98 18.78
N THR A 259 6.49 7.67 18.61
CA THR A 259 7.35 7.02 17.63
C THR A 259 6.55 6.18 16.66
N TRP A 260 5.31 6.57 16.43
CA TRP A 260 4.41 5.83 15.55
C TRP A 260 4.81 6.03 14.09
N SER A 261 4.66 4.96 13.30
CA SER A 261 4.98 4.95 11.87
C SER A 261 6.42 5.42 11.63
N TRP A 262 7.36 4.67 12.17
CA TRP A 262 8.79 4.92 12.03
C TRP A 262 9.14 6.33 12.48
N THR A 263 8.92 6.56 13.78
CA THR A 263 9.22 7.82 14.45
C THR A 263 8.54 9.02 13.81
N LEU A 264 7.45 8.82 13.08
CA LEU A 264 6.62 9.95 12.67
C LEU A 264 5.79 10.47 13.82
N GLY A 265 5.38 9.60 14.73
CA GLY A 265 4.61 10.01 15.89
C GLY A 265 3.17 10.32 15.55
N ALA A 266 2.26 10.07 16.49
CA ALA A 266 0.84 10.31 16.23
C ALA A 266 0.10 10.41 17.55
N VAL A 267 -1.13 10.92 17.47
CA VAL A 267 -2.07 10.96 18.56
C VAL A 267 -3.41 10.46 18.05
N GLU A 268 -4.09 9.64 18.84
CA GLU A 268 -5.34 9.02 18.44
C GLU A 268 -6.41 9.24 19.49
N ILE A 269 -7.63 9.53 19.03
CA ILE A 269 -8.79 9.69 19.89
C ILE A 269 -9.67 8.47 19.75
N LEU A 270 -10.06 7.89 20.88
CA LEU A 270 -10.77 6.62 20.90
C LEU A 270 -12.02 6.73 21.74
N ASP A 271 -12.88 5.71 21.61
CA ASP A 271 -14.00 5.52 22.51
C ASP A 271 -13.58 4.63 23.67
N SER A 272 -14.48 4.46 24.64
CA SER A 272 -14.19 3.61 25.79
C SER A 272 -13.98 2.15 25.40
N TYR A 273 -14.28 1.78 24.15
CA TYR A 273 -13.99 0.44 23.64
C TYR A 273 -12.75 0.42 22.75
N TYR A 274 -11.91 1.44 22.83
CA TYR A 274 -10.63 1.53 22.13
C TYR A 274 -10.78 1.51 20.61
N GLN A 275 -11.95 1.89 20.10
CA GLN A 275 -12.14 2.03 18.66
C GLN A 275 -11.73 3.42 18.23
N ARG A 276 -10.93 3.50 17.17
CA ARG A 276 -10.29 4.75 16.80
C ARG A 276 -11.27 5.69 16.11
N LEU A 277 -11.36 6.92 16.61
CA LEU A 277 -12.20 7.95 16.02
C LEU A 277 -11.40 8.83 15.06
N HIS A 278 -10.37 9.51 15.56
CA HIS A 278 -9.51 10.31 14.72
CA HIS A 278 -9.50 10.37 14.78
C HIS A 278 -8.05 9.98 15.02
N ARG A 279 -7.18 10.38 14.11
CA ARG A 279 -5.74 10.16 14.25
C ARG A 279 -5.01 11.38 13.72
N LEU A 280 -4.33 12.11 14.61
CA LEU A 280 -3.50 13.24 14.22
C LEU A 280 -2.09 12.73 13.99
N ARG A 281 -1.56 12.98 12.79
CA ARG A 281 -0.25 12.47 12.42
C ARG A 281 0.83 13.51 12.67
N GLY A 282 2.03 13.03 13.01
CA GLY A 282 3.14 13.92 13.24
C GLY A 282 3.55 14.67 11.98
N GLU A 283 4.16 15.83 12.21
CA GLU A 283 4.60 16.69 11.11
C GLU A 283 6.04 16.41 10.68
N GLN A 284 6.88 15.96 11.61
CA GLN A 284 8.30 15.80 11.36
C GLN A 284 8.81 14.62 12.17
N MET A 285 9.73 13.85 11.59
CA MET A 285 10.18 12.63 12.23
C MET A 285 11.11 12.93 13.41
N ALA A 286 11.02 12.09 14.43
CA ALA A 286 11.81 12.19 15.65
C ALA A 286 11.46 13.44 16.44
N SER A 287 10.46 14.20 15.97
CA SER A 287 9.99 15.34 16.74
C SER A 287 9.34 14.91 18.04
N TYR A 288 9.03 13.62 18.19
CA TYR A 288 8.34 13.08 19.36
C TYR A 288 6.96 13.71 19.52
N PHE A 289 6.26 13.88 18.40
CA PHE A 289 4.89 14.37 18.37
C PHE A 289 3.97 13.40 19.11
N GLY A 290 3.39 13.85 20.22
CA GLY A 290 2.67 12.96 21.13
C GLY A 290 3.32 12.79 22.48
N HIS A 291 4.46 13.44 22.73
CA HIS A 291 5.11 13.36 24.04
C HIS A 291 4.19 13.79 25.17
N SER A 292 3.27 14.71 24.89
CA SER A 292 2.35 15.19 25.90
C SER A 292 1.06 15.63 25.23
N VAL A 293 -0.07 15.26 25.83
CA VAL A 293 -1.39 15.61 25.33
C VAL A 293 -2.18 16.26 26.46
N ALA A 294 -2.94 17.30 26.11
CA ALA A 294 -3.78 18.00 27.07
C ALA A 294 -5.12 18.32 26.42
N VAL A 295 -6.16 18.34 27.23
CA VAL A 295 -7.53 18.51 26.76
C VAL A 295 -8.20 19.60 27.59
N THR A 296 -8.73 20.62 26.91
CA THR A 296 -9.49 21.68 27.55
C THR A 296 -10.15 22.51 26.47
N ASP A 297 -11.20 23.23 26.84
CA ASP A 297 -11.95 24.05 25.90
C ASP A 297 -11.38 25.47 25.96
N VAL A 298 -10.60 25.82 24.93
CA VAL A 298 -9.88 27.09 24.96
C VAL A 298 -10.69 28.23 24.33
N ASN A 299 -11.57 27.93 23.38
CA ASN A 299 -12.35 28.94 22.69
C ASN A 299 -13.76 29.09 23.25
N GLY A 300 -14.08 28.37 24.32
CA GLY A 300 -15.33 28.60 25.03
C GLY A 300 -16.58 28.26 24.26
N ASP A 301 -16.53 27.21 23.43
CA ASP A 301 -17.72 26.71 22.78
C ASP A 301 -18.25 25.42 23.43
N GLY A 302 -17.84 25.15 24.68
CA GLY A 302 -18.19 23.93 25.36
C GLY A 302 -17.59 22.65 24.79
N ARG A 303 -17.00 22.70 23.60
CA ARG A 303 -16.42 21.52 22.98
C ARG A 303 -14.94 21.46 23.32
N HIS A 304 -14.53 20.38 23.99
CA HIS A 304 -13.13 20.19 24.36
C HIS A 304 -12.24 20.30 23.12
N ASP A 305 -11.12 21.00 23.28
CA ASP A 305 -10.10 21.09 22.25
C ASP A 305 -8.88 20.30 22.67
N LEU A 306 -8.03 19.97 21.70
CA LEU A 306 -6.88 19.10 21.90
C LEU A 306 -5.58 19.86 21.68
N LEU A 307 -4.59 19.57 22.53
CA LEU A 307 -3.27 20.14 22.40
C LEU A 307 -2.24 19.03 22.46
N VAL A 308 -1.27 19.07 21.55
CA VAL A 308 -0.28 18.01 21.39
C VAL A 308 1.11 18.65 21.39
N GLY A 309 2.03 18.04 22.13
CA GLY A 309 3.40 18.54 22.26
C GLY A 309 4.38 17.70 21.45
N ALA A 310 5.28 18.38 20.74
CA ALA A 310 6.32 17.75 19.94
C ALA A 310 7.66 18.41 20.27
N PRO A 311 8.21 18.13 21.46
CA PRO A 311 9.29 18.97 22.01
C PRO A 311 10.59 18.90 21.24
N LEU A 312 10.75 18.03 20.26
CA LEU A 312 11.98 17.96 19.49
C LEU A 312 11.83 18.50 18.08
N TYR A 313 10.70 19.15 17.76
CA TYR A 313 10.49 19.67 16.42
C TYR A 313 11.60 20.65 16.05
N MET A 314 12.16 20.49 14.86
CA MET A 314 13.25 21.32 14.38
C MET A 314 12.67 22.36 13.42
N GLU A 315 12.75 23.63 13.80
CA GLU A 315 12.19 24.72 13.00
C GLU A 315 13.12 25.05 11.85
N SER A 316 12.52 25.36 10.70
CA SER A 316 13.29 25.78 9.53
CA SER A 316 13.29 25.78 9.53
C SER A 316 13.77 27.21 9.68
N ARG A 317 15.01 27.46 9.31
CA ARG A 317 15.60 28.79 9.41
C ARG A 317 16.44 29.08 8.17
N ALA A 318 17.09 30.24 8.18
CA ALA A 318 17.81 30.70 7.00
C ALA A 318 18.94 29.74 6.63
N ASP A 319 19.26 29.72 5.34
CA ASP A 319 20.37 28.92 4.81
C ASP A 319 20.13 27.43 5.00
N ARG A 320 18.87 27.02 4.80
CA ARG A 320 18.46 25.61 4.83
C ARG A 320 18.80 24.92 6.14
N LYS A 321 18.97 25.67 7.22
CA LYS A 321 19.39 25.12 8.51
C LYS A 321 18.20 24.93 9.44
N LEU A 322 18.25 23.87 10.23
CA LEU A 322 17.22 23.54 11.20
C LEU A 322 17.70 23.85 12.60
N ALA A 323 16.75 23.89 13.55
CA ALA A 323 17.06 24.26 14.93
C ALA A 323 16.01 23.67 15.85
N GLU A 324 16.40 22.64 16.60
CA GLU A 324 15.48 22.00 17.53
C GLU A 324 15.03 22.98 18.61
N VAL A 325 13.72 23.21 18.71
CA VAL A 325 13.20 24.20 19.64
C VAL A 325 11.90 23.70 20.29
N GLY A 326 11.21 22.78 19.62
CA GLY A 326 9.94 22.28 20.09
C GLY A 326 8.76 23.03 19.47
N ARG A 327 7.59 22.40 19.53
CA ARG A 327 6.39 22.97 18.93
C ARG A 327 5.16 22.37 19.60
N VAL A 328 4.09 23.17 19.67
CA VAL A 328 2.80 22.73 20.21
C VAL A 328 1.75 22.94 19.13
N TYR A 329 0.80 22.00 19.04
CA TYR A 329 -0.27 22.03 18.06
C TYR A 329 -1.61 22.17 18.76
N LEU A 330 -2.46 23.06 18.26
CA LEU A 330 -3.81 23.24 18.78
C LEU A 330 -4.81 22.71 17.76
N PHE A 331 -5.73 21.86 18.23
CA PHE A 331 -6.81 21.33 17.40
C PHE A 331 -8.13 21.72 18.04
N LEU A 332 -8.96 22.44 17.30
CA LEU A 332 -10.26 22.89 17.78
C LEU A 332 -11.32 21.91 17.29
N GLN A 333 -12.16 21.44 18.22
CA GLN A 333 -13.17 20.47 17.86
C GLN A 333 -14.29 21.15 17.06
N PRO A 334 -14.68 20.61 15.92
CA PRO A 334 -15.71 21.24 15.10
C PRO A 334 -17.11 20.96 15.63
N ARG A 335 -18.04 21.81 15.21
CA ARG A 335 -19.43 21.67 15.61
C ARG A 335 -20.02 20.37 15.07
N GLY A 336 -20.53 19.54 15.97
CA GLY A 336 -21.17 18.31 15.60
C GLY A 336 -20.21 17.24 15.11
N PRO A 337 -20.75 16.19 14.49
CA PRO A 337 -19.90 15.05 14.08
C PRO A 337 -19.06 15.35 12.86
N HIS A 338 -17.84 15.84 13.09
CA HIS A 338 -16.91 16.14 12.00
C HIS A 338 -15.49 15.85 12.47
N ALA A 339 -14.64 15.48 11.50
CA ALA A 339 -13.26 15.16 11.82
C ALA A 339 -12.49 16.41 12.22
N LEU A 340 -11.56 16.23 13.15
CA LEU A 340 -10.64 17.31 13.52
C LEU A 340 -9.71 17.57 12.35
N GLY A 341 -9.78 18.77 11.78
CA GLY A 341 -9.03 19.11 10.59
C GLY A 341 -7.58 19.47 10.89
N ALA A 342 -7.03 20.36 10.08
CA ALA A 342 -5.67 20.82 10.25
C ALA A 342 -5.52 21.59 11.56
N PRO A 343 -4.29 21.76 12.06
CA PRO A 343 -4.10 22.49 13.31
C PRO A 343 -4.58 23.93 13.18
N SER A 344 -5.26 24.41 14.22
CA SER A 344 -5.72 25.78 14.25
C SER A 344 -4.60 26.77 14.56
N LEU A 345 -3.50 26.31 15.15
CA LEU A 345 -2.46 27.20 15.63
C LEU A 345 -1.17 26.42 15.83
N LEU A 346 -0.04 27.04 15.50
CA LEU A 346 1.28 26.45 15.70
C LEU A 346 2.08 27.36 16.61
N LEU A 347 2.38 26.87 17.81
CA LEU A 347 3.26 27.58 18.74
C LEU A 347 4.62 26.90 18.68
N THR A 348 5.64 27.65 18.27
CA THR A 348 6.99 27.12 18.10
C THR A 348 7.93 27.79 19.08
N GLY A 349 8.73 26.99 19.77
CA GLY A 349 9.69 27.50 20.72
C GLY A 349 10.76 28.37 20.11
N THR A 350 11.61 28.94 20.94
CA THR A 350 12.65 29.86 20.51
CA THR A 350 12.66 29.85 20.49
C THR A 350 14.05 29.44 20.93
N GLN A 351 14.19 28.88 22.13
CA GLN A 351 15.50 28.52 22.67
C GLN A 351 15.94 27.16 22.15
N LEU A 352 17.13 27.10 21.57
CA LEU A 352 17.68 25.86 21.05
C LEU A 352 17.76 24.80 22.16
N TYR A 353 17.37 23.58 21.81
CA TYR A 353 17.35 22.46 22.76
C TYR A 353 16.49 22.77 23.98
N GLY A 354 15.53 23.69 23.81
CA GLY A 354 14.68 24.09 24.90
C GLY A 354 13.53 23.15 25.19
N ARG A 355 13.15 22.34 24.21
CA ARG A 355 12.09 21.33 24.36
C ARG A 355 10.76 21.97 24.75
N PHE A 356 10.43 23.05 24.05
CA PHE A 356 9.14 23.71 24.19
C PHE A 356 8.02 22.75 23.77
N GLY A 357 7.19 22.36 24.73
CA GLY A 357 6.16 21.38 24.49
C GLY A 357 6.32 20.12 25.29
N SER A 358 7.34 20.04 26.14
CA SER A 358 7.56 18.85 26.94
C SER A 358 6.40 18.61 27.91
N ALA A 359 5.74 19.68 28.36
CA ALA A 359 4.62 19.55 29.26
C ALA A 359 3.60 20.64 28.93
N ILE A 360 2.32 20.28 29.02
CA ILE A 360 1.22 21.19 28.70
C ILE A 360 0.15 20.99 29.77
N ALA A 361 -0.22 22.06 30.45
CA ALA A 361 -1.22 21.97 31.51
C ALA A 361 -2.37 22.92 31.24
N PRO A 362 -3.61 22.43 31.19
CA PRO A 362 -4.76 23.35 31.22
C PRO A 362 -4.76 24.13 32.53
N LEU A 363 -4.96 25.44 32.43
CA LEU A 363 -4.98 26.30 33.60
C LEU A 363 -6.39 26.64 34.07
N GLY A 364 -7.41 26.28 33.31
CA GLY A 364 -8.72 26.87 33.54
C GLY A 364 -8.74 28.30 33.02
N ASP A 365 -9.54 29.14 33.67
CA ASP A 365 -9.62 30.56 33.31
C ASP A 365 -8.78 31.34 34.31
N LEU A 366 -7.57 31.72 33.88
CA LEU A 366 -6.64 32.39 34.77
C LEU A 366 -7.06 33.84 35.01
N ASP A 367 -7.19 34.61 33.94
CA ASP A 367 -7.56 36.01 34.05
C ASP A 367 -9.06 36.24 34.17
N ARG A 368 -9.86 35.16 34.17
CA ARG A 368 -11.30 35.22 34.40
C ARG A 368 -12.03 36.01 33.32
N ASP A 369 -11.65 35.80 32.05
CA ASP A 369 -12.24 36.52 30.94
C ASP A 369 -13.28 35.71 30.16
N GLY A 370 -13.50 34.44 30.54
CA GLY A 370 -14.48 33.59 29.88
C GLY A 370 -13.88 32.47 29.08
N TYR A 371 -12.60 32.52 28.76
CA TYR A 371 -11.92 31.49 27.98
C TYR A 371 -10.88 30.79 28.86
N ASN A 372 -10.78 29.48 28.69
CA ASN A 372 -9.75 28.72 29.39
C ASN A 372 -8.40 28.96 28.75
N ASP A 373 -7.36 28.85 29.57
CA ASP A 373 -5.99 29.10 29.16
C ASP A 373 -5.16 27.85 29.44
N ILE A 374 -3.89 27.87 29.00
CA ILE A 374 -2.97 26.76 29.20
C ILE A 374 -1.60 27.31 29.56
N ALA A 375 -0.70 26.40 29.91
CA ALA A 375 0.71 26.69 30.16
C ALA A 375 1.56 25.65 29.46
N VAL A 376 2.63 26.11 28.80
CA VAL A 376 3.55 25.25 28.07
C VAL A 376 4.93 25.39 28.67
N ALA A 377 5.62 24.27 28.80
CA ALA A 377 6.93 24.25 29.43
C ALA A 377 8.05 24.10 28.40
N ALA A 378 9.17 24.75 28.67
CA ALA A 378 10.41 24.59 27.92
C ALA A 378 11.53 24.35 28.93
N PRO A 379 11.64 23.13 29.46
CA PRO A 379 12.45 22.91 30.67
C PRO A 379 13.93 23.21 30.50
N TYR A 380 14.40 23.38 29.27
CA TYR A 380 15.77 23.84 29.06
C TYR A 380 15.82 25.09 28.20
N GLY A 381 14.73 25.86 28.19
CA GLY A 381 14.64 27.08 27.42
C GLY A 381 14.82 28.33 28.28
N GLY A 382 14.65 29.47 27.63
CA GLY A 382 14.95 30.75 28.24
C GLY A 382 16.35 31.16 27.86
N PRO A 383 16.67 32.45 28.04
CA PRO A 383 17.99 32.94 27.60
C PRO A 383 19.14 32.27 28.31
N SER A 384 18.91 31.73 29.50
CA SER A 384 19.92 31.03 30.28
C SER A 384 19.88 29.52 30.12
N GLY A 385 18.87 28.99 29.43
CA GLY A 385 18.72 27.55 29.36
C GLY A 385 18.37 26.91 30.68
N ARG A 386 17.84 27.68 31.63
CA ARG A 386 17.48 27.15 32.94
C ARG A 386 16.06 26.62 32.99
N GLY A 387 15.23 26.95 32.02
CA GLY A 387 13.84 26.54 32.03
C GLY A 387 12.89 27.71 31.97
N GLN A 388 11.74 27.51 31.31
CA GLN A 388 10.74 28.55 31.16
C GLN A 388 9.37 27.89 31.08
N VAL A 389 8.37 28.57 31.64
CA VAL A 389 6.97 28.19 31.49
C VAL A 389 6.24 29.39 30.91
N LEU A 390 5.65 29.21 29.74
CA LEU A 390 4.93 30.27 29.05
C LEU A 390 3.43 30.04 29.18
N VAL A 391 2.68 31.12 29.34
CA VAL A 391 1.23 31.08 29.48
C VAL A 391 0.61 31.68 28.23
N PHE A 392 -0.36 30.97 27.66
CA PHE A 392 -1.11 31.41 26.49
C PHE A 392 -2.59 31.47 26.83
N LEU A 393 -3.21 32.61 26.54
CA LEU A 393 -4.59 32.85 26.92
C LEU A 393 -5.56 32.43 25.83
N GLY A 394 -6.73 31.95 26.25
CA GLY A 394 -7.74 31.57 25.27
C GLY A 394 -8.46 32.77 24.70
N GLN A 395 -9.01 32.58 23.51
CA GLN A 395 -9.77 33.63 22.84
C GLN A 395 -10.83 32.99 21.96
N SER A 396 -11.67 33.84 21.37
CA SER A 396 -12.79 33.34 20.57
C SER A 396 -12.30 32.47 19.41
N GLU A 397 -11.12 32.75 18.88
CA GLU A 397 -10.59 32.05 17.72
C GLU A 397 -9.50 31.05 18.06
N GLY A 398 -9.49 30.56 19.30
CA GLY A 398 -8.50 29.57 19.71
C GLY A 398 -7.61 30.05 20.84
N LEU A 399 -6.36 30.35 20.52
CA LEU A 399 -5.40 30.84 21.50
C LEU A 399 -4.66 32.03 20.92
N ARG A 400 -4.08 32.83 21.81
CA ARG A 400 -3.18 33.89 21.39
C ARG A 400 -1.87 33.30 20.89
N SER A 401 -1.35 33.83 19.79
CA SER A 401 -0.10 33.33 19.22
C SER A 401 1.13 33.72 20.03
N ARG A 402 1.01 34.69 20.95
CA ARG A 402 2.09 35.15 21.79
C ARG A 402 1.73 34.97 23.26
N PRO A 403 2.71 34.74 24.13
CA PRO A 403 2.39 34.50 25.54
C PRO A 403 1.95 35.78 26.25
N SER A 404 1.20 35.59 27.32
CA SER A 404 0.80 36.69 28.18
C SER A 404 1.73 36.87 29.37
N GLN A 405 2.44 35.82 29.76
CA GLN A 405 3.32 35.82 30.91
C GLN A 405 4.35 34.73 30.70
N VAL A 406 5.55 34.93 31.23
CA VAL A 406 6.62 33.94 31.10
C VAL A 406 7.27 33.76 32.47
N LEU A 407 7.31 32.52 32.96
CA LEU A 407 7.89 32.20 34.25
C LEU A 407 9.29 31.63 34.04
N ASP A 408 10.29 32.40 34.43
CA ASP A 408 11.68 31.93 34.38
C ASP A 408 11.99 31.08 35.60
N SER A 409 12.91 30.15 35.42
CA SER A 409 13.20 29.18 36.47
C SER A 409 13.89 29.86 37.64
N PRO A 410 13.38 29.71 38.87
CA PRO A 410 14.11 30.19 40.04
C PRO A 410 15.17 29.23 40.53
N PHE A 411 15.30 28.06 39.90
CA PHE A 411 16.23 27.04 40.33
C PHE A 411 17.54 27.16 39.57
N PRO A 412 18.60 26.44 40.00
CA PRO A 412 19.85 26.48 39.23
C PRO A 412 19.74 25.75 37.90
N THR A 413 20.83 25.75 37.13
CA THR A 413 20.84 25.07 35.84
C THR A 413 20.57 23.58 36.03
N GLY A 414 19.91 22.99 35.04
CA GLY A 414 19.67 21.56 35.07
C GLY A 414 18.55 21.12 36.01
N SER A 415 17.68 22.03 36.42
CA SER A 415 16.60 21.64 37.31
C SER A 415 15.45 20.97 36.57
N ALA A 416 15.42 21.05 35.24
CA ALA A 416 14.30 20.56 34.43
C ALA A 416 12.98 21.21 34.86
N PHE A 417 13.07 22.47 35.29
CA PHE A 417 11.92 23.27 35.69
C PHE A 417 10.88 23.31 34.59
N GLY A 418 9.69 22.76 34.86
CA GLY A 418 8.66 22.63 33.85
C GLY A 418 8.43 21.23 33.33
N PHE A 419 9.25 20.26 33.73
CA PHE A 419 9.07 18.90 33.22
C PHE A 419 7.70 18.33 33.55
N SER A 420 7.10 18.76 34.66
CA SER A 420 5.74 18.38 35.00
C SER A 420 4.97 19.65 35.36
N LEU A 421 3.67 19.62 35.08
CA LEU A 421 2.80 20.78 35.30
C LEU A 421 1.43 20.32 35.75
N ARG A 422 0.74 21.19 36.48
CA ARG A 422 -0.66 20.98 36.81
C ARG A 422 -1.28 22.30 37.24
N GLY A 423 -2.43 22.64 36.66
CA GLY A 423 -3.11 23.87 37.01
C GLY A 423 -4.59 23.67 37.26
N ALA A 424 -5.36 24.74 37.07
CA ALA A 424 -6.83 24.70 37.13
C ALA A 424 -7.35 24.26 38.50
N VAL A 425 -6.63 24.57 39.58
CA VAL A 425 -7.11 24.29 40.93
C VAL A 425 -6.76 25.48 41.81
N ASP A 426 -7.76 25.99 42.54
CA ASP A 426 -7.58 27.10 43.45
C ASP A 426 -7.15 26.52 44.81
N ILE A 427 -5.90 26.78 45.20
CA ILE A 427 -5.33 26.10 46.37
C ILE A 427 -5.34 27.01 47.59
N ASP A 428 -5.25 28.33 47.39
CA ASP A 428 -5.34 29.28 48.48
C ASP A 428 -6.74 29.83 48.65
N ASP A 429 -7.69 29.42 47.81
CA ASP A 429 -9.11 29.74 47.95
C ASP A 429 -9.36 31.24 47.77
N ASN A 430 -8.69 31.86 46.81
CA ASN A 430 -8.90 33.27 46.49
C ASN A 430 -9.74 33.46 45.23
N GLY A 431 -10.38 32.41 44.72
CA GLY A 431 -11.19 32.50 43.53
C GLY A 431 -10.45 32.33 42.22
N TYR A 432 -9.12 32.38 42.24
CA TYR A 432 -8.32 32.29 41.02
C TYR A 432 -7.55 30.97 40.97
N PRO A 433 -7.55 30.29 39.81
CA PRO A 433 -6.87 28.99 39.73
C PRO A 433 -5.36 29.16 39.62
N ASP A 434 -4.63 28.23 40.24
CA ASP A 434 -3.20 28.36 40.46
C ASP A 434 -2.44 27.33 39.63
N LEU A 435 -1.11 27.36 39.76
CA LEU A 435 -0.23 26.52 38.98
C LEU A 435 0.89 25.99 39.87
N ILE A 436 1.13 24.68 39.79
CA ILE A 436 2.26 24.04 40.46
C ILE A 436 3.21 23.52 39.39
N VAL A 437 4.50 23.77 39.57
CA VAL A 437 5.54 23.39 38.63
C VAL A 437 6.57 22.54 39.35
N GLY A 438 7.06 21.50 38.68
CA GLY A 438 8.04 20.60 39.26
C GLY A 438 9.41 20.79 38.63
N ALA A 439 10.45 20.65 39.45
CA ALA A 439 11.85 20.69 39.01
C ALA A 439 12.55 19.54 39.70
N TYR A 440 12.42 18.34 39.11
CA TYR A 440 13.06 17.17 39.70
C TYR A 440 14.58 17.26 39.68
N GLY A 441 15.16 18.03 38.75
CA GLY A 441 16.59 18.24 38.78
C GLY A 441 17.06 18.89 40.06
N ALA A 442 16.23 19.77 40.64
CA ALA A 442 16.53 20.40 41.92
C ALA A 442 15.76 19.81 43.09
N ASN A 443 14.93 18.79 42.83
CA ASN A 443 14.17 18.10 43.87
C ASN A 443 13.26 19.07 44.63
N GLN A 444 12.60 19.96 43.91
CA GLN A 444 11.71 20.94 44.52
C GLN A 444 10.49 21.14 43.63
N VAL A 445 9.46 21.72 44.25
CA VAL A 445 8.21 22.07 43.57
C VAL A 445 7.89 23.52 43.91
N ALA A 446 7.56 24.31 42.89
CA ALA A 446 7.24 25.71 43.06
C ALA A 446 5.77 25.95 42.77
N VAL A 447 5.10 26.69 43.66
CA VAL A 447 3.67 26.97 43.55
C VAL A 447 3.51 28.44 43.19
N TYR A 448 2.86 28.70 42.05
CA TYR A 448 2.56 30.05 41.60
C TYR A 448 1.10 30.35 41.90
N ARG A 449 0.86 31.41 42.66
CA ARG A 449 -0.49 31.82 43.00
C ARG A 449 -1.00 32.85 42.00
N ALA A 450 -2.23 32.67 41.55
CA ALA A 450 -2.87 33.65 40.70
C ALA A 450 -3.47 34.76 41.54
N GLN A 451 -3.29 36.00 41.09
CA GLN A 451 -3.75 37.17 41.80
C GLN A 451 -4.64 38.00 40.89
N PRO A 452 -5.42 38.93 41.45
CA PRO A 452 -6.28 39.78 40.61
C PRO A 452 -5.45 40.49 39.53
N VAL A 453 -6.08 40.69 38.38
CA VAL A 453 -5.39 41.23 37.21
C VAL A 453 -4.96 42.65 37.48
N VAL A 454 -3.69 42.94 37.26
CA VAL A 454 -3.15 44.28 37.46
C VAL A 454 -3.61 45.20 36.33
N GLY B 1 26.12 70.81 -14.89
CA GLY B 1 24.86 71.14 -14.25
C GLY B 1 24.72 70.64 -12.82
N PRO B 2 23.63 71.02 -12.15
CA PRO B 2 23.43 70.57 -10.77
C PRO B 2 23.00 69.11 -10.72
N ASN B 3 23.51 68.40 -9.72
CA ASN B 3 23.23 66.97 -9.54
C ASN B 3 22.84 66.75 -8.08
N ILE B 4 22.77 65.48 -7.68
CA ILE B 4 22.39 65.12 -6.31
C ILE B 4 23.44 65.59 -5.31
N CYS B 5 24.70 65.71 -5.73
CA CYS B 5 25.75 66.12 -4.78
C CYS B 5 25.56 67.58 -4.34
N THR B 6 25.25 68.47 -5.28
CA THR B 6 25.09 69.88 -4.97
C THR B 6 23.67 70.19 -4.47
N THR B 7 22.66 69.70 -5.19
CA THR B 7 21.27 70.03 -4.86
C THR B 7 20.88 69.58 -3.46
N ARG B 8 21.54 68.56 -2.90
CA ARG B 8 21.27 68.18 -1.52
C ARG B 8 21.69 69.27 -0.53
N GLY B 9 22.70 70.06 -0.88
CA GLY B 9 23.16 71.14 -0.04
C GLY B 9 23.79 70.65 1.24
N VAL B 10 24.97 70.02 1.12
CA VAL B 10 25.62 69.35 2.24
C VAL B 10 26.33 70.37 3.13
N SER B 11 26.71 69.96 4.34
CA SER B 11 27.30 70.86 5.31
C SER B 11 28.75 70.53 5.65
N SER B 12 29.26 69.36 5.27
CA SER B 12 30.62 68.97 5.61
C SER B 12 31.12 67.96 4.59
N CYS B 13 32.43 67.69 4.67
CA CYS B 13 33.02 66.65 3.83
C CYS B 13 32.40 65.28 4.12
N GLN B 14 32.11 65.02 5.40
CA GLN B 14 31.55 63.72 5.78
C GLN B 14 30.16 63.52 5.19
N GLN B 15 29.30 64.54 5.28
CA GLN B 15 27.96 64.43 4.71
C GLN B 15 28.01 64.41 3.18
N CYS B 16 29.05 65.00 2.58
CA CYS B 16 29.13 65.05 1.13
C CYS B 16 29.31 63.65 0.54
N LEU B 17 30.24 62.87 1.11
CA LEU B 17 30.45 61.51 0.61
C LEU B 17 29.25 60.62 0.86
N ALA B 18 28.46 60.92 1.89
CA ALA B 18 27.29 60.10 2.24
C ALA B 18 26.14 60.25 1.24
N VAL B 19 26.20 61.23 0.35
CA VAL B 19 25.10 61.42 -0.60
C VAL B 19 25.07 60.27 -1.60
N SER B 20 26.19 60.00 -2.25
CA SER B 20 26.25 59.01 -3.32
C SER B 20 27.70 58.68 -3.57
N PRO B 21 28.00 57.45 -4.01
CA PRO B 21 29.40 57.06 -4.24
C PRO B 21 30.09 57.87 -5.33
N MET B 22 29.37 58.71 -6.08
CA MET B 22 29.96 59.49 -7.15
C MET B 22 30.34 60.91 -6.73
N CYS B 23 29.97 61.32 -5.51
CA CYS B 23 30.26 62.68 -5.07
C CYS B 23 31.71 62.81 -4.61
N ALA B 24 32.15 64.06 -4.50
CA ALA B 24 33.50 64.38 -4.04
C ALA B 24 33.47 65.75 -3.37
N TRP B 25 34.54 66.05 -2.66
CA TRP B 25 34.62 67.27 -1.85
C TRP B 25 35.90 68.04 -2.18
N CYS B 26 35.79 69.37 -2.17
CA CYS B 26 36.93 70.25 -2.40
C CYS B 26 37.24 71.01 -1.11
N SER B 27 38.46 70.82 -0.58
CA SER B 27 38.89 71.42 0.67
C SER B 27 39.78 72.65 0.45
N ASP B 28 39.66 73.31 -0.69
CA ASP B 28 40.54 74.42 -1.03
C ASP B 28 39.97 75.73 -0.50
N GLU B 29 40.89 76.62 -0.10
CA GLU B 29 40.50 77.95 0.36
C GLU B 29 39.97 78.80 -0.79
N ALA B 30 40.75 78.91 -1.86
CA ALA B 30 40.40 79.74 -3.02
C ALA B 30 39.30 79.03 -3.81
N LEU B 31 38.07 79.16 -3.31
CA LEU B 31 36.89 78.61 -3.96
C LEU B 31 35.77 79.64 -3.88
N PRO B 32 35.07 79.87 -4.99
CA PRO B 32 34.03 80.91 -5.00
C PRO B 32 32.93 80.64 -3.98
N LEU B 33 32.40 81.74 -3.42
CA LEU B 33 31.30 81.63 -2.46
C LEU B 33 30.08 80.96 -3.08
N GLY B 34 29.73 81.35 -4.31
CA GLY B 34 28.59 80.74 -4.98
C GLY B 34 28.84 79.35 -5.52
N SER B 35 30.11 78.96 -5.70
CA SER B 35 30.42 77.64 -6.24
C SER B 35 30.33 76.59 -5.13
N PRO B 36 29.74 75.43 -5.43
CA PRO B 36 29.63 74.37 -4.42
C PRO B 36 30.92 73.58 -4.28
N ARG B 37 31.18 73.13 -3.05
CA ARG B 37 32.36 72.34 -2.74
C ARG B 37 32.12 70.84 -2.89
N CYS B 38 30.88 70.42 -3.14
CA CYS B 38 30.51 69.00 -3.19
C CYS B 38 29.89 68.72 -4.54
N ASP B 39 30.71 68.25 -5.49
CA ASP B 39 30.27 68.02 -6.86
C ASP B 39 31.05 66.82 -7.40
N LEU B 40 30.74 66.44 -8.65
CA LEU B 40 31.52 65.40 -9.31
C LEU B 40 32.98 65.81 -9.40
N LYS B 41 33.88 64.83 -9.38
CA LYS B 41 35.31 65.10 -9.48
C LYS B 41 35.67 65.81 -10.79
N GLU B 42 34.86 65.63 -11.84
CA GLU B 42 35.09 66.35 -13.08
C GLU B 42 34.69 67.82 -12.95
N ASN B 43 33.62 68.11 -12.21
CA ASN B 43 33.13 69.48 -12.08
C ASN B 43 34.01 70.33 -11.18
N LEU B 44 34.68 69.72 -10.20
CA LEU B 44 35.50 70.47 -9.26
C LEU B 44 36.82 70.90 -9.88
N LEU B 45 37.51 69.98 -10.58
CA LEU B 45 38.69 70.37 -11.35
C LEU B 45 38.35 71.39 -12.42
N LYS B 46 37.15 71.30 -13.00
CA LYS B 46 36.68 72.32 -13.94
C LYS B 46 36.64 73.70 -13.29
N ASP B 47 36.28 73.78 -12.01
CA ASP B 47 36.23 75.04 -11.28
C ASP B 47 37.52 75.36 -10.53
N ASN B 48 38.65 74.79 -10.97
CA ASN B 48 39.98 75.13 -10.48
C ASN B 48 40.14 74.82 -9.00
N CYS B 49 39.78 73.59 -8.63
CA CYS B 49 40.03 73.08 -7.28
C CYS B 49 41.40 72.42 -7.23
N ALA B 50 42.13 72.67 -6.15
CA ALA B 50 43.45 72.09 -6.02
C ALA B 50 43.35 70.56 -5.99
N PRO B 51 44.08 69.85 -6.85
CA PRO B 51 43.96 68.39 -6.87
C PRO B 51 44.31 67.72 -5.55
N GLU B 52 45.19 68.32 -4.75
CA GLU B 52 45.56 67.75 -3.46
C GLU B 52 44.47 67.93 -2.39
N SER B 53 43.52 68.84 -2.62
CA SER B 53 42.44 69.09 -1.70
C SER B 53 41.16 68.33 -2.05
N ILE B 54 41.23 67.44 -3.04
CA ILE B 54 40.06 66.70 -3.52
C ILE B 54 39.94 65.40 -2.75
N GLU B 55 38.87 65.27 -1.97
CA GLU B 55 38.56 64.05 -1.21
C GLU B 55 37.57 63.24 -2.05
N PHE B 56 38.05 62.17 -2.67
CA PHE B 56 37.22 61.31 -3.51
C PHE B 56 37.65 59.87 -3.33
N PRO B 57 37.07 59.16 -2.36
CA PRO B 57 37.41 57.74 -2.18
C PRO B 57 36.82 56.86 -3.27
N VAL B 58 37.60 55.87 -3.69
CA VAL B 58 37.19 54.89 -4.70
C VAL B 58 37.13 53.53 -4.02
N SER B 59 35.94 52.92 -4.00
CA SER B 59 35.81 51.56 -3.49
C SER B 59 36.59 50.60 -4.37
N GLU B 60 37.43 49.77 -3.75
CA GLU B 60 38.34 48.89 -4.48
C GLU B 60 38.36 47.52 -3.80
N ALA B 61 39.23 46.65 -4.28
CA ALA B 61 39.37 45.30 -3.72
C ALA B 61 40.69 44.76 -4.25
N ARG B 62 41.65 44.56 -3.36
CA ARG B 62 42.97 44.05 -3.72
C ARG B 62 43.30 42.82 -2.87
N VAL B 63 43.97 41.86 -3.50
CA VAL B 63 44.30 40.61 -2.82
C VAL B 63 45.49 40.82 -1.90
N LEU B 64 45.50 40.10 -0.78
CA LEU B 64 46.63 40.05 0.14
C LEU B 64 47.31 38.69 0.15
N GLU B 65 46.54 37.61 0.16
CA GLU B 65 47.05 36.26 0.01
C GLU B 65 46.39 35.64 -1.23
N ASP B 66 47.22 35.10 -2.12
CA ASP B 66 46.74 34.51 -3.36
C ASP B 66 47.59 33.30 -3.71
N ARG B 67 47.62 32.31 -2.82
CA ARG B 67 48.33 31.07 -3.11
C ARG B 67 47.66 30.35 -4.27
N PRO B 68 48.42 29.60 -5.06
CA PRO B 68 47.82 28.84 -6.15
C PRO B 68 47.16 27.56 -5.64
N LEU B 69 46.11 27.15 -6.32
CA LEU B 69 45.45 25.89 -5.99
C LEU B 69 46.42 24.73 -6.21
N SER B 70 46.55 23.88 -5.19
CA SER B 70 47.44 22.74 -5.29
C SER B 70 46.91 21.71 -6.27
N ASP B 71 47.84 21.06 -6.98
CA ASP B 71 47.44 20.01 -7.92
C ASP B 71 47.25 18.67 -7.22
N LYS B 72 47.94 18.46 -6.11
CA LYS B 72 47.87 17.20 -5.39
C LYS B 72 47.78 17.46 -3.89
N GLY B 73 46.78 16.88 -3.24
CA GLY B 73 46.67 16.93 -1.80
C GLY B 73 47.57 15.97 -1.08
N SER B 74 48.20 15.05 -1.81
CA SER B 74 49.20 14.16 -1.24
C SER B 74 50.40 14.97 -0.77
N GLY B 75 51.17 14.36 0.14
CA GLY B 75 52.32 15.06 0.67
C GLY B 75 51.93 16.31 1.43
N ASP B 76 52.87 17.27 1.47
CA ASP B 76 52.72 18.54 2.16
C ASP B 76 52.48 18.35 3.66
N SER B 77 52.59 19.45 4.40
CA SER B 77 52.29 19.46 5.83
C SER B 77 51.11 20.42 6.06
N SER B 78 49.94 20.05 5.56
CA SER B 78 48.76 20.90 5.55
C SER B 78 49.01 22.21 4.79
N GLN B 79 50.00 22.21 3.90
CA GLN B 79 50.24 23.33 2.99
C GLN B 79 49.46 23.19 1.70
N VAL B 80 48.47 22.30 1.67
CA VAL B 80 47.57 22.19 0.53
C VAL B 80 46.69 23.43 0.46
N THR B 81 46.41 23.90 -0.75
CA THR B 81 45.55 25.05 -0.97
C THR B 81 44.40 24.63 -1.88
N GLN B 82 43.17 24.81 -1.39
CA GLN B 82 41.97 24.49 -2.15
C GLN B 82 41.01 25.66 -2.28
N VAL B 83 41.38 26.84 -1.77
CA VAL B 83 40.58 28.04 -1.89
C VAL B 83 41.51 29.16 -2.35
N SER B 84 41.05 29.97 -3.30
CA SER B 84 41.87 31.07 -3.78
C SER B 84 40.99 32.20 -4.26
N PRO B 85 41.23 33.45 -3.81
CA PRO B 85 42.30 33.80 -2.86
C PRO B 85 41.98 33.40 -1.43
N GLN B 86 42.97 33.46 -0.54
CA GLN B 86 42.77 33.09 0.85
C GLN B 86 42.45 34.29 1.74
N ARG B 87 42.74 35.51 1.27
CA ARG B 87 42.53 36.70 2.06
C ARG B 87 42.61 37.90 1.12
N ILE B 88 41.65 38.81 1.23
CA ILE B 88 41.61 40.03 0.42
C ILE B 88 41.27 41.20 1.32
N ALA B 89 41.63 42.39 0.84
CA ALA B 89 41.29 43.65 1.49
C ALA B 89 40.18 44.32 0.69
N LEU B 90 39.16 44.79 1.40
CA LEU B 90 37.98 45.39 0.77
C LEU B 90 37.79 46.79 1.34
N ARG B 91 37.56 47.76 0.46
CA ARG B 91 37.31 49.14 0.85
C ARG B 91 36.01 49.60 0.20
N LEU B 92 35.11 50.16 1.00
CA LEU B 92 33.80 50.57 0.52
C LEU B 92 33.44 51.93 1.09
N ARG B 93 32.83 52.77 0.26
CA ARG B 93 32.24 54.01 0.72
C ARG B 93 30.73 53.86 0.85
N PRO B 94 30.07 54.75 1.59
CA PRO B 94 28.64 54.54 1.91
C PRO B 94 27.78 54.25 0.68
N ASP B 95 26.90 53.26 0.82
CA ASP B 95 25.90 52.88 -0.18
C ASP B 95 26.51 52.45 -1.51
N ASP B 96 27.81 52.19 -1.54
CA ASP B 96 28.51 51.71 -2.72
C ASP B 96 28.53 50.19 -2.74
N SER B 97 29.24 49.60 -3.70
CA SER B 97 29.38 48.15 -3.76
C SER B 97 30.54 47.80 -4.69
N LYS B 98 31.30 46.76 -4.31
CA LYS B 98 32.44 46.29 -5.08
C LYS B 98 32.31 44.77 -5.24
N ASN B 99 32.97 44.25 -6.28
CA ASN B 99 32.86 42.84 -6.64
C ASN B 99 34.23 42.16 -6.64
N PHE B 100 34.25 40.92 -6.17
CA PHE B 100 35.47 40.11 -6.17
C PHE B 100 35.11 38.66 -6.41
N SER B 101 36.13 37.84 -6.64
CA SER B 101 35.95 36.45 -7.00
C SER B 101 36.62 35.51 -6.00
N ILE B 102 36.26 34.24 -6.09
CA ILE B 102 36.83 33.18 -5.25
C ILE B 102 36.84 31.89 -6.07
N GLN B 103 37.90 31.12 -5.91
CA GLN B 103 38.06 29.85 -6.60
C GLN B 103 38.06 28.71 -5.59
N VAL B 104 37.39 27.61 -5.95
CA VAL B 104 37.32 26.41 -5.12
C VAL B 104 37.66 25.21 -5.98
N ARG B 105 38.50 24.31 -5.45
CA ARG B 105 38.91 23.10 -6.16
C ARG B 105 38.80 21.91 -5.23
N GLN B 106 38.13 20.85 -5.70
CA GLN B 106 38.09 19.56 -5.01
C GLN B 106 39.42 18.87 -5.32
N VAL B 107 40.38 19.04 -4.40
CA VAL B 107 41.75 18.59 -4.67
C VAL B 107 41.79 17.09 -4.91
N GLU B 108 42.71 16.68 -5.79
CA GLU B 108 42.95 15.28 -6.07
C GLU B 108 43.95 14.72 -5.06
N ASP B 109 43.72 13.46 -4.65
CA ASP B 109 44.65 12.74 -3.76
C ASP B 109 44.71 13.39 -2.38
N TYR B 110 43.53 13.67 -1.81
CA TYR B 110 43.40 14.25 -0.48
C TYR B 110 43.21 13.16 0.56
N PRO B 111 43.88 13.27 1.71
CA PRO B 111 43.79 12.22 2.73
C PRO B 111 42.35 11.97 3.19
N VAL B 112 42.12 10.75 3.67
CA VAL B 112 40.78 10.30 4.04
C VAL B 112 40.85 9.49 5.33
N ASP B 113 39.92 9.74 6.23
CA ASP B 113 39.69 8.91 7.41
C ASP B 113 38.35 8.19 7.27
N ILE B 114 38.33 6.90 7.57
CA ILE B 114 37.11 6.10 7.51
C ILE B 114 36.99 5.31 8.80
N TYR B 115 36.07 5.72 9.67
CA TYR B 115 35.76 4.98 10.89
C TYR B 115 34.52 4.14 10.63
N TYR B 116 34.68 2.82 10.73
CA TYR B 116 33.60 1.87 10.47
C TYR B 116 32.89 1.58 11.79
N LEU B 117 31.70 2.16 11.96
CA LEU B 117 30.89 1.96 13.16
C LEU B 117 29.79 0.95 12.83
N MET B 118 29.81 -0.19 13.51
CA MET B 118 29.04 -1.36 13.11
C MET B 118 28.07 -1.80 14.21
N ASP B 119 26.84 -2.09 13.79
CA ASP B 119 25.89 -2.76 14.66
C ASP B 119 26.33 -4.20 14.87
N LEU B 120 26.50 -4.59 16.14
CA LEU B 120 26.85 -5.96 16.48
C LEU B 120 25.75 -6.64 17.29
N SER B 121 24.51 -6.22 17.09
CA SER B 121 23.38 -6.97 17.63
C SER B 121 23.23 -8.29 16.89
N TYR B 122 22.59 -9.26 17.54
CA TYR B 122 22.51 -10.62 17.00
C TYR B 122 21.97 -10.67 15.58
N SER B 123 21.20 -9.67 15.15
CA SER B 123 20.75 -9.61 13.77
C SER B 123 21.87 -9.37 12.77
N MET B 124 23.12 -9.20 13.21
CA MET B 124 24.25 -8.88 12.34
C MET B 124 25.34 -9.95 12.39
N LYS B 125 24.99 -11.17 12.80
CA LYS B 125 26.01 -12.19 12.98
C LYS B 125 26.68 -12.54 11.66
N ASP B 126 25.88 -12.72 10.60
N ASP B 126 25.88 -12.72 10.60
CA ASP B 126 26.44 -13.10 9.31
CA ASP B 126 26.44 -13.09 9.31
C ASP B 126 27.18 -11.95 8.62
C ASP B 126 27.18 -11.95 8.64
N ASP B 127 26.89 -10.71 8.99
CA ASP B 127 27.59 -9.57 8.38
C ASP B 127 29.06 -9.57 8.80
N LEU B 128 29.33 -9.89 10.06
CA LEU B 128 30.71 -9.92 10.56
C LEU B 128 31.59 -10.81 9.70
N TRP B 129 31.04 -11.91 9.20
CA TRP B 129 31.85 -12.89 8.48
C TRP B 129 32.26 -12.40 7.10
N SER B 130 31.43 -11.60 6.45
CA SER B 130 31.70 -11.19 5.07
C SER B 130 32.60 -9.97 4.96
N ILE B 131 32.94 -9.33 6.08
CA ILE B 131 33.82 -8.17 6.07
C ILE B 131 35.17 -8.48 6.72
N GLN B 132 35.50 -9.77 6.88
CA GLN B 132 36.76 -10.12 7.51
C GLN B 132 37.95 -9.63 6.69
N ASN B 133 37.86 -9.71 5.37
CA ASN B 133 38.91 -9.22 4.49
C ASN B 133 38.65 -7.80 4.02
N LEU B 134 37.73 -7.07 4.65
CA LEU B 134 37.32 -5.77 4.14
C LEU B 134 38.48 -4.76 4.19
N GLY B 135 39.29 -4.80 5.24
CA GLY B 135 40.35 -3.82 5.38
C GLY B 135 41.33 -3.83 4.21
N THR B 136 41.76 -5.03 3.80
CA THR B 136 42.67 -5.13 2.66
C THR B 136 41.94 -4.88 1.35
N LYS B 137 40.71 -5.39 1.22
CA LYS B 137 39.92 -5.11 0.02
C LYS B 137 39.66 -3.61 -0.14
N LEU B 138 39.41 -2.92 0.98
CA LEU B 138 39.15 -1.48 0.93
C LEU B 138 40.42 -0.67 0.71
N ALA B 139 41.56 -1.13 1.25
CA ALA B 139 42.83 -0.47 0.95
C ALA B 139 43.14 -0.53 -0.54
N THR B 140 42.76 -1.63 -1.20
CA THR B 140 43.04 -1.78 -2.63
C THR B 140 42.25 -0.79 -3.47
N GLN B 141 40.96 -0.60 -3.14
CA GLN B 141 40.11 0.25 -3.98
C GLN B 141 40.32 1.74 -3.70
N MET B 142 40.60 2.13 -2.46
CA MET B 142 40.81 3.53 -2.16
C MET B 142 42.16 4.02 -2.65
N ARG B 143 43.13 3.11 -2.80
CA ARG B 143 44.47 3.47 -3.27
C ARG B 143 44.42 4.22 -4.60
N LYS B 144 43.36 4.01 -5.38
CA LYS B 144 43.24 4.70 -6.65
C LYS B 144 42.90 6.17 -6.47
N LEU B 145 42.28 6.53 -5.35
CA LEU B 145 41.82 7.89 -5.11
C LEU B 145 42.68 8.66 -4.12
N THR B 146 43.36 7.97 -3.19
CA THR B 146 44.16 8.63 -2.18
C THR B 146 45.35 7.76 -1.82
N SER B 147 46.44 8.41 -1.41
CA SER B 147 47.60 7.72 -0.88
C SER B 147 47.67 7.79 0.64
N ASN B 148 46.86 8.64 1.28
CA ASN B 148 46.79 8.75 2.73
C ASN B 148 45.43 8.21 3.16
N LEU B 149 45.41 6.98 3.69
CA LEU B 149 44.20 6.35 4.16
C LEU B 149 44.42 5.79 5.56
N ARG B 150 43.53 6.12 6.48
CA ARG B 150 43.48 5.53 7.81
C ARG B 150 42.08 5.00 8.06
N ILE B 151 41.97 3.85 8.72
CA ILE B 151 40.68 3.25 9.00
C ILE B 151 40.63 2.80 10.46
N GLY B 152 39.43 2.86 11.04
CA GLY B 152 39.20 2.41 12.40
C GLY B 152 37.93 1.59 12.48
N PHE B 153 37.54 1.21 13.70
CA PHE B 153 36.38 0.34 13.86
C PHE B 153 35.75 0.54 15.22
N GLY B 154 34.43 0.67 15.26
CA GLY B 154 33.70 0.69 16.50
C GLY B 154 32.45 -0.18 16.39
N ALA B 155 31.87 -0.47 17.55
CA ALA B 155 30.74 -1.39 17.59
C ALA B 155 29.75 -0.96 18.67
N PHE B 156 28.47 -1.18 18.39
CA PHE B 156 27.41 -0.81 19.32
C PHE B 156 26.34 -1.89 19.32
N VAL B 157 25.53 -1.88 20.39
CA VAL B 157 24.34 -2.72 20.48
C VAL B 157 23.18 -1.84 20.94
N ASP B 158 23.07 -1.66 22.25
CA ASP B 158 22.00 -0.89 22.87
C ASP B 158 22.43 -0.62 24.30
N LYS B 159 21.61 0.13 25.02
CA LYS B 159 21.91 0.47 26.40
C LYS B 159 21.84 -0.78 27.27
N PRO B 160 22.94 -1.24 27.86
CA PRO B 160 22.89 -2.46 28.68
C PRO B 160 22.07 -2.27 29.94
N VAL B 161 20.75 -2.17 29.80
CA VAL B 161 19.86 -2.01 30.92
C VAL B 161 18.50 -2.57 30.53
N SER B 162 17.76 -3.06 31.51
CA SER B 162 16.39 -3.48 31.28
C SER B 162 15.56 -2.30 30.78
N PRO B 163 14.62 -2.52 29.85
CA PRO B 163 14.24 -3.81 29.27
C PRO B 163 14.95 -4.16 27.97
N TYR B 164 15.90 -3.32 27.53
CA TYR B 164 16.65 -3.62 26.33
C TYR B 164 17.47 -4.90 26.49
N MET B 165 17.90 -5.19 27.71
CA MET B 165 18.82 -6.28 28.00
C MET B 165 18.11 -7.35 28.80
N TYR B 166 18.29 -8.61 28.40
CA TYR B 166 17.77 -9.71 29.20
C TYR B 166 18.48 -9.73 30.54
N ILE B 167 17.71 -9.86 31.62
CA ILE B 167 18.26 -9.80 32.97
C ILE B 167 17.92 -11.05 33.78
N SER B 168 17.50 -12.12 33.11
CA SER B 168 17.19 -13.37 33.79
C SER B 168 17.30 -14.51 32.80
N PRO B 169 17.87 -15.67 33.18
CA PRO B 169 18.48 -16.00 34.48
C PRO B 169 19.83 -15.30 34.69
N PRO B 170 20.44 -15.44 35.88
CA PRO B 170 21.76 -14.82 36.08
C PRO B 170 22.78 -15.19 35.03
N GLU B 171 22.60 -16.34 34.38
CA GLU B 171 23.50 -16.76 33.31
C GLU B 171 23.38 -15.86 32.09
N ALA B 172 22.17 -15.33 31.84
CA ALA B 172 21.93 -14.51 30.66
C ALA B 172 22.67 -13.18 30.69
N LEU B 173 23.19 -12.76 31.85
CA LEU B 173 23.99 -11.54 31.90
C LEU B 173 25.38 -11.77 31.33
N GLU B 174 25.99 -12.90 31.64
CA GLU B 174 27.28 -13.26 31.06
C GLU B 174 27.12 -13.74 29.62
N ASN B 175 25.96 -14.29 29.28
CA ASN B 175 25.75 -14.88 27.96
C ASN B 175 24.27 -14.72 27.60
N PRO B 176 23.91 -13.64 26.91
CA PRO B 176 22.50 -13.42 26.54
C PRO B 176 21.94 -14.50 25.63
N CYS B 177 22.79 -15.20 24.88
CA CYS B 177 22.38 -16.35 24.09
C CYS B 177 22.22 -17.62 24.93
N TYR B 178 22.00 -17.48 26.25
CA TYR B 178 21.94 -18.64 27.13
C TYR B 178 20.82 -19.59 26.74
N ASP B 179 19.59 -19.07 26.61
CA ASP B 179 18.47 -19.94 26.29
C ASP B 179 18.53 -20.51 24.87
N MET B 180 19.52 -20.13 24.05
CA MET B 180 19.77 -20.78 22.77
C MET B 180 20.88 -21.82 22.95
N LYS B 181 21.41 -22.30 21.82
CA LYS B 181 22.46 -23.30 21.83
C LYS B 181 23.81 -22.73 21.42
N THR B 182 24.06 -21.46 21.72
CA THR B 182 25.31 -20.80 21.36
C THR B 182 25.74 -19.87 22.49
N THR B 183 26.85 -19.18 22.26
CA THR B 183 27.40 -18.19 23.18
C THR B 183 27.51 -16.85 22.46
N CYS B 184 27.31 -15.76 23.21
CA CYS B 184 27.56 -14.44 22.66
C CYS B 184 28.03 -13.52 23.78
N LEU B 185 28.45 -12.32 23.39
CA LEU B 185 29.05 -11.39 24.35
C LEU B 185 27.98 -10.75 25.23
N PRO B 186 28.33 -10.41 26.46
CA PRO B 186 27.42 -9.60 27.28
C PRO B 186 27.08 -8.30 26.58
N MET B 187 25.89 -7.78 26.90
CA MET B 187 25.42 -6.53 26.32
C MET B 187 26.44 -5.41 26.53
N PHE B 188 26.60 -4.58 25.52
CA PHE B 188 27.45 -3.40 25.64
C PHE B 188 26.85 -2.28 24.81
N GLY B 189 26.85 -1.07 25.39
CA GLY B 189 26.37 0.10 24.68
C GLY B 189 27.16 0.36 23.42
N TYR B 190 28.36 0.89 23.59
CA TYR B 190 29.26 1.17 22.47
C TYR B 190 30.68 0.97 22.94
N LYS B 191 31.52 0.41 22.08
CA LYS B 191 32.92 0.21 22.42
C LYS B 191 33.81 0.56 21.24
N HIS B 192 34.83 1.35 21.51
CA HIS B 192 35.88 1.62 20.54
C HIS B 192 36.83 0.44 20.47
N VAL B 193 37.19 0.05 19.25
CA VAL B 193 38.04 -1.11 19.02
C VAL B 193 39.40 -0.71 18.46
N LEU B 194 39.41 0.10 17.40
CA LEU B 194 40.64 0.39 16.67
C LEU B 194 40.68 1.87 16.29
N THR B 195 41.65 2.60 16.82
CA THR B 195 41.89 3.98 16.41
C THR B 195 42.31 4.02 14.95
N LEU B 196 42.00 5.15 14.29
CA LEU B 196 42.30 5.32 12.87
C LEU B 196 43.79 5.15 12.60
N THR B 197 44.14 4.14 11.80
CA THR B 197 45.53 3.83 11.50
C THR B 197 45.67 3.49 10.02
N ASP B 198 46.88 3.66 9.50
CA ASP B 198 47.20 3.31 8.12
C ASP B 198 47.59 1.86 7.94
N GLN B 199 47.80 1.12 9.03
CA GLN B 199 48.11 -0.31 8.98
C GLN B 199 46.80 -1.07 8.83
N VAL B 200 46.39 -1.32 7.58
CA VAL B 200 45.06 -1.84 7.31
C VAL B 200 44.89 -3.27 7.83
N THR B 201 45.97 -4.04 7.95
CA THR B 201 45.84 -5.40 8.46
C THR B 201 45.46 -5.43 9.93
N ARG B 202 45.58 -4.31 10.65
CA ARG B 202 45.03 -4.24 11.99
C ARG B 202 43.51 -4.28 11.97
N PHE B 203 42.90 -3.79 10.90
CA PHE B 203 41.46 -3.86 10.75
C PHE B 203 40.99 -5.31 10.65
N ASN B 204 41.58 -6.06 9.72
CA ASN B 204 41.17 -7.45 9.50
C ASN B 204 41.28 -8.28 10.77
N GLU B 205 42.33 -8.05 11.57
CA GLU B 205 42.59 -8.90 12.72
C GLU B 205 41.81 -8.48 13.96
N GLU B 206 41.32 -7.24 14.02
CA GLU B 206 40.39 -6.88 15.08
C GLU B 206 38.98 -7.34 14.75
N VAL B 207 38.61 -7.27 13.47
CA VAL B 207 37.32 -7.79 13.04
C VAL B 207 37.21 -9.28 13.35
N LYS B 208 38.26 -10.05 13.01
CA LYS B 208 38.26 -11.49 13.22
C LYS B 208 38.16 -11.88 14.69
N LYS B 209 38.37 -10.95 15.62
CA LYS B 209 38.23 -11.22 17.04
C LYS B 209 36.95 -10.67 17.63
N GLN B 210 36.08 -10.05 16.81
CA GLN B 210 34.83 -9.49 17.29
C GLN B 210 33.70 -10.51 17.18
N SER B 211 32.71 -10.38 18.06
CA SER B 211 31.54 -11.24 18.03
C SER B 211 30.33 -10.43 18.50
N VAL B 212 29.14 -11.01 18.29
CA VAL B 212 27.88 -10.28 18.44
C VAL B 212 27.34 -10.45 19.85
N SER B 213 26.41 -9.59 20.21
CA SER B 213 25.63 -9.70 21.44
C SER B 213 24.15 -9.80 21.06
N ARG B 214 23.26 -9.61 22.04
CA ARG B 214 21.84 -9.80 21.79
C ARG B 214 21.04 -9.00 22.81
N ASN B 215 20.11 -8.19 22.31
CA ASN B 215 19.20 -7.41 23.13
C ASN B 215 17.75 -7.76 22.75
N ARG B 216 16.80 -7.09 23.41
CA ARG B 216 15.40 -7.51 23.32
C ARG B 216 14.65 -6.78 22.21
N ASP B 217 14.94 -5.51 21.97
CA ASP B 217 14.12 -4.67 21.11
C ASP B 217 14.82 -4.38 19.79
N ALA B 218 14.09 -4.57 18.69
CA ALA B 218 14.63 -4.38 17.35
C ALA B 218 15.34 -3.05 17.14
N PRO B 219 14.85 -1.90 17.61
CA PRO B 219 15.64 -0.67 17.48
C PRO B 219 16.89 -0.75 18.34
N GLU B 220 17.99 -0.20 17.83
CA GLU B 220 19.29 -0.32 18.48
C GLU B 220 19.89 1.04 18.74
N GLY B 221 20.57 1.17 19.89
CA GLY B 221 21.18 2.42 20.28
C GLY B 221 22.36 2.82 19.42
N GLY B 222 22.13 2.95 18.11
CA GLY B 222 23.21 3.34 17.22
C GLY B 222 23.57 4.80 17.33
N PHE B 223 22.60 5.65 17.65
CA PHE B 223 22.86 7.08 17.68
C PHE B 223 23.78 7.45 18.83
N ASP B 224 23.65 6.75 19.97
CA ASP B 224 24.59 6.89 21.08
C ASP B 224 26.01 6.81 20.55
N ALA B 225 26.23 5.88 19.62
CA ALA B 225 27.57 5.63 19.11
C ALA B 225 28.01 6.68 18.11
N ILE B 226 27.10 7.13 17.24
CA ILE B 226 27.46 8.17 16.28
C ILE B 226 27.96 9.41 17.01
N MET B 227 27.32 9.73 18.13
CA MET B 227 27.77 10.84 18.97
C MET B 227 29.21 10.64 19.42
N GLN B 228 29.47 9.54 20.13
CA GLN B 228 30.77 9.36 20.76
C GLN B 228 31.88 9.25 19.73
N ALA B 229 31.57 8.66 18.57
CA ALA B 229 32.57 8.58 17.51
C ALA B 229 32.90 9.95 16.93
N THR B 230 32.05 10.94 17.18
CA THR B 230 32.22 12.28 16.65
C THR B 230 32.93 13.21 17.62
N VAL B 231 32.53 13.20 18.90
CA VAL B 231 33.06 14.16 19.85
C VAL B 231 34.29 13.67 20.59
N CYS B 232 34.69 12.41 20.39
CA CYS B 232 35.93 11.90 21.00
C CYS B 232 37.03 11.89 19.94
N ASP B 233 37.48 13.10 19.61
CA ASP B 233 38.47 13.30 18.54
C ASP B 233 39.72 12.47 18.79
N GLU B 234 40.31 12.63 19.98
CA GLU B 234 41.62 12.04 20.22
C GLU B 234 41.56 10.52 20.18
N LYS B 235 40.49 9.93 20.71
CA LYS B 235 40.43 8.48 20.80
C LYS B 235 40.15 7.84 19.45
N ILE B 236 39.24 8.41 18.67
CA ILE B 236 38.98 7.87 17.34
C ILE B 236 40.16 8.15 16.42
N GLY B 237 40.79 9.32 16.56
CA GLY B 237 41.98 9.64 15.83
C GLY B 237 41.76 10.40 14.54
N TRP B 238 40.69 11.19 14.45
CA TRP B 238 40.46 12.00 13.26
C TRP B 238 41.63 12.96 13.04
N ARG B 239 42.16 12.97 11.83
CA ARG B 239 43.19 13.92 11.46
C ARG B 239 42.58 15.27 11.11
N ASN B 240 43.35 16.33 11.35
CA ASN B 240 42.84 17.68 11.12
C ASN B 240 42.64 17.97 9.64
N ASP B 241 43.59 17.56 8.81
CA ASP B 241 43.54 17.84 7.37
C ASP B 241 43.25 16.53 6.64
N ALA B 242 41.97 16.15 6.63
CA ALA B 242 41.51 14.94 5.97
C ALA B 242 39.99 14.94 5.91
N SER B 243 39.45 14.26 4.90
CA SER B 243 38.01 14.06 4.80
C SER B 243 37.58 12.98 5.79
N HIS B 244 36.64 13.31 6.65
CA HIS B 244 36.20 12.42 7.72
C HIS B 244 34.94 11.69 7.29
N LEU B 245 35.03 10.36 7.21
CA LEU B 245 33.92 9.51 6.80
C LEU B 245 33.52 8.62 7.97
N LEU B 246 32.25 8.70 8.38
CA LEU B 246 31.70 7.89 9.45
C LEU B 246 30.67 6.95 8.83
N VAL B 247 30.99 5.67 8.77
CA VAL B 247 30.16 4.67 8.12
C VAL B 247 29.33 3.95 9.18
N PHE B 248 28.02 4.13 9.11
CA PHE B 248 27.08 3.57 10.07
C PHE B 248 26.28 2.48 9.39
N THR B 249 26.39 1.25 9.88
CA THR B 249 25.68 0.11 9.32
C THR B 249 24.75 -0.49 10.36
N THR B 250 23.54 -0.83 9.93
CA THR B 250 22.54 -1.47 10.78
C THR B 250 21.41 -1.99 9.92
N ASP B 251 20.70 -3.00 10.42
CA ASP B 251 19.60 -3.62 9.68
C ASP B 251 18.28 -3.46 10.41
N ALA B 252 18.14 -2.40 11.20
CA ALA B 252 16.96 -2.22 12.02
C ALA B 252 16.74 -0.75 12.29
N LYS B 253 15.60 -0.44 12.89
CA LYS B 253 15.33 0.90 13.36
C LYS B 253 16.35 1.31 14.43
N THR B 254 16.33 2.57 14.81
CA THR B 254 17.27 3.09 15.78
C THR B 254 16.51 3.90 16.83
N HIS B 255 17.08 3.94 18.03
CA HIS B 255 16.51 4.75 19.09
C HIS B 255 16.84 6.23 18.87
N ILE B 256 15.95 7.09 19.35
CA ILE B 256 16.11 8.53 19.23
C ILE B 256 15.93 9.14 20.61
N ALA B 257 16.12 10.46 20.70
CA ALA B 257 16.02 11.14 21.97
C ALA B 257 14.63 10.95 22.56
N LEU B 258 14.59 10.80 23.89
CA LEU B 258 13.41 10.58 24.74
C LEU B 258 12.93 9.13 24.71
N ASP B 259 13.47 8.28 23.83
CA ASP B 259 13.20 6.85 23.94
C ASP B 259 13.76 6.25 25.22
N GLY B 260 14.76 6.88 25.82
CA GLY B 260 15.41 6.32 26.99
C GLY B 260 14.55 6.31 28.23
N ARG B 261 13.44 7.04 28.23
CA ARG B 261 12.59 7.07 29.42
C ARG B 261 12.06 5.69 29.75
N LEU B 262 11.97 4.80 28.77
CA LEU B 262 11.52 3.44 29.04
C LEU B 262 12.52 2.63 29.86
N ALA B 263 13.73 3.14 30.04
CA ALA B 263 14.71 2.51 30.92
C ALA B 263 14.89 3.27 32.22
N GLY B 264 14.05 4.28 32.48
CA GLY B 264 14.27 5.16 33.60
C GLY B 264 15.31 6.22 33.34
N ILE B 265 15.76 6.36 32.10
CA ILE B 265 16.79 7.33 31.73
C ILE B 265 16.10 8.59 31.25
N VAL B 266 16.35 9.70 31.94
CA VAL B 266 15.79 10.99 31.57
C VAL B 266 16.82 12.08 31.34
N GLN B 267 18.07 11.90 31.75
CA GLN B 267 19.07 12.96 31.59
C GLN B 267 19.37 13.17 30.12
N PRO B 268 19.18 14.39 29.58
CA PRO B 268 19.49 14.63 28.17
C PRO B 268 20.95 14.37 27.85
N ASN B 269 21.21 14.04 26.59
CA ASN B 269 22.57 13.82 26.11
C ASN B 269 23.34 15.15 26.14
N ASP B 270 24.47 15.17 26.83
CA ASP B 270 25.23 16.41 26.96
C ASP B 270 26.16 16.67 25.80
N GLY B 271 26.31 15.73 24.87
CA GLY B 271 27.18 15.94 23.74
C GLY B 271 28.66 15.90 24.04
N GLN B 272 29.05 15.51 25.25
CA GLN B 272 30.45 15.41 25.64
C GLN B 272 30.94 13.98 25.48
N CYS B 273 32.26 13.82 25.45
CA CYS B 273 32.85 12.49 25.34
C CYS B 273 32.77 11.79 26.70
N HIS B 274 32.51 10.48 26.67
CA HIS B 274 32.41 9.69 27.88
C HIS B 274 33.03 8.30 27.69
N VAL B 275 34.02 8.19 26.80
CA VAL B 275 34.68 6.91 26.52
C VAL B 275 36.05 6.95 27.20
N GLY B 276 36.24 6.10 28.20
CA GLY B 276 37.43 6.12 29.03
C GLY B 276 38.55 5.24 28.50
N SER B 277 39.43 4.83 29.42
CA SER B 277 40.52 3.94 29.04
C SER B 277 40.01 2.55 28.71
N ASP B 278 38.90 2.14 29.32
CA ASP B 278 38.31 0.84 29.02
C ASP B 278 37.66 0.78 27.64
N ASN B 279 37.60 1.91 26.94
CA ASN B 279 37.08 1.99 25.56
C ASN B 279 35.59 1.64 25.49
N HIS B 280 34.84 1.92 26.56
CA HIS B 280 33.40 1.69 26.59
C HIS B 280 32.68 2.96 27.00
N TYR B 281 31.52 3.18 26.39
CA TYR B 281 30.67 4.33 26.71
C TYR B 281 30.05 4.13 28.09
N SER B 282 30.49 4.94 29.06
CA SER B 282 30.13 4.74 30.45
C SER B 282 28.80 5.39 30.83
N ALA B 283 28.26 6.27 29.99
CA ALA B 283 26.97 6.91 30.26
C ALA B 283 25.82 6.24 29.52
N SER B 284 26.05 5.04 28.97
CA SER B 284 24.99 4.35 28.24
C SER B 284 23.77 4.09 29.13
N THR B 285 24.00 3.83 30.41
CA THR B 285 22.94 3.48 31.33
C THR B 285 22.44 4.66 32.16
N THR B 286 22.96 5.87 31.91
CA THR B 286 22.60 7.04 32.70
C THR B 286 22.25 8.26 31.88
N MET B 287 22.40 8.23 30.56
CA MET B 287 22.23 9.40 29.72
C MET B 287 21.47 9.04 28.46
N ASP B 288 20.41 9.79 28.18
CA ASP B 288 19.49 9.45 27.09
C ASP B 288 20.21 9.47 25.74
N TYR B 289 19.55 8.89 24.74
CA TYR B 289 20.04 8.95 23.37
C TYR B 289 20.10 10.39 22.90
N PRO B 290 20.90 10.67 21.86
CA PRO B 290 20.98 12.04 21.36
C PRO B 290 19.83 12.38 20.42
N SER B 291 19.65 13.69 20.22
CA SER B 291 18.66 14.18 19.26
C SER B 291 19.33 14.45 17.92
N LEU B 292 18.52 14.47 16.87
CA LEU B 292 19.06 14.76 15.55
C LEU B 292 19.71 16.14 15.50
N GLY B 293 19.16 17.11 16.23
CA GLY B 293 19.76 18.44 16.25
C GLY B 293 21.11 18.47 16.93
N LEU B 294 21.24 17.76 18.05
CA LEU B 294 22.54 17.70 18.72
C LEU B 294 23.55 16.95 17.85
N MET B 295 23.09 15.94 17.12
CA MET B 295 23.99 15.19 16.25
C MET B 295 24.50 16.06 15.11
N THR B 296 23.62 16.87 14.51
CA THR B 296 24.04 17.74 13.43
C THR B 296 25.05 18.77 13.90
N GLU B 297 24.87 19.28 15.11
CA GLU B 297 25.80 20.28 15.66
C GLU B 297 27.21 19.71 15.76
N LYS B 298 27.34 18.50 16.29
CA LYS B 298 28.67 17.90 16.46
C LYS B 298 29.26 17.41 15.14
N LEU B 299 28.43 16.85 14.27
CA LEU B 299 28.92 16.40 12.96
C LEU B 299 29.44 17.58 12.15
N SER B 300 28.78 18.74 12.27
CA SER B 300 29.26 19.92 11.57
C SER B 300 30.50 20.49 12.25
N GLN B 301 30.55 20.41 13.58
CA GLN B 301 31.67 20.99 14.32
C GLN B 301 32.97 20.25 14.03
N LYS B 302 32.88 18.94 13.79
CA LYS B 302 34.06 18.10 13.57
C LYS B 302 34.23 17.73 12.10
N ASN B 303 33.44 18.31 11.20
CA ASN B 303 33.52 18.07 9.76
C ASN B 303 33.36 16.58 9.43
N ILE B 304 32.48 15.90 10.16
CA ILE B 304 32.24 14.49 9.91
C ILE B 304 31.20 14.35 8.81
N ASN B 305 31.46 13.45 7.87
CA ASN B 305 30.49 13.10 6.83
C ASN B 305 29.87 11.77 7.25
N LEU B 306 28.64 11.82 7.73
CA LEU B 306 27.95 10.61 8.15
C LEU B 306 27.41 9.86 6.94
N ILE B 307 27.49 8.53 6.97
CA ILE B 307 27.07 7.68 5.88
C ILE B 307 26.22 6.56 6.45
N PHE B 308 24.92 6.57 6.14
CA PHE B 308 24.00 5.51 6.55
C PHE B 308 24.06 4.40 5.52
N ALA B 309 24.73 3.31 5.85
CA ALA B 309 24.78 2.11 5.01
C ALA B 309 23.86 1.08 5.67
N VAL B 310 22.58 1.10 5.31
CA VAL B 310 21.57 0.28 5.93
C VAL B 310 20.95 -0.63 4.88
N THR B 311 20.12 -1.55 5.36
CA THR B 311 19.49 -2.54 4.51
C THR B 311 18.19 -2.00 3.92
N GLU B 312 17.71 -2.69 2.87
CA GLU B 312 16.54 -2.21 2.13
C GLU B 312 15.34 -2.00 3.05
N ASN B 313 15.15 -2.91 4.01
CA ASN B 313 13.97 -2.83 4.86
C ASN B 313 13.90 -1.55 5.69
N VAL B 314 14.92 -0.69 5.66
CA VAL B 314 14.91 0.54 6.44
C VAL B 314 15.59 1.68 5.67
N VAL B 315 15.77 1.51 4.37
N VAL B 315 15.80 1.51 4.36
CA VAL B 315 16.43 2.55 3.58
CA VAL B 315 16.43 2.57 3.58
C VAL B 315 15.60 3.82 3.54
C VAL B 315 15.58 3.83 3.64
N ASN B 316 14.27 3.70 3.47
CA ASN B 316 13.40 4.86 3.46
C ASN B 316 13.47 5.60 4.80
N LEU B 317 13.49 4.85 5.89
CA LEU B 317 13.60 5.44 7.22
C LEU B 317 14.84 6.33 7.30
N TYR B 318 16.01 5.77 6.97
CA TYR B 318 17.25 6.52 7.07
C TYR B 318 17.42 7.54 5.96
N GLN B 319 16.75 7.35 4.81
CA GLN B 319 16.74 8.41 3.81
CA GLN B 319 16.73 8.41 3.80
C GLN B 319 16.05 9.66 4.34
N ASN B 320 15.10 9.49 5.26
CA ASN B 320 14.34 10.60 5.81
C ASN B 320 15.11 11.29 6.92
N TYR B 321 15.82 10.53 7.75
CA TYR B 321 16.75 11.13 8.70
C TYR B 321 17.84 11.91 7.96
N SER B 322 18.34 11.34 6.87
CA SER B 322 19.37 11.99 6.06
C SER B 322 18.93 13.37 5.60
N GLU B 323 17.63 13.57 5.39
CA GLU B 323 17.12 14.88 5.00
C GLU B 323 17.08 15.87 6.15
N LEU B 324 17.07 15.40 7.39
CA LEU B 324 17.11 16.26 8.56
C LEU B 324 18.52 16.47 9.09
N ILE B 325 19.52 15.86 8.46
CA ILE B 325 20.92 16.03 8.83
C ILE B 325 21.69 16.33 7.55
N PRO B 326 21.78 17.60 7.14
CA PRO B 326 22.41 17.93 5.86
C PRO B 326 23.85 17.41 5.77
N GLY B 327 24.26 17.11 4.55
CA GLY B 327 25.57 16.53 4.30
C GLY B 327 25.66 15.04 4.55
N THR B 328 24.53 14.38 4.82
CA THR B 328 24.53 12.95 5.07
C THR B 328 24.22 12.19 3.78
N THR B 329 24.89 11.06 3.60
CA THR B 329 24.75 10.23 2.41
C THR B 329 24.23 8.85 2.81
N VAL B 330 23.36 8.27 1.98
CA VAL B 330 22.75 6.98 2.26
C VAL B 330 23.17 6.00 1.17
N GLY B 331 23.41 4.76 1.58
CA GLY B 331 23.64 3.68 0.63
C GLY B 331 22.91 2.43 1.08
N VAL B 332 22.59 1.59 0.11
CA VAL B 332 21.81 0.38 0.37
C VAL B 332 22.76 -0.77 0.66
N LEU B 333 22.63 -1.34 1.84
CA LEU B 333 23.46 -2.46 2.28
C LEU B 333 22.71 -3.77 2.05
N SER B 334 23.44 -4.78 1.55
CA SER B 334 22.85 -6.10 1.44
C SER B 334 22.68 -6.72 2.82
N MET B 335 21.92 -7.82 2.87
CA MET B 335 21.58 -8.43 4.16
C MET B 335 22.77 -9.09 4.85
N ASP B 336 23.94 -9.13 4.21
CA ASP B 336 25.15 -9.66 4.84
C ASP B 336 26.34 -8.71 4.68
N SER B 337 26.10 -7.47 4.25
CA SER B 337 27.12 -6.43 4.11
C SER B 337 28.19 -6.81 3.08
N SER B 338 27.86 -7.68 2.14
CA SER B 338 28.84 -8.06 1.13
C SER B 338 29.21 -6.89 0.22
N ASN B 339 28.26 -5.98 -0.03
CA ASN B 339 28.45 -4.88 -0.95
C ASN B 339 28.94 -3.60 -0.28
N VAL B 340 29.33 -3.67 1.00
CA VAL B 340 29.70 -2.48 1.74
C VAL B 340 30.87 -1.77 1.07
N LEU B 341 31.70 -2.51 0.34
CA LEU B 341 32.89 -1.93 -0.27
C LEU B 341 32.51 -0.90 -1.34
N GLN B 342 31.75 -1.33 -2.34
CA GLN B 342 31.33 -0.41 -3.39
C GLN B 342 30.46 0.72 -2.83
N LEU B 343 29.70 0.44 -1.78
CA LEU B 343 28.85 1.46 -1.17
C LEU B 343 29.69 2.64 -0.68
N ILE B 344 30.77 2.36 0.02
CA ILE B 344 31.60 3.42 0.59
C ILE B 344 32.24 4.25 -0.51
N VAL B 345 32.74 3.60 -1.56
CA VAL B 345 33.39 4.31 -2.65
C VAL B 345 32.40 5.23 -3.35
N ASP B 346 31.20 4.73 -3.62
CA ASP B 346 30.17 5.58 -4.20
C ASP B 346 29.86 6.76 -3.30
N ALA B 347 29.75 6.53 -1.99
CA ALA B 347 29.45 7.61 -1.06
C ALA B 347 30.53 8.66 -1.06
N TYR B 348 31.80 8.24 -1.01
CA TYR B 348 32.91 9.19 -1.06
C TYR B 348 32.86 10.02 -2.33
N GLY B 349 32.56 9.39 -3.47
CA GLY B 349 32.39 10.15 -4.69
C GLY B 349 31.24 11.13 -4.59
N LYS B 350 30.09 10.67 -4.09
CA LYS B 350 28.94 11.55 -3.93
C LYS B 350 29.23 12.67 -2.93
N ILE B 351 30.05 12.40 -1.92
CA ILE B 351 30.36 13.41 -0.91
C ILE B 351 31.15 14.57 -1.53
N ARG B 352 32.17 14.24 -2.30
CA ARG B 352 33.03 15.25 -2.91
C ARG B 352 32.53 15.70 -4.28
N SER B 353 31.24 15.52 -4.56
CA SER B 353 30.63 15.98 -5.80
C SER B 353 29.90 17.31 -5.64
N LYS B 354 30.15 18.02 -4.53
CA LYS B 354 29.41 19.24 -4.22
C LYS B 354 30.32 20.25 -3.57
N VAL B 355 30.18 21.50 -3.99
CA VAL B 355 30.84 22.65 -3.36
C VAL B 355 29.75 23.66 -3.02
N GLU B 356 29.54 23.88 -1.73
CA GLU B 356 28.53 24.81 -1.24
C GLU B 356 29.21 25.83 -0.33
N LEU B 357 29.09 27.10 -0.68
CA LEU B 357 29.73 28.15 0.09
C LEU B 357 28.94 28.49 1.35
N GLU B 358 29.65 29.02 2.34
CA GLU B 358 29.07 29.45 3.60
C GLU B 358 29.74 30.75 4.03
N VAL B 359 28.99 31.58 4.75
CA VAL B 359 29.46 32.89 5.19
C VAL B 359 29.37 32.95 6.71
N ARG B 360 30.47 33.35 7.35
CA ARG B 360 30.54 33.47 8.79
C ARG B 360 30.89 34.91 9.17
N ASP B 361 30.28 35.39 10.24
CA ASP B 361 30.60 36.70 10.84
C ASP B 361 30.34 37.85 9.85
N LEU B 362 29.30 37.70 9.04
CA LEU B 362 28.95 38.76 8.10
C LEU B 362 28.28 39.91 8.84
N PRO B 363 28.81 41.13 8.76
CA PRO B 363 28.19 42.27 9.46
C PRO B 363 26.75 42.46 9.03
N GLU B 364 25.99 43.12 9.91
CA GLU B 364 24.56 43.34 9.66
C GLU B 364 24.34 44.20 8.41
N GLU B 365 25.15 45.24 8.24
CA GLU B 365 24.94 46.19 7.16
C GLU B 365 25.39 45.67 5.80
N LEU B 366 26.16 44.59 5.74
CA LEU B 366 26.63 44.04 4.48
C LEU B 366 25.67 42.98 3.95
N SER B 367 25.43 43.00 2.65
CA SER B 367 24.64 41.98 1.96
C SER B 367 25.43 41.47 0.77
N LEU B 368 25.30 40.16 0.49
CA LEU B 368 26.10 39.50 -0.53
C LEU B 368 25.21 38.87 -1.60
N SER B 369 25.77 38.75 -2.80
CA SER B 369 25.13 38.08 -3.91
C SER B 369 26.17 37.25 -4.65
N PHE B 370 25.75 36.12 -5.21
CA PHE B 370 26.66 35.11 -5.72
C PHE B 370 26.27 34.69 -7.14
N ASN B 371 27.30 34.41 -7.94
CA ASN B 371 27.14 33.82 -9.26
C ASN B 371 28.07 32.62 -9.38
N ALA B 372 27.52 31.48 -9.78
CA ALA B 372 28.22 30.21 -9.79
C ALA B 372 28.64 29.85 -11.21
N THR B 373 29.82 29.24 -11.33
CA THR B 373 30.39 28.78 -12.60
C THR B 373 30.71 27.30 -12.45
N CYS B 374 29.69 26.46 -12.55
CA CYS B 374 29.86 25.01 -12.54
C CYS B 374 29.99 24.51 -13.97
N LEU B 375 30.28 23.21 -14.10
CA LEU B 375 30.34 22.52 -15.39
C LEU B 375 31.40 23.19 -16.25
N ASN B 376 31.07 23.71 -17.43
CA ASN B 376 32.01 24.31 -18.37
C ASN B 376 31.68 25.79 -18.51
N ASN B 377 32.26 26.61 -17.62
CA ASN B 377 32.21 28.07 -17.70
C ASN B 377 30.77 28.61 -17.76
N GLU B 378 29.80 27.82 -17.30
CA GLU B 378 28.39 28.19 -17.39
C GLU B 378 28.00 28.98 -16.16
N VAL B 379 27.68 30.27 -16.34
CA VAL B 379 27.32 31.13 -15.22
C VAL B 379 25.91 30.81 -14.75
N ILE B 380 25.72 30.77 -13.44
CA ILE B 380 24.42 30.53 -12.83
C ILE B 380 24.16 31.60 -11.77
N PRO B 381 23.48 32.69 -12.10
CA PRO B 381 23.34 33.79 -11.15
C PRO B 381 22.45 33.45 -9.98
N GLY B 382 22.71 34.11 -8.85
CA GLY B 382 21.93 33.86 -7.65
C GLY B 382 22.06 32.46 -7.12
N LEU B 383 23.25 31.87 -7.21
CA LEU B 383 23.50 30.51 -6.74
C LEU B 383 24.90 30.45 -6.13
N LYS B 384 25.02 29.68 -5.04
CA LYS B 384 26.29 29.57 -4.32
C LYS B 384 26.62 28.11 -4.02
N SER B 385 26.19 27.18 -4.89
CA SER B 385 26.42 25.76 -4.65
C SER B 385 26.47 25.00 -5.97
N CYS B 386 27.61 24.41 -6.27
CA CYS B 386 27.76 23.52 -7.41
C CYS B 386 27.44 22.08 -6.99
N MET B 387 27.08 21.27 -7.97
CA MET B 387 26.74 19.87 -7.75
C MET B 387 27.20 19.03 -8.93
N GLY B 388 27.32 17.74 -8.69
CA GLY B 388 27.71 16.80 -9.73
C GLY B 388 29.17 16.93 -10.16
N LEU B 389 30.07 17.15 -9.21
CA LEU B 389 31.47 17.38 -9.50
C LEU B 389 32.27 16.09 -9.35
N LYS B 390 33.52 16.12 -9.84
CA LYS B 390 34.44 15.00 -9.74
C LYS B 390 35.72 15.45 -9.05
N ILE B 391 36.50 14.46 -8.61
CA ILE B 391 37.77 14.74 -7.98
C ILE B 391 38.71 15.37 -9.00
N GLY B 392 39.14 16.61 -8.74
CA GLY B 392 40.01 17.34 -9.63
C GLY B 392 39.34 18.53 -10.31
N ASP B 393 38.02 18.57 -10.34
CA ASP B 393 37.32 19.70 -10.96
C ASP B 393 37.53 20.97 -10.16
N THR B 394 37.21 22.11 -10.79
CA THR B 394 37.40 23.41 -10.16
C THR B 394 36.26 24.33 -10.57
N VAL B 395 35.72 25.06 -9.59
CA VAL B 395 34.67 26.04 -9.82
C VAL B 395 35.14 27.40 -9.31
N SER B 396 34.37 28.43 -9.66
CA SER B 396 34.67 29.78 -9.20
C SER B 396 33.35 30.53 -9.04
N PHE B 397 33.33 31.46 -8.08
CA PHE B 397 32.16 32.26 -7.79
C PHE B 397 32.50 33.73 -7.88
N SER B 398 31.58 34.51 -8.46
CA SER B 398 31.67 35.97 -8.44
C SER B 398 30.76 36.50 -7.34
N ILE B 399 31.30 37.39 -6.51
CA ILE B 399 30.62 37.86 -5.31
C ILE B 399 30.57 39.38 -5.35
N GLU B 400 29.42 39.94 -4.95
CA GLU B 400 29.25 41.39 -4.84
C GLU B 400 28.72 41.72 -3.45
N ALA B 401 29.41 42.64 -2.77
CA ALA B 401 29.03 43.09 -1.43
C ALA B 401 28.45 44.49 -1.52
N LYS B 402 27.27 44.69 -0.94
CA LYS B 402 26.57 45.97 -0.95
C LYS B 402 26.37 46.43 0.49
N VAL B 403 26.92 47.59 0.82
CA VAL B 403 26.85 48.15 2.17
C VAL B 403 25.72 49.18 2.22
N ARG B 404 25.03 49.22 3.36
CA ARG B 404 23.90 50.13 3.58
C ARG B 404 24.36 51.22 4.53
N GLY B 405 24.42 52.46 4.03
CA GLY B 405 24.86 53.56 4.88
C GLY B 405 26.30 53.39 5.28
N CYS B 406 26.61 53.82 6.50
CA CYS B 406 27.95 53.70 7.07
C CYS B 406 27.84 53.20 8.51
N PRO B 407 28.49 52.08 8.84
CA PRO B 407 28.42 51.57 10.21
C PRO B 407 29.35 52.34 11.14
N GLN B 408 29.18 52.07 12.44
CA GLN B 408 30.04 52.71 13.44
C GLN B 408 31.47 52.16 13.35
N GLU B 409 31.61 50.85 13.56
CA GLU B 409 32.93 50.22 13.48
C GLU B 409 33.46 50.31 12.05
N LYS B 410 34.61 50.94 11.88
CA LYS B 410 35.15 51.22 10.56
C LYS B 410 35.97 50.07 9.98
N GLU B 411 36.23 49.02 10.75
CA GLU B 411 37.00 47.87 10.26
C GLU B 411 36.43 46.59 10.87
N LYS B 412 35.83 45.75 10.04
CA LYS B 412 35.36 44.44 10.41
C LYS B 412 35.97 43.40 9.48
N SER B 413 35.65 42.13 9.71
CA SER B 413 36.20 41.05 8.90
C SER B 413 35.27 39.85 8.96
N PHE B 414 35.04 39.22 7.81
CA PHE B 414 34.19 38.04 7.71
C PHE B 414 34.86 37.02 6.81
N THR B 415 34.26 35.83 6.74
CA THR B 415 34.89 34.68 6.10
C THR B 415 33.93 34.01 5.13
N ILE B 416 34.49 33.52 4.02
CA ILE B 416 33.79 32.68 3.05
C ILE B 416 34.49 31.32 3.03
N LYS B 417 33.73 30.25 3.30
CA LYS B 417 34.30 28.92 3.38
C LYS B 417 33.32 27.89 2.82
N PRO B 418 33.78 26.99 1.95
CA PRO B 418 32.94 25.87 1.53
C PRO B 418 32.67 24.93 2.69
N VAL B 419 31.55 24.22 2.58
CA VAL B 419 31.15 23.31 3.65
C VAL B 419 32.08 22.10 3.67
N GLY B 420 32.70 21.84 4.82
CA GLY B 420 33.56 20.71 4.99
C GLY B 420 35.02 20.94 4.62
N PHE B 421 35.34 22.10 4.07
CA PHE B 421 36.69 22.39 3.62
C PHE B 421 37.50 23.01 4.75
N LYS B 422 38.82 22.82 4.67
CA LYS B 422 39.71 23.39 5.68
C LYS B 422 39.97 24.87 5.39
N ASP B 423 40.46 25.17 4.19
CA ASP B 423 40.83 26.53 3.84
C ASP B 423 39.59 27.42 3.67
N SER B 424 39.83 28.72 3.54
CA SER B 424 38.75 29.69 3.46
C SER B 424 39.28 31.00 2.91
N LEU B 425 38.35 31.92 2.64
CA LEU B 425 38.67 33.26 2.17
C LEU B 425 38.26 34.26 3.24
N ILE B 426 39.24 35.01 3.77
CA ILE B 426 39.00 36.02 4.78
C ILE B 426 38.92 37.38 4.08
N VAL B 427 37.78 38.06 4.23
CA VAL B 427 37.55 39.36 3.62
C VAL B 427 37.70 40.42 4.70
N GLN B 428 38.80 41.16 4.66
CA GLN B 428 39.06 42.24 5.60
C GLN B 428 38.45 43.53 5.05
N VAL B 429 37.35 43.97 5.64
CA VAL B 429 36.60 45.11 5.15
C VAL B 429 37.03 46.36 5.90
N THR B 430 37.04 47.49 5.19
CA THR B 430 37.34 48.78 5.77
C THR B 430 36.36 49.81 5.20
N PHE B 431 35.60 50.46 6.07
CA PHE B 431 34.56 51.41 5.66
C PHE B 431 35.17 52.81 5.64
N ASP B 432 35.50 53.30 4.43
CA ASP B 432 36.06 54.64 4.25
C ASP B 432 34.91 55.62 4.13
N CYS B 433 34.47 56.16 5.27
CA CYS B 433 33.44 57.19 5.30
C CYS B 433 33.98 58.57 5.61
N ASP B 434 35.09 58.66 6.33
CA ASP B 434 35.67 59.92 6.77
C ASP B 434 36.62 60.50 5.71
N CYS B 435 36.96 61.76 5.89
CA CYS B 435 37.88 62.46 5.01
C CYS B 435 39.23 62.64 5.70
N ALA B 436 40.30 62.60 4.89
CA ALA B 436 41.64 62.76 5.44
C ALA B 436 41.86 64.14 6.05
N CYS B 437 41.19 65.16 5.51
CA CYS B 437 41.31 66.51 6.02
C CYS B 437 40.64 66.70 7.38
N GLN B 438 39.83 65.74 7.83
CA GLN B 438 39.26 65.83 9.18
C GLN B 438 40.32 65.63 10.25
N ALA B 439 41.32 64.77 9.99
CA ALA B 439 42.40 64.56 10.95
C ALA B 439 43.16 65.84 11.26
N GLN B 440 43.09 66.84 10.38
CA GLN B 440 43.79 68.10 10.61
C GLN B 440 42.81 69.25 10.82
N ALA B 441 41.80 69.04 11.66
CA ALA B 441 40.80 70.06 11.92
C ALA B 441 41.30 71.06 12.95
N GLU B 442 40.68 72.24 12.96
CA GLU B 442 41.04 73.30 13.89
C GLU B 442 39.91 73.52 14.89
N PRO B 443 39.99 72.93 16.09
CA PRO B 443 38.96 73.16 17.11
C PRO B 443 39.10 74.56 17.71
N ASN B 444 37.96 75.26 17.82
CA ASN B 444 37.91 76.63 18.32
C ASN B 444 38.72 77.57 17.42
N SER B 445 38.30 77.66 16.16
CA SER B 445 39.01 78.44 15.16
C SER B 445 38.62 79.91 15.23
N HIS B 446 39.60 80.78 14.99
CA HIS B 446 39.33 82.20 14.88
C HIS B 446 38.38 82.50 13.72
N ARG B 447 38.41 81.65 12.69
CA ARG B 447 37.60 81.86 11.49
C ARG B 447 36.11 81.57 11.70
N CYS B 448 35.73 80.91 12.79
CA CYS B 448 34.39 80.35 12.94
C CYS B 448 33.68 80.98 14.13
N ASN B 449 33.05 82.13 13.89
CA ASN B 449 32.10 82.74 14.83
C ASN B 449 32.74 83.03 16.19
N ASN B 450 33.94 83.63 16.14
CA ASN B 450 34.68 84.05 17.34
C ASN B 450 35.00 82.86 18.24
N GLY B 451 35.40 81.74 17.62
CA GLY B 451 35.77 80.54 18.34
C GLY B 451 34.63 79.63 18.74
N ASN B 452 33.39 80.00 18.44
CA ASN B 452 32.23 79.18 18.80
C ASN B 452 32.10 77.92 17.93
N GLY B 453 33.01 77.70 17.00
CA GLY B 453 32.94 76.53 16.13
C GLY B 453 34.28 75.88 15.86
N THR B 454 34.37 75.15 14.75
CA THR B 454 35.57 74.39 14.40
C THR B 454 35.74 74.42 12.88
N PHE B 455 36.99 74.55 12.44
CA PHE B 455 37.34 74.69 11.02
C PHE B 455 37.97 73.38 10.54
N GLU B 456 37.28 72.67 9.66
CA GLU B 456 37.79 71.43 9.08
C GLU B 456 37.48 71.40 7.59
N CYS B 457 38.48 70.98 6.81
CA CYS B 457 38.33 70.78 5.36
C CYS B 457 37.84 72.03 4.64
N GLY B 458 38.11 73.21 5.21
CA GLY B 458 37.76 74.47 4.57
C GLY B 458 36.38 75.00 4.85
N VAL B 459 35.70 74.51 5.89
CA VAL B 459 34.37 74.98 6.25
C VAL B 459 34.28 75.07 7.77
N CYS B 460 33.27 75.80 8.25
CA CYS B 460 33.07 76.03 9.67
C CYS B 460 31.93 75.17 10.19
N ARG B 461 32.24 74.25 11.11
CA ARG B 461 31.26 73.40 11.77
C ARG B 461 31.04 73.88 13.20
N CYS B 462 29.82 73.66 13.69
CA CYS B 462 29.51 74.00 15.08
C CYS B 462 30.23 73.03 16.02
N GLY B 463 30.92 73.58 17.03
CA GLY B 463 31.71 72.78 17.90
C GLY B 463 30.86 71.89 18.79
N PRO B 464 31.52 71.09 19.62
CA PRO B 464 30.80 70.20 20.54
C PRO B 464 30.02 70.99 21.57
N GLY B 465 28.80 70.52 21.85
CA GLY B 465 27.92 71.14 22.80
C GLY B 465 26.85 72.03 22.19
N TRP B 466 27.07 72.54 20.99
CA TRP B 466 26.08 73.39 20.33
C TRP B 466 25.08 72.54 19.56
N LEU C 1 -32.91 -23.74 -47.84
CA LEU C 1 -31.99 -23.00 -46.98
C LEU C 1 -31.37 -21.82 -47.71
N ASN C 2 -30.62 -21.00 -46.99
CA ASN C 2 -29.98 -19.80 -47.56
C ASN C 2 -28.57 -20.12 -48.01
N LEU C 3 -27.67 -20.36 -47.05
CA LEU C 3 -26.27 -20.66 -47.35
C LEU C 3 -26.13 -22.15 -47.64
N ASP C 4 -25.45 -22.47 -48.74
CA ASP C 4 -25.26 -23.86 -49.17
C ASP C 4 -24.17 -24.54 -48.35
N PRO C 5 -24.53 -25.47 -47.46
CA PRO C 5 -23.54 -26.13 -46.61
C PRO C 5 -22.93 -27.38 -47.21
N VAL C 6 -23.27 -27.69 -48.47
CA VAL C 6 -22.84 -28.92 -49.11
C VAL C 6 -21.63 -28.66 -49.98
N GLN C 7 -21.77 -27.74 -50.94
CA GLN C 7 -20.70 -27.40 -51.87
C GLN C 7 -20.01 -26.13 -51.36
N LEU C 8 -19.03 -26.31 -50.49
CA LEU C 8 -18.23 -25.19 -50.01
C LEU C 8 -17.02 -24.99 -50.92
N THR C 9 -16.31 -23.89 -50.68
CA THR C 9 -15.05 -23.61 -51.35
C THR C 9 -13.99 -23.37 -50.29
N PHE C 10 -12.85 -24.05 -50.41
CA PHE C 10 -11.80 -24.01 -49.41
C PHE C 10 -10.54 -23.38 -50.00
N TYR C 11 -9.95 -22.44 -49.26
CA TYR C 11 -8.62 -21.90 -49.52
C TYR C 11 -7.71 -22.28 -48.36
N ALA C 12 -6.43 -22.47 -48.65
CA ALA C 12 -5.50 -22.96 -47.64
C ALA C 12 -4.17 -22.22 -47.72
N GLY C 13 -3.56 -22.00 -46.57
CA GLY C 13 -2.23 -21.44 -46.49
C GLY C 13 -1.25 -22.43 -45.87
N PRO C 14 0.00 -22.01 -45.68
CA PRO C 14 1.01 -22.93 -45.15
C PRO C 14 0.70 -23.37 -43.73
N ASN C 15 1.37 -24.45 -43.32
CA ASN C 15 1.20 -24.97 -41.97
C ASN C 15 1.68 -23.96 -40.94
N GLY C 16 0.91 -23.85 -39.85
CA GLY C 16 1.27 -22.97 -38.76
C GLY C 16 1.38 -21.50 -39.15
N SER C 17 0.90 -21.15 -40.34
CA SER C 17 0.88 -19.76 -40.77
C SER C 17 -0.32 -19.00 -40.24
N GLN C 18 -1.28 -19.70 -39.63
CA GLN C 18 -2.51 -19.09 -39.13
C GLN C 18 -3.26 -18.37 -40.24
N PHE C 19 -3.15 -18.90 -41.46
CA PHE C 19 -3.90 -18.43 -42.61
C PHE C 19 -5.40 -18.48 -42.31
N GLY C 20 -6.00 -17.32 -42.05
CA GLY C 20 -7.42 -17.25 -41.77
C GLY C 20 -7.73 -16.52 -40.47
N PHE C 21 -6.69 -15.97 -39.86
CA PHE C 21 -6.88 -15.18 -38.64
C PHE C 21 -7.70 -13.93 -38.91
N SER C 22 -7.69 -13.45 -40.14
CA SER C 22 -8.45 -12.26 -40.54
C SER C 22 -8.65 -12.29 -42.05
N LEU C 23 -9.76 -11.71 -42.50
CA LEU C 23 -10.11 -11.74 -43.90
C LEU C 23 -11.11 -10.63 -44.20
N ASP C 24 -11.29 -10.35 -45.49
CA ASP C 24 -12.26 -9.40 -45.98
C ASP C 24 -12.36 -9.54 -47.50
N PHE C 25 -13.42 -8.97 -48.08
CA PHE C 25 -13.59 -8.93 -49.51
C PHE C 25 -12.87 -7.71 -50.09
N HIS C 26 -12.43 -7.83 -51.34
CA HIS C 26 -11.65 -6.77 -51.99
C HIS C 26 -12.07 -6.65 -53.45
N LYS C 27 -12.67 -5.51 -53.80
CA LYS C 27 -12.97 -5.19 -55.18
C LYS C 27 -11.79 -4.45 -55.81
N ASP C 28 -11.34 -4.91 -56.96
CA ASP C 28 -10.31 -4.20 -57.71
C ASP C 28 -10.97 -3.01 -58.41
N SER C 29 -10.22 -2.34 -59.31
CA SER C 29 -10.77 -1.20 -60.01
C SER C 29 -11.86 -1.59 -61.01
N HIS C 30 -11.93 -2.86 -61.39
CA HIS C 30 -12.96 -3.34 -62.31
C HIS C 30 -14.18 -3.91 -61.59
N GLY C 31 -14.21 -3.87 -60.25
CA GLY C 31 -15.31 -4.41 -59.48
C GLY C 31 -15.27 -5.91 -59.26
N ARG C 32 -14.24 -6.60 -59.77
CA ARG C 32 -14.14 -8.04 -59.61
C ARG C 32 -13.75 -8.40 -58.18
N VAL C 33 -14.54 -9.27 -57.54
CA VAL C 33 -14.39 -9.54 -56.12
C VAL C 33 -13.34 -10.62 -55.89
N ALA C 34 -12.54 -10.45 -54.84
CA ALA C 34 -11.55 -11.42 -54.40
C ALA C 34 -11.50 -11.40 -52.88
N ILE C 35 -10.67 -12.27 -52.30
CA ILE C 35 -10.56 -12.41 -50.85
C ILE C 35 -9.13 -12.13 -50.44
N VAL C 36 -8.97 -11.28 -49.42
CA VAL C 36 -7.69 -11.05 -48.78
C VAL C 36 -7.69 -11.78 -47.45
N VAL C 37 -6.57 -12.43 -47.13
CA VAL C 37 -6.46 -13.26 -45.93
C VAL C 37 -5.19 -12.87 -45.18
N GLY C 38 -5.29 -12.80 -43.85
CA GLY C 38 -4.15 -12.53 -42.99
C GLY C 38 -3.60 -13.81 -42.39
N ALA C 39 -2.28 -13.91 -42.35
CA ALA C 39 -1.59 -15.10 -41.83
C ALA C 39 -0.43 -14.65 -40.96
N PRO C 40 -0.71 -14.25 -39.72
CA PRO C 40 0.27 -13.52 -38.91
C PRO C 40 1.38 -14.37 -38.31
N ARG C 41 1.51 -15.65 -38.67
CA ARG C 41 2.68 -16.43 -38.31
C ARG C 41 3.37 -17.00 -39.54
N THR C 42 3.17 -16.37 -40.70
CA THR C 42 3.85 -16.77 -41.91
C THR C 42 5.35 -16.55 -41.79
N LEU C 43 6.13 -17.53 -42.20
CA LEU C 43 7.59 -17.39 -42.20
C LEU C 43 8.01 -16.27 -43.14
N GLY C 44 8.91 -15.41 -42.66
CA GLY C 44 9.51 -14.39 -43.48
C GLY C 44 10.75 -14.92 -44.17
N PRO C 45 11.60 -14.01 -44.63
CA PRO C 45 12.84 -14.43 -45.30
C PRO C 45 13.90 -14.88 -44.31
N SER C 46 13.93 -14.24 -43.14
CA SER C 46 14.87 -14.55 -42.06
C SER C 46 14.53 -15.85 -41.36
N GLN C 47 13.59 -16.63 -41.89
CA GLN C 47 13.12 -17.88 -41.31
C GLN C 47 12.53 -17.68 -39.91
N GLU C 48 12.06 -16.47 -39.63
CA GLU C 48 11.36 -16.16 -38.39
C GLU C 48 9.94 -15.69 -38.70
N GLU C 49 9.03 -15.99 -37.78
CA GLU C 49 7.63 -15.60 -37.96
C GLU C 49 7.51 -14.09 -38.11
N THR C 50 6.90 -13.65 -39.21
CA THR C 50 6.68 -12.24 -39.46
C THR C 50 5.24 -11.99 -39.85
N GLY C 51 4.58 -13.00 -40.41
CA GLY C 51 3.25 -12.85 -40.93
C GLY C 51 3.25 -12.41 -42.39
N GLY C 52 2.11 -12.60 -43.03
CA GLY C 52 1.98 -12.27 -44.43
C GLY C 52 0.54 -12.08 -44.83
N VAL C 53 0.35 -11.70 -46.10
CA VAL C 53 -0.97 -11.41 -46.66
C VAL C 53 -1.12 -12.16 -47.97
N PHE C 54 -2.30 -12.74 -48.18
CA PHE C 54 -2.62 -13.48 -49.39
C PHE C 54 -3.87 -12.89 -50.04
N LEU C 55 -3.83 -12.75 -51.35
CA LEU C 55 -4.93 -12.18 -52.14
C LEU C 55 -5.47 -13.28 -53.04
N CYS C 56 -6.58 -13.90 -52.62
CA CYS C 56 -7.11 -15.08 -53.31
C CYS C 56 -8.10 -14.65 -54.38
N PRO C 57 -7.86 -15.00 -55.65
CA PRO C 57 -8.89 -14.78 -56.67
C PRO C 57 -10.03 -15.75 -56.49
N TRP C 58 -11.24 -15.30 -56.84
CA TRP C 58 -12.43 -16.12 -56.67
C TRP C 58 -12.39 -17.29 -57.64
N ARG C 59 -12.27 -18.50 -57.11
CA ARG C 59 -12.34 -19.73 -57.90
C ARG C 59 -13.22 -20.70 -57.14
N ALA C 60 -14.25 -21.22 -57.80
CA ALA C 60 -15.21 -22.09 -57.14
C ALA C 60 -14.56 -23.34 -56.55
N GLU C 61 -13.37 -23.70 -57.02
CA GLU C 61 -12.63 -24.86 -56.50
C GLU C 61 -11.58 -24.47 -55.46
N GLY C 62 -11.27 -23.19 -55.31
CA GLY C 62 -10.38 -22.78 -54.24
C GLY C 62 -8.92 -23.07 -54.57
N GLY C 63 -8.16 -23.41 -53.55
CA GLY C 63 -6.77 -23.81 -53.69
C GLY C 63 -5.83 -22.86 -53.01
N GLN C 64 -4.58 -22.89 -53.48
CA GLN C 64 -3.55 -21.99 -52.99
C GLN C 64 -3.81 -20.57 -53.50
N CYS C 65 -3.07 -19.60 -52.96
CA CYS C 65 -3.25 -18.20 -53.28
C CYS C 65 -1.90 -17.53 -53.43
N PRO C 66 -1.83 -16.44 -54.19
CA PRO C 66 -0.58 -15.69 -54.30
C PRO C 66 -0.34 -14.80 -53.09
N SER C 67 0.93 -14.60 -52.79
CA SER C 67 1.32 -13.74 -51.68
C SER C 67 1.22 -12.28 -52.07
N LEU C 68 0.70 -11.45 -51.17
CA LEU C 68 0.73 -10.00 -51.31
C LEU C 68 1.96 -9.50 -50.58
N LEU C 69 2.99 -9.13 -51.34
CA LEU C 69 4.31 -8.93 -50.78
C LEU C 69 4.45 -7.56 -50.11
N PHE C 70 5.17 -7.54 -49.00
CA PHE C 70 5.49 -6.31 -48.29
C PHE C 70 6.96 -6.35 -47.88
N ASP C 71 7.48 -5.18 -47.51
CA ASP C 71 8.86 -5.09 -47.03
C ASP C 71 8.95 -5.68 -45.63
N LEU C 72 9.80 -6.68 -45.46
CA LEU C 72 9.99 -7.35 -44.17
C LEU C 72 11.39 -7.14 -43.61
N ARG C 73 12.00 -6.00 -43.90
CA ARG C 73 13.36 -5.70 -43.48
C ARG C 73 13.36 -4.86 -42.21
N ASP C 74 14.16 -5.27 -41.23
CA ASP C 74 14.42 -4.45 -40.06
C ASP C 74 15.13 -3.17 -40.48
N GLU C 75 14.45 -2.03 -40.37
CA GLU C 75 14.98 -0.76 -40.84
C GLU C 75 15.71 -0.03 -39.71
N THR C 76 16.68 0.80 -40.11
CA THR C 76 17.50 1.54 -39.16
C THR C 76 17.87 2.88 -39.77
N ARG C 77 17.80 3.94 -38.96
CA ARG C 77 18.12 5.28 -39.42
C ARG C 77 18.84 6.05 -38.32
N ASN C 78 20.08 6.45 -38.60
CA ASN C 78 20.83 7.36 -37.73
C ASN C 78 20.50 8.79 -38.14
N VAL C 79 19.81 9.51 -37.26
CA VAL C 79 19.37 10.87 -37.58
C VAL C 79 19.14 11.61 -36.27
N GLY C 80 19.37 12.92 -36.29
CA GLY C 80 19.16 13.76 -35.12
C GLY C 80 19.99 13.34 -33.92
N SER C 81 21.22 12.86 -34.15
CA SER C 81 22.06 12.29 -33.09
C SER C 81 21.34 11.18 -32.34
N GLN C 82 20.41 10.52 -33.03
CA GLN C 82 19.66 9.39 -32.49
C GLN C 82 19.74 8.23 -33.48
N THR C 83 19.22 7.08 -33.04
CA THR C 83 19.20 5.87 -33.87
C THR C 83 17.79 5.28 -33.81
N LEU C 84 17.09 5.30 -34.94
CA LEU C 84 15.75 4.74 -35.04
C LEU C 84 15.82 3.29 -35.48
N GLN C 85 14.89 2.47 -34.96
CA GLN C 85 14.89 1.04 -35.19
C GLN C 85 13.48 0.51 -35.35
N THR C 86 13.30 -0.41 -36.31
CA THR C 86 12.09 -1.19 -36.46
C THR C 86 12.43 -2.67 -36.36
N PHE C 87 11.57 -3.44 -35.68
CA PHE C 87 11.75 -4.87 -35.50
C PHE C 87 10.47 -5.57 -35.94
N LYS C 88 10.55 -6.32 -37.04
CA LYS C 88 9.39 -6.96 -37.64
C LYS C 88 9.32 -8.44 -37.31
N ALA C 89 10.18 -8.95 -36.42
CA ALA C 89 10.10 -10.34 -36.01
C ALA C 89 8.93 -10.53 -35.06
N ARG C 90 8.09 -11.53 -35.35
CA ARG C 90 6.89 -11.82 -34.56
C ARG C 90 5.95 -10.62 -34.49
N GLN C 91 5.91 -9.83 -35.56
CA GLN C 91 5.04 -8.65 -35.60
C GLN C 91 3.58 -9.02 -35.87
N GLY C 92 3.33 -10.17 -36.47
CA GLY C 92 1.96 -10.56 -36.78
C GLY C 92 1.34 -9.79 -37.92
N LEU C 93 2.08 -9.60 -39.02
CA LEU C 93 1.52 -8.99 -40.20
C LEU C 93 0.35 -9.83 -40.71
N GLY C 94 -0.84 -9.23 -40.74
CA GLY C 94 -2.04 -9.94 -41.10
C GLY C 94 -2.96 -10.25 -39.94
N ALA C 95 -2.61 -9.87 -38.72
CA ALA C 95 -3.49 -10.06 -37.58
C ALA C 95 -4.78 -9.25 -37.70
N SER C 96 -4.87 -8.37 -38.70
CA SER C 96 -6.11 -7.67 -39.02
C SER C 96 -5.99 -7.07 -40.41
N VAL C 97 -6.93 -7.39 -41.30
CA VAL C 97 -6.94 -6.84 -42.65
C VAL C 97 -8.31 -6.23 -42.92
N VAL C 98 -8.33 -5.29 -43.87
CA VAL C 98 -9.56 -4.62 -44.27
C VAL C 98 -9.29 -3.96 -45.61
N SER C 99 -10.32 -3.91 -46.46
CA SER C 99 -10.19 -3.34 -47.79
C SER C 99 -11.14 -2.17 -47.97
N TRP C 100 -10.78 -1.30 -48.91
CA TRP C 100 -11.60 -0.14 -49.26
C TRP C 100 -11.16 0.32 -50.64
N SER C 101 -12.14 0.60 -51.51
CA SER C 101 -11.85 0.90 -52.91
C SER C 101 -10.95 -0.18 -53.49
N ASP C 102 -9.77 0.22 -54.02
CA ASP C 102 -8.79 -0.73 -54.53
C ASP C 102 -7.53 -0.76 -53.69
N VAL C 103 -7.69 -0.54 -52.37
CA VAL C 103 -6.56 -0.48 -51.44
C VAL C 103 -6.76 -1.55 -50.37
N ILE C 104 -5.64 -2.04 -49.84
CA ILE C 104 -5.63 -3.11 -48.85
C ILE C 104 -4.76 -2.66 -47.67
N VAL C 105 -5.28 -2.84 -46.46
CA VAL C 105 -4.61 -2.39 -45.22
C VAL C 105 -4.37 -3.61 -44.35
N ALA C 106 -3.12 -4.07 -44.31
CA ALA C 106 -2.72 -5.20 -43.49
C ALA C 106 -1.85 -4.68 -42.35
N CYS C 107 -2.19 -5.06 -41.13
CA CYS C 107 -1.58 -4.48 -39.94
C CYS C 107 -0.85 -5.54 -39.13
N ALA C 108 0.27 -5.12 -38.54
CA ALA C 108 1.10 -5.96 -37.67
C ALA C 108 1.11 -5.32 -36.28
N PRO C 109 0.17 -5.69 -35.40
CA PRO C 109 0.03 -5.00 -34.12
C PRO C 109 1.18 -5.22 -33.16
N TRP C 110 2.14 -6.10 -33.48
CA TRP C 110 3.24 -6.38 -32.56
C TRP C 110 4.60 -6.06 -33.15
N GLN C 111 4.63 -5.23 -34.20
CA GLN C 111 5.91 -4.72 -34.68
C GLN C 111 6.54 -3.86 -33.60
N HIS C 112 7.77 -4.18 -33.25
CA HIS C 112 8.45 -3.46 -32.19
C HIS C 112 9.22 -2.26 -32.75
N TRP C 113 9.64 -1.39 -31.84
CA TRP C 113 10.21 -0.10 -32.21
C TRP C 113 11.04 0.42 -31.04
N ASN C 114 12.15 1.09 -31.35
CA ASN C 114 13.04 1.60 -30.33
C ASN C 114 13.81 2.80 -30.87
N VAL C 115 14.20 3.69 -29.97
CA VAL C 115 14.98 4.87 -30.31
C VAL C 115 16.15 4.94 -29.33
N LEU C 116 17.37 4.93 -29.86
CA LEU C 116 18.58 4.96 -29.06
C LEU C 116 19.19 6.37 -29.05
N GLU C 117 19.86 6.69 -27.96
CA GLU C 117 20.58 7.97 -27.85
C GLU C 117 21.68 7.77 -26.79
N LYS C 118 22.92 7.60 -27.26
CA LYS C 118 24.07 7.35 -26.39
C LYS C 118 23.82 6.13 -25.52
N THR C 119 23.47 6.35 -24.25
CA THR C 119 23.16 5.27 -23.33
C THR C 119 21.67 5.17 -22.99
N GLU C 120 20.90 6.22 -23.25
CA GLU C 120 19.47 6.21 -23.01
C GLU C 120 18.72 5.61 -24.20
N GLU C 121 17.44 5.34 -23.99
CA GLU C 121 16.60 4.78 -25.05
C GLU C 121 15.14 5.07 -24.72
N ALA C 122 14.27 4.76 -25.67
CA ALA C 122 12.83 4.88 -25.50
C ALA C 122 12.17 3.55 -25.12
N GLU C 123 12.97 2.49 -24.96
CA GLU C 123 12.53 1.13 -24.64
C GLU C 123 11.89 0.45 -25.83
N LYS C 124 12.31 -0.79 -26.10
CA LYS C 124 11.81 -1.58 -27.23
C LYS C 124 10.39 -2.04 -26.93
N THR C 125 9.41 -1.44 -27.61
CA THR C 125 8.00 -1.67 -27.31
C THR C 125 7.22 -1.90 -28.59
N PRO C 126 6.12 -2.65 -28.52
CA PRO C 126 5.31 -2.89 -29.72
C PRO C 126 4.35 -1.74 -30.02
N VAL C 127 4.77 -0.80 -30.86
CA VAL C 127 3.91 0.32 -31.23
C VAL C 127 2.93 -0.03 -32.33
N GLY C 128 3.13 -1.13 -33.04
CA GLY C 128 2.24 -1.49 -34.12
C GLY C 128 2.45 -0.68 -35.38
N SER C 129 2.18 -1.28 -36.54
CA SER C 129 2.28 -0.60 -37.82
C SER C 129 1.29 -1.25 -38.77
N CYS C 130 0.76 -0.45 -39.69
CA CYS C 130 -0.13 -0.95 -40.73
C CYS C 130 0.53 -0.76 -42.08
N PHE C 131 0.52 -1.82 -42.89
CA PHE C 131 1.03 -1.78 -44.24
C PHE C 131 -0.14 -1.59 -45.20
N LEU C 132 0.00 -0.67 -46.14
CA LEU C 132 -1.02 -0.41 -47.13
C LEU C 132 -0.52 -0.83 -48.51
N ALA C 133 -1.46 -1.06 -49.41
CA ALA C 133 -1.11 -1.53 -50.75
C ALA C 133 -2.25 -1.26 -51.71
N GLN C 134 -1.88 -1.00 -52.97
CA GLN C 134 -2.80 -0.92 -54.09
C GLN C 134 -2.35 -1.99 -55.08
N PRO C 135 -2.88 -3.21 -54.97
CA PRO C 135 -2.26 -4.36 -55.67
C PRO C 135 -2.06 -4.16 -57.17
N GLU C 136 -2.98 -3.45 -57.83
CA GLU C 136 -2.88 -3.31 -59.28
C GLU C 136 -1.70 -2.41 -59.68
N SER C 137 -1.53 -1.28 -59.00
CA SER C 137 -0.45 -0.35 -59.31
C SER C 137 0.88 -0.74 -58.66
N GLY C 138 0.89 -1.66 -57.71
CA GLY C 138 2.10 -2.00 -57.00
C GLY C 138 2.53 -1.02 -55.93
N ARG C 139 1.82 0.10 -55.78
CA ARG C 139 2.21 1.11 -54.79
C ARG C 139 2.06 0.56 -53.37
N ARG C 140 2.88 1.08 -52.47
CA ARG C 140 2.90 0.67 -51.08
C ARG C 140 3.01 1.89 -50.19
N ALA C 141 2.65 1.72 -48.92
CA ALA C 141 2.77 2.77 -47.92
C ALA C 141 2.57 2.14 -46.55
N GLU C 142 3.23 2.72 -45.55
CA GLU C 142 3.10 2.29 -44.16
C GLU C 142 2.45 3.39 -43.34
N TYR C 143 2.15 3.06 -42.09
CA TYR C 143 1.53 3.99 -41.15
C TYR C 143 1.67 3.46 -39.73
N SER C 144 2.35 4.20 -38.88
CA SER C 144 2.54 3.81 -37.48
C SER C 144 2.41 5.07 -36.63
N PRO C 145 1.19 5.46 -36.27
CA PRO C 145 0.97 6.74 -35.59
C PRO C 145 1.41 6.76 -34.14
N CYS C 146 1.99 5.68 -33.62
CA CYS C 146 2.40 5.65 -32.24
C CYS C 146 3.91 5.67 -32.04
N ARG C 147 4.68 5.65 -33.12
CA ARG C 147 6.12 5.81 -33.01
C ARG C 147 6.45 7.17 -32.44
N GLY C 148 7.43 7.21 -31.55
CA GLY C 148 7.88 8.46 -30.97
C GLY C 148 9.39 8.45 -30.77
N ASN C 149 9.91 9.61 -30.35
CA ASN C 149 11.34 9.76 -30.11
C ASN C 149 11.67 10.17 -28.69
N THR C 150 10.68 10.16 -27.78
CA THR C 150 10.91 10.56 -26.41
C THR C 150 11.57 9.43 -25.63
N LEU C 151 12.60 9.75 -24.85
CA LEU C 151 13.39 8.74 -24.18
C LEU C 151 12.67 8.21 -22.95
N SER C 152 13.25 7.16 -22.35
CA SER C 152 12.63 6.50 -21.21
C SER C 152 12.53 7.44 -20.02
N ARG C 153 13.61 8.19 -19.74
CA ARG C 153 13.65 9.07 -18.59
C ARG C 153 12.50 10.07 -18.58
N ILE C 154 12.06 10.52 -19.75
CA ILE C 154 11.08 11.61 -19.80
C ILE C 154 9.69 11.11 -19.40
N TYR C 155 9.30 9.92 -19.86
CA TYR C 155 7.98 9.39 -19.51
C TYR C 155 7.81 9.22 -18.01
N VAL C 156 8.90 8.91 -17.30
CA VAL C 156 8.82 8.77 -15.84
C VAL C 156 8.53 10.12 -15.20
N GLU C 157 9.17 11.19 -15.68
CA GLU C 157 9.01 12.50 -15.05
C GLU C 157 7.58 13.01 -15.15
N ASN C 158 6.87 12.67 -16.23
CA ASN C 158 5.53 13.17 -16.48
C ASN C 158 4.44 12.18 -16.07
N ASP C 159 4.76 11.23 -15.19
CA ASP C 159 3.79 10.25 -14.70
C ASP C 159 3.17 9.44 -15.83
N PHE C 160 4.00 9.11 -16.84
CA PHE C 160 3.58 8.29 -17.97
C PHE C 160 2.35 8.87 -18.67
N SER C 161 2.40 10.16 -18.95
CA SER C 161 1.31 10.83 -19.66
C SER C 161 1.61 10.80 -21.16
N TRP C 162 0.59 10.44 -21.94
CA TRP C 162 0.69 10.36 -23.40
C TRP C 162 1.77 9.35 -23.82
N ASP C 163 1.72 8.17 -23.19
CA ASP C 163 2.67 7.09 -23.45
C ASP C 163 2.06 6.18 -24.51
N LYS C 164 2.40 6.45 -25.77
CA LYS C 164 1.91 5.69 -26.90
C LYS C 164 2.88 4.58 -27.33
N ARG C 165 3.77 4.16 -26.43
CA ARG C 165 4.82 3.22 -26.82
C ARG C 165 4.31 1.81 -26.99
N TYR C 166 3.17 1.46 -26.39
CA TYR C 166 2.65 0.10 -26.43
C TYR C 166 1.28 0.05 -27.10
N CYS C 167 1.04 0.94 -28.08
CA CYS C 167 -0.24 1.00 -28.76
C CYS C 167 -0.70 -0.36 -29.27
N GLU C 168 0.16 -1.03 -30.05
CA GLU C 168 -0.24 -2.15 -30.90
C GLU C 168 -1.30 -1.69 -31.90
N ALA C 169 -1.02 -0.55 -32.53
CA ALA C 169 -1.93 -0.01 -33.54
C ALA C 169 -2.16 -1.03 -34.64
N GLY C 170 -3.39 -1.06 -35.15
CA GLY C 170 -3.78 -2.10 -36.08
C GLY C 170 -4.34 -3.35 -35.44
N PHE C 171 -4.43 -3.40 -34.11
CA PHE C 171 -5.06 -4.51 -33.42
C PHE C 171 -6.47 -4.75 -33.97
N SER C 172 -7.22 -3.67 -34.19
CA SER C 172 -8.46 -3.72 -34.94
C SER C 172 -8.49 -2.53 -35.90
N SER C 173 -9.29 -2.65 -36.95
CA SER C 173 -9.29 -1.62 -37.98
C SER C 173 -10.65 -1.59 -38.68
N VAL C 174 -10.84 -0.55 -39.49
CA VAL C 174 -12.07 -0.27 -40.21
C VAL C 174 -11.82 0.96 -41.07
N VAL C 175 -12.57 1.12 -42.17
CA VAL C 175 -12.41 2.26 -43.07
C VAL C 175 -13.79 2.82 -43.40
N THR C 176 -13.98 4.11 -43.17
CA THR C 176 -15.25 4.75 -43.47
C THR C 176 -15.51 4.79 -44.97
N GLN C 177 -16.77 5.05 -45.33
N GLN C 177 -16.77 5.05 -45.33
CA GLN C 177 -17.13 5.17 -46.74
CA GLN C 177 -17.12 5.16 -46.75
C GLN C 177 -16.36 6.30 -47.42
C GLN C 177 -16.39 6.31 -47.43
N ALA C 178 -15.94 7.30 -46.67
CA ALA C 178 -15.14 8.39 -47.23
C ALA C 178 -13.70 7.96 -47.46
N GLY C 179 -13.22 6.97 -46.72
CA GLY C 179 -11.85 6.52 -46.86
C GLY C 179 -10.95 6.95 -45.72
N GLU C 180 -11.52 7.05 -44.53
CA GLU C 180 -10.79 7.45 -43.33
C GLU C 180 -10.42 6.19 -42.55
N LEU C 181 -9.15 5.81 -42.61
CA LEU C 181 -8.67 4.67 -41.85
C LEU C 181 -8.69 4.99 -40.36
N VAL C 182 -9.29 4.10 -39.57
CA VAL C 182 -9.37 4.25 -38.12
C VAL C 182 -8.80 2.99 -37.49
N LEU C 183 -7.72 3.15 -36.73
CA LEU C 183 -7.03 2.03 -36.09
C LEU C 183 -7.38 1.99 -34.62
N GLY C 184 -7.33 0.78 -34.06
CA GLY C 184 -7.54 0.56 -32.65
C GLY C 184 -6.23 0.16 -31.99
N ALA C 185 -5.86 0.90 -30.95
CA ALA C 185 -4.63 0.67 -30.18
C ALA C 185 -5.02 0.35 -28.75
N PRO C 186 -5.28 -0.91 -28.42
CA PRO C 186 -5.72 -1.25 -27.06
C PRO C 186 -4.65 -1.01 -26.01
N GLY C 187 -3.37 -1.15 -26.36
CA GLY C 187 -2.30 -0.84 -25.43
C GLY C 187 -1.89 0.62 -25.40
N GLY C 188 -2.59 1.47 -26.13
CA GLY C 188 -2.25 2.88 -26.14
C GLY C 188 -2.47 3.54 -24.80
N TYR C 189 -1.70 4.60 -24.58
CA TYR C 189 -1.71 5.37 -23.33
C TYR C 189 -1.57 4.43 -22.14
N TYR C 190 -0.61 3.50 -22.24
CA TYR C 190 -0.29 2.55 -21.18
C TYR C 190 -1.50 1.68 -20.85
N PHE C 191 -1.98 0.97 -21.87
CA PHE C 191 -3.06 0.00 -21.79
C PHE C 191 -4.40 0.61 -21.44
N LEU C 192 -4.54 1.93 -21.51
CA LEU C 192 -5.86 2.52 -21.48
C LEU C 192 -6.57 2.37 -22.82
N GLY C 193 -5.81 2.41 -23.92
CA GLY C 193 -6.38 2.26 -25.23
C GLY C 193 -6.67 3.58 -25.93
N LEU C 194 -6.43 3.64 -27.24
CA LEU C 194 -6.68 4.85 -28.00
C LEU C 194 -7.07 4.46 -29.41
N LEU C 195 -7.53 5.47 -30.17
CA LEU C 195 -7.81 5.32 -31.59
C LEU C 195 -6.87 6.22 -32.38
N ALA C 196 -6.76 5.94 -33.67
CA ALA C 196 -5.90 6.71 -34.56
C ALA C 196 -6.58 6.79 -35.92
N GLN C 197 -7.05 7.97 -36.28
CA GLN C 197 -7.72 8.20 -37.55
C GLN C 197 -6.79 8.95 -38.49
N ALA C 198 -6.88 8.63 -39.78
CA ALA C 198 -6.09 9.29 -40.82
C ALA C 198 -6.66 8.95 -42.21
N PRO C 199 -6.75 9.94 -43.10
CA PRO C 199 -7.21 9.65 -44.46
C PRO C 199 -6.24 8.72 -45.17
N VAL C 200 -6.79 7.87 -46.04
CA VAL C 200 -5.96 6.93 -46.79
C VAL C 200 -5.01 7.69 -47.70
N ALA C 201 -5.55 8.53 -48.58
CA ALA C 201 -4.76 9.20 -49.60
C ALA C 201 -3.61 9.99 -48.98
N ASP C 202 -3.84 10.59 -47.82
CA ASP C 202 -2.78 11.35 -47.17
C ASP C 202 -1.66 10.44 -46.66
N ILE C 203 -1.99 9.19 -46.30
CA ILE C 203 -0.94 8.26 -45.89
C ILE C 203 -0.05 7.90 -47.07
N PHE C 204 -0.64 7.79 -48.28
CA PHE C 204 0.16 7.46 -49.45
C PHE C 204 0.99 8.64 -49.91
N SER C 205 0.41 9.84 -49.92
CA SER C 205 1.14 11.02 -50.37
C SER C 205 2.21 11.49 -49.39
N SER C 206 2.07 11.16 -48.10
CA SER C 206 2.97 11.64 -47.07
C SER C 206 3.97 10.57 -46.61
N TYR C 207 4.07 9.45 -47.32
CA TYR C 207 5.00 8.38 -46.96
C TYR C 207 6.12 8.32 -47.98
N ARG C 208 7.33 8.08 -47.48
CA ARG C 208 8.51 7.80 -48.29
C ARG C 208 9.32 6.72 -47.59
N PRO C 209 10.01 5.88 -48.36
CA PRO C 209 10.75 4.77 -47.73
C PRO C 209 11.98 5.25 -46.99
N GLY C 210 12.15 4.77 -45.76
CA GLY C 210 13.32 5.06 -44.97
C GLY C 210 13.22 6.23 -44.01
N ILE C 211 12.02 6.77 -43.79
CA ILE C 211 11.86 7.92 -42.91
C ILE C 211 11.53 7.49 -41.49
N LEU C 212 10.70 6.46 -41.35
CA LEU C 212 10.33 5.86 -40.06
C LEU C 212 9.52 6.81 -39.18
N LEU C 213 9.93 8.08 -39.09
CA LEU C 213 9.20 9.09 -38.31
C LEU C 213 8.79 10.22 -39.25
N TRP C 214 7.49 10.37 -39.47
CA TRP C 214 6.99 11.44 -40.31
C TRP C 214 5.65 11.94 -39.76
N HIS C 215 5.32 13.19 -40.11
CA HIS C 215 4.08 13.82 -39.69
C HIS C 215 2.99 13.59 -40.72
N VAL C 216 1.82 13.16 -40.25
CA VAL C 216 0.61 13.13 -41.07
C VAL C 216 -0.32 14.15 -40.45
N SER C 217 -0.34 15.36 -41.03
CA SER C 217 -1.03 16.48 -40.40
C SER C 217 -2.53 16.21 -40.25
N SER C 218 -3.14 15.58 -41.25
CA SER C 218 -4.58 15.36 -41.25
C SER C 218 -5.04 14.30 -40.27
N GLN C 219 -4.13 13.63 -39.56
CA GLN C 219 -4.53 12.57 -38.66
C GLN C 219 -5.12 13.15 -37.37
N SER C 220 -5.68 12.27 -36.55
CA SER C 220 -6.34 12.68 -35.30
C SER C 220 -6.45 11.48 -34.38
N LEU C 221 -5.80 11.54 -33.23
CA LEU C 221 -5.82 10.46 -32.26
C LEU C 221 -6.78 10.80 -31.12
N SER C 222 -7.33 9.76 -30.50
CA SER C 222 -8.15 9.97 -29.33
C SER C 222 -7.28 10.49 -28.18
N PHE C 223 -7.94 10.93 -27.12
CA PHE C 223 -7.27 11.62 -26.04
C PHE C 223 -7.01 10.69 -24.86
N ASP C 224 -6.18 11.17 -23.95
CA ASP C 224 -5.86 10.45 -22.73
C ASP C 224 -6.91 10.77 -21.67
N SER C 225 -6.79 10.13 -20.51
CA SER C 225 -7.75 10.33 -19.43
C SER C 225 -7.13 9.85 -18.12
N SER C 226 -7.48 10.54 -17.03
CA SER C 226 -7.03 10.18 -15.69
C SER C 226 -8.08 9.38 -14.93
N ASN C 227 -9.17 9.02 -15.59
CA ASN C 227 -10.26 8.29 -14.93
C ASN C 227 -9.87 6.83 -14.75
N PRO C 228 -9.75 6.34 -13.51
CA PRO C 228 -9.33 4.94 -13.31
C PRO C 228 -10.31 3.91 -13.85
N GLU C 229 -11.51 4.32 -14.28
CA GLU C 229 -12.41 3.39 -14.95
C GLU C 229 -11.78 2.85 -16.23
N TYR C 230 -11.00 3.69 -16.92
CA TYR C 230 -10.37 3.31 -18.18
C TYR C 230 -9.05 2.59 -18.00
N PHE C 231 -8.61 2.35 -16.77
CA PHE C 231 -7.30 1.74 -16.55
C PHE C 231 -7.33 0.27 -16.97
N ASP C 232 -6.40 -0.12 -17.84
CA ASP C 232 -6.26 -1.50 -18.29
C ASP C 232 -7.53 -2.00 -18.97
N GLY C 233 -8.14 -1.11 -19.76
CA GLY C 233 -9.43 -1.40 -20.37
C GLY C 233 -9.39 -1.86 -21.81
N TYR C 234 -8.22 -1.73 -22.45
CA TYR C 234 -8.02 -2.16 -23.83
C TYR C 234 -9.02 -1.49 -24.76
N TRP C 235 -9.29 -0.22 -24.50
CA TRP C 235 -10.10 0.61 -25.40
C TRP C 235 -9.53 0.54 -26.81
N GLY C 236 -10.36 0.10 -27.75
CA GLY C 236 -9.88 -0.18 -29.09
C GLY C 236 -9.56 -1.62 -29.36
N TYR C 237 -9.95 -2.54 -28.47
CA TYR C 237 -9.82 -3.96 -28.76
C TYR C 237 -10.62 -4.34 -30.01
N SER C 238 -11.72 -3.64 -30.26
CA SER C 238 -12.54 -3.82 -31.45
C SER C 238 -13.05 -2.46 -31.90
N VAL C 239 -13.47 -2.37 -33.15
CA VAL C 239 -13.82 -1.08 -33.73
C VAL C 239 -14.73 -1.29 -34.94
N ALA C 240 -15.66 -0.38 -35.12
CA ALA C 240 -16.53 -0.34 -36.30
C ALA C 240 -17.09 1.08 -36.43
N VAL C 241 -17.85 1.32 -37.50
CA VAL C 241 -18.38 2.64 -37.82
C VAL C 241 -19.86 2.54 -38.15
N GLY C 242 -20.50 3.69 -38.26
CA GLY C 242 -21.91 3.75 -38.58
C GLY C 242 -22.43 5.17 -38.56
N GLU C 243 -23.75 5.30 -38.38
CA GLU C 243 -24.40 6.59 -38.27
C GLU C 243 -25.38 6.54 -37.11
N PHE C 244 -25.22 7.45 -36.15
CA PHE C 244 -26.00 7.40 -34.92
C PHE C 244 -26.45 8.76 -34.39
N ASP C 245 -25.89 9.87 -34.84
CA ASP C 245 -26.25 11.19 -34.35
C ASP C 245 -27.25 11.90 -35.26
N GLY C 246 -27.68 11.25 -36.35
CA GLY C 246 -28.60 11.86 -37.29
C GLY C 246 -27.93 12.55 -38.46
N ASP C 247 -26.86 13.28 -38.19
CA ASP C 247 -26.16 14.04 -39.21
C ASP C 247 -25.43 13.08 -40.16
N LEU C 248 -25.82 13.11 -41.43
CA LEU C 248 -25.22 12.21 -42.41
C LEU C 248 -23.87 12.72 -42.91
N ASN C 249 -23.56 14.00 -42.72
CA ASN C 249 -22.23 14.51 -43.06
C ASN C 249 -21.16 13.85 -42.19
N THR C 250 -21.36 13.87 -40.88
CA THR C 250 -20.41 13.30 -39.94
C THR C 250 -20.54 11.77 -39.91
N THR C 251 -19.47 11.14 -39.43
CA THR C 251 -19.42 9.70 -39.25
C THR C 251 -19.05 9.38 -37.81
N GLU C 252 -19.75 8.44 -37.21
CA GLU C 252 -19.60 8.09 -35.80
C GLU C 252 -18.83 6.78 -35.65
N TYR C 253 -18.04 6.70 -34.57
CA TYR C 253 -17.16 5.57 -34.31
C TYR C 253 -17.66 4.74 -33.15
N VAL C 254 -17.44 3.43 -33.24
CA VAL C 254 -17.83 2.47 -32.20
C VAL C 254 -16.57 1.76 -31.73
N VAL C 255 -16.36 1.75 -30.42
CA VAL C 255 -15.17 1.18 -29.82
C VAL C 255 -15.58 0.28 -28.65
N GLY C 256 -14.94 -0.88 -28.56
CA GLY C 256 -15.15 -1.80 -27.45
C GLY C 256 -13.94 -1.81 -26.52
N ALA C 257 -14.21 -1.80 -25.21
CA ALA C 257 -13.19 -1.86 -24.18
C ALA C 257 -13.52 -3.03 -23.26
N PRO C 258 -13.12 -4.25 -23.64
CA PRO C 258 -13.62 -5.45 -22.95
C PRO C 258 -13.07 -5.66 -21.55
N THR C 259 -12.25 -4.75 -21.02
CA THR C 259 -11.83 -4.81 -19.62
C THR C 259 -12.05 -3.47 -18.92
N TRP C 260 -12.90 -2.62 -19.49
CA TRP C 260 -13.21 -1.32 -18.90
C TRP C 260 -13.81 -1.50 -17.51
N SER C 261 -13.52 -0.53 -16.64
CA SER C 261 -14.07 -0.46 -15.29
C SER C 261 -13.88 -1.78 -14.54
N TRP C 262 -12.61 -2.15 -14.40
CA TRP C 262 -12.20 -3.38 -13.69
C TRP C 262 -12.86 -4.61 -14.29
N THR C 263 -12.55 -4.83 -15.57
CA THR C 263 -12.97 -6.00 -16.33
C THR C 263 -14.48 -6.15 -16.43
N LEU C 264 -15.24 -5.08 -16.14
CA LEU C 264 -16.66 -5.11 -16.44
C LEU C 264 -16.91 -5.02 -17.93
N GLY C 265 -16.03 -4.33 -18.66
CA GLY C 265 -16.17 -4.19 -20.10
C GLY C 265 -17.23 -3.19 -20.47
N ALA C 266 -17.06 -2.54 -21.62
CA ALA C 266 -18.05 -1.58 -22.11
C ALA C 266 -17.79 -1.31 -23.58
N VAL C 267 -18.75 -0.62 -24.21
CA VAL C 267 -18.65 -0.17 -25.59
C VAL C 267 -19.13 1.27 -25.64
N GLU C 268 -18.48 2.09 -26.46
CA GLU C 268 -18.76 3.52 -26.52
C GLU C 268 -18.93 3.96 -27.96
N ILE C 269 -19.98 4.74 -28.22
CA ILE C 269 -20.18 5.39 -29.49
C ILE C 269 -19.59 6.80 -29.41
N LEU C 270 -18.92 7.22 -30.48
CA LEU C 270 -18.24 8.51 -30.51
C LEU C 270 -18.60 9.23 -31.80
N ASP C 271 -18.30 10.53 -31.83
CA ASP C 271 -18.33 11.29 -33.07
C ASP C 271 -16.95 11.23 -33.73
N SER C 272 -16.80 11.93 -34.86
CA SER C 272 -15.50 11.96 -35.52
C SER C 272 -14.43 12.67 -34.71
N TYR C 273 -14.78 13.28 -33.57
CA TYR C 273 -13.84 13.97 -32.70
C TYR C 273 -13.67 13.27 -31.36
N TYR C 274 -14.02 11.98 -31.29
CA TYR C 274 -13.79 11.13 -30.11
C TYR C 274 -14.50 11.65 -28.86
N GLN C 275 -15.63 12.32 -29.04
CA GLN C 275 -16.47 12.73 -27.92
C GLN C 275 -17.55 11.67 -27.70
N ARG C 276 -17.69 11.22 -26.46
CA ARG C 276 -18.58 10.12 -26.15
C ARG C 276 -20.04 10.56 -26.29
N LEU C 277 -20.79 9.87 -27.16
CA LEU C 277 -22.22 10.08 -27.31
C LEU C 277 -23.05 9.12 -26.47
N HIS C 278 -22.70 7.84 -26.44
CA HIS C 278 -23.37 6.90 -25.57
CA HIS C 278 -23.39 6.85 -25.62
C HIS C 278 -22.37 5.86 -25.10
N ARG C 279 -22.64 5.28 -23.93
CA ARG C 279 -21.80 4.23 -23.37
C ARG C 279 -22.68 3.07 -22.95
N LEU C 280 -22.26 1.87 -23.31
CA LEU C 280 -22.96 0.63 -22.96
C LEU C 280 -22.08 -0.18 -22.03
N ARG C 281 -22.55 -0.39 -20.81
CA ARG C 281 -21.77 -1.08 -19.79
C ARG C 281 -22.02 -2.58 -19.85
N GLY C 282 -21.00 -3.34 -19.47
CA GLY C 282 -21.12 -4.78 -19.45
C GLY C 282 -22.12 -5.28 -18.42
N GLU C 283 -22.57 -6.51 -18.63
CA GLU C 283 -23.50 -7.16 -17.70
C GLU C 283 -22.80 -8.06 -16.70
N GLN C 284 -21.66 -8.64 -17.05
CA GLN C 284 -20.92 -9.53 -16.17
C GLN C 284 -19.44 -9.29 -16.33
N MET C 285 -18.70 -9.46 -15.23
CA MET C 285 -17.26 -9.24 -15.23
C MET C 285 -16.53 -10.40 -15.88
N ALA C 286 -15.43 -10.07 -16.55
CA ALA C 286 -14.59 -11.00 -17.30
C ALA C 286 -15.33 -11.66 -18.47
N SER C 287 -16.56 -11.25 -18.73
CA SER C 287 -17.29 -11.72 -19.90
C SER C 287 -16.71 -11.18 -21.19
N TYR C 288 -15.78 -10.24 -21.12
CA TYR C 288 -15.16 -9.60 -22.28
C TYR C 288 -16.19 -8.90 -23.15
N PHE C 289 -17.21 -8.32 -22.51
CA PHE C 289 -18.22 -7.52 -23.20
C PHE C 289 -17.55 -6.44 -24.04
N GLY C 290 -17.50 -6.64 -25.34
CA GLY C 290 -16.83 -5.71 -26.23
C GLY C 290 -15.76 -6.36 -27.09
N HIS C 291 -15.65 -7.68 -26.97
CA HIS C 291 -14.68 -8.42 -27.78
C HIS C 291 -14.94 -8.27 -29.27
N SER C 292 -16.17 -7.96 -29.66
CA SER C 292 -16.50 -7.76 -31.06
C SER C 292 -17.73 -6.89 -31.16
N VAL C 293 -17.77 -6.06 -32.20
CA VAL C 293 -18.86 -5.12 -32.43
C VAL C 293 -19.25 -5.17 -33.91
N ALA C 294 -20.54 -4.99 -34.17
CA ALA C 294 -21.06 -4.98 -35.53
C ALA C 294 -22.12 -3.90 -35.64
N VAL C 295 -22.28 -3.38 -36.86
CA VAL C 295 -23.20 -2.28 -37.13
C VAL C 295 -23.93 -2.58 -38.43
N THR C 296 -25.25 -2.78 -38.34
CA THR C 296 -26.09 -2.95 -39.52
C THR C 296 -27.54 -2.75 -39.10
N ASP C 297 -28.39 -2.48 -40.10
CA ASP C 297 -29.80 -2.18 -39.86
C ASP C 297 -30.58 -3.48 -40.01
N VAL C 298 -30.96 -4.08 -38.88
CA VAL C 298 -31.56 -5.41 -38.91
C VAL C 298 -33.06 -5.33 -39.13
N ASN C 299 -33.71 -4.30 -38.58
CA ASN C 299 -35.16 -4.20 -38.61
C ASN C 299 -35.67 -3.30 -39.74
N GLY C 300 -34.82 -2.99 -40.71
CA GLY C 300 -35.27 -2.31 -41.91
C GLY C 300 -35.89 -0.95 -41.69
N ASP C 301 -35.48 -0.23 -40.63
CA ASP C 301 -35.99 1.11 -40.37
C ASP C 301 -35.00 2.21 -40.76
N GLY C 302 -33.91 1.85 -41.45
CA GLY C 302 -32.95 2.83 -41.91
C GLY C 302 -31.90 3.25 -40.91
N ARG C 303 -32.09 2.97 -39.62
CA ARG C 303 -31.15 3.38 -38.59
C ARG C 303 -30.26 2.20 -38.23
N HIS C 304 -28.95 2.40 -38.33
CA HIS C 304 -27.99 1.36 -37.97
C HIS C 304 -28.18 0.93 -36.52
N ASP C 305 -28.11 -0.39 -36.29
CA ASP C 305 -28.25 -0.95 -34.96
C ASP C 305 -26.94 -1.60 -34.53
N LEU C 306 -26.74 -1.71 -33.23
CA LEU C 306 -25.46 -2.12 -32.65
C LEU C 306 -25.55 -3.52 -32.08
N LEU C 307 -24.57 -4.36 -32.41
CA LEU C 307 -24.43 -5.69 -31.84
C LEU C 307 -23.10 -5.79 -31.11
N VAL C 308 -23.13 -6.36 -29.91
CA VAL C 308 -21.96 -6.50 -29.06
C VAL C 308 -21.86 -7.95 -28.60
N GLY C 309 -20.64 -8.48 -28.60
CA GLY C 309 -20.39 -9.87 -28.24
C GLY C 309 -19.58 -9.96 -26.95
N ALA C 310 -20.03 -10.84 -26.06
CA ALA C 310 -19.40 -11.09 -24.76
C ALA C 310 -19.05 -12.57 -24.67
N PRO C 311 -17.97 -13.01 -25.34
CA PRO C 311 -17.74 -14.45 -25.55
C PRO C 311 -17.45 -15.27 -24.30
N LEU C 312 -17.32 -14.63 -23.13
CA LEU C 312 -17.05 -15.37 -21.91
C LEU C 312 -18.17 -15.23 -20.88
N TYR C 313 -19.34 -14.76 -21.30
CA TYR C 313 -20.46 -14.64 -20.38
C TYR C 313 -20.82 -16.00 -19.81
N MET C 314 -20.93 -16.07 -18.48
CA MET C 314 -21.31 -17.29 -17.79
C MET C 314 -22.81 -17.26 -17.53
N GLU C 315 -23.51 -18.28 -18.03
CA GLU C 315 -24.96 -18.35 -17.91
C GLU C 315 -25.35 -19.02 -16.60
N SER C 316 -26.42 -18.50 -15.99
CA SER C 316 -26.92 -19.04 -14.73
C SER C 316 -27.66 -20.35 -14.99
N ARG C 317 -27.21 -21.43 -14.36
CA ARG C 317 -27.83 -22.73 -14.44
C ARG C 317 -28.52 -23.05 -13.13
N ALA C 318 -29.12 -24.24 -13.06
CA ALA C 318 -29.75 -24.66 -11.81
C ALA C 318 -28.70 -24.95 -10.76
N ASP C 319 -29.12 -24.88 -9.49
CA ASP C 319 -28.26 -25.12 -8.33
C ASP C 319 -27.20 -24.02 -8.17
N ARG C 320 -27.56 -22.78 -8.50
CA ARG C 320 -26.66 -21.63 -8.41
C ARG C 320 -25.37 -21.84 -9.21
N LYS C 321 -25.47 -22.56 -10.32
CA LYS C 321 -24.32 -22.87 -11.15
C LYS C 321 -24.13 -21.83 -12.24
N LEU C 322 -22.91 -21.74 -12.74
CA LEU C 322 -22.55 -20.85 -13.83
C LEU C 322 -21.85 -21.64 -14.91
N ALA C 323 -22.16 -21.33 -16.17
CA ALA C 323 -21.61 -22.04 -17.31
C ALA C 323 -21.15 -21.03 -18.36
N GLU C 324 -19.87 -21.06 -18.70
CA GLU C 324 -19.32 -20.16 -19.71
C GLU C 324 -19.81 -20.57 -21.10
N VAL C 325 -20.53 -19.67 -21.77
CA VAL C 325 -21.07 -19.97 -23.09
C VAL C 325 -20.85 -18.81 -24.04
N GLY C 326 -20.90 -17.59 -23.52
CA GLY C 326 -20.89 -16.40 -24.36
C GLY C 326 -22.29 -15.87 -24.61
N ARG C 327 -22.36 -14.60 -25.00
CA ARG C 327 -23.63 -13.94 -25.22
C ARG C 327 -23.45 -12.79 -26.20
N VAL C 328 -24.50 -12.50 -26.95
CA VAL C 328 -24.54 -11.37 -27.87
C VAL C 328 -25.69 -10.45 -27.46
N TYR C 329 -25.42 -9.14 -27.49
CA TYR C 329 -26.38 -8.12 -27.11
C TYR C 329 -26.78 -7.31 -28.34
N LEU C 330 -28.07 -7.06 -28.49
CA LEU C 330 -28.60 -6.28 -29.60
C LEU C 330 -29.16 -4.96 -29.09
N PHE C 331 -28.78 -3.87 -29.74
CA PHE C 331 -29.24 -2.53 -29.39
C PHE C 331 -29.82 -1.89 -30.65
N LEU C 332 -31.13 -1.64 -30.64
CA LEU C 332 -31.81 -0.98 -31.74
C LEU C 332 -31.79 0.53 -31.52
N GLN C 333 -31.46 1.27 -32.57
CA GLN C 333 -31.38 2.72 -32.45
C GLN C 333 -32.79 3.30 -32.38
N PRO C 334 -33.08 4.17 -31.40
CA PRO C 334 -34.43 4.71 -31.26
C PRO C 334 -34.68 5.88 -32.21
N ARG C 335 -35.95 6.22 -32.35
CA ARG C 335 -36.35 7.37 -33.15
C ARG C 335 -35.79 8.65 -32.55
N GLY C 336 -35.02 9.39 -33.34
CA GLY C 336 -34.48 10.66 -32.92
C GLY C 336 -33.15 10.57 -32.21
N PRO C 337 -32.80 11.62 -31.47
CA PRO C 337 -31.49 11.69 -30.82
C PRO C 337 -31.41 10.97 -29.48
N HIS C 338 -32.37 10.12 -29.15
CA HIS C 338 -32.42 9.50 -27.84
C HIS C 338 -31.21 8.57 -27.63
N ALA C 339 -30.87 8.35 -26.38
CA ALA C 339 -29.78 7.46 -26.02
C ALA C 339 -30.20 6.01 -26.19
N LEU C 340 -29.21 5.15 -26.42
CA LEU C 340 -29.45 3.73 -26.66
C LEU C 340 -29.70 3.05 -25.31
N GLY C 341 -30.93 2.60 -25.10
CA GLY C 341 -31.33 2.08 -23.81
C GLY C 341 -30.88 0.66 -23.51
N ALA C 342 -31.80 -0.15 -23.00
CA ALA C 342 -31.52 -1.52 -22.63
C ALA C 342 -31.45 -2.41 -23.87
N PRO C 343 -30.83 -3.59 -23.77
CA PRO C 343 -30.73 -4.45 -24.96
C PRO C 343 -32.10 -4.92 -25.44
N SER C 344 -32.29 -4.88 -26.75
CA SER C 344 -33.54 -5.35 -27.34
C SER C 344 -33.64 -6.87 -27.30
N LEU C 345 -32.54 -7.57 -27.45
CA LEU C 345 -32.52 -9.02 -27.55
C LEU C 345 -31.22 -9.55 -26.96
N LEU C 346 -31.28 -10.73 -26.36
CA LEU C 346 -30.12 -11.36 -25.71
C LEU C 346 -29.93 -12.77 -26.27
N LEU C 347 -29.11 -12.88 -27.31
CA LEU C 347 -28.77 -14.20 -27.85
C LEU C 347 -27.67 -14.82 -26.99
N THR C 348 -27.93 -16.02 -26.48
CA THR C 348 -27.01 -16.71 -25.60
C THR C 348 -26.57 -18.03 -26.22
N GLY C 349 -25.28 -18.33 -26.12
CA GLY C 349 -24.76 -19.60 -26.59
C GLY C 349 -25.25 -20.76 -25.75
N THR C 350 -24.98 -21.95 -26.25
CA THR C 350 -25.45 -23.20 -25.63
C THR C 350 -24.33 -24.17 -25.28
N GLN C 351 -23.33 -24.29 -26.13
CA GLN C 351 -22.25 -25.23 -25.86
C GLN C 351 -21.22 -24.62 -24.91
N LEU C 352 -20.74 -25.43 -23.97
CA LEU C 352 -19.78 -24.96 -22.98
C LEU C 352 -18.47 -24.53 -23.64
N TYR C 353 -17.90 -23.44 -23.14
CA TYR C 353 -16.63 -22.90 -23.62
C TYR C 353 -16.64 -22.56 -25.09
N GLY C 354 -17.82 -22.48 -25.71
CA GLY C 354 -17.90 -22.24 -27.14
C GLY C 354 -17.51 -20.84 -27.56
N ARG C 355 -17.52 -19.89 -26.64
CA ARG C 355 -17.19 -18.49 -26.92
C ARG C 355 -18.12 -17.91 -27.97
N PHE C 356 -19.41 -18.16 -27.80
CA PHE C 356 -20.42 -17.61 -28.69
C PHE C 356 -20.39 -16.10 -28.64
N GLY C 357 -20.08 -15.49 -29.78
CA GLY C 357 -19.93 -14.05 -29.87
C GLY C 357 -18.52 -13.59 -30.14
N SER C 358 -17.59 -14.53 -30.36
CA SER C 358 -16.21 -14.15 -30.65
CA SER C 358 -16.21 -14.14 -30.66
C SER C 358 -16.10 -13.36 -31.96
N ALA C 359 -17.08 -13.49 -32.84
CA ALA C 359 -17.12 -12.73 -34.09
C ALA C 359 -18.57 -12.52 -34.46
N ILE C 360 -18.88 -11.32 -34.94
CA ILE C 360 -20.21 -10.98 -35.40
C ILE C 360 -20.06 -10.31 -36.76
N ALA C 361 -20.76 -10.85 -37.76
CA ALA C 361 -20.61 -10.38 -39.13
C ALA C 361 -21.98 -10.00 -39.70
N PRO C 362 -22.13 -8.79 -40.21
CA PRO C 362 -23.32 -8.48 -41.02
C PRO C 362 -23.29 -9.28 -42.31
N LEU C 363 -24.46 -9.68 -42.76
CA LEU C 363 -24.60 -10.44 -43.99
C LEU C 363 -25.36 -9.68 -45.07
N GLY C 364 -25.87 -8.49 -44.77
CA GLY C 364 -26.80 -7.92 -45.72
C GLY C 364 -28.12 -8.65 -45.64
N ASP C 365 -28.88 -8.59 -46.73
CA ASP C 365 -30.15 -9.31 -46.84
C ASP C 365 -29.88 -10.66 -47.51
N LEU C 366 -29.94 -11.73 -46.70
CA LEU C 366 -29.55 -13.05 -47.17
C LEU C 366 -30.64 -13.69 -48.02
N ASP C 367 -31.88 -13.66 -47.53
CA ASP C 367 -33.03 -14.21 -48.25
C ASP C 367 -33.76 -13.16 -49.08
N ARG C 368 -33.26 -11.92 -49.10
CA ARG C 368 -33.87 -10.83 -49.88
C ARG C 368 -35.35 -10.64 -49.52
N ASP C 369 -35.61 -10.65 -48.22
CA ASP C 369 -36.95 -10.40 -47.70
C ASP C 369 -37.20 -8.95 -47.30
N GLY C 370 -36.14 -8.16 -47.13
CA GLY C 370 -36.28 -6.77 -46.71
C GLY C 370 -35.62 -6.42 -45.40
N TYR C 371 -35.05 -7.37 -44.68
CA TYR C 371 -34.39 -7.12 -43.40
C TYR C 371 -33.02 -7.76 -43.41
N ASN C 372 -32.00 -7.00 -43.00
CA ASN C 372 -30.64 -7.51 -42.99
C ASN C 372 -30.45 -8.55 -41.89
N ASP C 373 -29.46 -9.42 -42.10
CA ASP C 373 -29.23 -10.57 -41.24
C ASP C 373 -27.77 -10.63 -40.83
N ILE C 374 -27.50 -11.35 -39.73
CA ILE C 374 -26.18 -11.41 -39.15
C ILE C 374 -25.73 -12.86 -39.01
N ALA C 375 -24.43 -13.03 -38.82
CA ALA C 375 -23.83 -14.31 -38.49
C ALA C 375 -23.04 -14.16 -37.20
N VAL C 376 -23.22 -15.10 -36.27
CA VAL C 376 -22.49 -15.13 -35.00
C VAL C 376 -21.72 -16.43 -34.94
N ALA C 377 -20.49 -16.36 -34.43
CA ALA C 377 -19.58 -17.50 -34.41
C ALA C 377 -19.42 -18.04 -33.00
N ALA C 378 -19.11 -19.33 -32.92
CA ALA C 378 -18.76 -20.00 -31.67
C ALA C 378 -17.58 -20.90 -31.98
N PRO C 379 -16.37 -20.33 -32.08
CA PRO C 379 -15.24 -21.07 -32.66
C PRO C 379 -14.92 -22.38 -31.97
N TYR C 380 -15.46 -22.62 -30.78
CA TYR C 380 -15.30 -23.89 -30.09
C TYR C 380 -16.64 -24.47 -29.66
N GLY C 381 -17.71 -24.06 -30.32
CA GLY C 381 -19.05 -24.51 -30.01
C GLY C 381 -19.51 -25.62 -30.94
N GLY C 382 -20.83 -25.80 -30.99
CA GLY C 382 -21.41 -26.94 -31.65
C GLY C 382 -21.39 -28.14 -30.73
N PRO C 383 -22.18 -29.17 -31.06
CA PRO C 383 -22.22 -30.35 -30.18
C PRO C 383 -20.88 -31.04 -30.03
N SER C 384 -19.97 -30.85 -30.99
CA SER C 384 -18.65 -31.46 -30.97
C SER C 384 -17.55 -30.53 -30.48
N GLY C 385 -17.84 -29.23 -30.34
CA GLY C 385 -16.81 -28.29 -29.95
C GLY C 385 -15.78 -28.03 -31.03
N ARG C 386 -16.14 -28.21 -32.29
CA ARG C 386 -15.23 -27.99 -33.40
C ARG C 386 -15.43 -26.63 -34.07
N GLY C 387 -16.42 -25.86 -33.67
CA GLY C 387 -16.73 -24.60 -34.32
C GLY C 387 -18.12 -24.59 -34.90
N GLN C 388 -18.78 -23.43 -34.89
CA GLN C 388 -20.16 -23.34 -35.34
C GLN C 388 -20.58 -21.90 -35.59
N VAL C 389 -21.00 -21.59 -36.81
CA VAL C 389 -21.53 -20.28 -37.18
C VAL C 389 -23.04 -20.37 -37.21
N LEU C 390 -23.70 -19.36 -36.63
CA LEU C 390 -25.16 -19.34 -36.50
C LEU C 390 -25.72 -18.12 -37.21
N VAL C 391 -26.72 -18.33 -38.05
CA VAL C 391 -27.33 -17.26 -38.84
C VAL C 391 -28.65 -16.88 -38.20
N PHE C 392 -28.80 -15.60 -37.88
CA PHE C 392 -30.03 -15.05 -37.32
C PHE C 392 -30.62 -14.07 -38.32
N LEU C 393 -31.86 -14.30 -38.72
CA LEU C 393 -32.51 -13.47 -39.73
C LEU C 393 -33.11 -12.21 -39.10
N GLY C 394 -33.22 -11.17 -39.92
CA GLY C 394 -33.81 -9.94 -39.45
C GLY C 394 -35.33 -9.95 -39.51
N GLN C 395 -35.93 -9.01 -38.81
CA GLN C 395 -37.38 -8.90 -38.74
C GLN C 395 -37.75 -7.50 -38.24
N SER C 396 -39.02 -7.14 -38.43
CA SER C 396 -39.49 -5.82 -38.03
C SER C 396 -39.29 -5.56 -36.54
N GLU C 397 -39.27 -6.63 -35.73
CA GLU C 397 -39.03 -6.51 -34.30
C GLU C 397 -37.57 -6.70 -33.93
N GLY C 398 -36.69 -6.91 -34.90
CA GLY C 398 -35.28 -7.07 -34.62
C GLY C 398 -34.68 -8.32 -35.23
N LEU C 399 -34.36 -9.31 -34.40
CA LEU C 399 -33.79 -10.56 -34.84
C LEU C 399 -34.57 -11.73 -34.25
N ARG C 400 -34.63 -12.83 -35.00
CA ARG C 400 -35.26 -14.04 -34.51
C ARG C 400 -34.54 -14.53 -33.26
N SER C 401 -35.31 -15.03 -32.29
CA SER C 401 -34.70 -15.56 -31.08
C SER C 401 -33.92 -16.84 -31.35
N ARG C 402 -34.15 -17.48 -32.48
CA ARG C 402 -33.51 -18.73 -32.83
C ARG C 402 -32.89 -18.65 -34.22
N PRO C 403 -31.80 -19.37 -34.45
CA PRO C 403 -31.12 -19.26 -35.75
C PRO C 403 -31.90 -19.98 -36.84
N SER C 404 -31.94 -19.36 -38.01
CA SER C 404 -32.53 -20.02 -39.16
C SER C 404 -31.62 -21.15 -39.66
N GLN C 405 -30.31 -20.90 -39.65
CA GLN C 405 -29.35 -21.84 -40.19
C GLN C 405 -28.16 -21.94 -39.25
N VAL C 406 -27.43 -23.04 -39.35
CA VAL C 406 -26.27 -23.33 -38.51
C VAL C 406 -25.22 -24.01 -39.37
N LEU C 407 -24.01 -23.46 -39.40
CA LEU C 407 -22.91 -24.01 -40.16
C LEU C 407 -21.94 -24.68 -39.19
N ASP C 408 -21.85 -26.00 -39.25
CA ASP C 408 -20.89 -26.73 -38.43
C ASP C 408 -19.53 -26.78 -39.12
N SER C 409 -18.49 -26.84 -38.31
CA SER C 409 -17.13 -26.75 -38.84
C SER C 409 -16.81 -27.97 -39.69
N PRO C 410 -16.32 -27.78 -40.93
CA PRO C 410 -15.88 -28.92 -41.73
C PRO C 410 -14.45 -29.35 -41.43
N PHE C 411 -13.81 -28.74 -40.45
CA PHE C 411 -12.41 -28.95 -40.14
C PHE C 411 -12.27 -29.79 -38.88
N PRO C 412 -11.07 -30.31 -38.59
CA PRO C 412 -10.89 -31.08 -37.36
C PRO C 412 -11.01 -30.21 -36.12
N THR C 413 -10.85 -30.83 -34.95
CA THR C 413 -10.92 -30.08 -33.70
C THR C 413 -9.78 -29.09 -33.61
N GLY C 414 -10.06 -27.93 -33.01
CA GLY C 414 -9.05 -26.92 -32.81
C GLY C 414 -8.78 -26.04 -34.02
N SER C 415 -9.71 -25.97 -34.96
CA SER C 415 -9.52 -25.11 -36.12
C SER C 415 -9.92 -23.66 -35.86
N ALA C 416 -10.59 -23.38 -34.73
CA ALA C 416 -11.11 -22.05 -34.43
C ALA C 416 -12.04 -21.55 -35.52
N PHE C 417 -12.75 -22.48 -36.15
CA PHE C 417 -13.69 -22.18 -37.22
C PHE C 417 -14.70 -21.14 -36.76
N GLY C 418 -14.71 -19.99 -37.42
CA GLY C 418 -15.59 -18.89 -37.07
C GLY C 418 -14.92 -17.74 -36.38
N PHE C 419 -13.67 -17.91 -35.92
CA PHE C 419 -12.95 -16.84 -35.24
C PHE C 419 -12.98 -15.53 -36.03
N SER C 420 -13.07 -15.61 -37.35
CA SER C 420 -13.11 -14.44 -38.21
C SER C 420 -14.20 -14.64 -39.26
N LEU C 421 -15.15 -13.71 -39.32
CA LEU C 421 -16.25 -13.77 -40.26
C LEU C 421 -16.29 -12.49 -41.09
N ARG C 422 -16.98 -12.58 -42.23
CA ARG C 422 -17.19 -11.44 -43.12
C ARG C 422 -18.14 -11.81 -44.26
N GLY C 423 -19.20 -11.04 -44.43
CA GLY C 423 -20.21 -11.32 -45.42
C GLY C 423 -20.62 -10.05 -46.16
N ALA C 424 -21.88 -10.07 -46.59
CA ALA C 424 -22.52 -8.93 -47.27
C ALA C 424 -21.83 -8.57 -48.59
N VAL C 425 -21.31 -9.57 -49.30
CA VAL C 425 -20.72 -9.39 -50.62
C VAL C 425 -21.13 -10.56 -51.49
N ASP C 426 -21.47 -10.27 -52.75
CA ASP C 426 -21.80 -11.30 -53.73
C ASP C 426 -20.54 -11.63 -54.51
N ILE C 427 -19.84 -12.69 -54.11
CA ILE C 427 -18.53 -12.96 -54.69
C ILE C 427 -18.66 -13.70 -56.03
N ASP C 428 -19.74 -14.44 -56.23
CA ASP C 428 -19.95 -15.16 -57.48
C ASP C 428 -20.94 -14.46 -58.40
N ASP C 429 -21.42 -13.27 -58.03
CA ASP C 429 -22.29 -12.45 -58.88
C ASP C 429 -23.57 -13.20 -59.25
N ASN C 430 -24.12 -13.94 -58.28
CA ASN C 430 -25.42 -14.59 -58.45
C ASN C 430 -26.56 -13.77 -57.84
N GLY C 431 -26.31 -12.50 -57.54
CA GLY C 431 -27.31 -11.64 -56.96
C GLY C 431 -27.52 -11.80 -55.46
N TYR C 432 -26.81 -12.73 -54.83
CA TYR C 432 -27.02 -13.01 -53.42
C TYR C 432 -25.73 -12.86 -52.62
N PRO C 433 -25.81 -12.30 -51.41
CA PRO C 433 -24.59 -12.07 -50.62
C PRO C 433 -24.08 -13.36 -50.02
N ASP C 434 -22.75 -13.50 -49.98
CA ASP C 434 -22.09 -14.72 -49.54
C ASP C 434 -21.37 -14.48 -48.21
N LEU C 435 -20.73 -15.53 -47.71
CA LEU C 435 -20.10 -15.51 -46.39
C LEU C 435 -18.78 -16.28 -46.43
N ILE C 436 -17.73 -15.69 -45.86
CA ILE C 436 -16.44 -16.34 -45.73
C ILE C 436 -16.15 -16.50 -44.24
N VAL C 437 -15.63 -17.67 -43.88
CA VAL C 437 -15.33 -18.02 -42.50
C VAL C 437 -13.86 -18.38 -42.41
N GLY C 438 -13.21 -17.97 -41.33
CA GLY C 438 -11.80 -18.25 -41.11
C GLY C 438 -11.63 -19.33 -40.06
N ALA C 439 -10.56 -20.13 -40.24
CA ALA C 439 -10.20 -21.18 -39.29
C ALA C 439 -8.67 -21.26 -39.30
N TYR C 440 -8.04 -20.33 -38.57
CA TYR C 440 -6.59 -20.24 -38.58
C TYR C 440 -5.95 -21.50 -38.00
N GLY C 441 -6.63 -22.19 -37.09
CA GLY C 441 -6.06 -23.39 -36.50
C GLY C 441 -5.78 -24.47 -37.52
N ALA C 442 -6.62 -24.57 -38.53
CA ALA C 442 -6.40 -25.48 -39.65
C ALA C 442 -5.74 -24.78 -40.84
N ASN C 443 -5.43 -23.49 -40.72
CA ASN C 443 -4.78 -22.71 -41.77
C ASN C 443 -5.58 -22.74 -43.07
N GLN C 444 -6.90 -22.51 -42.95
CA GLN C 444 -7.77 -22.56 -44.11
C GLN C 444 -8.91 -21.55 -43.96
N VAL C 445 -9.62 -21.32 -45.06
CA VAL C 445 -10.74 -20.39 -45.12
C VAL C 445 -11.84 -21.04 -45.97
N ALA C 446 -13.06 -21.06 -45.45
CA ALA C 446 -14.20 -21.69 -46.11
C ALA C 446 -15.19 -20.63 -46.57
N VAL C 447 -15.73 -20.82 -47.78
CA VAL C 447 -16.62 -19.86 -48.42
C VAL C 447 -17.98 -20.51 -48.61
N TYR C 448 -19.03 -19.83 -48.16
CA TYR C 448 -20.40 -20.32 -48.26
C TYR C 448 -21.16 -19.46 -49.25
N ARG C 449 -21.59 -20.07 -50.36
CA ARG C 449 -22.37 -19.38 -51.37
C ARG C 449 -23.86 -19.43 -51.02
N ALA C 450 -24.49 -18.26 -51.02
CA ALA C 450 -25.93 -18.19 -50.81
C ALA C 450 -26.66 -18.59 -52.08
N GLN C 451 -27.69 -19.40 -51.92
CA GLN C 451 -28.45 -19.90 -53.06
C GLN C 451 -29.82 -19.26 -53.13
N PRO C 452 -30.40 -19.13 -54.32
CA PRO C 452 -31.70 -18.46 -54.46
C PRO C 452 -32.77 -19.10 -53.58
N VAL C 453 -33.76 -18.29 -53.21
CA VAL C 453 -34.86 -18.73 -52.38
C VAL C 453 -36.08 -19.01 -53.25
N GLY D 1 -66.81 -47.57 0.86
CA GLY D 1 -67.23 -48.32 -0.31
C GLY D 1 -66.56 -47.87 -1.60
N PRO D 2 -67.11 -46.84 -2.23
CA PRO D 2 -66.53 -46.33 -3.47
C PRO D 2 -65.34 -45.41 -3.22
N ASN D 3 -64.41 -45.43 -4.16
CA ASN D 3 -63.23 -44.56 -4.12
C ASN D 3 -62.56 -44.60 -5.50
N ILE D 4 -61.42 -43.93 -5.63
CA ILE D 4 -60.71 -43.87 -6.90
C ILE D 4 -60.16 -45.23 -7.33
N CYS D 5 -60.08 -46.21 -6.42
CA CYS D 5 -59.54 -47.51 -6.78
C CYS D 5 -60.54 -48.34 -7.59
N THR D 6 -61.79 -48.43 -7.11
CA THR D 6 -62.79 -49.26 -7.79
C THR D 6 -63.36 -48.56 -9.02
N THR D 7 -63.60 -47.26 -8.93
CA THR D 7 -64.24 -46.53 -10.03
C THR D 7 -63.37 -46.44 -11.27
N ARG D 8 -62.05 -46.63 -11.13
CA ARG D 8 -61.18 -46.59 -12.29
C ARG D 8 -61.47 -47.73 -13.26
N GLY D 9 -61.88 -48.89 -12.75
CA GLY D 9 -62.14 -50.04 -13.58
C GLY D 9 -60.87 -50.60 -14.19
N VAL D 10 -59.94 -51.02 -13.33
CA VAL D 10 -58.62 -51.45 -13.79
C VAL D 10 -58.70 -52.86 -14.36
N SER D 11 -57.77 -53.18 -15.25
CA SER D 11 -57.74 -54.46 -15.95
C SER D 11 -56.65 -55.39 -15.43
N SER D 12 -55.77 -54.92 -14.55
CA SER D 12 -54.64 -55.72 -14.11
C SER D 12 -54.18 -55.25 -12.75
N CYS D 13 -53.39 -56.10 -12.09
CA CYS D 13 -52.80 -55.72 -10.81
C CYS D 13 -51.81 -54.58 -10.98
N GLN D 14 -51.03 -54.62 -12.05
CA GLN D 14 -50.06 -53.57 -12.32
C GLN D 14 -50.76 -52.23 -12.50
N GLN D 15 -51.86 -52.22 -13.26
CA GLN D 15 -52.64 -51.01 -13.46
C GLN D 15 -53.27 -50.53 -12.16
N CYS D 16 -53.60 -51.46 -11.26
CA CYS D 16 -54.26 -51.08 -10.01
C CYS D 16 -53.33 -50.28 -9.10
N LEU D 17 -52.12 -50.79 -8.88
CA LEU D 17 -51.15 -50.05 -8.06
C LEU D 17 -50.79 -48.70 -8.66
N ALA D 18 -50.96 -48.54 -9.98
CA ALA D 18 -50.65 -47.27 -10.61
C ALA D 18 -51.71 -46.20 -10.35
N VAL D 19 -52.88 -46.61 -9.84
CA VAL D 19 -53.94 -45.63 -9.57
C VAL D 19 -53.52 -44.71 -8.43
N SER D 20 -53.01 -45.29 -7.35
CA SER D 20 -52.65 -44.54 -6.14
C SER D 20 -51.83 -45.42 -5.22
N PRO D 21 -50.95 -44.84 -4.39
CA PRO D 21 -50.30 -45.64 -3.33
C PRO D 21 -51.30 -46.18 -2.32
N MET D 22 -52.54 -45.68 -2.35
CA MET D 22 -53.58 -46.07 -1.42
C MET D 22 -54.22 -47.41 -1.80
N CYS D 23 -54.23 -47.74 -3.08
CA CYS D 23 -54.97 -48.90 -3.56
C CYS D 23 -54.16 -50.20 -3.34
N ALA D 24 -54.89 -51.32 -3.39
CA ALA D 24 -54.33 -52.66 -3.26
C ALA D 24 -55.04 -53.57 -4.26
N TRP D 25 -54.59 -54.83 -4.32
CA TRP D 25 -55.15 -55.78 -5.27
C TRP D 25 -55.28 -57.14 -4.61
N CYS D 26 -56.33 -57.87 -5.00
CA CYS D 26 -56.61 -59.22 -4.53
C CYS D 26 -56.59 -60.16 -5.73
N SER D 27 -55.64 -61.11 -5.72
CA SER D 27 -55.49 -62.07 -6.81
C SER D 27 -56.19 -63.39 -6.53
N ASP D 28 -56.99 -63.46 -5.46
CA ASP D 28 -57.70 -64.69 -5.12
C ASP D 28 -58.63 -65.10 -6.25
N GLU D 29 -58.44 -66.32 -6.76
CA GLU D 29 -59.27 -66.81 -7.86
C GLU D 29 -60.72 -66.97 -7.42
N ALA D 30 -60.95 -67.26 -6.15
CA ALA D 30 -62.30 -67.51 -5.63
C ALA D 30 -62.92 -66.26 -5.00
N LEU D 31 -62.82 -65.13 -5.73
CA LEU D 31 -63.45 -63.91 -5.28
C LEU D 31 -64.85 -63.78 -5.88
N PRO D 32 -65.80 -63.22 -5.13
CA PRO D 32 -67.13 -62.99 -5.72
C PRO D 32 -67.06 -62.18 -7.00
N LEU D 33 -67.90 -62.55 -7.97
CA LEU D 33 -67.94 -61.81 -9.23
C LEU D 33 -68.39 -60.37 -9.01
N GLY D 34 -69.42 -60.17 -8.20
CA GLY D 34 -69.83 -58.84 -7.84
C GLY D 34 -68.92 -58.24 -6.78
N SER D 35 -67.66 -58.04 -7.13
CA SER D 35 -66.65 -57.55 -6.19
C SER D 35 -65.46 -56.99 -6.96
N PRO D 36 -65.02 -55.77 -6.64
CA PRO D 36 -63.87 -55.19 -7.33
C PRO D 36 -62.57 -55.78 -6.81
N ARG D 37 -61.62 -55.92 -7.73
CA ARG D 37 -60.30 -56.44 -7.40
C ARG D 37 -59.29 -55.34 -7.07
N CYS D 38 -59.74 -54.09 -6.97
CA CYS D 38 -58.84 -52.96 -6.78
C CYS D 38 -59.50 -51.98 -5.82
N ASP D 39 -59.09 -52.05 -4.55
CA ASP D 39 -59.68 -51.22 -3.50
C ASP D 39 -58.63 -51.03 -2.40
N LEU D 40 -59.03 -50.34 -1.34
CA LEU D 40 -58.18 -50.22 -0.16
C LEU D 40 -57.98 -51.60 0.47
N LYS D 41 -56.93 -51.72 1.30
CA LYS D 41 -56.61 -53.02 1.87
C LYS D 41 -57.70 -53.51 2.82
N GLU D 42 -58.38 -52.60 3.52
CA GLU D 42 -59.44 -52.99 4.44
C GLU D 42 -60.64 -53.56 3.68
N ASN D 43 -61.13 -52.83 2.68
CA ASN D 43 -62.32 -53.24 1.95
C ASN D 43 -62.17 -54.63 1.33
N LEU D 44 -60.96 -55.00 0.91
CA LEU D 44 -60.74 -56.32 0.33
C LEU D 44 -60.80 -57.41 1.41
N LEU D 45 -60.20 -57.15 2.58
CA LEU D 45 -60.26 -58.10 3.67
C LEU D 45 -61.68 -58.33 4.17
N LYS D 46 -62.59 -57.39 3.93
CA LYS D 46 -63.99 -57.60 4.30
C LYS D 46 -64.67 -58.66 3.43
N ASP D 47 -64.22 -58.81 2.18
CA ASP D 47 -64.80 -59.78 1.25
C ASP D 47 -64.11 -61.13 1.30
N ASN D 48 -63.52 -61.48 2.45
CA ASN D 48 -62.87 -62.77 2.68
C ASN D 48 -61.76 -63.07 1.69
N CYS D 49 -61.16 -62.02 1.11
CA CYS D 49 -60.00 -62.22 0.26
C CYS D 49 -58.87 -62.83 1.07
N ALA D 50 -58.30 -63.92 0.56
CA ALA D 50 -57.21 -64.59 1.23
C ALA D 50 -56.10 -63.58 1.58
N PRO D 51 -55.79 -63.40 2.86
CA PRO D 51 -54.77 -62.39 3.23
C PRO D 51 -53.42 -62.60 2.54
N GLU D 52 -53.08 -63.84 2.20
CA GLU D 52 -51.83 -64.09 1.47
C GLU D 52 -51.94 -63.68 0.00
N SER D 53 -53.15 -63.67 -0.56
CA SER D 53 -53.37 -63.30 -1.95
C SER D 53 -53.47 -61.79 -2.17
N ILE D 54 -53.22 -60.99 -1.13
CA ILE D 54 -53.34 -59.53 -1.22
C ILE D 54 -51.99 -58.94 -1.59
N GLU D 55 -51.99 -58.09 -2.62
CA GLU D 55 -50.80 -57.38 -3.06
C GLU D 55 -50.94 -55.91 -2.67
N PHE D 56 -50.04 -55.44 -1.82
CA PHE D 56 -50.05 -54.06 -1.35
C PHE D 56 -48.65 -53.67 -0.90
N PRO D 57 -47.80 -53.19 -1.82
CA PRO D 57 -46.44 -52.82 -1.44
C PRO D 57 -46.42 -51.50 -0.68
N VAL D 58 -45.48 -51.39 0.26
CA VAL D 58 -45.37 -50.24 1.15
C VAL D 58 -44.04 -49.55 0.90
N SER D 59 -44.09 -48.24 0.65
CA SER D 59 -42.88 -47.46 0.46
C SER D 59 -42.13 -47.35 1.78
N GLU D 60 -40.90 -47.86 1.80
CA GLU D 60 -40.11 -47.92 3.03
C GLU D 60 -38.71 -47.36 2.77
N ALA D 61 -37.99 -47.12 3.86
CA ALA D 61 -36.61 -46.63 3.80
C ALA D 61 -35.79 -47.42 4.80
N ARG D 62 -34.79 -48.15 4.30
CA ARG D 62 -34.04 -49.11 5.12
C ARG D 62 -32.56 -48.79 5.05
N VAL D 63 -31.89 -48.80 6.20
CA VAL D 63 -30.48 -48.42 6.30
C VAL D 63 -29.60 -49.65 6.13
N LEU D 64 -28.56 -49.52 5.31
CA LEU D 64 -27.66 -50.62 4.99
C LEU D 64 -26.30 -50.46 5.68
N GLU D 65 -25.60 -49.36 5.41
CA GLU D 65 -24.37 -49.00 6.11
C GLU D 65 -24.66 -47.82 7.01
N ASP D 66 -24.24 -47.91 8.27
CA ASP D 66 -24.54 -46.88 9.25
C ASP D 66 -23.40 -46.76 10.26
N ARG D 67 -22.19 -46.53 9.75
CA ARG D 67 -21.05 -46.31 10.63
C ARG D 67 -21.23 -45.02 11.41
N PRO D 68 -20.75 -44.96 12.65
CA PRO D 68 -20.90 -43.75 13.45
C PRO D 68 -19.97 -42.64 12.98
N LEU D 69 -20.39 -41.41 13.25
CA LEU D 69 -19.59 -40.24 12.91
C LEU D 69 -18.33 -40.20 13.77
N SER D 70 -17.18 -40.08 13.13
CA SER D 70 -15.91 -40.08 13.85
C SER D 70 -15.78 -38.82 14.69
N ASP D 71 -15.15 -38.99 15.86
CA ASP D 71 -14.92 -37.86 16.75
C ASP D 71 -13.66 -37.09 16.35
N LYS D 72 -12.61 -37.80 15.97
CA LYS D 72 -11.34 -37.21 15.59
C LYS D 72 -10.96 -37.63 14.18
N GLY D 73 -10.30 -36.71 13.46
CA GLY D 73 -9.90 -36.94 12.09
C GLY D 73 -8.47 -37.38 11.89
N SER D 74 -7.71 -37.59 12.96
CA SER D 74 -6.34 -38.05 12.85
C SER D 74 -6.33 -39.54 12.51
N GLY D 75 -5.14 -40.14 12.53
CA GLY D 75 -5.04 -41.57 12.30
C GLY D 75 -5.25 -41.92 10.84
N ASP D 76 -5.97 -43.02 10.61
CA ASP D 76 -6.23 -43.48 9.25
C ASP D 76 -7.37 -42.66 8.65
N SER D 77 -7.19 -42.27 7.39
CA SER D 77 -8.26 -41.59 6.66
C SER D 77 -9.37 -42.54 6.25
N SER D 78 -9.05 -43.82 6.03
CA SER D 78 -10.07 -44.80 5.68
C SER D 78 -11.10 -44.97 6.78
N GLN D 79 -10.73 -44.68 8.03
CA GLN D 79 -11.62 -44.85 9.16
C GLN D 79 -12.49 -43.62 9.44
N VAL D 80 -12.16 -42.47 8.86
CA VAL D 80 -12.93 -41.25 9.11
C VAL D 80 -14.29 -41.36 8.44
N THR D 81 -15.32 -40.88 9.12
CA THR D 81 -16.68 -40.91 8.61
C THR D 81 -17.32 -39.55 8.90
N GLN D 82 -17.60 -38.80 7.84
CA GLN D 82 -18.19 -37.47 7.96
C GLN D 82 -19.69 -37.47 7.67
N VAL D 83 -20.23 -38.54 7.08
CA VAL D 83 -21.63 -38.61 6.69
C VAL D 83 -22.25 -39.83 7.37
N SER D 84 -23.52 -39.70 7.75
CA SER D 84 -24.26 -40.80 8.35
C SER D 84 -25.75 -40.64 8.06
N PRO D 85 -26.40 -41.65 7.46
CA PRO D 85 -25.81 -42.93 7.03
C PRO D 85 -25.06 -42.85 5.71
N GLN D 86 -24.34 -43.92 5.36
CA GLN D 86 -23.55 -43.95 4.13
C GLN D 86 -24.26 -44.66 2.98
N ARG D 87 -25.28 -45.47 3.27
CA ARG D 87 -25.95 -46.24 2.21
C ARG D 87 -27.30 -46.68 2.74
N ILE D 88 -28.37 -46.27 2.05
CA ILE D 88 -29.74 -46.66 2.41
C ILE D 88 -30.43 -47.19 1.17
N ALA D 89 -31.41 -48.08 1.39
CA ALA D 89 -32.24 -48.59 0.32
C ALA D 89 -33.61 -47.94 0.40
N LEU D 90 -34.14 -47.51 -0.74
CA LEU D 90 -35.41 -46.83 -0.82
C LEU D 90 -36.36 -47.59 -1.73
N ARG D 91 -37.57 -47.82 -1.25
CA ARG D 91 -38.63 -48.47 -2.03
C ARG D 91 -39.76 -47.48 -2.23
N LEU D 92 -40.25 -47.37 -3.47
CA LEU D 92 -41.31 -46.44 -3.81
C LEU D 92 -42.25 -47.09 -4.82
N ARG D 93 -43.54 -47.00 -4.55
CA ARG D 93 -44.54 -47.38 -5.53
C ARG D 93 -44.97 -46.16 -6.33
N PRO D 94 -45.63 -46.34 -7.48
CA PRO D 94 -45.88 -45.20 -8.37
C PRO D 94 -46.58 -44.03 -7.67
N ASP D 95 -46.06 -42.82 -7.93
CA ASP D 95 -46.64 -41.56 -7.46
C ASP D 95 -46.63 -41.42 -5.94
N ASP D 96 -45.85 -42.24 -5.24
CA ASP D 96 -45.73 -42.16 -3.80
C ASP D 96 -44.48 -41.37 -3.41
N SER D 97 -44.26 -41.23 -2.11
CA SER D 97 -43.12 -40.46 -1.62
C SER D 97 -42.78 -40.88 -0.20
N LYS D 98 -41.59 -41.46 -0.03
CA LYS D 98 -41.04 -41.77 1.29
C LYS D 98 -39.97 -40.74 1.65
N ASN D 99 -39.54 -40.77 2.91
CA ASN D 99 -38.58 -39.82 3.43
C ASN D 99 -37.49 -40.53 4.22
N PHE D 100 -36.44 -39.79 4.54
CA PHE D 100 -35.28 -40.32 5.26
C PHE D 100 -34.45 -39.14 5.74
N SER D 101 -33.41 -39.45 6.52
CA SER D 101 -32.61 -38.45 7.20
C SER D 101 -31.13 -38.74 7.02
N ILE D 102 -30.33 -37.67 7.07
CA ILE D 102 -28.88 -37.74 6.90
C ILE D 102 -28.23 -36.78 7.89
N GLN D 103 -27.04 -37.14 8.34
CA GLN D 103 -26.25 -36.33 9.27
C GLN D 103 -24.88 -36.07 8.69
N VAL D 104 -24.40 -34.84 8.85
CA VAL D 104 -23.09 -34.39 8.38
C VAL D 104 -22.37 -33.75 9.56
N ARG D 105 -21.04 -33.88 9.57
CA ARG D 105 -20.24 -33.34 10.66
C ARG D 105 -18.91 -32.82 10.15
N GLN D 106 -18.61 -31.55 10.44
CA GLN D 106 -17.27 -31.04 10.24
C GLN D 106 -16.32 -31.66 11.25
N VAL D 107 -15.69 -32.78 10.87
CA VAL D 107 -14.91 -33.57 11.82
C VAL D 107 -13.74 -32.75 12.34
N GLU D 108 -13.51 -32.81 13.64
CA GLU D 108 -12.42 -32.10 14.28
C GLU D 108 -11.10 -32.81 14.02
N ASP D 109 -10.04 -32.02 13.85
CA ASP D 109 -8.67 -32.53 13.62
C ASP D 109 -8.55 -33.18 12.23
N TYR D 110 -9.11 -32.52 11.22
CA TYR D 110 -8.99 -33.03 9.86
C TYR D 110 -7.69 -32.53 9.23
N PRO D 111 -6.97 -33.39 8.49
CA PRO D 111 -5.71 -32.96 7.87
C PRO D 111 -5.93 -31.81 6.91
N VAL D 112 -4.91 -30.95 6.78
CA VAL D 112 -5.00 -29.72 6.01
C VAL D 112 -3.78 -29.57 5.11
N ASP D 113 -4.01 -29.12 3.88
CA ASP D 113 -2.96 -28.75 2.94
C ASP D 113 -3.08 -27.26 2.62
N ILE D 114 -1.95 -26.56 2.62
CA ILE D 114 -1.91 -25.13 2.32
C ILE D 114 -0.79 -24.87 1.33
N TYR D 115 -1.15 -24.43 0.13
CA TYR D 115 -0.18 -24.04 -0.89
C TYR D 115 -0.19 -22.51 -1.00
N TYR D 116 0.95 -21.89 -0.73
CA TYR D 116 1.07 -20.44 -0.74
C TYR D 116 1.46 -19.99 -2.14
N LEU D 117 0.53 -19.32 -2.83
CA LEU D 117 0.73 -18.84 -4.19
C LEU D 117 0.91 -17.32 -4.12
N MET D 118 2.12 -16.85 -4.41
CA MET D 118 2.54 -15.50 -4.07
C MET D 118 2.85 -14.68 -5.31
N ASP D 119 2.20 -13.52 -5.43
CA ASP D 119 2.60 -12.49 -6.38
C ASP D 119 4.02 -12.05 -6.05
N LEU D 120 4.99 -12.39 -6.90
CA LEU D 120 6.37 -11.93 -6.74
C LEU D 120 6.73 -10.89 -7.80
N SER D 121 5.78 -10.04 -8.15
CA SER D 121 6.10 -8.83 -8.90
C SER D 121 6.84 -7.87 -7.98
N TYR D 122 7.25 -6.72 -8.53
CA TYR D 122 8.08 -5.81 -7.76
C TYR D 122 7.32 -5.20 -6.59
N SER D 123 6.03 -4.94 -6.77
CA SER D 123 5.20 -4.35 -5.73
C SER D 123 5.04 -5.23 -4.49
N MET D 124 5.63 -6.43 -4.48
CA MET D 124 5.56 -7.36 -3.36
C MET D 124 6.96 -7.68 -2.82
N LYS D 125 7.89 -6.74 -2.95
CA LYS D 125 9.22 -6.89 -2.37
C LYS D 125 9.19 -6.76 -0.85
N ASP D 126 8.50 -5.75 -0.32
CA ASP D 126 8.35 -5.63 1.12
C ASP D 126 7.50 -6.75 1.71
N ASP D 127 6.70 -7.43 0.88
CA ASP D 127 5.93 -8.58 1.36
C ASP D 127 6.82 -9.78 1.67
N LEU D 128 8.04 -9.83 1.12
CA LEU D 128 8.91 -10.96 1.38
C LEU D 128 9.49 -10.91 2.79
N TRP D 129 9.83 -9.71 3.27
CA TRP D 129 10.42 -9.58 4.61
C TRP D 129 9.46 -10.03 5.69
N SER D 130 8.16 -9.95 5.44
CA SER D 130 7.18 -10.30 6.46
C SER D 130 7.12 -11.81 6.66
N ILE D 131 7.13 -12.59 5.57
CA ILE D 131 6.82 -14.01 5.63
C ILE D 131 8.10 -14.84 5.70
N GLN D 132 9.17 -14.21 6.15
CA GLN D 132 10.46 -14.90 6.24
C GLN D 132 10.37 -16.14 7.11
N ASN D 133 9.59 -16.07 8.18
CA ASN D 133 9.43 -17.18 9.12
C ASN D 133 7.98 -17.64 9.19
N LEU D 134 7.24 -17.51 8.09
CA LEU D 134 5.82 -17.81 8.11
C LEU D 134 5.55 -19.31 8.25
N GLY D 135 6.44 -20.16 7.75
CA GLY D 135 6.22 -21.59 7.85
C GLY D 135 6.18 -22.09 9.29
N THR D 136 7.03 -21.52 10.14
CA THR D 136 7.01 -21.87 11.55
C THR D 136 5.84 -21.24 12.28
N LYS D 137 5.65 -19.93 12.10
CA LYS D 137 4.58 -19.21 12.79
C LYS D 137 3.20 -19.73 12.40
N LEU D 138 3.03 -20.15 11.15
CA LEU D 138 1.74 -20.69 10.71
C LEU D 138 1.53 -22.12 11.21
N ALA D 139 2.60 -22.93 11.23
CA ALA D 139 2.49 -24.28 11.79
C ALA D 139 2.06 -24.25 13.25
N THR D 140 2.46 -23.20 13.98
CA THR D 140 2.09 -23.08 15.38
C THR D 140 0.58 -22.97 15.54
N GLN D 141 -0.03 -21.99 14.88
CA GLN D 141 -1.45 -21.72 15.06
C GLN D 141 -2.34 -22.79 14.44
N MET D 142 -1.84 -23.54 13.44
CA MET D 142 -2.61 -24.62 12.85
C MET D 142 -2.44 -25.94 13.60
N ARG D 143 -1.36 -26.11 14.37
CA ARG D 143 -1.27 -27.24 15.28
C ARG D 143 -2.43 -27.27 16.28
N LYS D 144 -3.00 -26.10 16.60
CA LYS D 144 -4.18 -26.08 17.45
C LYS D 144 -5.39 -26.71 16.76
N LEU D 145 -5.50 -26.59 15.44
CA LEU D 145 -6.67 -27.06 14.73
C LEU D 145 -6.50 -28.42 14.07
N THR D 146 -5.28 -28.82 13.71
CA THR D 146 -5.08 -30.09 13.02
C THR D 146 -3.81 -30.78 13.52
N SER D 147 -3.80 -32.11 13.36
CA SER D 147 -2.63 -32.93 13.69
C SER D 147 -1.74 -33.19 12.48
N ASN D 148 -2.32 -33.22 11.28
CA ASN D 148 -1.59 -33.53 10.05
C ASN D 148 -1.64 -32.29 9.15
N LEU D 149 -0.54 -31.53 9.15
CA LEU D 149 -0.42 -30.32 8.36
C LEU D 149 0.69 -30.48 7.32
N ARG D 150 0.47 -29.91 6.14
CA ARG D 150 1.48 -29.82 5.10
C ARG D 150 1.37 -28.47 4.43
N ILE D 151 2.51 -27.94 3.98
CA ILE D 151 2.55 -26.65 3.30
C ILE D 151 3.57 -26.69 2.17
N GLY D 152 3.34 -25.82 1.18
CA GLY D 152 4.24 -25.67 0.05
C GLY D 152 4.14 -24.26 -0.50
N PHE D 153 5.07 -23.92 -1.38
CA PHE D 153 5.21 -22.55 -1.85
C PHE D 153 5.32 -22.49 -3.37
N GLY D 154 4.66 -21.48 -3.95
CA GLY D 154 4.78 -21.20 -5.36
C GLY D 154 4.59 -19.71 -5.59
N ALA D 155 5.15 -19.23 -6.69
CA ALA D 155 5.16 -17.80 -6.98
C ALA D 155 4.88 -17.55 -8.45
N PHE D 156 4.49 -16.31 -8.76
CA PHE D 156 4.15 -15.92 -10.12
C PHE D 156 4.46 -14.45 -10.32
N VAL D 157 4.45 -14.02 -11.59
CA VAL D 157 4.61 -12.63 -11.97
C VAL D 157 3.64 -12.32 -13.11
N ASP D 158 4.02 -12.73 -14.31
CA ASP D 158 3.25 -12.49 -15.53
C ASP D 158 3.92 -13.23 -16.68
N LYS D 159 3.35 -13.17 -17.88
CA LYS D 159 3.88 -13.96 -18.99
C LYS D 159 5.21 -13.39 -19.49
N PRO D 160 6.29 -14.18 -19.47
CA PRO D 160 7.60 -13.63 -19.88
C PRO D 160 7.71 -13.33 -21.36
N VAL D 161 6.93 -12.34 -21.83
CA VAL D 161 6.97 -11.96 -23.24
C VAL D 161 6.48 -10.52 -23.33
N SER D 162 7.01 -9.79 -24.30
CA SER D 162 6.56 -8.43 -24.56
C SER D 162 5.06 -8.43 -24.85
N PRO D 163 4.32 -7.39 -24.44
CA PRO D 163 4.75 -6.15 -23.77
C PRO D 163 4.77 -6.26 -22.25
N TYR D 164 4.43 -7.44 -21.73
CA TYR D 164 4.46 -7.66 -20.29
C TYR D 164 5.88 -7.56 -19.75
N MET D 165 6.87 -7.91 -20.56
CA MET D 165 8.25 -8.02 -20.12
C MET D 165 9.11 -6.93 -20.77
N TYR D 166 10.07 -6.41 -20.02
CA TYR D 166 11.05 -5.50 -20.58
C TYR D 166 12.07 -6.30 -21.39
N ILE D 167 12.15 -6.00 -22.68
CA ILE D 167 13.03 -6.74 -23.59
C ILE D 167 14.23 -5.93 -24.02
N SER D 168 14.39 -4.69 -23.54
CA SER D 168 15.53 -3.86 -23.90
C SER D 168 16.01 -3.07 -22.70
N PRO D 169 17.33 -2.86 -22.55
CA PRO D 169 18.44 -3.39 -23.36
C PRO D 169 18.70 -4.88 -23.06
N PRO D 170 19.68 -5.53 -23.72
CA PRO D 170 19.97 -6.93 -23.38
C PRO D 170 20.22 -7.16 -21.88
N GLU D 171 20.71 -6.13 -21.20
CA GLU D 171 20.89 -6.19 -19.76
C GLU D 171 19.57 -6.39 -19.02
N ALA D 172 18.46 -5.93 -19.62
CA ALA D 172 17.15 -5.99 -18.96
C ALA D 172 16.56 -7.39 -18.92
N LEU D 173 16.96 -8.29 -19.82
CA LEU D 173 16.46 -9.65 -19.78
C LEU D 173 17.07 -10.46 -18.64
N GLU D 174 18.31 -10.15 -18.25
CA GLU D 174 18.93 -10.79 -17.09
C GLU D 174 18.62 -10.07 -15.79
N ASN D 175 18.33 -8.77 -15.84
CA ASN D 175 18.07 -7.97 -14.65
C ASN D 175 17.10 -6.87 -15.04
N PRO D 176 15.79 -7.11 -14.88
CA PRO D 176 14.80 -6.08 -15.20
C PRO D 176 14.93 -4.83 -14.34
N CYS D 177 15.76 -4.86 -13.29
CA CYS D 177 16.00 -3.73 -12.41
C CYS D 177 17.37 -3.10 -12.70
N TYR D 178 17.74 -2.98 -13.98
CA TYR D 178 19.07 -2.48 -14.33
C TYR D 178 19.14 -0.96 -14.23
N ASP D 179 18.13 -0.25 -14.73
CA ASP D 179 18.14 1.20 -14.69
C ASP D 179 17.97 1.70 -13.26
N MET D 180 17.24 0.95 -12.44
CA MET D 180 17.26 1.18 -11.01
C MET D 180 18.58 0.70 -10.43
N LYS D 181 19.11 1.45 -9.47
CA LYS D 181 20.38 1.10 -8.84
C LYS D 181 20.21 -0.13 -7.96
N THR D 182 19.84 -1.27 -8.54
CA THR D 182 19.59 -2.49 -7.77
C THR D 182 19.61 -3.69 -8.72
N THR D 183 19.06 -4.81 -8.25
CA THR D 183 19.06 -6.08 -8.97
C THR D 183 17.82 -6.88 -8.58
N CYS D 184 17.27 -7.61 -9.55
CA CYS D 184 16.14 -8.50 -9.30
C CYS D 184 16.20 -9.66 -10.29
N LEU D 185 15.33 -10.65 -10.07
CA LEU D 185 15.35 -11.86 -10.86
C LEU D 185 14.89 -11.60 -12.29
N PRO D 186 15.31 -12.42 -13.25
CA PRO D 186 14.69 -12.39 -14.56
C PRO D 186 13.23 -12.81 -14.46
N MET D 187 12.44 -12.34 -15.41
CA MET D 187 11.00 -12.55 -15.34
C MET D 187 10.66 -14.03 -15.52
N PHE D 188 9.60 -14.46 -14.86
CA PHE D 188 9.13 -15.83 -14.95
C PHE D 188 7.60 -15.85 -14.85
N GLY D 189 6.98 -16.74 -15.60
CA GLY D 189 5.54 -16.90 -15.55
C GLY D 189 5.07 -17.45 -14.22
N TYR D 190 5.34 -18.73 -13.99
CA TYR D 190 5.00 -19.39 -12.73
C TYR D 190 6.01 -20.49 -12.47
N LYS D 191 6.45 -20.59 -11.22
CA LYS D 191 7.44 -21.60 -10.83
C LYS D 191 7.00 -22.25 -9.53
N HIS D 192 7.08 -23.58 -9.48
CA HIS D 192 6.76 -24.35 -8.29
C HIS D 192 8.02 -24.53 -7.44
N VAL D 193 7.99 -23.99 -6.22
CA VAL D 193 9.18 -24.00 -5.37
C VAL D 193 9.19 -25.24 -4.48
N LEU D 194 8.24 -25.32 -3.54
CA LEU D 194 8.24 -26.35 -2.52
C LEU D 194 6.99 -27.19 -2.63
N THR D 195 7.18 -28.50 -2.82
CA THR D 195 6.06 -29.44 -2.74
C THR D 195 5.53 -29.49 -1.32
N LEU D 196 4.21 -29.64 -1.20
CA LEU D 196 3.57 -29.76 0.10
C LEU D 196 4.27 -30.81 0.95
N THR D 197 4.68 -30.41 2.15
CA THR D 197 5.45 -31.27 3.04
C THR D 197 5.11 -30.92 4.48
N ASP D 198 5.34 -31.87 5.37
CA ASP D 198 5.09 -31.69 6.79
C ASP D 198 6.30 -31.15 7.55
N GLN D 199 7.36 -30.77 6.85
CA GLN D 199 8.56 -30.17 7.45
C GLN D 199 8.47 -28.66 7.22
N VAL D 200 7.87 -27.95 8.19
CA VAL D 200 7.54 -26.55 8.03
C VAL D 200 8.79 -25.67 8.09
N THR D 201 9.96 -26.28 8.30
CA THR D 201 11.22 -25.55 8.17
C THR D 201 11.64 -25.42 6.71
N ARG D 202 11.36 -26.44 5.88
CA ARG D 202 11.60 -26.34 4.45
C ARG D 202 10.94 -25.12 3.84
N PHE D 203 9.79 -24.72 4.38
CA PHE D 203 9.10 -23.53 3.89
C PHE D 203 9.95 -22.28 4.09
N ASN D 204 10.46 -22.07 5.31
CA ASN D 204 11.26 -20.88 5.59
C ASN D 204 12.60 -20.90 4.85
N GLU D 205 13.17 -22.09 4.64
CA GLU D 205 14.42 -22.19 3.90
C GLU D 205 14.27 -21.65 2.49
N GLU D 206 13.21 -22.07 1.79
CA GLU D 206 13.00 -21.66 0.40
C GLU D 206 12.50 -20.23 0.27
N VAL D 207 11.70 -19.76 1.23
CA VAL D 207 11.20 -18.39 1.16
C VAL D 207 12.36 -17.40 1.22
N LYS D 208 13.34 -17.65 2.09
CA LYS D 208 14.49 -16.77 2.20
C LYS D 208 15.33 -16.74 0.93
N LYS D 209 15.22 -17.75 0.07
CA LYS D 209 15.96 -17.81 -1.18
C LYS D 209 15.22 -17.16 -2.34
N GLN D 210 14.03 -16.61 -2.11
CA GLN D 210 13.24 -16.01 -3.17
C GLN D 210 13.53 -14.51 -3.28
N SER D 211 13.37 -13.99 -4.49
CA SER D 211 13.46 -12.56 -4.75
C SER D 211 12.45 -12.20 -5.82
N VAL D 212 12.07 -10.93 -5.85
CA VAL D 212 11.03 -10.47 -6.76
C VAL D 212 11.59 -10.30 -8.16
N SER D 213 10.69 -10.14 -9.14
CA SER D 213 11.03 -9.71 -10.47
C SER D 213 10.25 -8.42 -10.76
N ARG D 214 10.23 -8.01 -12.02
CA ARG D 214 9.61 -6.74 -12.39
C ARG D 214 9.03 -6.86 -13.80
N ASN D 215 7.81 -6.35 -13.96
CA ASN D 215 7.16 -6.36 -15.27
C ASN D 215 6.53 -4.98 -15.51
N ARG D 216 5.93 -4.83 -16.69
CA ARG D 216 5.53 -3.52 -17.18
C ARG D 216 4.11 -3.14 -16.78
N ASP D 217 3.16 -4.08 -16.86
CA ASP D 217 1.74 -3.75 -16.71
C ASP D 217 1.24 -4.11 -15.32
N ALA D 218 0.40 -3.23 -14.77
CA ALA D 218 -0.16 -3.42 -13.43
C ALA D 218 -0.85 -4.77 -13.23
N PRO D 219 -1.75 -5.23 -14.10
CA PRO D 219 -2.36 -6.54 -13.88
C PRO D 219 -1.33 -7.64 -14.01
N GLU D 220 -1.53 -8.70 -13.25
CA GLU D 220 -0.54 -9.77 -13.14
C GLU D 220 -1.15 -11.11 -13.51
N GLY D 221 -0.30 -12.00 -14.01
CA GLY D 221 -0.74 -13.30 -14.48
C GLY D 221 -0.94 -14.30 -13.37
N GLY D 222 -1.81 -13.99 -12.41
CA GLY D 222 -2.00 -14.89 -11.28
C GLY D 222 -2.80 -16.12 -11.65
N PHE D 223 -3.75 -15.96 -12.57
CA PHE D 223 -4.67 -17.06 -12.86
C PHE D 223 -3.97 -18.21 -13.57
N ASP D 224 -2.93 -17.93 -14.36
CA ASP D 224 -2.09 -18.99 -14.88
C ASP D 224 -1.54 -19.86 -13.75
N ALA D 225 -1.14 -19.22 -12.66
CA ALA D 225 -0.55 -19.96 -11.55
C ALA D 225 -1.61 -20.74 -10.78
N ILE D 226 -2.77 -20.12 -10.53
CA ILE D 226 -3.88 -20.82 -9.91
C ILE D 226 -4.22 -22.08 -10.70
N MET D 227 -4.24 -21.96 -12.04
CA MET D 227 -4.54 -23.11 -12.88
C MET D 227 -3.51 -24.21 -12.70
N GLN D 228 -2.23 -23.89 -12.88
CA GLN D 228 -1.18 -24.89 -12.74
C GLN D 228 -1.13 -25.45 -11.34
N ALA D 229 -1.33 -24.59 -10.33
CA ALA D 229 -1.31 -25.06 -8.94
C ALA D 229 -2.47 -26.00 -8.64
N THR D 230 -3.48 -26.06 -9.51
CA THR D 230 -4.64 -26.90 -9.31
C THR D 230 -4.55 -28.25 -10.00
N VAL D 231 -4.03 -28.29 -11.23
CA VAL D 231 -4.09 -29.51 -12.03
C VAL D 231 -2.81 -30.35 -11.96
N CYS D 232 -1.69 -29.78 -11.53
CA CYS D 232 -0.43 -30.52 -11.43
C CYS D 232 -0.41 -31.30 -10.11
N ASP D 233 -1.25 -32.32 -10.05
CA ASP D 233 -1.51 -33.03 -8.79
C ASP D 233 -0.24 -33.54 -8.15
N GLU D 234 0.64 -34.17 -8.93
CA GLU D 234 1.81 -34.82 -8.35
C GLU D 234 2.79 -33.79 -7.79
N LYS D 235 3.09 -32.75 -8.56
CA LYS D 235 4.12 -31.81 -8.15
C LYS D 235 3.70 -31.02 -6.92
N ILE D 236 2.51 -30.40 -6.96
CA ILE D 236 2.00 -29.74 -5.77
C ILE D 236 1.83 -30.73 -4.64
N GLY D 237 1.49 -31.98 -4.96
CA GLY D 237 1.39 -33.01 -3.95
C GLY D 237 0.21 -32.87 -3.03
N TRP D 238 -0.93 -32.43 -3.57
CA TRP D 238 -2.16 -32.42 -2.77
C TRP D 238 -2.46 -33.83 -2.28
N ARG D 239 -2.97 -33.93 -1.07
CA ARG D 239 -3.31 -35.22 -0.48
C ARG D 239 -4.77 -35.54 -0.72
N ASN D 240 -5.08 -36.84 -0.72
CA ASN D 240 -6.44 -37.29 -1.01
C ASN D 240 -7.41 -36.85 0.07
N ASP D 241 -7.13 -37.19 1.32
CA ASP D 241 -8.05 -36.96 2.44
C ASP D 241 -7.53 -35.80 3.27
N ALA D 242 -7.79 -34.57 2.80
CA ALA D 242 -7.36 -33.37 3.50
C ALA D 242 -8.10 -32.17 2.92
N SER D 243 -8.24 -31.13 3.74
CA SER D 243 -8.73 -29.86 3.26
C SER D 243 -7.66 -29.18 2.43
N HIS D 244 -8.05 -28.69 1.26
CA HIS D 244 -7.10 -28.11 0.30
C HIS D 244 -7.32 -26.61 0.23
N LEU D 245 -6.38 -25.85 0.79
CA LEU D 245 -6.42 -24.39 0.78
C LEU D 245 -5.36 -23.87 -0.18
N LEU D 246 -5.80 -23.04 -1.12
CA LEU D 246 -4.91 -22.35 -2.05
C LEU D 246 -4.96 -20.87 -1.70
N VAL D 247 -3.85 -20.34 -1.19
CA VAL D 247 -3.75 -18.95 -0.79
C VAL D 247 -3.20 -18.15 -1.96
N PHE D 248 -3.98 -17.17 -2.43
CA PHE D 248 -3.62 -16.34 -3.57
C PHE D 248 -3.42 -14.91 -3.08
N THR D 249 -2.17 -14.47 -3.04
CA THR D 249 -1.82 -13.14 -2.56
C THR D 249 -1.36 -12.28 -3.73
N THR D 250 -1.94 -11.09 -3.85
CA THR D 250 -1.54 -10.11 -4.83
C THR D 250 -1.99 -8.74 -4.34
N ASP D 251 -1.51 -7.69 -5.03
CA ASP D 251 -1.85 -6.33 -4.65
C ASP D 251 -2.30 -5.50 -5.85
N ALA D 252 -2.64 -6.15 -6.96
CA ALA D 252 -3.03 -5.44 -8.17
C ALA D 252 -4.11 -6.25 -8.88
N LYS D 253 -4.52 -5.73 -10.05
CA LYS D 253 -5.48 -6.42 -10.91
C LYS D 253 -4.93 -7.76 -11.36
N THR D 254 -5.73 -8.54 -12.06
CA THR D 254 -5.29 -9.82 -12.59
C THR D 254 -5.69 -9.92 -14.07
N HIS D 255 -4.89 -10.68 -14.81
CA HIS D 255 -5.20 -10.93 -16.20
C HIS D 255 -6.23 -12.04 -16.33
N ILE D 256 -7.16 -11.88 -17.27
CA ILE D 256 -8.20 -12.87 -17.49
C ILE D 256 -8.04 -13.42 -18.90
N ALA D 257 -8.87 -14.41 -19.24
CA ALA D 257 -8.83 -14.98 -20.58
C ALA D 257 -9.11 -13.92 -21.62
N LEU D 258 -8.46 -14.06 -22.77
CA LEU D 258 -8.46 -13.20 -23.95
C LEU D 258 -7.58 -11.96 -23.75
N ASP D 259 -6.99 -11.75 -22.55
CA ASP D 259 -5.98 -10.72 -22.40
C ASP D 259 -4.71 -11.06 -23.19
N GLY D 260 -4.37 -12.34 -23.29
CA GLY D 260 -3.12 -12.76 -23.88
C GLY D 260 -2.95 -12.35 -25.33
N ARG D 261 -4.03 -11.95 -26.01
CA ARG D 261 -3.92 -11.54 -27.39
C ARG D 261 -2.99 -10.35 -27.58
N LEU D 262 -2.77 -9.55 -26.53
CA LEU D 262 -1.82 -8.46 -26.62
C LEU D 262 -0.37 -8.93 -26.67
N ALA D 263 -0.11 -10.22 -26.44
CA ALA D 263 1.23 -10.78 -26.59
C ALA D 263 1.31 -11.76 -27.76
N GLY D 264 0.32 -11.75 -28.64
CA GLY D 264 0.26 -12.72 -29.72
C GLY D 264 -0.24 -14.09 -29.31
N ILE D 265 -0.80 -14.22 -28.12
CA ILE D 265 -1.24 -15.50 -27.59
C ILE D 265 -2.75 -15.62 -27.81
N VAL D 266 -3.17 -16.61 -28.60
CA VAL D 266 -4.58 -16.80 -28.90
C VAL D 266 -5.09 -18.18 -28.54
N GLN D 267 -4.22 -19.13 -28.26
CA GLN D 267 -4.65 -20.49 -27.93
C GLN D 267 -5.37 -20.50 -26.60
N PRO D 268 -6.58 -21.06 -26.51
CA PRO D 268 -7.29 -21.10 -25.23
C PRO D 268 -6.56 -21.96 -24.22
N ASN D 269 -6.73 -21.60 -22.95
CA ASN D 269 -6.13 -22.38 -21.87
C ASN D 269 -6.73 -23.78 -21.87
N ASP D 270 -5.86 -24.80 -21.84
CA ASP D 270 -6.29 -26.18 -22.00
C ASP D 270 -6.54 -26.90 -20.67
N GLY D 271 -6.23 -26.27 -19.55
CA GLY D 271 -6.50 -26.91 -18.26
C GLY D 271 -5.70 -28.14 -17.97
N GLN D 272 -4.48 -28.23 -18.52
CA GLN D 272 -3.58 -29.35 -18.27
C GLN D 272 -2.32 -28.86 -17.59
N CYS D 273 -1.51 -29.81 -17.11
CA CYS D 273 -0.28 -29.49 -16.41
C CYS D 273 0.87 -29.34 -17.41
N HIS D 274 1.64 -28.27 -17.27
CA HIS D 274 2.79 -28.02 -18.13
C HIS D 274 3.97 -27.50 -17.33
N VAL D 275 4.10 -27.94 -16.08
CA VAL D 275 5.22 -27.60 -15.22
C VAL D 275 6.15 -28.81 -15.25
N GLY D 276 7.22 -28.71 -16.03
CA GLY D 276 8.15 -29.81 -16.20
C GLY D 276 9.13 -29.92 -15.05
N SER D 277 10.18 -30.71 -15.29
CA SER D 277 11.23 -30.89 -14.29
C SER D 277 11.83 -29.57 -13.84
N ASP D 278 11.95 -28.60 -14.75
CA ASP D 278 12.42 -27.27 -14.41
C ASP D 278 11.47 -26.49 -13.50
N ASN D 279 10.34 -27.06 -13.09
CA ASN D 279 9.39 -26.45 -12.15
C ASN D 279 8.87 -25.09 -12.64
N HIS D 280 9.00 -24.80 -13.93
CA HIS D 280 8.49 -23.59 -14.53
C HIS D 280 7.35 -23.93 -15.49
N TYR D 281 6.36 -23.05 -15.53
CA TYR D 281 5.19 -23.18 -16.39
C TYR D 281 5.64 -23.00 -17.84
N SER D 282 5.85 -24.12 -18.54
CA SER D 282 6.46 -24.05 -19.86
C SER D 282 5.54 -23.38 -20.88
N ALA D 283 4.23 -23.51 -20.69
CA ALA D 283 3.25 -22.98 -21.64
C ALA D 283 2.81 -21.56 -21.29
N SER D 284 3.66 -20.79 -20.62
CA SER D 284 3.28 -19.43 -20.25
C SER D 284 3.25 -18.51 -21.46
N THR D 285 4.12 -18.76 -22.44
CA THR D 285 4.28 -17.90 -23.60
C THR D 285 3.56 -18.43 -24.84
N THR D 286 2.79 -19.52 -24.69
CA THR D 286 2.14 -20.13 -25.85
C THR D 286 0.70 -20.53 -25.57
N MET D 287 0.09 -19.98 -24.52
CA MET D 287 -1.26 -20.39 -24.14
C MET D 287 -1.91 -19.31 -23.28
N ASP D 288 -3.09 -18.86 -23.70
CA ASP D 288 -3.75 -17.71 -23.11
C ASP D 288 -4.12 -17.97 -21.64
N TYR D 289 -4.50 -16.91 -20.97
CA TYR D 289 -4.94 -16.99 -19.58
C TYR D 289 -6.23 -17.80 -19.50
N PRO D 290 -6.44 -18.54 -18.40
CA PRO D 290 -7.69 -19.28 -18.24
C PRO D 290 -8.85 -18.36 -17.91
N SER D 291 -10.05 -18.85 -18.20
CA SER D 291 -11.28 -18.14 -17.93
C SER D 291 -11.83 -18.51 -16.57
N LEU D 292 -12.78 -17.69 -16.09
CA LEU D 292 -13.40 -17.95 -14.79
C LEU D 292 -14.08 -19.31 -14.77
N GLY D 293 -14.82 -19.64 -15.83
CA GLY D 293 -15.50 -20.92 -15.88
C GLY D 293 -14.53 -22.08 -15.80
N LEU D 294 -13.42 -21.99 -16.54
CA LEU D 294 -12.44 -23.07 -16.55
C LEU D 294 -11.80 -23.22 -15.18
N MET D 295 -11.59 -22.11 -14.46
CA MET D 295 -11.05 -22.18 -13.12
C MET D 295 -12.03 -22.86 -12.16
N THR D 296 -13.30 -22.50 -12.24
CA THR D 296 -14.31 -23.14 -11.41
C THR D 296 -14.36 -24.64 -11.67
N GLU D 297 -14.17 -25.05 -12.92
CA GLU D 297 -14.21 -26.47 -13.27
C GLU D 297 -13.06 -27.22 -12.61
N LYS D 298 -11.85 -26.70 -12.71
CA LYS D 298 -10.69 -27.41 -12.20
C LYS D 298 -10.55 -27.30 -10.69
N LEU D 299 -11.02 -26.19 -10.09
CA LEU D 299 -11.07 -26.12 -8.64
C LEU D 299 -12.07 -27.10 -8.07
N SER D 300 -13.24 -27.21 -8.69
CA SER D 300 -14.26 -28.14 -8.22
C SER D 300 -13.84 -29.60 -8.43
N GLN D 301 -13.02 -29.87 -9.43
CA GLN D 301 -12.62 -31.24 -9.71
C GLN D 301 -11.60 -31.76 -8.73
N LYS D 302 -10.68 -30.90 -8.27
CA LYS D 302 -9.63 -31.29 -7.35
C LYS D 302 -9.97 -30.96 -5.90
N ASN D 303 -11.16 -30.43 -5.64
CA ASN D 303 -11.59 -30.03 -4.29
C ASN D 303 -10.60 -29.05 -3.67
N ILE D 304 -10.49 -27.88 -4.31
CA ILE D 304 -9.59 -26.81 -3.87
C ILE D 304 -10.42 -25.63 -3.41
N ASN D 305 -10.00 -25.01 -2.31
CA ASN D 305 -10.65 -23.81 -1.77
C ASN D 305 -9.75 -22.62 -2.08
N LEU D 306 -10.08 -21.89 -3.14
CA LEU D 306 -9.31 -20.71 -3.50
C LEU D 306 -9.62 -19.58 -2.53
N ILE D 307 -8.59 -18.92 -2.03
CA ILE D 307 -8.71 -17.83 -1.07
C ILE D 307 -7.99 -16.62 -1.64
N PHE D 308 -8.74 -15.59 -2.02
CA PHE D 308 -8.19 -14.36 -2.60
C PHE D 308 -7.71 -13.44 -1.47
N ALA D 309 -6.41 -13.52 -1.17
CA ALA D 309 -5.81 -12.65 -0.16
C ALA D 309 -5.24 -11.42 -0.88
N VAL D 310 -6.09 -10.41 -1.05
CA VAL D 310 -5.73 -9.23 -1.83
C VAL D 310 -5.76 -8.00 -0.93
N THR D 311 -5.12 -6.93 -1.42
CA THR D 311 -5.00 -5.70 -0.68
C THR D 311 -6.25 -4.83 -0.86
N GLU D 312 -6.32 -3.77 -0.04
CA GLU D 312 -7.54 -2.98 0.08
C GLU D 312 -8.01 -2.40 -1.25
N ASN D 313 -7.08 -2.12 -2.17
CA ASN D 313 -7.44 -1.45 -3.41
C ASN D 313 -8.15 -2.34 -4.42
N VAL D 314 -8.26 -3.65 -4.16
CA VAL D 314 -8.81 -4.57 -5.14
C VAL D 314 -9.70 -5.61 -4.48
N VAL D 315 -10.06 -5.40 -3.22
CA VAL D 315 -10.97 -6.34 -2.56
C VAL D 315 -12.33 -6.34 -3.25
N ASN D 316 -12.85 -5.15 -3.58
CA ASN D 316 -14.10 -5.08 -4.33
C ASN D 316 -13.99 -5.81 -5.67
N LEU D 317 -12.80 -5.84 -6.26
CA LEU D 317 -12.61 -6.61 -7.48
C LEU D 317 -12.74 -8.10 -7.20
N TYR D 318 -11.88 -8.63 -6.33
CA TYR D 318 -11.86 -10.05 -6.05
C TYR D 318 -13.03 -10.52 -5.20
N GLN D 319 -13.79 -9.60 -4.58
CA GLN D 319 -15.04 -10.00 -3.96
C GLN D 319 -16.07 -10.40 -5.00
N ASN D 320 -16.02 -9.76 -6.17
CA ASN D 320 -16.98 -10.04 -7.22
C ASN D 320 -16.59 -11.26 -8.03
N TYR D 321 -15.29 -11.44 -8.30
CA TYR D 321 -14.83 -12.71 -8.85
C TYR D 321 -15.19 -13.86 -7.93
N SER D 322 -15.23 -13.60 -6.62
CA SER D 322 -15.64 -14.63 -5.67
C SER D 322 -17.09 -15.03 -5.82
N GLU D 323 -17.93 -14.13 -6.34
CA GLU D 323 -19.33 -14.43 -6.60
C GLU D 323 -19.54 -15.15 -7.93
N LEU D 324 -18.57 -15.11 -8.84
CA LEU D 324 -18.62 -15.88 -10.07
C LEU D 324 -17.91 -17.22 -9.97
N ILE D 325 -17.21 -17.46 -8.87
CA ILE D 325 -16.57 -18.75 -8.59
C ILE D 325 -17.04 -19.23 -7.23
N PRO D 326 -18.20 -19.88 -7.16
CA PRO D 326 -18.73 -20.31 -5.85
C PRO D 326 -17.76 -21.20 -5.11
N GLY D 327 -17.58 -20.92 -3.82
CA GLY D 327 -16.68 -21.67 -2.96
C GLY D 327 -15.43 -20.91 -2.55
N THR D 328 -15.18 -19.74 -3.10
CA THR D 328 -13.97 -19.00 -2.81
C THR D 328 -14.19 -18.01 -1.66
N THR D 329 -13.10 -17.62 -1.03
CA THR D 329 -13.11 -16.74 0.14
C THR D 329 -12.21 -15.54 -0.13
N VAL D 330 -12.65 -14.37 0.33
CA VAL D 330 -11.92 -13.12 0.16
C VAL D 330 -11.55 -12.58 1.54
N GLY D 331 -10.28 -12.23 1.70
CA GLY D 331 -9.79 -11.61 2.93
C GLY D 331 -8.85 -10.47 2.66
N VAL D 332 -8.94 -9.41 3.45
CA VAL D 332 -8.18 -8.19 3.19
C VAL D 332 -6.72 -8.40 3.59
N LEU D 333 -5.81 -8.23 2.62
CA LEU D 333 -4.38 -8.36 2.86
C LEU D 333 -3.76 -6.99 3.06
N SER D 334 -2.76 -6.91 3.93
CA SER D 334 -2.04 -5.66 4.15
C SER D 334 -1.11 -5.38 2.97
N MET D 335 -0.60 -4.14 2.93
CA MET D 335 0.35 -3.76 1.88
C MET D 335 1.69 -4.47 2.01
N ASP D 336 1.92 -5.19 3.10
CA ASP D 336 3.16 -5.91 3.33
C ASP D 336 2.96 -7.38 3.68
N SER D 337 1.73 -7.89 3.58
CA SER D 337 1.40 -9.27 3.94
C SER D 337 1.77 -9.56 5.39
N SER D 338 1.52 -8.59 6.27
CA SER D 338 1.78 -8.78 7.69
C SER D 338 0.69 -9.60 8.36
N ASN D 339 -0.57 -9.43 7.92
CA ASN D 339 -1.71 -10.10 8.52
C ASN D 339 -2.08 -11.39 7.81
N VAL D 340 -1.17 -11.96 7.02
CA VAL D 340 -1.53 -13.09 6.18
C VAL D 340 -1.86 -14.32 7.04
N LEU D 341 -1.15 -14.50 8.16
CA LEU D 341 -1.36 -15.68 8.99
C LEU D 341 -2.77 -15.68 9.58
N GLN D 342 -3.20 -14.55 10.13
CA GLN D 342 -4.57 -14.46 10.64
C GLN D 342 -5.61 -14.41 9.53
N LEU D 343 -5.21 -14.05 8.31
CA LEU D 343 -6.11 -14.17 7.17
C LEU D 343 -6.33 -15.62 6.79
N ILE D 344 -5.31 -16.46 6.93
CA ILE D 344 -5.42 -17.88 6.59
C ILE D 344 -6.30 -18.59 7.61
N VAL D 345 -6.01 -18.42 8.89
CA VAL D 345 -6.75 -19.12 9.94
C VAL D 345 -8.23 -18.75 9.90
N ASP D 346 -8.53 -17.47 9.65
CA ASP D 346 -9.93 -17.04 9.58
C ASP D 346 -10.63 -17.64 8.37
N ALA D 347 -9.96 -17.69 7.22
CA ALA D 347 -10.57 -18.29 6.03
C ALA D 347 -10.84 -19.78 6.23
N TYR D 348 -9.88 -20.49 6.83
CA TYR D 348 -10.06 -21.93 7.06
C TYR D 348 -11.28 -22.21 7.93
N GLY D 349 -11.63 -21.29 8.83
CA GLY D 349 -12.82 -21.45 9.63
C GLY D 349 -14.08 -21.12 8.86
N LYS D 350 -14.05 -19.97 8.16
CA LYS D 350 -15.17 -19.61 7.29
C LYS D 350 -15.36 -20.60 6.15
N ILE D 351 -14.30 -21.32 5.77
CA ILE D 351 -14.44 -22.38 4.79
C ILE D 351 -15.18 -23.57 5.39
N ARG D 352 -14.80 -23.96 6.61
CA ARG D 352 -15.42 -25.08 7.31
C ARG D 352 -16.63 -24.65 8.14
N SER D 353 -17.16 -23.45 7.90
CA SER D 353 -18.36 -22.98 8.57
C SER D 353 -19.63 -23.28 7.78
N LYS D 354 -19.51 -23.85 6.59
CA LYS D 354 -20.65 -24.12 5.73
C LYS D 354 -20.72 -25.61 5.43
N VAL D 355 -21.94 -26.09 5.17
CA VAL D 355 -22.20 -27.45 4.72
C VAL D 355 -23.33 -27.36 3.70
N GLU D 356 -22.99 -27.50 2.42
CA GLU D 356 -23.96 -27.44 1.34
C GLU D 356 -24.09 -28.79 0.67
N LEU D 357 -25.33 -29.21 0.41
CA LEU D 357 -25.62 -30.51 -0.19
C LEU D 357 -25.81 -30.36 -1.69
N GLU D 358 -25.14 -31.21 -2.45
CA GLU D 358 -25.40 -31.37 -3.87
C GLU D 358 -25.74 -32.83 -4.16
N VAL D 359 -26.58 -33.05 -5.15
CA VAL D 359 -27.05 -34.38 -5.51
C VAL D 359 -26.48 -34.75 -6.87
N ARG D 360 -26.02 -35.99 -6.99
CA ARG D 360 -25.43 -36.50 -8.22
C ARG D 360 -26.20 -37.73 -8.66
N ASP D 361 -26.51 -37.79 -9.97
CA ASP D 361 -27.11 -38.96 -10.61
C ASP D 361 -28.57 -39.15 -10.19
N LEU D 362 -29.30 -38.06 -10.00
CA LEU D 362 -30.72 -38.13 -9.68
C LEU D 362 -31.51 -38.38 -10.96
N PRO D 363 -32.40 -39.38 -10.98
CA PRO D 363 -33.12 -39.71 -12.22
C PRO D 363 -34.14 -38.64 -12.59
N GLU D 364 -34.62 -38.74 -13.83
CA GLU D 364 -35.50 -37.71 -14.38
C GLU D 364 -36.84 -37.67 -13.65
N GLU D 365 -37.28 -38.80 -13.11
CA GLU D 365 -38.60 -38.91 -12.50
C GLU D 365 -38.62 -38.53 -11.02
N LEU D 366 -37.47 -38.51 -10.36
CA LEU D 366 -37.41 -38.23 -8.94
C LEU D 366 -37.24 -36.73 -8.68
N SER D 367 -37.82 -36.28 -7.57
CA SER D 367 -37.69 -34.91 -7.10
C SER D 367 -37.53 -34.93 -5.59
N LEU D 368 -36.61 -34.11 -5.08
CA LEU D 368 -36.26 -34.11 -3.67
C LEU D 368 -36.57 -32.76 -3.03
N SER D 369 -36.85 -32.80 -1.74
CA SER D 369 -37.08 -31.60 -0.93
C SER D 369 -36.33 -31.76 0.37
N PHE D 370 -35.79 -30.65 0.89
CA PHE D 370 -34.84 -30.67 1.98
C PHE D 370 -35.31 -29.79 3.13
N ASN D 371 -35.22 -30.32 4.34
CA ASN D 371 -35.36 -29.52 5.56
C ASN D 371 -34.07 -29.64 6.35
N ALA D 372 -33.66 -28.52 6.94
CA ALA D 372 -32.34 -28.38 7.53
C ALA D 372 -32.45 -28.04 9.00
N THR D 373 -31.68 -28.75 9.83
CA THR D 373 -31.53 -28.44 11.24
C THR D 373 -30.08 -27.96 11.42
N CYS D 374 -29.90 -26.64 11.49
CA CYS D 374 -28.57 -26.05 11.55
C CYS D 374 -28.15 -25.75 12.98
N LEU D 375 -27.95 -24.47 13.27
CA LEU D 375 -27.60 -24.04 14.62
C LEU D 375 -28.71 -24.41 15.60
N ASN D 376 -28.34 -25.11 16.67
CA ASN D 376 -29.29 -25.62 17.68
C ASN D 376 -30.22 -26.62 16.99
N ASN D 377 -31.49 -26.68 17.36
CA ASN D 377 -32.46 -27.54 16.70
C ASN D 377 -33.51 -26.69 16.00
N GLU D 378 -33.07 -25.72 15.21
CA GLU D 378 -33.96 -24.83 14.47
C GLU D 378 -34.13 -25.40 13.06
N VAL D 379 -35.34 -25.85 12.76
CA VAL D 379 -35.63 -26.51 11.49
C VAL D 379 -35.98 -25.45 10.45
N ILE D 380 -35.29 -25.49 9.31
CA ILE D 380 -35.47 -24.52 8.24
C ILE D 380 -35.97 -25.24 6.99
N PRO D 381 -37.19 -24.97 6.55
CA PRO D 381 -37.74 -25.69 5.39
C PRO D 381 -37.26 -25.13 4.06
N GLY D 382 -37.23 -26.02 3.07
CA GLY D 382 -36.81 -25.64 1.72
C GLY D 382 -35.37 -25.20 1.59
N LEU D 383 -34.47 -25.75 2.41
CA LEU D 383 -33.07 -25.35 2.42
C LEU D 383 -32.18 -26.57 2.58
N LYS D 384 -31.09 -26.58 1.81
CA LYS D 384 -30.17 -27.71 1.77
C LYS D 384 -28.75 -27.29 2.14
N SER D 385 -28.61 -26.27 2.98
CA SER D 385 -27.30 -25.70 3.28
C SER D 385 -27.35 -24.93 4.60
N CYS D 386 -26.32 -25.13 5.42
CA CYS D 386 -26.19 -24.43 6.69
C CYS D 386 -25.04 -23.44 6.62
N MET D 387 -25.11 -22.43 7.50
CA MET D 387 -24.09 -21.40 7.59
C MET D 387 -23.87 -21.05 9.06
N GLY D 388 -22.68 -20.53 9.36
CA GLY D 388 -22.35 -20.11 10.70
C GLY D 388 -21.92 -21.21 11.63
N LEU D 389 -21.43 -22.33 11.10
CA LEU D 389 -21.05 -23.48 11.91
C LEU D 389 -19.61 -23.36 12.39
N LYS D 390 -19.27 -24.18 13.39
CA LYS D 390 -17.92 -24.27 13.90
C LYS D 390 -17.42 -25.70 13.73
N ILE D 391 -16.09 -25.86 13.81
CA ILE D 391 -15.50 -27.18 13.68
C ILE D 391 -15.97 -28.06 14.84
N GLY D 392 -16.43 -29.27 14.50
CA GLY D 392 -16.93 -30.21 15.47
C GLY D 392 -18.44 -30.27 15.58
N ASP D 393 -19.14 -29.24 15.11
CA ASP D 393 -20.60 -29.24 15.13
C ASP D 393 -21.15 -30.38 14.27
N THR D 394 -22.46 -30.58 14.38
CA THR D 394 -23.15 -31.59 13.58
C THR D 394 -24.52 -31.06 13.20
N VAL D 395 -24.89 -31.28 11.94
CA VAL D 395 -26.18 -30.86 11.40
C VAL D 395 -26.85 -32.06 10.76
N SER D 396 -28.13 -31.89 10.40
CA SER D 396 -28.91 -32.99 9.85
C SER D 396 -29.93 -32.43 8.87
N PHE D 397 -30.31 -33.26 7.90
CA PHE D 397 -31.30 -32.91 6.90
C PHE D 397 -32.32 -34.05 6.77
N SER D 398 -33.59 -33.68 6.72
CA SER D 398 -34.67 -34.61 6.40
C SER D 398 -35.01 -34.45 4.92
N ILE D 399 -35.10 -35.58 4.22
CA ILE D 399 -35.23 -35.59 2.76
C ILE D 399 -36.42 -36.45 2.38
N GLU D 400 -37.30 -35.91 1.53
CA GLU D 400 -38.47 -36.61 1.03
C GLU D 400 -38.31 -36.83 -0.47
N ALA D 401 -38.43 -38.09 -0.89
CA ALA D 401 -38.21 -38.49 -2.28
C ALA D 401 -39.55 -38.80 -2.93
N LYS D 402 -39.94 -37.98 -3.91
CA LYS D 402 -41.21 -38.12 -4.62
C LYS D 402 -40.94 -38.51 -6.06
N VAL D 403 -41.46 -39.66 -6.48
CA VAL D 403 -41.35 -40.15 -7.84
C VAL D 403 -42.64 -39.85 -8.59
N ARG D 404 -42.53 -39.60 -9.89
CA ARG D 404 -43.67 -39.28 -10.75
C ARG D 404 -43.81 -40.40 -11.78
N GLY D 405 -44.85 -41.22 -11.62
CA GLY D 405 -45.07 -42.34 -12.50
C GLY D 405 -44.20 -43.53 -12.14
N CYS D 406 -44.07 -44.44 -13.10
CA CYS D 406 -43.15 -45.57 -12.99
C CYS D 406 -42.12 -45.48 -14.09
N PRO D 407 -40.84 -45.37 -13.76
CA PRO D 407 -39.81 -45.36 -14.81
C PRO D 407 -39.69 -46.73 -15.47
N GLN D 408 -38.89 -46.78 -16.53
CA GLN D 408 -38.64 -48.03 -17.23
C GLN D 408 -37.66 -48.91 -16.48
N GLU D 409 -36.53 -48.35 -16.06
CA GLU D 409 -35.58 -49.08 -15.25
C GLU D 409 -36.12 -49.20 -13.83
N LYS D 410 -36.19 -50.43 -13.32
CA LYS D 410 -36.73 -50.67 -12.00
C LYS D 410 -35.71 -50.47 -10.88
N GLU D 411 -34.46 -50.18 -11.21
CA GLU D 411 -33.42 -50.02 -10.19
C GLU D 411 -32.41 -48.96 -10.62
N LYS D 412 -32.20 -47.98 -9.76
CA LYS D 412 -31.17 -46.97 -9.94
C LYS D 412 -30.57 -46.65 -8.58
N SER D 413 -29.60 -45.74 -8.55
CA SER D 413 -28.99 -45.29 -7.31
C SER D 413 -28.28 -43.97 -7.56
N PHE D 414 -28.46 -43.03 -6.64
CA PHE D 414 -27.87 -41.71 -6.74
C PHE D 414 -27.08 -41.39 -5.48
N THR D 415 -26.39 -40.25 -5.50
CA THR D 415 -25.47 -39.85 -4.45
C THR D 415 -25.87 -38.50 -3.87
N ILE D 416 -25.79 -38.38 -2.55
CA ILE D 416 -25.92 -37.12 -1.85
C ILE D 416 -24.59 -36.89 -1.12
N LYS D 417 -23.81 -35.94 -1.61
CA LYS D 417 -22.51 -35.61 -1.05
C LYS D 417 -22.48 -34.12 -0.71
N PRO D 418 -21.91 -33.75 0.43
CA PRO D 418 -21.72 -32.33 0.73
C PRO D 418 -20.53 -31.77 -0.04
N VAL D 419 -20.64 -30.50 -0.42
CA VAL D 419 -19.64 -29.87 -1.28
C VAL D 419 -18.28 -29.94 -0.62
N GLY D 420 -17.31 -30.53 -1.32
CA GLY D 420 -15.95 -30.65 -0.83
C GLY D 420 -15.67 -31.87 0.03
N PHE D 421 -16.71 -32.54 0.52
CA PHE D 421 -16.53 -33.68 1.40
C PHE D 421 -16.16 -34.94 0.61
N LYS D 422 -15.53 -35.88 1.30
CA LYS D 422 -15.17 -37.16 0.70
C LYS D 422 -16.31 -38.17 0.80
N ASP D 423 -16.77 -38.46 2.02
CA ASP D 423 -17.83 -39.43 2.22
C ASP D 423 -19.14 -38.93 1.62
N SER D 424 -20.07 -39.86 1.41
CA SER D 424 -21.30 -39.54 0.70
C SER D 424 -22.34 -40.61 0.99
N LEU D 425 -23.61 -40.20 0.94
CA LEU D 425 -24.73 -41.11 1.11
C LEU D 425 -25.16 -41.64 -0.25
N ILE D 426 -25.02 -42.94 -0.45
CA ILE D 426 -25.46 -43.60 -1.69
C ILE D 426 -26.87 -44.12 -1.46
N VAL D 427 -27.83 -43.59 -2.21
CA VAL D 427 -29.24 -43.96 -2.07
C VAL D 427 -29.58 -44.94 -3.18
N GLN D 428 -29.90 -46.17 -2.82
CA GLN D 428 -30.22 -47.23 -3.77
C GLN D 428 -31.74 -47.35 -3.88
N VAL D 429 -32.29 -46.91 -5.01
CA VAL D 429 -33.72 -46.83 -5.22
C VAL D 429 -34.22 -48.10 -5.90
N THR D 430 -35.45 -48.49 -5.57
CA THR D 430 -36.10 -49.66 -6.16
C THR D 430 -37.57 -49.31 -6.35
N PHE D 431 -38.02 -49.21 -7.59
CA PHE D 431 -39.39 -48.82 -7.91
C PHE D 431 -40.29 -50.04 -7.88
N ASP D 432 -41.29 -50.03 -6.99
CA ASP D 432 -42.22 -51.15 -6.83
C ASP D 432 -43.45 -50.88 -7.69
N CYS D 433 -43.32 -51.19 -8.98
CA CYS D 433 -44.44 -51.04 -9.91
C CYS D 433 -45.18 -52.33 -10.16
N ASP D 434 -44.49 -53.47 -10.13
CA ASP D 434 -45.06 -54.75 -10.47
C ASP D 434 -45.57 -55.49 -9.24
N CYS D 435 -46.48 -56.42 -9.46
CA CYS D 435 -47.05 -57.26 -8.42
C CYS D 435 -46.31 -58.58 -8.35
N ALA D 436 -46.22 -59.13 -7.14
CA ALA D 436 -45.50 -60.39 -6.95
C ALA D 436 -46.19 -61.55 -7.67
N CYS D 437 -47.51 -61.49 -7.81
CA CYS D 437 -48.26 -62.55 -8.48
C CYS D 437 -47.99 -62.59 -9.99
N GLN D 438 -47.24 -61.63 -10.54
CA GLN D 438 -46.92 -61.66 -11.96
C GLN D 438 -45.90 -62.74 -12.29
N ALA D 439 -45.17 -63.26 -11.29
CA ALA D 439 -44.21 -64.33 -11.55
C ALA D 439 -44.92 -65.64 -11.88
N GLN D 440 -46.00 -65.96 -11.15
CA GLN D 440 -46.81 -67.14 -11.41
C GLN D 440 -47.76 -66.96 -12.58
N ALA D 441 -47.49 -65.99 -13.46
CA ALA D 441 -48.32 -65.80 -14.64
C ALA D 441 -48.24 -67.04 -15.53
N GLU D 442 -49.41 -67.47 -16.02
CA GLU D 442 -49.50 -68.65 -16.86
C GLU D 442 -49.70 -68.20 -18.30
N PRO D 443 -48.66 -68.19 -19.13
CA PRO D 443 -48.84 -67.80 -20.53
C PRO D 443 -49.64 -68.86 -21.28
N ASN D 444 -50.56 -68.39 -22.12
CA ASN D 444 -51.38 -69.27 -22.96
C ASN D 444 -52.21 -70.23 -22.11
N SER D 445 -52.95 -69.67 -21.17
CA SER D 445 -53.72 -70.47 -20.23
C SER D 445 -55.03 -70.94 -20.84
N HIS D 446 -55.39 -72.19 -20.57
CA HIS D 446 -56.69 -72.73 -20.97
C HIS D 446 -57.84 -71.88 -20.48
N ARG D 447 -57.70 -71.29 -19.28
CA ARG D 447 -58.78 -70.57 -18.62
C ARG D 447 -59.11 -69.25 -19.30
N CYS D 448 -58.28 -68.76 -20.20
CA CYS D 448 -58.47 -67.47 -20.86
C CYS D 448 -58.61 -67.69 -22.37
N ASN D 449 -59.86 -67.73 -22.84
CA ASN D 449 -60.18 -67.81 -24.27
C ASN D 449 -59.64 -69.08 -24.92
N ASN D 450 -59.63 -70.19 -24.18
CA ASN D 450 -59.17 -71.51 -24.59
C ASN D 450 -57.64 -71.58 -24.67
N GLY D 451 -56.92 -70.45 -24.66
CA GLY D 451 -55.47 -70.45 -24.69
C GLY D 451 -54.87 -69.24 -25.38
N ASN D 452 -55.68 -68.21 -25.62
CA ASN D 452 -55.25 -67.02 -26.34
C ASN D 452 -54.67 -65.93 -25.45
N GLY D 453 -54.89 -66.00 -24.13
CA GLY D 453 -54.40 -64.96 -23.25
C GLY D 453 -53.54 -65.43 -22.10
N THR D 454 -53.19 -64.53 -21.19
CA THR D 454 -52.30 -64.84 -20.09
C THR D 454 -53.03 -64.68 -18.76
N PHE D 455 -52.93 -65.69 -17.91
CA PHE D 455 -53.61 -65.71 -16.61
C PHE D 455 -52.61 -65.29 -15.55
N GLU D 456 -52.68 -64.02 -15.13
CA GLU D 456 -51.85 -63.52 -14.04
C GLU D 456 -52.77 -62.88 -13.00
N CYS D 457 -52.49 -63.17 -11.73
CA CYS D 457 -53.12 -62.48 -10.60
C CYS D 457 -54.65 -62.58 -10.64
N GLY D 458 -55.18 -63.69 -11.16
CA GLY D 458 -56.60 -63.96 -11.08
C GLY D 458 -57.46 -63.38 -12.18
N VAL D 459 -56.87 -62.80 -13.22
CA VAL D 459 -57.62 -62.21 -14.33
C VAL D 459 -56.93 -62.54 -15.64
N CYS D 460 -57.67 -62.40 -16.74
CA CYS D 460 -57.20 -62.73 -18.07
C CYS D 460 -56.71 -61.46 -18.76
N ARG D 461 -55.40 -61.37 -18.98
CA ARG D 461 -54.81 -60.31 -19.78
C ARG D 461 -54.66 -60.79 -21.21
N CYS D 462 -54.93 -59.89 -22.17
CA CYS D 462 -54.68 -60.22 -23.55
C CYS D 462 -53.18 -60.23 -23.82
N GLY D 463 -52.71 -61.31 -24.46
CA GLY D 463 -51.29 -61.57 -24.56
C GLY D 463 -50.56 -60.70 -25.55
N PRO D 464 -49.28 -60.99 -25.77
CA PRO D 464 -48.46 -60.17 -26.68
C PRO D 464 -48.82 -60.44 -28.13
N GLY D 465 -48.76 -59.37 -28.94
CA GLY D 465 -49.13 -59.44 -30.33
C GLY D 465 -50.57 -59.12 -30.63
N TRP D 466 -51.44 -59.10 -29.61
CA TRP D 466 -52.83 -58.75 -29.79
C TRP D 466 -53.04 -57.25 -29.54
N LEU D 467 -54.05 -56.69 -30.20
CA LEU D 467 -54.44 -55.30 -30.02
C LEU D 467 -55.84 -55.22 -29.43
N GLY D 468 -56.02 -54.29 -28.52
CA GLY D 468 -57.28 -54.10 -27.82
C GLY D 468 -57.20 -54.59 -26.39
N SER D 469 -58.03 -53.98 -25.53
CA SER D 469 -58.11 -54.40 -24.14
C SER D 469 -58.94 -55.67 -23.96
N GLN D 470 -59.83 -55.96 -24.90
CA GLN D 470 -60.63 -57.19 -24.87
C GLN D 470 -60.46 -58.01 -26.13
N CYS D 471 -59.53 -57.62 -27.02
CA CYS D 471 -59.19 -58.38 -28.20
C CYS D 471 -60.40 -58.62 -29.11
N GLU E 1 -3.38 25.86 -45.28
CA GLU E 1 -2.04 26.02 -45.83
C GLU E 1 -1.04 26.42 -44.76
N VAL E 2 0.19 25.90 -44.86
CA VAL E 2 1.23 26.13 -43.87
C VAL E 2 1.96 27.42 -44.22
N GLN E 3 2.20 28.26 -43.20
CA GLN E 3 2.95 29.50 -43.38
C GLN E 3 3.37 30.02 -42.01
N LEU E 4 4.65 30.37 -41.88
CA LEU E 4 5.22 30.84 -40.62
C LEU E 4 5.34 32.36 -40.66
N GLN E 5 4.71 33.03 -39.70
CA GLN E 5 4.69 34.48 -39.63
C GLN E 5 5.47 34.93 -38.40
N GLN E 6 6.50 35.72 -38.63
CA GLN E 6 7.41 36.19 -37.59
C GLN E 6 7.14 37.67 -37.28
N SER E 7 7.90 38.19 -36.33
CA SER E 7 7.78 39.59 -35.92
C SER E 7 8.49 40.51 -36.91
N GLY E 8 8.16 41.80 -36.82
CA GLY E 8 8.78 42.78 -37.68
C GLY E 8 10.23 43.05 -37.30
N ALA E 9 10.90 43.81 -38.16
CA ALA E 9 12.30 44.15 -37.96
C ALA E 9 12.50 44.80 -36.59
N GLU E 10 13.61 44.46 -35.94
CA GLU E 10 13.93 44.97 -34.62
C GLU E 10 15.26 45.72 -34.67
N LEU E 11 15.30 46.90 -34.06
CA LEU E 11 16.49 47.73 -33.99
C LEU E 11 16.72 48.11 -32.53
N VAL E 12 17.86 47.70 -31.99
CA VAL E 12 18.16 47.83 -30.56
C VAL E 12 19.63 48.21 -30.40
N LYS E 13 19.99 48.53 -29.17
CA LYS E 13 21.34 48.94 -28.80
C LYS E 13 22.09 47.80 -28.15
N PRO E 14 23.43 47.82 -28.20
CA PRO E 14 24.21 46.72 -27.62
C PRO E 14 23.93 46.54 -26.14
N GLY E 15 24.04 45.29 -25.69
CA GLY E 15 23.78 44.93 -24.32
C GLY E 15 22.32 44.77 -23.96
N ALA E 16 21.39 45.14 -24.84
CA ALA E 16 19.97 45.01 -24.57
C ALA E 16 19.52 43.58 -24.84
N SER E 17 18.22 43.35 -24.86
CA SER E 17 17.66 42.01 -25.07
C SER E 17 16.36 42.13 -25.85
N VAL E 18 16.30 41.48 -27.02
CA VAL E 18 15.13 41.48 -27.88
C VAL E 18 14.56 40.07 -27.92
N LYS E 19 13.23 39.97 -27.97
CA LYS E 19 12.52 38.70 -27.98
C LYS E 19 11.74 38.61 -29.29
N LEU E 20 12.26 37.83 -30.24
CA LEU E 20 11.61 37.65 -31.53
C LEU E 20 10.44 36.67 -31.41
N SER E 21 9.56 36.72 -32.42
CA SER E 21 8.33 35.94 -32.40
C SER E 21 8.19 35.18 -33.71
N CYS E 22 7.43 34.07 -33.64
CA CYS E 22 7.22 33.18 -34.78
C CYS E 22 5.84 32.53 -34.59
N THR E 23 4.82 33.19 -35.12
CA THR E 23 3.44 32.72 -34.98
C THR E 23 3.09 31.76 -36.12
N ALA E 24 2.37 30.70 -35.78
CA ALA E 24 1.94 29.71 -36.76
C ALA E 24 0.57 30.07 -37.31
N SER E 25 0.34 29.68 -38.57
CA SER E 25 -0.88 30.04 -39.29
C SER E 25 -1.32 28.87 -40.15
N GLY E 26 -2.54 28.37 -39.88
CA GLY E 26 -3.08 27.23 -40.61
C GLY E 26 -2.79 25.89 -39.99
N PHE E 27 -2.13 25.84 -38.83
CA PHE E 27 -1.81 24.59 -38.17
C PHE E 27 -1.48 24.89 -36.71
N ASN E 28 -1.56 23.86 -35.87
CA ASN E 28 -1.19 24.00 -34.47
C ASN E 28 0.32 23.86 -34.33
N ILE E 29 0.95 24.84 -33.66
CA ILE E 29 2.39 24.83 -33.48
C ILE E 29 2.85 23.60 -32.71
N LYS E 30 1.94 22.97 -31.96
CA LYS E 30 2.26 21.77 -31.20
C LYS E 30 2.64 20.60 -32.09
N ASP E 31 2.48 20.72 -33.40
CA ASP E 31 2.60 19.57 -34.29
C ASP E 31 4.04 19.07 -34.38
N THR E 32 4.99 19.98 -34.59
CA THR E 32 6.34 19.62 -34.99
C THR E 32 7.38 20.36 -34.17
N TYR E 33 8.63 19.94 -34.36
CA TYR E 33 9.77 20.74 -33.91
C TYR E 33 9.74 22.10 -34.58
N VAL E 34 10.34 23.08 -33.92
CA VAL E 34 10.50 24.42 -34.46
C VAL E 34 11.94 24.85 -34.22
N HIS E 35 12.70 25.02 -35.29
CA HIS E 35 14.10 25.42 -35.21
C HIS E 35 14.22 26.92 -35.47
N TRP E 36 15.35 27.49 -35.02
CA TRP E 36 15.72 28.87 -35.29
C TRP E 36 17.06 28.91 -36.02
N VAL E 37 17.16 29.80 -37.00
CA VAL E 37 18.32 29.88 -37.88
C VAL E 37 18.76 31.33 -38.04
N LYS E 38 20.07 31.56 -37.96
CA LYS E 38 20.69 32.87 -38.08
C LYS E 38 21.44 32.98 -39.41
N GLN E 39 21.29 34.12 -40.09
CA GLN E 39 21.90 34.31 -41.40
C GLN E 39 22.66 35.64 -41.42
N ARG E 40 23.95 35.57 -41.74
CA ARG E 40 24.82 36.72 -41.95
C ARG E 40 25.40 36.66 -43.35
N PRO E 41 25.80 37.82 -43.92
CA PRO E 41 26.31 37.79 -45.30
C PRO E 41 27.65 37.10 -45.46
N GLU E 42 28.59 37.29 -44.52
CA GLU E 42 29.91 36.69 -44.65
C GLU E 42 29.97 35.29 -44.05
N GLN E 43 29.53 35.13 -42.80
CA GLN E 43 29.64 33.85 -42.12
C GLN E 43 28.76 32.80 -42.76
N GLY E 44 27.47 33.12 -42.96
CA GLY E 44 26.54 32.21 -43.58
C GLY E 44 25.41 31.81 -42.64
N LEU E 45 24.86 30.62 -42.87
CA LEU E 45 23.74 30.11 -42.09
C LEU E 45 24.25 29.35 -40.88
N GLU E 46 23.62 29.60 -39.73
CA GLU E 46 23.99 28.96 -38.48
C GLU E 46 22.72 28.50 -37.75
N TRP E 47 22.75 27.25 -37.28
CA TRP E 47 21.63 26.65 -36.58
C TRP E 47 21.74 26.98 -35.09
N ILE E 48 20.71 27.64 -34.55
CA ILE E 48 20.74 28.06 -33.15
C ILE E 48 20.27 26.92 -32.25
N GLY E 49 19.10 26.37 -32.55
CA GLY E 49 18.52 25.34 -31.71
C GLY E 49 17.11 25.01 -32.17
N ARG E 50 16.43 24.21 -31.35
CA ARG E 50 15.07 23.76 -31.66
C ARG E 50 14.26 23.71 -30.37
N ILE E 51 12.97 23.40 -30.53
CA ILE E 51 12.09 23.23 -29.39
C ILE E 51 10.92 22.34 -29.82
N ASP E 52 10.42 21.54 -28.86
CA ASP E 52 9.21 20.76 -29.03
C ASP E 52 8.09 21.48 -28.29
N PRO E 53 7.22 22.21 -28.97
CA PRO E 53 6.17 22.97 -28.27
C PRO E 53 5.21 22.11 -27.47
N ALA E 54 5.17 20.81 -27.72
CA ALA E 54 4.27 19.91 -27.00
C ALA E 54 4.75 19.59 -25.59
N ASN E 55 5.91 20.10 -25.17
CA ASN E 55 6.44 19.78 -23.85
C ASN E 55 7.33 20.90 -23.32
N GLY E 56 8.05 21.57 -24.23
CA GLY E 56 8.95 22.64 -23.86
C GLY E 56 10.40 22.27 -23.72
N TYR E 57 10.79 21.05 -24.10
CA TYR E 57 12.19 20.64 -24.06
C TYR E 57 12.95 21.28 -25.23
N THR E 58 14.24 21.54 -25.01
CA THR E 58 15.02 22.33 -25.95
C THR E 58 16.39 21.69 -26.20
N LYS E 59 16.98 22.05 -27.35
CA LYS E 59 18.33 21.68 -27.73
C LYS E 59 18.99 22.92 -28.33
N TYR E 60 20.29 23.08 -28.08
CA TYR E 60 21.00 24.26 -28.54
C TYR E 60 22.38 23.88 -29.08
N ASP E 61 22.84 24.67 -30.05
CA ASP E 61 24.23 24.61 -30.45
C ASP E 61 25.08 25.27 -29.36
N PRO E 62 26.10 24.59 -28.84
CA PRO E 62 26.86 25.14 -27.70
C PRO E 62 27.42 26.53 -27.93
N LYS E 63 27.55 26.95 -29.19
CA LYS E 63 28.03 28.29 -29.48
C LYS E 63 27.09 29.36 -28.95
N PHE E 64 25.77 29.14 -29.07
CA PHE E 64 24.77 30.11 -28.66
C PHE E 64 24.31 29.91 -27.22
N GLN E 65 25.12 29.28 -26.38
CA GLN E 65 24.76 29.08 -24.99
C GLN E 65 24.79 30.40 -24.24
N GLY E 66 23.82 30.59 -23.36
CA GLY E 66 23.64 31.85 -22.66
C GLY E 66 22.99 32.94 -23.46
N LYS E 67 23.44 33.14 -24.71
CA LYS E 67 22.88 34.21 -25.54
C LYS E 67 21.46 33.87 -25.97
N ALA E 68 21.27 32.70 -26.58
CA ALA E 68 19.99 32.34 -27.17
C ALA E 68 19.13 31.54 -26.19
N THR E 69 17.83 31.82 -26.20
CA THR E 69 16.88 31.16 -25.30
C THR E 69 15.55 31.02 -26.04
N ILE E 70 15.16 29.79 -26.34
CA ILE E 70 13.96 29.51 -27.12
C ILE E 70 12.84 29.10 -26.18
N THR E 71 11.65 29.68 -26.37
CA THR E 71 10.47 29.36 -25.60
C THR E 71 9.28 29.25 -26.54
N ALA E 72 8.13 28.86 -25.99
CA ALA E 72 6.91 28.73 -26.78
C ALA E 72 5.71 28.72 -25.84
N ASP E 73 4.58 29.19 -26.37
CA ASP E 73 3.32 29.23 -25.65
C ASP E 73 2.23 28.68 -26.58
N THR E 74 1.70 27.50 -26.24
CA THR E 74 0.70 26.86 -27.10
C THR E 74 -0.58 27.69 -27.18
N SER E 75 -0.91 28.44 -26.13
CA SER E 75 -2.08 29.32 -26.17
C SER E 75 -1.94 30.35 -27.29
N SER E 76 -0.84 31.10 -27.29
CA SER E 76 -0.55 32.06 -28.35
C SER E 76 -0.33 31.40 -29.70
N ASN E 77 0.00 30.10 -29.71
CA ASN E 77 0.36 29.37 -30.93
C ASN E 77 1.59 29.98 -31.57
N THR E 78 2.60 30.27 -30.75
CA THR E 78 3.76 31.03 -31.19
C THR E 78 5.00 30.58 -30.41
N ALA E 79 6.13 30.49 -31.10
CA ALA E 79 7.42 30.19 -30.49
C ALA E 79 8.28 31.46 -30.48
N TYR E 80 9.07 31.61 -29.43
CA TYR E 80 9.86 32.81 -29.20
C TYR E 80 11.35 32.48 -29.18
N LEU E 81 12.15 33.45 -29.63
CA LEU E 81 13.61 33.40 -29.53
C LEU E 81 14.06 34.66 -28.81
N GLN E 82 14.42 34.51 -27.53
CA GLN E 82 14.90 35.62 -26.72
C GLN E 82 16.42 35.68 -26.80
N LEU E 83 16.94 36.79 -27.29
CA LEU E 83 18.37 37.03 -27.38
C LEU E 83 18.78 38.04 -26.33
N SER E 84 19.92 37.81 -25.69
CA SER E 84 20.38 38.64 -24.58
C SER E 84 21.85 38.98 -24.75
N SER E 85 22.25 40.12 -24.17
CA SER E 85 23.63 40.61 -24.18
C SER E 85 24.15 40.71 -25.62
N LEU E 86 23.50 41.59 -26.39
CA LEU E 86 23.72 41.66 -27.83
C LEU E 86 25.02 42.36 -28.16
N THR E 87 25.58 42.00 -29.31
CA THR E 87 26.76 42.64 -29.88
C THR E 87 26.46 43.01 -31.33
N SER E 88 27.46 43.58 -32.02
CA SER E 88 27.35 43.81 -33.45
C SER E 88 27.48 42.53 -34.26
N GLU E 89 28.13 41.50 -33.70
CA GLU E 89 28.20 40.19 -34.34
C GLU E 89 26.84 39.49 -34.34
N ASP E 90 25.93 39.91 -33.46
CA ASP E 90 24.57 39.39 -33.45
C ASP E 90 23.68 40.06 -34.49
N THR E 91 24.17 41.05 -35.21
CA THR E 91 23.42 41.67 -36.30
C THR E 91 23.27 40.65 -37.43
N ALA E 92 22.02 40.20 -37.66
CA ALA E 92 21.75 39.15 -38.63
C ALA E 92 20.26 39.07 -38.87
N VAL E 93 19.88 38.25 -39.85
CA VAL E 93 18.50 37.89 -40.10
C VAL E 93 18.21 36.55 -39.42
N TYR E 94 17.06 36.44 -38.79
CA TYR E 94 16.71 35.27 -37.99
C TYR E 94 15.39 34.67 -38.50
N TYR E 95 15.43 33.37 -38.78
CA TYR E 95 14.29 32.62 -39.31
C TYR E 95 13.87 31.54 -38.32
N CYS E 96 12.60 31.18 -38.37
CA CYS E 96 12.09 30.00 -37.69
C CYS E 96 11.66 28.97 -38.73
N VAL E 97 11.97 27.70 -38.45
CA VAL E 97 11.82 26.61 -39.43
C VAL E 97 11.08 25.45 -38.77
N ARG E 98 10.32 24.73 -39.58
CA ARG E 98 9.69 23.48 -39.19
C ARG E 98 9.69 22.55 -40.39
N PRO E 99 9.71 21.24 -40.15
CA PRO E 99 9.70 20.28 -41.26
C PRO E 99 8.31 20.10 -41.85
N LEU E 100 8.28 19.47 -43.03
CA LEU E 100 7.02 19.12 -43.69
C LEU E 100 6.59 17.72 -43.25
N TYR E 101 7.31 16.70 -43.71
CA TYR E 101 7.01 15.31 -43.36
C TYR E 101 8.07 14.76 -42.41
N ASP E 102 9.31 14.60 -42.88
CA ASP E 102 10.40 14.07 -42.07
C ASP E 102 10.56 14.86 -40.78
N TYR E 103 10.46 14.16 -39.65
CA TYR E 103 10.56 14.79 -38.33
C TYR E 103 11.76 15.71 -38.22
N TYR E 104 12.87 15.34 -38.86
CA TYR E 104 14.16 15.97 -38.64
C TYR E 104 14.57 16.92 -39.75
N ALA E 105 13.69 17.20 -40.71
CA ALA E 105 14.05 18.00 -41.86
C ALA E 105 13.82 19.49 -41.60
N MET E 106 14.26 20.30 -42.56
CA MET E 106 14.12 21.76 -42.52
C MET E 106 13.51 22.19 -43.85
N ASP E 107 12.21 22.41 -43.88
CA ASP E 107 11.55 22.60 -45.16
C ASP E 107 10.70 23.87 -45.23
N TYR E 108 9.98 24.22 -44.16
CA TYR E 108 9.12 25.40 -44.15
C TYR E 108 9.79 26.52 -43.36
N TRP E 109 9.93 27.68 -43.99
CA TRP E 109 10.64 28.81 -43.42
C TRP E 109 9.75 30.03 -43.36
N GLY E 110 9.95 30.84 -42.32
CA GLY E 110 9.30 32.14 -42.22
C GLY E 110 9.95 33.14 -43.16
N GLN E 111 9.42 34.38 -43.11
CA GLN E 111 9.95 35.43 -43.95
C GLN E 111 11.25 36.02 -43.40
N GLY E 112 11.50 35.86 -42.11
CA GLY E 112 12.73 36.34 -41.51
C GLY E 112 12.62 37.71 -40.87
N THR E 113 13.24 37.85 -39.71
CA THR E 113 13.28 39.12 -38.98
C THR E 113 14.72 39.62 -38.97
N SER E 114 14.94 40.82 -39.52
CA SER E 114 16.24 41.45 -39.45
C SER E 114 16.40 42.11 -38.09
N VAL E 115 17.53 41.85 -37.44
CA VAL E 115 17.85 42.42 -36.13
C VAL E 115 19.15 43.21 -36.27
N THR E 116 19.07 44.51 -36.06
CA THR E 116 20.20 45.41 -36.19
C THR E 116 20.56 45.96 -34.81
N VAL E 117 21.82 45.78 -34.41
CA VAL E 117 22.32 46.25 -33.13
C VAL E 117 23.28 47.40 -33.41
N SER E 118 23.02 48.56 -32.81
CA SER E 118 23.84 49.74 -33.05
C SER E 118 23.61 50.74 -31.93
N SER E 119 24.64 51.56 -31.67
CA SER E 119 24.56 52.57 -30.62
C SER E 119 24.04 53.90 -31.12
N ALA E 120 24.19 54.18 -32.41
CA ALA E 120 23.86 55.50 -32.95
C ALA E 120 22.36 55.76 -32.87
N LYS E 121 22.02 57.03 -32.67
CA LYS E 121 20.64 57.48 -32.62
C LYS E 121 20.17 57.85 -34.01
N THR E 122 18.92 58.33 -34.11
CA THR E 122 18.37 58.73 -35.40
C THR E 122 19.20 59.85 -35.99
N THR E 123 19.55 59.72 -37.27
CA THR E 123 20.43 60.69 -37.92
C THR E 123 19.98 60.87 -39.37
N ALA E 124 19.89 62.14 -39.80
CA ALA E 124 19.46 62.52 -41.15
C ALA E 124 20.68 62.61 -42.08
N PRO E 125 20.51 62.18 -43.33
CA PRO E 125 21.67 62.06 -44.23
C PRO E 125 22.08 63.39 -44.85
N SER E 126 23.35 63.43 -45.25
CA SER E 126 23.91 64.51 -46.05
C SER E 126 23.78 64.17 -47.53
N VAL E 127 23.91 65.20 -48.38
CA VAL E 127 23.82 65.04 -49.82
C VAL E 127 24.90 65.88 -50.48
N TYR E 128 25.72 65.25 -51.32
CA TYR E 128 26.82 65.91 -52.01
C TYR E 128 26.76 65.59 -53.49
N PRO E 129 26.80 66.61 -54.36
CA PRO E 129 26.78 66.37 -55.81
C PRO E 129 28.15 66.06 -56.38
N LEU E 130 28.15 65.22 -57.41
CA LEU E 130 29.37 64.73 -58.03
C LEU E 130 29.32 64.98 -59.54
N ALA E 131 30.21 65.84 -60.02
CA ALA E 131 30.33 66.20 -61.42
C ALA E 131 31.72 65.83 -61.93
N PRO E 132 31.88 65.68 -63.25
CA PRO E 132 33.19 65.29 -63.80
C PRO E 132 34.27 66.31 -63.49
N VAL E 133 35.51 65.89 -63.73
CA VAL E 133 36.68 66.73 -63.51
C VAL E 133 36.82 67.72 -64.66
N CYS E 134 37.40 68.88 -64.37
CA CYS E 134 37.66 69.89 -65.39
C CYS E 134 38.55 69.38 -66.51
N SER E 140 30.85 61.64 -76.00
CA SER E 140 29.55 61.21 -76.51
C SER E 140 28.60 60.80 -75.38
N SER E 141 29.13 60.70 -74.16
CA SER E 141 28.33 60.31 -73.00
C SER E 141 29.01 60.83 -71.74
N VAL E 142 28.27 60.78 -70.63
CA VAL E 142 28.70 61.37 -69.37
C VAL E 142 27.97 60.68 -68.22
N THR E 143 28.65 60.59 -67.08
CA THR E 143 28.12 59.94 -65.88
C THR E 143 28.19 60.91 -64.70
N LEU E 144 27.11 61.02 -63.93
CA LEU E 144 27.01 61.89 -62.78
C LEU E 144 27.11 61.07 -61.48
N GLY E 145 26.87 61.73 -60.35
CA GLY E 145 26.97 61.07 -59.05
C GLY E 145 26.25 61.84 -57.99
N CYS E 146 25.78 61.11 -56.96
CA CYS E 146 24.99 61.70 -55.87
C CYS E 146 25.28 60.90 -54.59
N LEU E 147 26.31 61.33 -53.87
CA LEU E 147 26.69 60.68 -52.63
C LEU E 147 25.77 61.09 -51.49
N VAL E 148 25.52 60.16 -50.58
CA VAL E 148 24.67 60.37 -49.41
C VAL E 148 25.32 59.66 -48.24
N LYS E 149 25.56 60.39 -47.14
CA LYS E 149 26.35 59.84 -46.05
C LYS E 149 25.89 60.40 -44.71
N GLY E 150 26.02 59.58 -43.67
CA GLY E 150 25.73 60.00 -42.31
C GLY E 150 24.27 59.92 -41.95
N TYR E 151 23.74 58.70 -41.83
CA TYR E 151 22.32 58.54 -41.49
C TYR E 151 22.11 57.20 -40.82
N PHE E 152 21.02 57.10 -40.08
CA PHE E 152 20.63 55.92 -39.33
C PHE E 152 19.21 56.08 -38.84
N PRO E 153 18.36 55.04 -38.93
CA PRO E 153 18.67 53.73 -39.52
C PRO E 153 18.36 53.62 -41.01
N GLU E 154 18.29 52.38 -41.51
CA GLU E 154 17.89 52.09 -42.87
C GLU E 154 16.37 52.04 -42.98
N PRO E 155 15.81 52.28 -44.18
CA PRO E 155 16.44 52.60 -45.46
C PRO E 155 16.24 54.04 -45.95
N VAL E 156 16.53 54.28 -47.23
CA VAL E 156 16.38 55.59 -47.85
C VAL E 156 15.87 55.40 -49.28
N THR E 157 15.41 56.49 -49.88
CA THR E 157 14.84 56.48 -51.23
C THR E 157 15.55 57.54 -52.07
N LEU E 158 16.44 57.09 -52.96
CA LEU E 158 17.14 57.98 -53.86
C LEU E 158 16.50 57.92 -55.24
N THR E 159 16.20 59.09 -55.80
CA THR E 159 15.63 59.21 -57.14
C THR E 159 16.33 60.35 -57.86
N TRP E 160 16.17 60.40 -59.18
CA TRP E 160 16.74 61.45 -60.01
C TRP E 160 15.61 62.25 -60.65
N ASN E 161 15.62 63.56 -60.41
CA ASN E 161 14.54 64.45 -60.84
C ASN E 161 13.18 63.93 -60.36
N SER E 162 13.16 63.55 -59.08
CA SER E 162 11.96 63.08 -58.38
C SER E 162 11.31 61.90 -59.12
N GLY E 163 12.12 60.85 -59.31
CA GLY E 163 11.68 59.64 -59.96
C GLY E 163 11.54 59.72 -61.47
N SER E 164 11.98 60.82 -62.09
CA SER E 164 11.86 61.01 -63.53
C SER E 164 12.57 59.90 -64.29
N LEU E 165 13.89 60.04 -64.46
CA LEU E 165 14.68 59.02 -65.12
C LEU E 165 14.99 57.89 -64.15
N SER E 166 14.69 56.66 -64.58
CA SER E 166 15.08 55.46 -63.86
C SER E 166 15.94 54.54 -64.70
N SER E 167 15.76 54.53 -66.02
CA SER E 167 16.56 53.72 -66.93
C SER E 167 18.01 54.15 -66.88
N GLY E 168 18.89 53.26 -66.40
CA GLY E 168 20.30 53.54 -66.31
C GLY E 168 20.70 54.21 -65.00
N VAL E 169 20.16 53.71 -63.89
CA VAL E 169 20.44 54.26 -62.56
C VAL E 169 20.91 53.10 -61.70
N HIS E 170 22.22 53.04 -61.42
CA HIS E 170 22.82 52.00 -60.59
C HIS E 170 22.94 52.54 -59.17
N THR E 171 21.89 52.32 -58.38
CA THR E 171 21.92 52.69 -56.97
C THR E 171 22.56 51.55 -56.17
N PHE E 172 23.60 51.89 -55.39
CA PHE E 172 24.40 50.89 -54.69
C PHE E 172 23.88 50.67 -53.27
N PRO E 173 24.07 49.46 -52.74
CA PRO E 173 23.58 49.16 -51.39
C PRO E 173 24.30 49.98 -50.32
N ALA E 174 23.57 50.25 -49.24
CA ALA E 174 24.13 51.00 -48.13
C ALA E 174 25.16 50.18 -47.38
N VAL E 175 26.29 50.81 -47.04
CA VAL E 175 27.39 50.17 -46.34
C VAL E 175 27.48 50.76 -44.94
N LEU E 176 27.72 49.90 -43.95
CA LEU E 176 27.89 50.32 -42.57
C LEU E 176 29.27 50.94 -42.37
N GLN E 177 29.31 52.07 -41.67
CA GLN E 177 30.56 52.81 -41.42
C GLN E 177 30.47 53.44 -40.03
N SER E 178 30.98 52.72 -39.03
CA SER E 178 31.00 53.16 -37.63
C SER E 178 29.63 53.63 -37.18
N ASP E 179 28.68 52.69 -37.19
CA ASP E 179 27.30 52.89 -36.73
C ASP E 179 26.54 53.90 -37.58
N LEU E 180 27.02 54.21 -38.78
CA LEU E 180 26.35 55.11 -39.70
C LEU E 180 26.57 54.64 -41.13
N TYR E 181 25.53 54.75 -41.96
CA TYR E 181 25.56 54.17 -43.30
C TYR E 181 26.04 55.18 -44.35
N THR E 182 26.37 54.66 -45.54
CA THR E 182 26.87 55.49 -46.64
C THR E 182 26.39 54.87 -47.95
N LEU E 183 25.38 55.49 -48.56
CA LEU E 183 24.83 55.04 -49.84
C LEU E 183 25.26 55.97 -50.97
N SER E 184 25.39 55.40 -52.16
CA SER E 184 25.79 56.17 -53.34
C SER E 184 25.04 55.65 -54.56
N SER E 185 24.83 56.53 -55.54
CA SER E 185 24.11 56.19 -56.76
C SER E 185 24.76 56.89 -57.94
N SER E 186 24.31 56.53 -59.14
CA SER E 186 24.87 57.07 -60.37
C SER E 186 23.82 57.02 -61.47
N VAL E 187 24.11 57.72 -62.56
CA VAL E 187 23.21 57.79 -63.72
C VAL E 187 24.04 58.23 -64.91
N THR E 188 23.67 57.73 -66.10
CA THR E 188 24.40 57.99 -67.33
C THR E 188 23.45 58.51 -68.41
N VAL E 189 23.89 59.54 -69.13
CA VAL E 189 23.16 60.13 -70.24
C VAL E 189 24.15 60.49 -71.33
N THR E 190 23.64 61.11 -72.40
CA THR E 190 24.49 61.54 -73.51
C THR E 190 25.05 62.93 -73.24
N SER E 191 25.89 63.42 -74.16
CA SER E 191 26.46 64.75 -74.05
C SER E 191 25.44 65.85 -74.35
N SER E 192 24.34 65.52 -75.02
CA SER E 192 23.29 66.48 -75.35
C SER E 192 22.16 66.49 -74.34
N THR E 193 22.43 66.07 -73.10
CA THR E 193 21.45 66.12 -72.01
C THR E 193 21.94 66.93 -70.82
N TRP E 194 23.26 67.01 -70.60
CA TRP E 194 23.85 67.72 -69.49
C TRP E 194 25.22 68.25 -69.92
N PRO E 195 25.52 69.54 -69.68
CA PRO E 195 24.68 70.51 -68.99
C PRO E 195 23.73 71.29 -69.92
N SER E 196 22.97 70.58 -70.75
CA SER E 196 21.96 71.21 -71.59
C SER E 196 20.59 71.22 -70.93
N GLN E 197 20.40 70.45 -69.86
CA GLN E 197 19.16 70.41 -69.10
C GLN E 197 19.49 70.34 -67.62
N SER E 198 18.63 70.93 -66.80
CA SER E 198 18.84 70.96 -65.36
C SER E 198 18.56 69.59 -64.75
N ILE E 199 19.47 69.14 -63.88
CA ILE E 199 19.39 67.82 -63.28
C ILE E 199 19.71 67.93 -61.79
N THR E 200 18.85 67.37 -60.95
CA THR E 200 19.00 67.41 -59.49
C THR E 200 18.69 66.03 -58.92
N CYS E 201 19.49 65.62 -57.93
CA CYS E 201 19.34 64.31 -57.29
C CYS E 201 18.45 64.44 -56.05
N ASN E 202 17.33 63.70 -56.04
CA ASN E 202 16.41 63.71 -54.90
C ASN E 202 16.74 62.57 -53.94
N VAL E 203 16.62 62.85 -52.64
CA VAL E 203 16.92 61.91 -51.57
C VAL E 203 15.82 62.03 -50.52
N ALA E 204 15.54 60.92 -49.83
CA ALA E 204 14.52 60.92 -48.79
C ALA E 204 14.87 59.89 -47.72
N HIS E 205 14.68 60.28 -46.47
CA HIS E 205 14.96 59.40 -45.31
C HIS E 205 13.73 59.36 -44.42
N PRO E 206 12.90 58.31 -44.52
CA PRO E 206 11.66 58.28 -43.74
C PRO E 206 11.86 58.35 -42.23
N ALA E 207 13.03 57.95 -41.73
CA ALA E 207 13.25 57.91 -40.29
C ALA E 207 13.18 59.31 -39.67
N SER E 208 13.99 60.23 -40.17
CA SER E 208 14.01 61.61 -39.69
C SER E 208 13.04 62.50 -40.46
N SER E 209 12.35 61.95 -41.46
CA SER E 209 11.33 62.66 -42.23
C SER E 209 11.91 63.85 -42.99
N THR E 210 12.87 63.60 -43.88
CA THR E 210 13.53 64.63 -44.66
C THR E 210 13.50 64.26 -46.14
N LYS E 211 13.52 65.29 -46.99
CA LYS E 211 13.39 65.11 -48.44
C LYS E 211 14.29 66.11 -49.18
N VAL E 212 15.56 66.17 -48.78
CA VAL E 212 16.49 67.15 -49.35
C VAL E 212 17.04 66.66 -50.70
N ASP E 213 17.68 67.57 -51.44
CA ASP E 213 18.18 67.27 -52.77
C ASP E 213 19.21 68.34 -53.15
N LYS E 214 20.20 67.93 -53.94
CA LYS E 214 21.28 68.81 -54.38
C LYS E 214 21.39 68.78 -55.89
N LYS E 215 21.41 69.97 -56.50
CA LYS E 215 21.47 70.10 -57.96
C LYS E 215 22.92 69.92 -58.44
N ILE E 216 23.10 69.11 -59.48
CA ILE E 216 24.43 68.87 -60.03
C ILE E 216 24.87 70.08 -60.83
N GLU E 217 26.13 70.49 -60.63
CA GLU E 217 26.72 71.66 -61.26
C GLU E 217 28.02 71.27 -61.94
N PRO E 218 28.24 71.72 -63.17
CA PRO E 218 29.52 71.44 -63.84
C PRO E 218 30.68 72.11 -63.13
N ARG E 219 31.86 71.52 -63.30
CA ARG E 219 33.07 72.07 -62.72
C ARG E 219 33.86 72.86 -63.76
N ASP F 1 31.22 19.07 -34.64
CA ASP F 1 30.22 19.43 -35.64
C ASP F 1 30.63 18.88 -37.01
N ILE F 2 29.64 18.64 -37.87
CA ILE F 2 29.87 18.14 -39.21
C ILE F 2 30.07 19.32 -40.15
N LEU F 3 31.07 19.24 -41.01
CA LEU F 3 31.40 20.31 -41.95
C LEU F 3 30.82 19.99 -43.32
N MET F 4 30.07 20.92 -43.88
CA MET F 4 29.42 20.77 -45.17
C MET F 4 30.14 21.67 -46.18
N THR F 5 30.78 21.05 -47.16
CA THR F 5 31.54 21.76 -48.18
C THR F 5 30.71 21.83 -49.45
N GLN F 6 30.15 23.00 -49.74
CA GLN F 6 29.33 23.21 -50.92
C GLN F 6 30.18 23.86 -52.01
N SER F 7 30.16 23.26 -53.20
CA SER F 7 30.91 23.75 -54.35
C SER F 7 30.06 23.60 -55.60
N PRO F 8 30.20 24.52 -56.57
CA PRO F 8 31.07 25.69 -56.54
C PRO F 8 30.50 26.85 -55.73
N SER F 9 31.33 27.83 -55.39
CA SER F 9 30.82 29.02 -54.70
C SER F 9 29.89 29.81 -55.61
N SER F 10 30.16 29.81 -56.91
CA SER F 10 29.32 30.50 -57.88
C SER F 10 29.62 29.94 -59.27
N MET F 11 28.60 29.95 -60.12
CA MET F 11 28.74 29.49 -61.50
C MET F 11 27.93 30.39 -62.42
N SER F 12 28.50 30.68 -63.58
CA SER F 12 27.84 31.47 -64.61
C SER F 12 27.28 30.51 -65.66
N VAL F 13 25.96 30.51 -65.81
CA VAL F 13 25.25 29.60 -66.69
C VAL F 13 24.10 30.35 -67.36
N SER F 14 23.38 29.67 -68.25
CA SER F 14 22.33 30.27 -69.05
C SER F 14 21.05 29.44 -68.93
N LEU F 15 19.99 29.95 -69.55
CA LEU F 15 18.71 29.24 -69.57
C LEU F 15 18.80 27.98 -70.42
N GLY F 16 17.99 26.98 -70.05
CA GLY F 16 17.98 25.70 -70.72
C GLY F 16 19.15 24.80 -70.42
N ASP F 17 20.12 25.25 -69.63
CA ASP F 17 21.26 24.43 -69.28
C ASP F 17 20.89 23.46 -68.16
N THR F 18 21.65 22.37 -68.07
CA THR F 18 21.48 21.35 -67.05
C THR F 18 22.69 21.40 -66.13
N VAL F 19 22.48 21.85 -64.90
CA VAL F 19 23.55 22.12 -63.96
C VAL F 19 23.43 21.18 -62.76
N SER F 20 24.50 21.13 -61.96
CA SER F 20 24.55 20.24 -60.81
C SER F 20 25.44 20.86 -59.73
N ILE F 21 24.91 20.93 -58.50
CA ILE F 21 25.65 21.41 -57.34
C ILE F 21 26.03 20.22 -56.48
N THR F 22 27.24 20.24 -55.94
CA THR F 22 27.73 19.18 -55.06
C THR F 22 27.83 19.69 -53.63
N CYS F 23 27.79 18.73 -52.70
CA CYS F 23 27.84 19.02 -51.26
C CYS F 23 28.58 17.87 -50.59
N HIS F 24 29.67 18.18 -49.90
CA HIS F 24 30.52 17.17 -49.28
C HIS F 24 30.48 17.32 -47.77
N ALA F 25 30.19 16.23 -47.07
CA ALA F 25 30.19 16.20 -45.61
C ALA F 25 31.47 15.56 -45.10
N SER F 26 31.90 15.99 -43.92
CA SER F 26 33.11 15.45 -43.31
C SER F 26 32.98 13.99 -42.90
N GLN F 27 31.79 13.41 -43.00
CA GLN F 27 31.56 12.01 -42.67
C GLN F 27 30.30 11.55 -43.39
N GLY F 28 30.08 10.24 -43.39
CA GLY F 28 28.85 9.72 -43.96
C GLY F 28 27.64 10.19 -43.17
N ILE F 29 26.57 10.55 -43.89
CA ILE F 29 25.34 10.99 -43.26
C ILE F 29 24.12 10.18 -43.68
N SER F 30 24.27 9.24 -44.61
CA SER F 30 23.22 8.29 -44.98
C SER F 30 21.95 9.01 -45.40
N SER F 31 22.09 9.87 -46.41
CA SER F 31 20.97 10.55 -47.07
C SER F 31 20.20 11.47 -46.14
N ASN F 32 20.77 11.86 -45.01
CA ASN F 32 20.09 12.74 -44.06
C ASN F 32 20.33 14.22 -44.39
N ILE F 33 20.08 14.59 -45.63
CA ILE F 33 20.48 15.90 -46.16
C ILE F 33 19.25 16.58 -46.76
N GLY F 34 19.27 17.91 -46.74
CA GLY F 34 18.22 18.70 -47.35
C GLY F 34 18.82 19.81 -48.20
N TRP F 35 18.01 20.30 -49.14
CA TRP F 35 18.39 21.37 -50.04
C TRP F 35 17.41 22.53 -49.94
N LEU F 36 17.90 23.74 -50.18
CA LEU F 36 17.13 24.95 -49.96
C LEU F 36 17.36 25.92 -51.12
N GLN F 37 16.46 26.91 -51.23
CA GLN F 37 16.54 27.94 -52.24
C GLN F 37 16.18 29.28 -51.62
N GLN F 38 16.93 30.33 -52.00
CA GLN F 38 16.67 31.69 -51.54
C GLN F 38 16.64 32.62 -52.75
N LYS F 39 15.44 32.99 -53.18
CA LYS F 39 15.29 33.94 -54.27
C LYS F 39 15.72 35.33 -53.82
N PRO F 40 16.18 36.19 -54.76
CA PRO F 40 16.72 37.50 -54.37
C PRO F 40 15.81 38.33 -53.48
N GLY F 41 16.28 38.65 -52.28
CA GLY F 41 15.54 39.44 -51.33
C GLY F 41 14.41 38.72 -50.63
N LYS F 42 14.00 37.57 -51.13
CA LYS F 42 12.92 36.80 -50.52
C LYS F 42 13.49 35.82 -49.49
N SER F 43 12.61 35.03 -48.88
CA SER F 43 13.00 34.13 -47.83
C SER F 43 13.38 32.76 -48.43
N PHE F 44 13.31 31.70 -47.64
CA PHE F 44 13.73 30.37 -48.04
C PHE F 44 12.53 29.50 -48.42
N MET F 45 12.77 28.61 -49.37
CA MET F 45 11.81 27.58 -49.77
C MET F 45 12.52 26.23 -49.79
N GLY F 46 11.86 25.22 -49.23
CA GLY F 46 12.42 23.89 -49.23
C GLY F 46 12.36 23.27 -50.62
N LEU F 47 13.43 22.54 -50.96
CA LEU F 47 13.50 21.81 -52.23
C LEU F 47 13.51 20.30 -52.04
N ILE F 48 14.43 19.80 -51.21
CA ILE F 48 14.64 18.38 -51.01
C ILE F 48 14.64 18.09 -49.51
N TYR F 49 14.24 16.87 -49.16
CA TYR F 49 14.47 16.35 -47.82
C TYR F 49 14.81 14.87 -47.94
N TYR F 50 15.71 14.43 -47.05
CA TYR F 50 16.25 13.07 -47.08
C TYR F 50 16.84 12.72 -48.45
N GLY F 51 17.57 13.65 -49.02
CA GLY F 51 18.39 13.38 -50.20
C GLY F 51 17.79 13.42 -51.60
N THR F 52 16.69 12.69 -51.81
CA THR F 52 16.12 12.55 -53.15
C THR F 52 14.66 12.98 -53.25
N ASN F 53 13.94 13.12 -52.15
CA ASN F 53 12.50 13.34 -52.18
C ASN F 53 12.19 14.82 -52.39
N LEU F 54 11.42 15.13 -53.42
CA LEU F 54 10.99 16.49 -53.67
C LEU F 54 9.95 16.92 -52.63
N VAL F 55 9.99 18.21 -52.28
CA VAL F 55 8.98 18.80 -51.41
C VAL F 55 7.73 19.10 -52.24
N ASP F 56 6.56 19.01 -51.59
CA ASP F 56 5.30 19.30 -52.26
C ASP F 56 5.31 20.71 -52.83
N GLY F 57 5.10 20.80 -54.15
CA GLY F 57 5.07 22.06 -54.86
C GLY F 57 6.28 22.32 -55.74
N VAL F 58 7.40 21.68 -55.44
CA VAL F 58 8.62 21.90 -56.23
C VAL F 58 8.45 21.30 -57.62
N PRO F 59 8.75 22.03 -58.69
CA PRO F 59 8.63 21.43 -60.03
C PRO F 59 9.53 20.22 -60.18
N SER F 60 9.14 19.33 -61.09
CA SER F 60 9.83 18.05 -61.27
C SER F 60 11.20 18.20 -61.90
N ARG F 61 11.56 19.37 -62.41
CA ARG F 61 12.89 19.55 -63.00
C ARG F 61 14.01 19.52 -61.98
N PHE F 62 13.70 19.63 -60.69
CA PHE F 62 14.67 19.44 -59.63
C PHE F 62 14.80 17.96 -59.28
N SER F 63 15.95 17.58 -58.73
CA SER F 63 16.19 16.19 -58.37
C SER F 63 17.42 16.11 -57.48
N GLY F 64 17.35 15.24 -56.47
CA GLY F 64 18.49 14.98 -55.62
C GLY F 64 19.04 13.57 -55.79
N SER F 65 20.28 13.36 -55.37
CA SER F 65 20.93 12.05 -55.54
C SER F 65 22.21 12.04 -54.70
N GLY F 66 22.81 10.86 -54.60
CA GLY F 66 24.05 10.67 -53.88
C GLY F 66 23.89 9.70 -52.72
N SER F 67 25.02 9.43 -52.08
CA SER F 67 25.04 8.58 -50.89
C SER F 67 26.34 8.82 -50.13
N GLY F 68 26.42 8.22 -48.94
CA GLY F 68 27.60 8.34 -48.10
C GLY F 68 27.86 9.74 -47.61
N ALA F 69 28.90 10.38 -48.14
CA ALA F 69 29.25 11.75 -47.79
C ALA F 69 29.40 12.64 -49.02
N ASP F 70 28.78 12.26 -50.13
CA ASP F 70 28.83 13.05 -51.36
C ASP F 70 27.46 12.99 -52.03
N TYR F 71 26.86 14.16 -52.25
CA TYR F 71 25.48 14.26 -52.74
C TYR F 71 25.41 15.37 -53.78
N SER F 72 24.36 15.32 -54.61
CA SER F 72 24.24 16.22 -55.75
C SER F 72 22.80 16.65 -55.95
N LEU F 73 22.60 17.97 -56.02
CA LEU F 73 21.36 18.55 -56.51
C LEU F 73 21.52 18.86 -58.00
N THR F 74 20.41 18.75 -58.74
CA THR F 74 20.47 18.86 -60.20
C THR F 74 19.21 19.55 -60.72
N ILE F 75 19.40 20.54 -61.59
CA ILE F 75 18.32 21.26 -62.25
C ILE F 75 18.48 21.09 -63.74
N SER F 76 17.48 20.49 -64.38
CA SER F 76 17.44 20.33 -65.83
C SER F 76 16.56 21.41 -66.43
N SER F 77 17.06 22.06 -67.49
CA SER F 77 16.35 23.14 -68.18
C SER F 77 16.06 24.29 -67.22
N LEU F 78 17.06 25.12 -66.95
CA LEU F 78 16.90 26.23 -66.00
C LEU F 78 15.80 27.17 -66.45
N ASP F 79 15.09 27.74 -65.47
CA ASP F 79 14.09 28.76 -65.69
C ASP F 79 14.56 30.06 -65.05
N SER F 80 13.94 31.17 -65.47
CA SER F 80 14.30 32.49 -64.94
C SER F 80 14.18 32.53 -63.42
N GLU F 81 13.20 31.81 -62.87
CA GLU F 81 13.03 31.79 -61.41
C GLU F 81 14.18 31.09 -60.71
N ASP F 82 14.81 30.13 -61.36
CA ASP F 82 15.83 29.30 -60.70
C ASP F 82 17.07 30.09 -60.32
N PHE F 83 17.33 31.23 -60.95
CA PHE F 83 18.48 32.06 -60.63
C PHE F 83 18.33 32.59 -59.22
N ALA F 84 19.02 31.96 -58.27
CA ALA F 84 18.94 32.34 -56.86
C ALA F 84 20.11 31.70 -56.12
N ASP F 85 20.07 31.75 -54.80
CA ASP F 85 21.04 31.08 -53.95
C ASP F 85 20.52 29.70 -53.56
N TYR F 86 21.45 28.82 -53.17
CA TYR F 86 21.12 27.45 -52.82
C TYR F 86 22.07 26.97 -51.74
N TYR F 87 21.53 26.23 -50.75
CA TYR F 87 22.30 25.74 -49.62
C TYR F 87 21.90 24.29 -49.31
N CYS F 88 22.90 23.46 -49.00
CA CYS F 88 22.68 22.11 -48.52
C CYS F 88 22.82 22.08 -46.99
N VAL F 89 21.98 21.29 -46.34
CA VAL F 89 21.96 21.20 -44.87
C VAL F 89 21.87 19.73 -44.48
N GLN F 90 22.62 19.36 -43.44
CA GLN F 90 22.59 18.02 -42.87
C GLN F 90 21.86 18.04 -41.53
N TYR F 91 21.18 16.94 -41.22
CA TYR F 91 20.58 16.74 -39.92
C TYR F 91 20.82 15.32 -39.41
N ALA F 92 21.95 14.73 -39.80
CA ALA F 92 22.33 13.43 -39.28
C ALA F 92 22.89 13.52 -37.87
N GLN F 93 23.36 14.69 -37.44
CA GLN F 93 23.84 14.90 -36.09
C GLN F 93 23.45 16.30 -35.62
N LEU F 94 23.29 16.43 -34.32
CA LEU F 94 23.19 17.78 -33.78
C LEU F 94 24.59 18.27 -33.41
N PRO F 95 24.90 19.55 -33.64
CA PRO F 95 24.03 20.58 -34.23
C PRO F 95 23.92 20.47 -35.75
N TYR F 96 22.78 20.90 -36.30
CA TYR F 96 22.63 20.97 -37.74
C TYR F 96 23.65 21.96 -38.32
N THR F 97 24.14 21.66 -39.52
CA THR F 97 25.15 22.50 -40.16
C THR F 97 24.81 22.68 -41.63
N PHE F 98 25.03 23.89 -42.13
CA PHE F 98 24.72 24.25 -43.51
C PHE F 98 26.00 24.29 -44.35
N GLY F 99 25.83 24.53 -45.65
CA GLY F 99 26.94 24.68 -46.56
C GLY F 99 27.26 26.15 -46.83
N GLY F 100 28.41 26.37 -47.46
CA GLY F 100 28.86 27.73 -47.74
C GLY F 100 27.91 28.52 -48.62
N GLY F 101 27.27 27.85 -49.56
CA GLY F 101 26.32 28.52 -50.43
C GLY F 101 26.80 28.53 -51.87
N THR F 102 25.84 28.58 -52.79
CA THR F 102 26.11 28.66 -54.22
C THR F 102 25.19 29.70 -54.84
N LYS F 103 25.76 30.55 -55.70
CA LYS F 103 25.03 31.60 -56.38
C LYS F 103 25.09 31.37 -57.88
N LEU F 104 23.94 31.14 -58.50
CA LEU F 104 23.84 30.95 -59.94
C LEU F 104 23.67 32.31 -60.62
N GLU F 105 24.55 32.60 -61.58
CA GLU F 105 24.57 33.88 -62.27
C GLU F 105 24.42 33.67 -63.77
N ILE F 106 23.92 34.71 -64.44
CA ILE F 106 23.62 34.62 -65.86
C ILE F 106 24.91 34.81 -66.66
N LYS F 107 25.20 33.84 -67.52
CA LYS F 107 26.36 33.94 -68.39
C LYS F 107 26.09 34.91 -69.53
N ARG F 108 27.11 35.65 -69.94
CA ARG F 108 26.99 36.62 -71.01
C ARG F 108 28.39 37.01 -71.47
N ALA F 109 28.45 37.93 -72.44
CA ALA F 109 29.72 38.38 -72.97
C ALA F 109 30.47 39.22 -71.94
N ASP F 110 31.79 39.14 -71.99
CA ASP F 110 32.63 39.92 -71.10
C ASP F 110 32.57 41.40 -71.47
N ALA F 111 32.40 42.25 -70.46
CA ALA F 111 32.26 43.68 -70.67
C ALA F 111 33.23 44.43 -69.76
N ALA F 112 33.98 45.38 -70.35
CA ALA F 112 34.91 46.19 -69.59
C ALA F 112 34.16 47.27 -68.80
N PRO F 113 34.65 47.63 -67.63
CA PRO F 113 33.94 48.60 -66.78
C PRO F 113 34.06 50.02 -67.31
N THR F 114 33.11 50.85 -66.91
CA THR F 114 33.10 52.28 -67.25
C THR F 114 33.52 53.06 -66.01
N VAL F 115 34.82 53.37 -65.94
CA VAL F 115 35.39 54.03 -64.76
C VAL F 115 35.04 55.51 -64.80
N SER F 116 34.79 56.09 -63.62
CA SER F 116 34.42 57.50 -63.54
C SER F 116 34.80 58.01 -62.15
N ILE F 117 35.84 58.87 -62.08
CA ILE F 117 36.32 59.43 -60.82
C ILE F 117 35.65 60.80 -60.60
N PHE F 118 35.39 61.11 -59.32
CA PHE F 118 34.74 62.37 -58.93
C PHE F 118 35.33 62.91 -57.64
N PRO F 119 35.89 64.13 -57.67
CA PRO F 119 36.48 64.72 -56.45
C PRO F 119 35.39 65.20 -55.51
N PRO F 120 35.76 65.61 -54.28
CA PRO F 120 34.74 66.04 -53.31
C PRO F 120 33.94 67.23 -53.81
N SER F 121 32.73 67.36 -53.28
CA SER F 121 31.85 68.47 -53.60
C SER F 121 32.23 69.69 -52.76
N SER F 122 31.45 70.76 -52.91
CA SER F 122 31.67 71.98 -52.14
C SER F 122 30.89 72.00 -50.84
N GLU F 123 29.73 71.35 -50.78
CA GLU F 123 28.96 71.25 -49.55
C GLU F 123 29.55 70.23 -48.59
N GLN F 124 30.49 69.39 -49.05
CA GLN F 124 31.18 68.40 -48.22
C GLN F 124 32.44 68.96 -47.57
N LEU F 125 33.33 69.57 -48.37
CA LEU F 125 34.54 70.18 -47.83
C LEU F 125 34.25 71.29 -46.82
N THR F 126 33.04 71.85 -46.84
CA THR F 126 32.65 72.86 -45.85
C THR F 126 32.39 72.28 -44.47
N SER F 127 32.05 70.99 -44.37
CA SER F 127 31.81 70.33 -43.09
C SER F 127 33.06 69.65 -42.53
N GLY F 128 34.25 70.02 -43.02
CA GLY F 128 35.48 69.43 -42.54
C GLY F 128 35.67 67.98 -42.89
N GLY F 129 35.45 67.63 -44.15
CA GLY F 129 35.61 66.26 -44.60
C GLY F 129 35.79 66.21 -46.10
N ALA F 130 35.97 65.00 -46.62
CA ALA F 130 36.21 64.79 -48.05
C ALA F 130 36.04 63.32 -48.38
N SER F 131 35.50 63.04 -49.57
CA SER F 131 35.30 61.68 -50.04
C SER F 131 35.43 61.65 -51.55
N VAL F 132 36.38 60.86 -52.05
CA VAL F 132 36.61 60.70 -53.48
C VAL F 132 35.90 59.44 -53.95
N VAL F 133 34.94 59.60 -54.85
CA VAL F 133 34.13 58.50 -55.35
C VAL F 133 34.68 58.06 -56.70
N CYS F 134 34.53 56.78 -57.01
CA CYS F 134 35.08 56.19 -58.24
C CYS F 134 34.15 55.05 -58.65
N PHE F 135 33.24 55.33 -59.59
CA PHE F 135 32.23 54.37 -60.02
C PHE F 135 32.76 53.46 -61.12
N LEU F 136 32.25 52.23 -61.14
CA LEU F 136 32.58 51.22 -62.16
C LEU F 136 31.28 50.52 -62.55
N ASN F 137 30.56 51.11 -63.50
CA ASN F 137 29.24 50.62 -63.88
C ASN F 137 29.31 49.64 -65.04
N ASN F 138 28.46 48.61 -64.99
CA ASN F 138 28.22 47.69 -66.10
C ASN F 138 29.48 46.98 -66.56
N PHE F 139 29.81 45.84 -65.94
CA PHE F 139 30.95 45.04 -66.36
C PHE F 139 30.65 43.57 -66.08
N TYR F 140 31.48 42.69 -66.64
CA TYR F 140 31.31 41.26 -66.47
C TYR F 140 32.61 40.55 -66.82
N PRO F 141 33.03 39.51 -66.06
CA PRO F 141 32.38 38.98 -64.85
C PRO F 141 32.51 39.87 -63.61
N LYS F 142 31.90 39.42 -62.51
CA LYS F 142 31.88 40.20 -61.28
C LYS F 142 33.28 40.37 -60.68
N ASP F 143 34.22 39.51 -61.04
CA ASP F 143 35.56 39.56 -60.48
C ASP F 143 36.28 40.85 -60.88
N ILE F 144 36.58 41.70 -59.90
CA ILE F 144 37.19 43.00 -60.16
C ILE F 144 37.93 43.43 -58.91
N ASN F 145 39.00 44.20 -59.10
CA ASN F 145 39.85 44.66 -58.01
C ASN F 145 40.14 46.14 -58.20
N VAL F 146 39.83 46.95 -57.18
CA VAL F 146 40.08 48.38 -57.19
C VAL F 146 41.30 48.68 -56.32
N LYS F 147 42.09 49.66 -56.72
CA LYS F 147 43.28 50.06 -55.99
C LYS F 147 43.38 51.58 -56.01
N TRP F 148 43.81 52.15 -54.88
CA TRP F 148 43.97 53.59 -54.73
C TRP F 148 45.44 53.93 -54.54
N LYS F 149 45.89 54.98 -55.24
CA LYS F 149 47.29 55.43 -55.20
C LYS F 149 47.33 56.94 -55.01
N ILE F 150 47.64 57.38 -53.78
CA ILE F 150 47.85 58.79 -53.50
C ILE F 150 49.28 59.13 -53.92
N ASP F 151 49.43 59.80 -55.07
CA ASP F 151 50.74 60.13 -55.63
C ASP F 151 51.59 58.87 -55.83
N GLY F 152 51.00 57.86 -56.47
CA GLY F 152 51.70 56.61 -56.71
C GLY F 152 51.72 55.66 -55.52
N SER F 153 51.71 56.22 -54.31
CA SER F 153 51.76 55.41 -53.10
C SER F 153 50.40 54.75 -52.86
N GLU F 154 50.40 53.43 -52.72
CA GLU F 154 49.15 52.70 -52.57
C GLU F 154 48.38 53.17 -51.34
N ARG F 155 47.07 52.98 -51.37
CA ARG F 155 46.19 53.36 -50.28
C ARG F 155 45.22 52.23 -50.00
N GLN F 156 45.20 51.77 -48.75
CA GLN F 156 44.26 50.74 -48.31
C GLN F 156 43.47 51.18 -47.08
N ASN F 157 43.60 52.43 -46.66
CA ASN F 157 43.03 52.92 -45.42
C ASN F 157 41.77 53.73 -45.69
N GLY F 158 40.71 53.47 -44.93
CA GLY F 158 39.50 54.26 -45.03
C GLY F 158 38.72 54.10 -46.31
N VAL F 159 38.77 52.91 -46.92
CA VAL F 159 38.08 52.64 -48.17
C VAL F 159 36.71 52.02 -47.87
N LEU F 160 35.71 52.37 -48.68
CA LEU F 160 34.35 51.87 -48.53
C LEU F 160 33.83 51.46 -49.90
N ASN F 161 33.67 50.16 -50.12
CA ASN F 161 33.22 49.62 -51.38
C ASN F 161 31.81 49.03 -51.25
N SER F 162 31.07 49.04 -52.36
CA SER F 162 29.74 48.47 -52.41
C SER F 162 29.46 47.93 -53.80
N TRP F 163 28.82 46.76 -53.85
CA TRP F 163 28.52 46.06 -55.09
C TRP F 163 27.02 45.96 -55.28
N THR F 164 26.56 46.10 -56.52
CA THR F 164 25.18 45.82 -56.88
C THR F 164 25.04 44.40 -57.41
N ASP F 165 23.87 43.81 -57.17
CA ASP F 165 23.56 42.51 -57.73
C ASP F 165 23.54 42.60 -59.26
N GLN F 166 23.60 41.43 -59.90
CA GLN F 166 23.55 41.37 -61.35
C GLN F 166 22.31 42.10 -61.86
N ASP F 167 22.53 43.17 -62.62
CA ASP F 167 21.44 44.04 -63.04
C ASP F 167 20.45 43.28 -63.92
N SER F 168 19.17 43.32 -63.54
CA SER F 168 18.14 42.61 -64.30
C SER F 168 17.99 43.16 -65.71
N LYS F 169 18.46 44.39 -65.96
CA LYS F 169 18.36 45.00 -67.28
C LYS F 169 19.26 44.28 -68.28
N ASP F 170 20.58 44.36 -68.09
CA ASP F 170 21.54 43.84 -69.06
C ASP F 170 22.50 42.81 -68.47
N SER F 171 22.22 42.30 -67.26
CA SER F 171 23.03 41.25 -66.63
C SER F 171 24.47 41.73 -66.41
N THR F 172 24.61 42.95 -65.89
CA THR F 172 25.91 43.55 -65.66
C THR F 172 26.02 44.02 -64.22
N TYR F 173 27.21 43.87 -63.64
CA TYR F 173 27.47 44.30 -62.29
C TYR F 173 28.08 45.70 -62.28
N SER F 174 27.90 46.39 -61.15
CA SER F 174 28.45 47.72 -60.96
C SER F 174 29.07 47.81 -59.57
N MET F 175 30.09 48.67 -59.45
CA MET F 175 30.86 48.77 -58.20
C MET F 175 31.04 50.23 -57.81
N SER F 176 31.02 50.49 -56.51
CA SER F 176 31.28 51.81 -55.93
C SER F 176 32.46 51.73 -54.97
N SER F 177 33.12 52.86 -54.78
CA SER F 177 34.32 52.91 -53.94
C SER F 177 34.51 54.34 -53.44
N THR F 178 34.55 54.51 -52.11
CA THR F 178 34.64 55.82 -51.48
C THR F 178 35.85 55.86 -50.55
N LEU F 179 36.85 56.65 -50.91
CA LEU F 179 38.05 56.84 -50.09
C LEU F 179 37.85 58.08 -49.24
N THR F 180 37.56 57.87 -47.95
CA THR F 180 37.17 58.93 -47.04
C THR F 180 38.34 59.34 -46.15
N LEU F 181 38.42 60.64 -45.87
CA LEU F 181 39.41 61.18 -44.93
C LEU F 181 39.00 62.61 -44.59
N THR F 182 39.81 63.26 -43.74
CA THR F 182 39.57 64.60 -43.26
C THR F 182 40.00 65.64 -44.31
N LYS F 183 39.42 66.84 -44.20
CA LYS F 183 39.78 67.95 -45.08
C LYS F 183 41.23 68.36 -44.90
N ASP F 184 41.77 68.25 -43.68
CA ASP F 184 43.16 68.63 -43.42
C ASP F 184 44.13 67.73 -44.17
N GLU F 185 43.82 66.43 -44.24
CA GLU F 185 44.68 65.47 -44.94
C GLU F 185 44.48 65.50 -46.45
N TYR F 186 43.30 65.90 -46.93
CA TYR F 186 43.07 65.99 -48.37
C TYR F 186 43.94 67.08 -48.99
N GLU F 187 43.98 68.28 -48.39
CA GLU F 187 44.82 69.37 -48.86
C GLU F 187 46.31 69.14 -48.60
N ARG F 188 46.77 67.90 -48.75
CA ARG F 188 48.19 67.53 -48.61
C ARG F 188 48.82 67.05 -49.90
N HIS F 189 48.01 66.61 -50.88
CA HIS F 189 48.53 66.08 -52.12
C HIS F 189 47.83 66.73 -53.32
N ASN F 190 48.07 66.19 -54.52
CA ASN F 190 47.48 66.74 -55.74
C ASN F 190 46.91 65.65 -56.64
N SER F 191 47.76 64.71 -57.07
CA SER F 191 47.33 63.65 -57.97
C SER F 191 46.74 62.50 -57.17
N TYR F 192 45.49 62.15 -57.48
CA TYR F 192 44.79 61.04 -56.83
C TYR F 192 44.37 60.04 -57.90
N THR F 193 44.90 58.83 -57.81
CA THR F 193 44.73 57.79 -58.82
C THR F 193 43.65 56.81 -58.39
N CYS F 194 43.03 56.16 -59.39
CA CYS F 194 41.98 55.15 -59.15
C CYS F 194 42.12 54.06 -60.23
N GLU F 195 42.82 52.98 -59.89
CA GLU F 195 43.05 51.87 -60.79
C GLU F 195 41.94 50.82 -60.67
N ALA F 196 41.96 49.85 -61.58
CA ALA F 196 40.93 48.81 -61.60
C ALA F 196 41.42 47.66 -62.47
N THR F 197 41.46 46.45 -61.88
CA THR F 197 41.92 45.26 -62.57
C THR F 197 40.73 44.42 -63.05
N HIS F 198 40.83 43.89 -64.27
CA HIS F 198 39.76 43.10 -64.86
C HIS F 198 40.36 42.12 -65.86
N LYS F 199 39.58 41.10 -66.22
CA LYS F 199 40.04 40.10 -67.18
C LYS F 199 39.92 40.56 -68.63
N THR F 200 39.03 41.52 -68.92
CA THR F 200 38.93 42.03 -70.28
C THR F 200 40.12 42.89 -70.65
N SER F 201 40.78 43.48 -69.66
CA SER F 201 41.90 44.40 -69.87
C SER F 201 43.16 43.81 -69.26
N THR F 202 44.15 43.54 -70.10
CA THR F 202 45.45 43.09 -69.60
C THR F 202 46.11 44.16 -68.75
N SER F 203 45.83 45.44 -69.03
CA SER F 203 46.36 46.58 -68.30
C SER F 203 45.28 47.20 -67.42
N PRO F 204 45.66 47.85 -66.32
CA PRO F 204 44.66 48.48 -65.44
C PRO F 204 44.21 49.84 -65.97
N ILE F 205 42.89 50.05 -65.97
CA ILE F 205 42.32 51.34 -66.35
C ILE F 205 42.52 52.34 -65.22
N VAL F 206 42.72 53.61 -65.57
CA VAL F 206 43.15 54.64 -64.63
C VAL F 206 42.31 55.91 -64.83
N LYS F 207 42.08 56.63 -63.73
CA LYS F 207 41.42 57.94 -63.78
C LYS F 207 42.04 58.81 -62.69
N SER F 208 42.72 59.89 -63.08
CA SER F 208 43.42 60.76 -62.16
C SER F 208 42.88 62.18 -62.26
N PHE F 209 43.35 63.05 -61.35
CA PHE F 209 43.00 64.46 -61.34
C PHE F 209 43.94 65.18 -60.37
N ASN F 210 44.07 66.50 -60.57
CA ASN F 210 44.84 67.37 -59.70
C ASN F 210 43.92 68.04 -58.68
N ARG F 211 44.41 68.18 -57.46
CA ARG F 211 43.61 68.75 -56.38
C ARG F 211 43.30 70.21 -56.67
N ASN F 212 42.01 70.55 -56.78
CA ASN F 212 41.55 71.91 -57.04
C ASN F 212 42.20 72.48 -58.29
N GLU F 213 41.74 72.05 -59.46
CA GLU F 213 42.39 72.43 -60.72
C GLU F 213 41.79 73.72 -61.30
N CYS F 214 40.50 73.70 -61.60
CA CYS F 214 39.83 74.88 -62.14
C CYS F 214 39.98 76.08 -61.22
N GLU G 1 -24.34 -11.21 37.37
CA GLU G 1 -23.85 -12.11 38.41
C GLU G 1 -23.17 -13.32 37.79
N VAL G 2 -22.23 -13.91 38.52
CA VAL G 2 -21.51 -15.09 38.05
C VAL G 2 -22.35 -16.33 38.32
N GLN G 3 -22.62 -17.10 37.28
CA GLN G 3 -23.37 -18.35 37.39
C GLN G 3 -22.85 -19.33 36.35
N LEU G 4 -22.57 -20.55 36.78
CA LEU G 4 -22.13 -21.63 35.91
C LEU G 4 -23.28 -22.63 35.79
N GLN G 5 -23.78 -22.81 34.57
CA GLN G 5 -24.93 -23.66 34.30
C GLN G 5 -24.45 -24.88 33.50
N GLN G 6 -24.39 -26.03 34.18
CA GLN G 6 -23.86 -27.23 33.57
C GLN G 6 -24.94 -27.97 32.79
N SER G 7 -24.55 -29.09 32.19
CA SER G 7 -25.50 -29.93 31.47
C SER G 7 -26.34 -30.75 32.46
N GLY G 8 -27.40 -31.36 31.94
CA GLY G 8 -28.22 -32.23 32.74
C GLY G 8 -27.55 -33.57 33.00
N ALA G 9 -28.12 -34.31 33.94
CA ALA G 9 -27.57 -35.61 34.31
C ALA G 9 -27.49 -36.54 33.11
N GLU G 10 -26.42 -37.31 33.04
CA GLU G 10 -26.19 -38.25 31.94
C GLU G 10 -26.37 -39.68 32.43
N LEU G 11 -26.86 -40.54 31.54
CA LEU G 11 -27.06 -41.96 31.80
C LEU G 11 -26.49 -42.73 30.63
N VAL G 12 -25.38 -43.44 30.87
CA VAL G 12 -24.62 -44.06 29.81
C VAL G 12 -24.13 -45.43 30.25
N LYS G 13 -23.68 -46.24 29.25
CA LYS G 13 -23.17 -47.60 29.37
C LYS G 13 -21.65 -47.61 29.46
N PRO G 14 -21.08 -48.62 30.10
CA PRO G 14 -19.62 -48.71 30.18
C PRO G 14 -18.98 -48.85 28.81
N GLY G 15 -17.70 -48.45 28.73
CA GLY G 15 -16.97 -48.41 27.49
C GLY G 15 -17.35 -47.30 26.54
N ALA G 16 -18.54 -46.71 26.68
CA ALA G 16 -18.96 -45.58 25.85
C ALA G 16 -18.26 -44.31 26.32
N SER G 17 -18.58 -43.19 25.67
CA SER G 17 -18.01 -41.90 26.02
C SER G 17 -19.12 -40.90 26.27
N VAL G 18 -18.81 -39.88 27.07
CA VAL G 18 -19.74 -38.81 27.41
C VAL G 18 -18.98 -37.50 27.38
N LYS G 19 -19.68 -36.41 27.11
CA LYS G 19 -19.08 -35.08 27.04
C LYS G 19 -19.99 -34.12 27.80
N LEU G 20 -19.52 -33.63 28.95
CA LEU G 20 -20.27 -32.70 29.77
C LEU G 20 -19.95 -31.26 29.37
N SER G 21 -20.86 -30.35 29.72
CA SER G 21 -20.72 -28.95 29.38
C SER G 21 -20.83 -28.08 30.62
N CYS G 22 -20.43 -26.82 30.47
CA CYS G 22 -20.40 -25.87 31.58
C CYS G 22 -20.49 -24.47 30.95
N THR G 23 -21.72 -23.98 30.82
CA THR G 23 -21.97 -22.69 30.17
C THR G 23 -21.84 -21.55 31.17
N ALA G 24 -21.17 -20.48 30.74
CA ALA G 24 -20.99 -19.30 31.58
C ALA G 24 -22.16 -18.35 31.42
N SER G 25 -22.58 -17.76 32.53
CA SER G 25 -23.75 -16.89 32.57
C SER G 25 -23.42 -15.62 33.34
N GLY G 26 -23.45 -14.49 32.65
CA GLY G 26 -23.18 -13.20 33.25
C GLY G 26 -21.75 -12.73 33.15
N PHE G 27 -20.93 -13.37 32.32
CA PHE G 27 -19.52 -13.02 32.19
C PHE G 27 -18.97 -13.79 30.98
N ASN G 28 -17.68 -13.62 30.72
CA ASN G 28 -17.00 -14.29 29.62
C ASN G 28 -16.19 -15.46 30.17
N ILE G 29 -16.41 -16.65 29.61
CA ILE G 29 -15.68 -17.84 30.06
C ILE G 29 -14.18 -17.64 29.91
N LYS G 30 -13.76 -16.83 28.94
CA LYS G 30 -12.36 -16.60 28.64
C LYS G 30 -11.63 -15.86 29.75
N ASP G 31 -12.33 -15.40 30.79
CA ASP G 31 -11.72 -14.50 31.76
C ASP G 31 -10.72 -15.21 32.66
N THR G 32 -11.07 -16.38 33.17
CA THR G 32 -10.25 -17.06 34.18
C THR G 32 -10.05 -18.53 33.81
N TYR G 33 -9.34 -19.24 34.67
CA TYR G 33 -9.20 -20.68 34.57
C TYR G 33 -10.55 -21.36 34.77
N VAL G 34 -10.67 -22.59 34.26
CA VAL G 34 -11.84 -23.43 34.47
C VAL G 34 -11.37 -24.81 34.89
N HIS G 35 -11.77 -25.24 36.09
CA HIS G 35 -11.40 -26.53 36.64
C HIS G 35 -12.58 -27.49 36.61
N TRP G 36 -12.27 -28.78 36.67
CA TRP G 36 -13.27 -29.84 36.80
C TRP G 36 -12.95 -30.67 38.03
N VAL G 37 -13.96 -30.96 38.85
CA VAL G 37 -13.80 -31.70 40.09
C VAL G 37 -14.79 -32.85 40.12
N LYS G 38 -14.32 -34.01 40.53
CA LYS G 38 -15.13 -35.22 40.65
C LYS G 38 -15.46 -35.46 42.12
N GLN G 39 -16.72 -35.80 42.40
CA GLN G 39 -17.16 -36.04 43.77
C GLN G 39 -17.84 -37.40 43.88
N ARG G 40 -17.42 -38.18 44.87
CA ARG G 40 -18.01 -39.45 45.23
C ARG G 40 -18.19 -39.51 46.75
N PRO G 41 -19.17 -40.27 47.24
CA PRO G 41 -19.40 -40.28 48.69
C PRO G 41 -18.25 -40.87 49.49
N GLU G 42 -17.61 -41.93 48.99
CA GLU G 42 -16.52 -42.55 49.73
C GLU G 42 -15.19 -41.85 49.46
N GLN G 43 -14.76 -41.86 48.20
CA GLN G 43 -13.49 -41.27 47.81
C GLN G 43 -13.45 -39.76 47.98
N GLY G 44 -14.58 -39.14 48.31
CA GLY G 44 -14.59 -37.70 48.51
C GLY G 44 -14.39 -36.94 47.22
N LEU G 45 -13.73 -35.80 47.32
CA LEU G 45 -13.48 -34.93 46.18
C LEU G 45 -12.12 -35.22 45.57
N GLU G 46 -12.07 -35.22 44.24
CA GLU G 46 -10.84 -35.39 43.48
C GLU G 46 -10.78 -34.32 42.40
N TRP G 47 -9.59 -33.76 42.20
CA TRP G 47 -9.38 -32.73 41.20
C TRP G 47 -8.95 -33.38 39.89
N ILE G 48 -9.68 -33.07 38.82
CA ILE G 48 -9.40 -33.62 37.50
C ILE G 48 -8.33 -32.79 36.81
N GLY G 49 -8.69 -31.58 36.41
CA GLY G 49 -7.76 -30.73 35.70
C GLY G 49 -8.29 -29.33 35.53
N ARG G 50 -7.63 -28.58 34.65
CA ARG G 50 -8.00 -27.20 34.39
C ARG G 50 -7.75 -26.88 32.94
N ILE G 51 -8.30 -25.74 32.50
CA ILE G 51 -8.06 -25.24 31.15
C ILE G 51 -8.10 -23.71 31.19
N ASP G 52 -7.23 -23.08 30.40
CA ASP G 52 -7.31 -21.65 30.14
C ASP G 52 -8.04 -21.45 28.82
N PRO G 53 -9.31 -21.06 28.82
CA PRO G 53 -10.06 -20.97 27.55
C PRO G 53 -9.52 -19.93 26.59
N ALA G 54 -8.66 -19.01 27.05
CA ALA G 54 -8.12 -18.01 26.14
C ALA G 54 -7.19 -18.62 25.10
N ASN G 55 -6.51 -19.70 25.45
CA ASN G 55 -5.53 -20.33 24.57
C ASN G 55 -5.67 -21.84 24.43
N GLY G 56 -6.42 -22.51 25.31
CA GLY G 56 -6.65 -23.93 25.21
C GLY G 56 -5.71 -24.81 26.03
N TYR G 57 -4.73 -24.23 26.71
CA TYR G 57 -3.74 -25.01 27.45
C TYR G 57 -4.36 -25.61 28.70
N THR G 58 -3.94 -26.83 29.04
CA THR G 58 -4.59 -27.62 30.08
C THR G 58 -3.56 -28.22 31.02
N LYS G 59 -4.05 -28.67 32.18
CA LYS G 59 -3.28 -29.38 33.19
C LYS G 59 -4.17 -30.48 33.77
N TYR G 60 -3.58 -31.63 34.07
CA TYR G 60 -4.35 -32.78 34.55
C TYR G 60 -3.63 -33.46 35.71
N ASP G 61 -4.42 -33.97 36.65
CA ASP G 61 -3.92 -34.94 37.61
C ASP G 61 -3.50 -36.20 36.88
N PRO G 62 -2.33 -36.76 37.19
CA PRO G 62 -1.92 -38.02 36.52
C PRO G 62 -2.94 -39.15 36.65
N LYS G 63 -3.82 -39.11 37.65
CA LYS G 63 -4.81 -40.18 37.83
C LYS G 63 -5.80 -40.24 36.68
N PHE G 64 -6.16 -39.10 36.09
CA PHE G 64 -7.19 -39.05 35.06
C PHE G 64 -6.62 -38.98 33.65
N GLN G 65 -5.31 -39.09 33.49
CA GLN G 65 -4.70 -39.03 32.16
C GLN G 65 -5.21 -40.19 31.31
N GLY G 66 -5.90 -39.86 30.23
CA GLY G 66 -6.48 -40.87 29.37
C GLY G 66 -7.99 -40.77 29.30
N LYS G 67 -8.64 -40.68 30.46
CA LYS G 67 -10.10 -40.65 30.50
C LYS G 67 -10.63 -39.23 30.33
N ALA G 68 -10.08 -38.28 31.07
CA ALA G 68 -10.56 -36.91 31.01
C ALA G 68 -9.93 -36.15 29.85
N THR G 69 -10.73 -35.33 29.18
CA THR G 69 -10.27 -34.48 28.09
C THR G 69 -11.05 -33.18 28.15
N ILE G 70 -10.38 -32.10 28.56
CA ILE G 70 -11.02 -30.81 28.78
C ILE G 70 -10.77 -29.93 27.56
N THR G 71 -11.84 -29.27 27.10
CA THR G 71 -11.78 -28.35 25.96
C THR G 71 -12.68 -27.16 26.24
N ALA G 72 -12.62 -26.16 25.36
CA ALA G 72 -13.42 -24.95 25.56
C ALA G 72 -13.62 -24.23 24.23
N ASP G 73 -14.81 -23.70 24.03
CA ASP G 73 -15.17 -22.93 22.84
C ASP G 73 -15.60 -21.54 23.27
N THR G 74 -14.74 -20.54 23.04
CA THR G 74 -15.05 -19.17 23.44
C THR G 74 -16.30 -18.65 22.75
N SER G 75 -16.66 -19.22 21.60
CA SER G 75 -17.85 -18.78 20.88
C SER G 75 -19.10 -18.96 21.74
N SER G 76 -19.40 -20.20 22.11
CA SER G 76 -20.57 -20.51 22.91
C SER G 76 -20.35 -20.24 24.39
N ASN G 77 -19.20 -19.66 24.75
CA ASN G 77 -18.87 -19.31 26.13
C ASN G 77 -18.99 -20.52 27.05
N THR G 78 -18.69 -21.71 26.51
CA THR G 78 -18.92 -22.97 27.20
C THR G 78 -17.63 -23.77 27.27
N ALA G 79 -17.42 -24.46 28.40
CA ALA G 79 -16.31 -25.38 28.59
C ALA G 79 -16.83 -26.80 28.67
N TYR G 80 -15.99 -27.75 28.29
CA TYR G 80 -16.40 -29.14 28.17
C TYR G 80 -15.43 -30.07 28.90
N LEU G 81 -15.97 -31.20 29.35
CA LEU G 81 -15.17 -32.28 29.92
C LEU G 81 -15.63 -33.58 29.28
N GLN G 82 -14.72 -34.27 28.60
CA GLN G 82 -15.02 -35.51 27.93
C GLN G 82 -14.40 -36.68 28.70
N LEU G 83 -15.20 -37.72 28.93
CA LEU G 83 -14.77 -38.92 29.63
C LEU G 83 -14.91 -40.10 28.67
N SER G 84 -13.87 -40.94 28.60
CA SER G 84 -13.81 -42.02 27.64
C SER G 84 -13.56 -43.35 28.34
N SER G 85 -14.05 -44.42 27.73
CA SER G 85 -13.95 -45.78 28.26
C SER G 85 -14.49 -45.83 29.69
N LEU G 86 -15.79 -45.53 29.81
CA LEU G 86 -16.41 -45.34 31.10
C LEU G 86 -16.47 -46.65 31.90
N THR G 87 -16.57 -46.50 33.22
CA THR G 87 -16.51 -47.62 34.14
C THR G 87 -17.49 -47.38 35.28
N SER G 88 -17.74 -48.42 36.07
CA SER G 88 -18.60 -48.30 37.23
C SER G 88 -18.04 -47.32 38.25
N GLU G 89 -16.71 -47.15 38.28
CA GLU G 89 -16.10 -46.19 39.18
C GLU G 89 -16.19 -44.75 38.68
N ASP G 90 -16.48 -44.57 37.39
CA ASP G 90 -16.72 -43.23 36.85
C ASP G 90 -18.10 -42.70 37.19
N THR G 91 -18.89 -43.44 37.97
CA THR G 91 -20.20 -42.98 38.40
C THR G 91 -20.01 -41.97 39.53
N ALA G 92 -20.22 -40.70 39.24
CA ALA G 92 -19.96 -39.63 40.20
C ALA G 92 -20.66 -38.36 39.73
N VAL G 93 -20.61 -37.35 40.58
CA VAL G 93 -21.08 -36.00 40.25
C VAL G 93 -19.88 -35.17 39.83
N TYR G 94 -20.05 -34.40 38.76
CA TYR G 94 -18.96 -33.64 38.16
C TYR G 94 -19.31 -32.16 38.18
N TYR G 95 -18.42 -31.36 38.78
CA TYR G 95 -18.57 -29.92 38.87
C TYR G 95 -17.50 -29.21 38.05
N CYS G 96 -17.84 -28.01 37.58
CA CYS G 96 -16.87 -27.09 37.03
C CYS G 96 -16.69 -25.91 37.98
N VAL G 97 -15.45 -25.42 38.08
CA VAL G 97 -15.08 -24.42 39.08
C VAL G 97 -14.24 -23.33 38.41
N ARG G 98 -14.37 -22.12 38.92
CA ARG G 98 -13.54 -20.99 38.55
C ARG G 98 -13.26 -20.17 39.80
N PRO G 99 -12.18 -19.38 39.80
CA PRO G 99 -11.88 -18.55 40.96
C PRO G 99 -12.63 -17.22 40.91
N LEU G 100 -12.57 -16.49 42.03
CA LEU G 100 -13.19 -15.18 42.13
C LEU G 100 -12.17 -14.08 41.83
N TYR G 101 -11.16 -13.95 42.69
CA TYR G 101 -10.09 -12.98 42.50
C TYR G 101 -8.75 -13.66 42.29
N ASP G 102 -8.31 -14.47 43.26
CA ASP G 102 -7.05 -15.19 43.14
C ASP G 102 -7.04 -16.04 41.88
N TYR G 103 -5.98 -15.89 41.08
CA TYR G 103 -5.87 -16.61 39.82
C TYR G 103 -6.02 -18.12 40.00
N TYR G 104 -5.60 -18.65 41.15
CA TYR G 104 -5.48 -20.09 41.34
C TYR G 104 -6.58 -20.68 42.23
N ALA G 105 -7.55 -19.88 42.66
CA ALA G 105 -8.49 -20.32 43.68
C ALA G 105 -9.63 -21.14 43.07
N MET G 106 -10.53 -21.60 43.95
CA MET G 106 -11.68 -22.45 43.59
C MET G 106 -12.87 -21.92 44.37
N ASP G 107 -13.59 -20.97 43.78
CA ASP G 107 -14.59 -20.21 44.53
C ASP G 107 -16.01 -20.41 44.02
N TYR G 108 -16.26 -20.22 42.73
CA TYR G 108 -17.59 -20.38 42.16
C TYR G 108 -17.75 -21.77 41.57
N TRP G 109 -18.88 -22.41 41.86
CA TRP G 109 -19.12 -23.79 41.48
C TRP G 109 -20.45 -23.90 40.76
N GLY G 110 -20.47 -24.64 39.66
CA GLY G 110 -21.72 -24.94 38.97
C GLY G 110 -22.61 -25.83 39.81
N GLN G 111 -23.82 -26.14 39.35
CA GLN G 111 -24.70 -26.98 40.15
C GLN G 111 -24.30 -28.44 40.12
N GLY G 112 -23.58 -28.89 39.11
CA GLY G 112 -23.10 -30.26 39.06
C GLY G 112 -23.89 -31.11 38.07
N THR G 113 -23.21 -32.09 37.50
CA THR G 113 -23.81 -33.01 36.53
C THR G 113 -23.69 -34.42 37.05
N SER G 114 -24.83 -35.12 37.14
CA SER G 114 -24.90 -36.45 37.72
C SER G 114 -24.74 -37.51 36.63
N VAL G 115 -23.65 -38.28 36.71
CA VAL G 115 -23.35 -39.32 35.74
C VAL G 115 -23.59 -40.68 36.40
N THR G 116 -24.22 -41.58 35.65
CA THR G 116 -24.43 -42.96 36.09
C THR G 116 -24.07 -43.90 34.95
N VAL G 117 -23.05 -44.74 35.20
CA VAL G 117 -22.64 -45.77 34.25
C VAL G 117 -23.23 -47.09 34.71
N SER G 118 -23.88 -47.80 33.79
CA SER G 118 -24.54 -49.07 34.11
C SER G 118 -24.93 -49.76 32.82
N SER G 119 -24.80 -51.09 32.81
CA SER G 119 -25.32 -51.89 31.71
C SER G 119 -26.83 -52.08 31.81
N ALA G 120 -27.44 -51.75 32.94
CA ALA G 120 -28.83 -52.09 33.20
C ALA G 120 -29.76 -51.49 32.16
N LYS G 121 -30.85 -52.21 31.88
CA LYS G 121 -31.92 -51.72 31.04
C LYS G 121 -33.00 -51.08 31.89
N THR G 122 -33.95 -50.43 31.23
CA THR G 122 -35.04 -49.75 31.93
C THR G 122 -35.99 -50.80 32.48
N THR G 123 -35.87 -51.09 33.77
CA THR G 123 -36.67 -52.09 34.44
C THR G 123 -37.65 -51.43 35.40
N ALA G 124 -38.86 -52.01 35.51
CA ALA G 124 -39.92 -51.53 36.39
C ALA G 124 -39.74 -52.08 37.81
N PRO G 125 -40.11 -51.30 38.82
CA PRO G 125 -39.94 -51.77 40.21
C PRO G 125 -40.90 -52.90 40.55
N SER G 126 -40.61 -53.55 41.67
CA SER G 126 -41.47 -54.57 42.25
C SER G 126 -41.87 -54.07 43.64
N VAL G 127 -43.14 -53.71 43.79
CA VAL G 127 -43.66 -53.12 45.02
C VAL G 127 -44.27 -54.22 45.88
N TYR G 128 -43.86 -54.28 47.14
CA TYR G 128 -44.28 -55.34 48.07
C TYR G 128 -44.81 -54.71 49.35
N PRO G 129 -45.98 -55.13 49.82
CA PRO G 129 -46.51 -54.60 51.09
C PRO G 129 -45.85 -55.29 52.28
N LEU G 130 -45.55 -54.49 53.30
CA LEU G 130 -44.87 -54.97 54.51
C LEU G 130 -45.77 -54.71 55.71
N ALA G 131 -46.52 -55.75 56.12
CA ALA G 131 -47.39 -55.77 57.29
C ALA G 131 -46.71 -56.48 58.45
N PRO G 132 -46.93 -56.01 59.69
CA PRO G 132 -46.23 -56.61 60.84
C PRO G 132 -46.65 -58.03 61.14
N VAL G 133 -46.10 -58.60 62.20
CA VAL G 133 -46.36 -59.98 62.59
C VAL G 133 -47.42 -60.00 63.67
N CYS G 134 -48.10 -61.14 63.80
CA CYS G 134 -49.18 -61.33 64.78
C CYS G 134 -48.67 -61.20 66.22
N THR G 138 -50.06 -54.80 68.71
CA THR G 138 -50.03 -55.21 70.11
C THR G 138 -49.79 -54.01 71.03
N GLY G 139 -49.06 -53.02 70.52
CA GLY G 139 -48.72 -51.82 71.26
C GLY G 139 -49.64 -50.66 70.94
N SER G 140 -49.21 -49.46 71.34
CA SER G 140 -49.96 -48.24 71.08
C SER G 140 -49.60 -47.60 69.74
N SER G 141 -48.38 -47.83 69.25
CA SER G 141 -47.92 -47.30 67.98
C SER G 141 -47.66 -48.46 67.02
N VAL G 142 -48.19 -48.36 65.81
CA VAL G 142 -48.03 -49.39 64.79
C VAL G 142 -47.17 -48.81 63.67
N THR G 143 -46.46 -49.70 62.96
CA THR G 143 -45.58 -49.29 61.88
C THR G 143 -45.73 -50.23 60.71
N LEU G 144 -45.91 -49.66 59.52
CA LEU G 144 -46.03 -50.40 58.27
C LEU G 144 -44.85 -50.09 57.36
N GLY G 145 -44.79 -50.77 56.22
CA GLY G 145 -43.68 -50.60 55.31
C GLY G 145 -44.08 -50.91 53.88
N CYS G 146 -43.13 -50.66 52.97
CA CYS G 146 -43.36 -50.81 51.54
C CYS G 146 -42.03 -50.90 50.80
N LEU G 147 -41.79 -52.02 50.11
CA LEU G 147 -40.48 -52.31 49.52
C LEU G 147 -40.53 -52.18 48.02
N VAL G 148 -39.60 -51.40 47.46
CA VAL G 148 -39.48 -51.17 46.03
C VAL G 148 -38.15 -51.76 45.60
N LYS G 149 -38.17 -52.86 44.85
CA LYS G 149 -36.97 -53.63 44.57
C LYS G 149 -36.76 -53.81 43.07
N GLY G 150 -35.51 -53.70 42.65
CA GLY G 150 -35.10 -54.03 41.31
C GLY G 150 -35.63 -53.13 40.20
N TYR G 151 -35.39 -51.82 40.31
CA TYR G 151 -35.81 -50.87 39.30
C TYR G 151 -34.62 -50.08 38.79
N PHE G 152 -34.72 -49.61 37.55
CA PHE G 152 -33.65 -48.83 36.93
C PHE G 152 -34.22 -48.02 35.78
N PRO G 153 -33.83 -46.74 35.62
CA PRO G 153 -32.93 -46.02 36.52
C PRO G 153 -33.66 -45.21 37.58
N GLU G 154 -32.90 -44.46 38.38
CA GLU G 154 -33.48 -43.57 39.37
C GLU G 154 -34.14 -42.37 38.69
N PRO G 155 -35.04 -41.65 39.40
CA PRO G 155 -35.53 -41.91 40.75
C PRO G 155 -36.93 -42.54 40.78
N VAL G 156 -37.54 -42.52 41.96
CA VAL G 156 -38.91 -42.98 42.16
C VAL G 156 -39.57 -42.08 43.19
N THR G 157 -40.85 -41.80 42.99
CA THR G 157 -41.64 -40.98 43.91
C THR G 157 -42.59 -41.89 44.69
N LEU G 158 -42.64 -41.68 46.02
CA LEU G 158 -43.39 -42.56 46.90
C LEU G 158 -44.19 -41.73 47.89
N THR G 159 -45.47 -42.05 48.01
CA THR G 159 -46.38 -41.38 48.94
C THR G 159 -47.31 -42.40 49.57
N TRP G 160 -47.95 -42.00 50.66
CA TRP G 160 -48.92 -42.83 51.36
C TRP G 160 -50.31 -42.21 51.21
N ASN G 161 -51.26 -43.00 50.69
CA ASN G 161 -52.63 -42.56 50.45
C ASN G 161 -52.67 -41.39 49.46
N SER G 162 -51.76 -41.42 48.49
CA SER G 162 -51.66 -40.39 47.44
C SER G 162 -51.41 -39.01 48.05
N GLY G 163 -50.31 -38.92 48.82
CA GLY G 163 -49.93 -37.68 49.46
C GLY G 163 -50.74 -37.29 50.69
N SER G 164 -51.76 -38.09 51.06
CA SER G 164 -52.58 -37.78 52.23
C SER G 164 -51.80 -37.95 53.52
N LEU G 165 -51.41 -39.19 53.82
CA LEU G 165 -50.61 -39.49 55.01
C LEU G 165 -49.17 -39.08 54.74
N SER G 166 -48.77 -37.93 55.28
CA SER G 166 -47.43 -37.40 55.06
C SER G 166 -46.58 -37.35 56.33
N SER G 167 -47.15 -36.96 57.47
CA SER G 167 -46.39 -36.90 58.71
C SER G 167 -46.22 -38.30 59.30
N GLY G 168 -45.10 -38.49 60.00
CA GLY G 168 -44.78 -39.79 60.56
C GLY G 168 -44.36 -40.80 59.51
N VAL G 169 -43.47 -40.38 58.61
CA VAL G 169 -43.03 -41.20 57.50
C VAL G 169 -41.52 -41.09 57.38
N HIS G 170 -40.87 -42.17 56.93
CA HIS G 170 -39.44 -42.20 56.66
C HIS G 170 -39.21 -42.96 55.36
N THR G 171 -38.87 -42.24 54.30
CA THR G 171 -38.49 -42.84 53.02
C THR G 171 -36.98 -42.80 52.88
N PHE G 172 -36.37 -43.97 52.63
CA PHE G 172 -34.93 -44.18 52.65
C PHE G 172 -34.33 -44.10 51.26
N PRO G 173 -33.06 -43.69 51.16
CA PRO G 173 -32.43 -43.56 49.85
C PRO G 173 -32.36 -44.88 49.10
N ALA G 174 -32.34 -44.78 47.78
CA ALA G 174 -32.15 -45.96 46.94
C ALA G 174 -30.73 -46.49 47.10
N VAL G 175 -30.59 -47.80 46.88
CA VAL G 175 -29.31 -48.50 47.05
C VAL G 175 -29.12 -49.43 45.87
N LEU G 176 -27.89 -49.50 45.37
CA LEU G 176 -27.57 -50.25 44.14
C LEU G 176 -27.40 -51.73 44.48
N GLN G 177 -28.39 -52.55 44.09
CA GLN G 177 -28.38 -53.98 44.31
C GLN G 177 -28.16 -54.67 42.97
N SER G 178 -26.89 -54.92 42.64
CA SER G 178 -26.49 -55.64 41.42
C SER G 178 -27.14 -55.01 40.18
N ASP G 179 -26.65 -53.82 39.85
CA ASP G 179 -27.05 -53.06 38.67
C ASP G 179 -28.51 -52.63 38.72
N LEU G 180 -29.18 -52.79 39.87
CA LEU G 180 -30.57 -52.36 40.03
C LEU G 180 -30.71 -51.70 41.39
N TYR G 181 -31.77 -50.92 41.55
CA TYR G 181 -31.97 -50.13 42.75
C TYR G 181 -33.05 -50.73 43.64
N THR G 182 -32.89 -50.52 44.94
CA THR G 182 -33.81 -51.03 45.96
C THR G 182 -34.12 -49.88 46.93
N LEU G 183 -35.40 -49.60 47.12
CA LEU G 183 -35.85 -48.51 47.98
C LEU G 183 -36.94 -49.00 48.92
N SER G 184 -36.94 -48.47 50.14
CA SER G 184 -37.89 -48.87 51.16
C SER G 184 -38.43 -47.64 51.88
N SER G 185 -39.61 -47.79 52.47
CA SER G 185 -40.27 -46.68 53.17
C SER G 185 -41.13 -47.22 54.30
N SER G 186 -41.17 -46.48 55.40
CA SER G 186 -41.93 -46.85 56.59
C SER G 186 -42.88 -45.72 56.97
N VAL G 187 -43.82 -46.04 57.85
CA VAL G 187 -44.82 -45.08 58.32
C VAL G 187 -45.35 -45.56 59.66
N THR G 188 -45.62 -44.61 60.56
CA THR G 188 -46.03 -44.90 61.93
C THR G 188 -47.28 -44.11 62.29
N VAL G 189 -48.32 -44.81 62.72
CA VAL G 189 -49.54 -44.17 63.23
C VAL G 189 -49.93 -44.85 64.55
N THR G 190 -51.16 -44.60 64.99
CA THR G 190 -51.69 -45.23 66.19
C THR G 190 -52.41 -46.53 65.83
N SER G 191 -52.60 -47.38 66.85
CA SER G 191 -53.24 -48.68 66.64
C SER G 191 -54.69 -48.54 66.16
N SER G 192 -55.36 -47.46 66.54
CA SER G 192 -56.75 -47.25 66.16
C SER G 192 -56.90 -46.79 64.71
N THR G 193 -55.81 -46.48 64.02
CA THR G 193 -55.85 -46.07 62.63
C THR G 193 -55.81 -47.26 61.67
N TRP G 194 -55.06 -48.30 62.03
CA TRP G 194 -54.86 -49.46 61.18
C TRP G 194 -55.19 -50.73 61.95
N PRO G 195 -55.87 -51.71 61.32
CA PRO G 195 -56.39 -51.69 59.95
C PRO G 195 -57.71 -50.94 59.80
N SER G 196 -57.98 -50.02 60.73
CA SER G 196 -59.22 -49.26 60.69
C SER G 196 -59.35 -48.47 59.40
N GLN G 197 -58.25 -47.87 58.94
CA GLN G 197 -58.26 -47.03 57.74
C GLN G 197 -57.33 -47.64 56.70
N SER G 198 -57.83 -47.73 55.46
CA SER G 198 -57.04 -48.29 54.37
C SER G 198 -55.81 -47.46 54.11
N ILE G 199 -54.64 -48.09 54.18
CA ILE G 199 -53.36 -47.44 53.91
C ILE G 199 -52.79 -48.02 52.63
N THR G 200 -52.48 -47.14 51.67
CA THR G 200 -52.00 -47.52 50.35
C THR G 200 -50.61 -46.95 50.11
N CYS G 201 -49.76 -47.73 49.46
CA CYS G 201 -48.41 -47.30 49.09
C CYS G 201 -48.42 -46.97 47.59
N ASN G 202 -48.22 -45.71 47.27
CA ASN G 202 -48.26 -45.24 45.89
C ASN G 202 -46.84 -45.04 45.37
N VAL G 203 -46.46 -45.83 44.38
CA VAL G 203 -45.13 -45.82 43.79
C VAL G 203 -45.25 -45.46 42.32
N ALA G 204 -44.41 -44.52 41.88
CA ALA G 204 -44.38 -44.08 40.49
C ALA G 204 -42.95 -44.13 39.99
N HIS G 205 -42.74 -44.81 38.85
CA HIS G 205 -41.44 -44.89 38.20
C HIS G 205 -41.57 -44.30 36.80
N PRO G 206 -41.42 -42.99 36.65
CA PRO G 206 -41.68 -42.35 35.35
C PRO G 206 -40.84 -42.89 34.20
N ALA G 207 -39.69 -43.52 34.46
CA ALA G 207 -38.85 -44.02 33.38
C ALA G 207 -39.59 -45.04 32.53
N SER G 208 -39.99 -46.16 33.15
CA SER G 208 -40.85 -47.12 32.48
C SER G 208 -42.32 -46.72 32.52
N SER G 209 -42.65 -45.57 33.11
CA SER G 209 -44.02 -45.04 33.20
C SER G 209 -44.96 -46.09 33.80
N THR G 210 -44.78 -46.30 35.10
CA THR G 210 -45.59 -47.24 35.87
C THR G 210 -45.89 -46.63 37.23
N LYS G 211 -47.17 -46.58 37.59
CA LYS G 211 -47.64 -46.05 38.87
C LYS G 211 -48.46 -47.12 39.57
N VAL G 212 -47.77 -48.10 40.18
CA VAL G 212 -48.43 -49.19 40.89
C VAL G 212 -48.79 -48.71 42.29
N ASP G 213 -49.83 -49.31 42.86
CA ASP G 213 -50.29 -49.02 44.21
C ASP G 213 -50.64 -50.33 44.91
N LYS G 214 -50.09 -50.51 46.12
CA LYS G 214 -50.32 -51.71 46.92
C LYS G 214 -50.87 -51.29 48.27
N LYS G 215 -52.05 -51.81 48.61
CA LYS G 215 -52.64 -51.59 49.93
C LYS G 215 -52.07 -52.60 50.91
N ILE G 216 -51.75 -52.13 52.12
CA ILE G 216 -51.12 -52.99 53.13
C ILE G 216 -52.21 -53.80 53.83
N GLU G 217 -52.02 -55.13 53.87
CA GLU G 217 -52.97 -56.05 54.45
C GLU G 217 -52.34 -56.85 55.58
N PRO G 218 -53.01 -56.96 56.75
CA PRO G 218 -52.41 -57.69 57.88
C PRO G 218 -52.26 -59.17 57.62
N ARG G 219 -51.73 -59.90 58.60
CA ARG G 219 -51.45 -61.32 58.44
C ARG G 219 -52.38 -62.18 59.28
N ASP H 1 1.88 -36.11 45.67
CA ASP H 1 0.86 -35.10 45.86
C ASP H 1 0.81 -34.68 47.33
N ILE H 2 0.02 -33.64 47.63
CA ILE H 2 -0.09 -33.10 48.98
C ILE H 2 -1.34 -33.66 49.63
N LEU H 3 -1.18 -34.25 50.81
CA LEU H 3 -2.29 -34.91 51.52
C LEU H 3 -2.94 -33.92 52.47
N MET H 4 -4.26 -33.74 52.33
CA MET H 4 -5.03 -32.81 53.16
C MET H 4 -5.80 -33.61 54.20
N THR H 5 -5.31 -33.58 55.44
CA THR H 5 -5.94 -34.30 56.55
C THR H 5 -6.87 -33.33 57.27
N GLN H 6 -8.17 -33.49 57.03
CA GLN H 6 -9.18 -32.64 57.63
C GLN H 6 -9.79 -33.35 58.84
N SER H 7 -9.95 -32.61 59.94
CA SER H 7 -10.44 -33.18 61.19
C SER H 7 -11.23 -32.12 61.92
N PRO H 8 -12.31 -32.50 62.66
CA PRO H 8 -12.81 -33.87 62.79
C PRO H 8 -13.68 -34.29 61.61
N SER H 9 -14.06 -35.56 61.55
CA SER H 9 -14.88 -36.03 60.44
C SER H 9 -16.31 -35.54 60.57
N SER H 10 -16.75 -35.27 61.80
CA SER H 10 -18.09 -34.76 62.07
C SER H 10 -18.13 -34.26 63.50
N MET H 11 -19.09 -33.39 63.79
CA MET H 11 -19.28 -32.88 65.14
C MET H 11 -20.74 -32.51 65.35
N SER H 12 -21.23 -32.79 66.56
CA SER H 12 -22.58 -32.44 66.98
C SER H 12 -22.51 -31.20 67.86
N VAL H 13 -23.15 -30.12 67.41
CA VAL H 13 -23.11 -28.83 68.07
C VAL H 13 -24.49 -28.19 68.00
N SER H 14 -24.62 -27.02 68.63
CA SER H 14 -25.90 -26.34 68.76
C SER H 14 -25.79 -24.91 68.24
N LEU H 15 -26.96 -24.32 67.97
CA LEU H 15 -27.02 -22.93 67.53
C LEU H 15 -26.33 -22.01 68.54
N GLY H 16 -25.49 -21.11 68.03
CA GLY H 16 -24.76 -20.19 68.87
C GLY H 16 -23.41 -20.67 69.35
N ASP H 17 -23.07 -21.93 69.09
CA ASP H 17 -21.75 -22.43 69.48
C ASP H 17 -20.67 -21.89 68.56
N THR H 18 -19.48 -21.70 69.12
CA THR H 18 -18.31 -21.29 68.36
C THR H 18 -17.44 -22.51 68.13
N VAL H 19 -17.44 -23.01 66.90
CA VAL H 19 -16.76 -24.24 66.54
C VAL H 19 -15.55 -23.93 65.68
N SER H 20 -14.65 -24.89 65.58
CA SER H 20 -13.38 -24.72 64.86
C SER H 20 -13.02 -26.01 64.14
N ILE H 21 -13.02 -25.95 62.81
CA ILE H 21 -12.52 -27.03 61.96
C ILE H 21 -11.05 -26.78 61.67
N THR H 22 -10.28 -27.85 61.56
CA THR H 22 -8.86 -27.76 61.24
C THR H 22 -8.54 -28.57 60.01
N CYS H 23 -7.38 -28.27 59.41
CA CYS H 23 -6.91 -28.91 58.19
C CYS H 23 -5.40 -28.94 58.25
N HIS H 24 -4.82 -30.14 58.14
CA HIS H 24 -3.37 -30.32 58.24
C HIS H 24 -2.84 -30.94 56.97
N ALA H 25 -1.77 -30.34 56.43
CA ALA H 25 -1.20 -30.73 55.15
C ALA H 25 0.11 -31.49 55.34
N SER H 26 0.51 -32.19 54.28
CA SER H 26 1.74 -32.98 54.28
C SER H 26 2.99 -32.13 54.13
N GLN H 27 2.85 -30.83 53.91
CA GLN H 27 3.99 -29.93 53.77
C GLN H 27 3.47 -28.51 53.85
N GLY H 28 4.40 -27.56 53.94
CA GLY H 28 4.00 -26.16 53.96
C GLY H 28 3.29 -25.78 52.67
N ILE H 29 2.23 -24.98 52.80
CA ILE H 29 1.51 -24.45 51.65
C ILE H 29 1.35 -22.94 51.70
N SER H 30 1.84 -22.29 52.76
CA SER H 30 1.91 -20.83 52.86
C SER H 30 0.58 -20.16 52.51
N SER H 31 -0.44 -20.53 53.28
CA SER H 31 -1.76 -19.90 53.22
C SER H 31 -2.42 -20.05 51.85
N ASN H 32 -1.99 -21.00 51.04
CA ASN H 32 -2.61 -21.25 49.74
C ASN H 32 -3.71 -22.30 49.87
N ILE H 33 -4.70 -21.96 50.70
CA ILE H 33 -5.77 -22.87 51.06
C ILE H 33 -7.12 -22.16 50.95
N GLY H 34 -8.15 -22.92 50.60
CA GLY H 34 -9.49 -22.41 50.53
C GLY H 34 -10.46 -23.29 51.31
N TRP H 35 -11.65 -22.75 51.53
CA TRP H 35 -12.69 -23.45 52.29
C TRP H 35 -14.00 -23.43 51.51
N LEU H 36 -14.72 -24.55 51.58
CA LEU H 36 -15.92 -24.75 50.78
C LEU H 36 -17.08 -25.18 51.69
N GLN H 37 -18.29 -24.97 51.19
CA GLN H 37 -19.51 -25.36 51.90
C GLN H 37 -20.47 -25.99 50.91
N GLN H 38 -21.04 -27.13 51.28
CA GLN H 38 -22.02 -27.85 50.47
C GLN H 38 -23.25 -28.11 51.33
N LYS H 39 -24.28 -27.28 51.17
CA LYS H 39 -25.51 -27.49 51.90
C LYS H 39 -26.18 -28.79 51.43
N PRO H 40 -26.90 -29.48 52.33
CA PRO H 40 -27.44 -30.82 52.01
C PRO H 40 -28.15 -30.90 50.66
N GLY H 41 -27.65 -31.80 49.80
CA GLY H 41 -28.26 -32.02 48.50
C GLY H 41 -28.19 -30.83 47.57
N LYS H 42 -27.09 -30.09 47.61
CA LYS H 42 -26.93 -28.90 46.78
C LYS H 42 -25.47 -28.81 46.33
N SER H 43 -25.13 -27.73 45.66
CA SER H 43 -23.81 -27.56 45.09
C SER H 43 -22.89 -26.91 46.13
N PHE H 44 -21.76 -26.34 45.70
CA PHE H 44 -20.77 -25.76 46.58
C PHE H 44 -20.82 -24.24 46.53
N MET H 45 -20.42 -23.61 47.64
CA MET H 45 -20.26 -22.17 47.74
C MET H 45 -18.89 -21.88 48.30
N GLY H 46 -18.19 -20.91 47.71
CA GLY H 46 -16.90 -20.51 48.25
C GLY H 46 -17.06 -19.80 49.57
N LEU H 47 -16.12 -20.03 50.47
CA LEU H 47 -16.07 -19.34 51.76
C LEU H 47 -14.80 -18.51 51.91
N ILE H 48 -13.63 -19.15 51.85
CA ILE H 48 -12.35 -18.49 52.09
C ILE H 48 -11.42 -18.80 50.93
N TYR H 49 -10.56 -17.84 50.60
CA TYR H 49 -9.44 -18.07 49.70
C TYR H 49 -8.20 -17.39 50.26
N TYR H 50 -7.04 -17.94 49.91
CA TYR H 50 -5.74 -17.50 50.44
C TYR H 50 -5.74 -17.50 51.96
N GLY H 51 -6.28 -18.56 52.55
CA GLY H 51 -6.22 -18.73 54.00
C GLY H 51 -7.19 -17.98 54.88
N THR H 52 -7.37 -16.68 54.62
CA THR H 52 -8.19 -15.84 55.50
C THR H 52 -9.23 -14.99 54.78
N ASN H 53 -9.10 -14.78 53.48
CA ASN H 53 -9.90 -13.77 52.80
C ASN H 53 -11.29 -14.29 52.46
N LEU H 54 -12.32 -13.54 52.84
CA LEU H 54 -13.70 -13.94 52.62
C LEU H 54 -14.08 -13.81 51.15
N VAL H 55 -15.00 -14.68 50.72
CA VAL H 55 -15.60 -14.59 49.39
C VAL H 55 -16.78 -13.63 49.47
N ASP H 56 -16.96 -12.83 48.41
CA ASP H 56 -18.03 -11.85 48.37
C ASP H 56 -19.38 -12.50 48.61
N GLY H 57 -20.15 -11.92 49.52
CA GLY H 57 -21.46 -12.42 49.88
C GLY H 57 -21.50 -13.26 51.14
N VAL H 58 -20.34 -13.71 51.62
CA VAL H 58 -20.27 -14.60 52.78
C VAL H 58 -20.34 -13.76 54.05
N PRO H 59 -21.07 -14.21 55.08
CA PRO H 59 -21.14 -13.45 56.33
C PRO H 59 -19.79 -13.34 57.02
N SER H 60 -19.73 -12.42 57.98
CA SER H 60 -18.51 -12.14 58.72
C SER H 60 -18.31 -13.05 59.93
N ARG H 61 -19.31 -13.87 60.27
CA ARG H 61 -19.12 -14.84 61.35
C ARG H 61 -18.12 -15.92 60.99
N PHE H 62 -17.90 -16.15 59.70
CA PHE H 62 -16.86 -17.06 59.25
C PHE H 62 -15.50 -16.38 59.31
N SER H 63 -14.44 -17.19 59.44
CA SER H 63 -13.08 -16.69 59.49
C SER H 63 -12.05 -17.81 59.31
N GLY H 64 -11.04 -17.57 58.49
CA GLY H 64 -9.96 -18.52 58.31
C GLY H 64 -8.68 -18.02 58.95
N SER H 65 -7.78 -18.93 59.30
CA SER H 65 -6.55 -18.57 59.99
C SER H 65 -5.60 -19.76 59.97
N GLY H 66 -4.37 -19.52 60.37
CA GLY H 66 -3.33 -20.52 60.37
C GLY H 66 -2.25 -20.21 59.34
N SER H 67 -1.13 -20.93 59.47
CA SER H 67 0.00 -20.75 58.58
C SER H 67 0.78 -22.05 58.51
N GLY H 68 1.83 -22.05 57.68
CA GLY H 68 2.65 -23.23 57.48
C GLY H 68 1.87 -24.40 56.91
N ALA H 69 1.56 -25.37 57.76
CA ALA H 69 0.80 -26.54 57.36
C ALA H 69 -0.46 -26.74 58.17
N ASP H 70 -0.77 -25.85 59.11
CA ASP H 70 -1.93 -25.98 59.98
C ASP H 70 -2.82 -24.76 59.83
N TYR H 71 -4.08 -24.99 59.47
CA TYR H 71 -5.04 -23.93 59.23
C TYR H 71 -6.35 -24.25 59.93
N SER H 72 -7.19 -23.23 60.10
CA SER H 72 -8.37 -23.38 60.93
C SER H 72 -9.52 -22.54 60.39
N LEU H 73 -10.69 -23.18 60.24
CA LEU H 73 -11.93 -22.49 59.91
C LEU H 73 -12.78 -22.41 61.17
N THR H 74 -13.25 -21.20 61.50
CA THR H 74 -13.97 -20.95 62.73
C THR H 74 -15.30 -20.26 62.42
N ILE H 75 -16.37 -20.73 63.05
CA ILE H 75 -17.69 -20.15 62.90
C ILE H 75 -18.13 -19.66 64.28
N SER H 76 -18.26 -18.34 64.42
CA SER H 76 -18.74 -17.73 65.65
C SER H 76 -20.27 -17.66 65.59
N SER H 77 -20.93 -18.25 66.61
CA SER H 77 -22.38 -18.25 66.72
C SER H 77 -23.04 -18.89 65.51
N LEU H 78 -23.19 -20.21 65.54
CA LEU H 78 -23.73 -20.94 64.41
C LEU H 78 -25.16 -20.48 64.08
N ASP H 79 -25.50 -20.56 62.80
CA ASP H 79 -26.83 -20.28 62.30
C ASP H 79 -27.46 -21.58 61.79
N SER H 80 -28.79 -21.56 61.64
CA SER H 80 -29.51 -22.74 61.19
C SER H 80 -29.09 -23.14 59.78
N GLU H 81 -28.65 -22.20 58.95
CA GLU H 81 -28.14 -22.53 57.63
C GLU H 81 -26.74 -23.12 57.67
N ASP H 82 -26.00 -22.91 58.76
CA ASP H 82 -24.60 -23.32 58.82
C ASP H 82 -24.40 -24.82 58.99
N PHE H 83 -25.46 -25.61 59.05
CA PHE H 83 -25.33 -27.06 59.21
C PHE H 83 -25.22 -27.70 57.83
N ALA H 84 -24.02 -28.10 57.45
CA ALA H 84 -23.73 -28.63 56.13
C ALA H 84 -22.32 -29.23 56.16
N ASP H 85 -21.81 -29.59 54.99
CA ASP H 85 -20.46 -30.15 54.83
C ASP H 85 -19.45 -29.02 54.59
N TYR H 86 -18.21 -29.28 54.98
CA TYR H 86 -17.13 -28.30 54.84
C TYR H 86 -15.84 -29.01 54.46
N TYR H 87 -15.24 -28.58 53.36
CA TYR H 87 -14.01 -29.18 52.83
C TYR H 87 -12.93 -28.12 52.70
N CYS H 88 -11.69 -28.50 52.98
CA CYS H 88 -10.54 -27.66 52.67
C CYS H 88 -9.87 -28.14 51.40
N VAL H 89 -9.27 -27.20 50.66
CA VAL H 89 -8.61 -27.49 49.40
C VAL H 89 -7.33 -26.67 49.33
N GLN H 90 -6.23 -27.29 48.95
CA GLN H 90 -4.96 -26.60 48.76
C GLN H 90 -4.68 -26.41 47.28
N TYR H 91 -4.05 -25.29 46.94
CA TYR H 91 -3.59 -25.05 45.58
C TYR H 91 -2.15 -24.52 45.58
N ALA H 92 -1.37 -24.90 46.59
CA ALA H 92 0.05 -24.59 46.57
C ALA H 92 0.77 -25.33 45.46
N GLN H 93 0.29 -26.52 45.10
CA GLN H 93 0.91 -27.32 44.05
C GLN H 93 -0.16 -28.07 43.28
N LEU H 94 0.08 -28.28 42.00
CA LEU H 94 -0.74 -29.17 41.21
C LEU H 94 -0.28 -30.62 41.42
N PRO H 95 -1.21 -31.58 41.47
CA PRO H 95 -2.67 -31.39 41.36
C PRO H 95 -3.29 -30.87 42.65
N TYR H 96 -4.40 -30.14 42.53
CA TYR H 96 -5.12 -29.71 43.73
C TYR H 96 -5.65 -30.93 44.47
N THR H 97 -5.63 -30.87 45.80
CA THR H 97 -6.09 -31.96 46.63
C THR H 97 -6.99 -31.42 47.73
N PHE H 98 -8.10 -32.12 47.97
CA PHE H 98 -9.10 -31.69 48.94
C PHE H 98 -8.94 -32.46 50.25
N GLY H 99 -9.66 -31.98 51.27
CA GLY H 99 -9.78 -32.72 52.50
C GLY H 99 -10.90 -33.77 52.43
N GLY H 100 -10.93 -34.64 53.44
CA GLY H 100 -11.95 -35.67 53.47
C GLY H 100 -13.35 -35.12 53.67
N GLY H 101 -13.48 -34.02 54.43
CA GLY H 101 -14.78 -33.45 54.70
C GLY H 101 -15.07 -33.34 56.18
N THR H 102 -16.06 -32.52 56.53
CA THR H 102 -16.47 -32.34 57.91
C THR H 102 -17.93 -31.93 57.92
N LYS H 103 -18.77 -32.71 58.58
CA LYS H 103 -20.21 -32.50 58.58
C LYS H 103 -20.64 -31.95 59.92
N LEU H 104 -21.30 -30.79 59.91
CA LEU H 104 -21.88 -30.21 61.11
C LEU H 104 -23.29 -30.74 61.29
N GLU H 105 -23.57 -31.27 62.48
CA GLU H 105 -24.85 -31.92 62.77
C GLU H 105 -25.47 -31.32 64.02
N ILE H 106 -26.81 -31.30 64.05
CA ILE H 106 -27.53 -30.77 65.19
C ILE H 106 -27.37 -31.71 66.37
N LYS H 107 -27.05 -31.14 67.53
CA LYS H 107 -26.94 -31.91 68.76
C LYS H 107 -28.27 -31.92 69.50
N ARG H 108 -28.55 -33.02 70.17
CA ARG H 108 -29.76 -33.16 70.97
C ARG H 108 -29.55 -34.28 71.98
N ALA H 109 -30.58 -34.57 72.76
CA ALA H 109 -30.52 -35.62 73.77
C ALA H 109 -30.68 -36.99 73.12
N ASP H 110 -30.02 -37.98 73.70
CA ASP H 110 -30.06 -39.34 73.18
C ASP H 110 -31.49 -39.87 73.13
N ALA H 111 -31.71 -40.85 72.24
CA ALA H 111 -33.03 -41.42 72.04
C ALA H 111 -32.88 -42.82 71.49
N ALA H 112 -33.45 -43.80 72.19
CA ALA H 112 -33.39 -45.18 71.76
C ALA H 112 -34.28 -45.39 70.53
N PRO H 113 -33.92 -46.32 69.65
CA PRO H 113 -34.67 -46.50 68.41
C PRO H 113 -35.95 -47.30 68.60
N THR H 114 -36.83 -47.19 67.61
CA THR H 114 -38.08 -47.93 67.55
C THR H 114 -37.92 -49.00 66.46
N VAL H 115 -37.63 -50.23 66.89
CA VAL H 115 -37.34 -51.32 65.97
C VAL H 115 -38.65 -51.92 65.48
N SER H 116 -38.60 -52.56 64.31
CA SER H 116 -39.79 -53.17 63.71
C SER H 116 -39.33 -54.11 62.61
N ILE H 117 -39.69 -55.39 62.72
CA ILE H 117 -39.29 -56.41 61.75
C ILE H 117 -40.48 -56.76 60.88
N PHE H 118 -40.19 -57.15 59.62
CA PHE H 118 -41.23 -57.42 58.63
C PHE H 118 -40.85 -58.62 57.77
N PRO H 119 -41.61 -59.72 57.85
CA PRO H 119 -41.31 -60.90 57.02
C PRO H 119 -41.55 -60.61 55.55
N PRO H 120 -41.15 -61.51 54.66
CA PRO H 120 -41.43 -61.30 53.24
C PRO H 120 -42.93 -61.20 52.98
N SER H 121 -43.29 -60.41 51.97
CA SER H 121 -44.69 -60.29 51.59
C SER H 121 -45.16 -61.55 50.88
N SER H 122 -46.48 -61.66 50.75
CA SER H 122 -47.04 -62.78 50.00
C SER H 122 -46.67 -62.69 48.53
N GLU H 123 -46.76 -61.49 47.95
CA GLU H 123 -46.46 -61.33 46.53
C GLU H 123 -45.01 -61.71 46.22
N GLN H 124 -44.07 -61.31 47.07
CA GLN H 124 -42.66 -61.57 46.80
C GLN H 124 -42.35 -63.06 46.85
N LEU H 125 -42.86 -63.75 47.87
CA LEU H 125 -42.56 -65.17 48.04
C LEU H 125 -43.03 -65.98 46.84
N THR H 126 -44.16 -65.60 46.25
CA THR H 126 -44.68 -66.30 45.07
C THR H 126 -43.82 -66.09 43.82
N SER H 127 -42.84 -65.18 43.86
CA SER H 127 -42.02 -64.88 42.69
C SER H 127 -40.65 -65.55 42.72
N GLY H 128 -40.21 -66.04 43.86
CA GLY H 128 -38.91 -66.67 43.98
C GLY H 128 -37.90 -65.91 44.83
N GLY H 129 -38.33 -64.92 45.61
CA GLY H 129 -37.43 -64.23 46.51
C GLY H 129 -37.98 -64.21 47.93
N ALA H 130 -37.26 -63.53 48.83
CA ALA H 130 -37.67 -63.43 50.22
C ALA H 130 -36.81 -62.42 50.96
N SER H 131 -37.38 -61.24 51.24
CA SER H 131 -36.64 -60.17 51.88
C SER H 131 -37.26 -59.85 53.24
N VAL H 132 -36.48 -60.01 54.29
CA VAL H 132 -36.86 -59.58 55.63
C VAL H 132 -36.37 -58.15 55.82
N VAL H 133 -37.26 -57.27 56.27
CA VAL H 133 -36.95 -55.87 56.47
C VAL H 133 -36.90 -55.58 57.96
N CYS H 134 -36.00 -54.67 58.34
CA CYS H 134 -35.80 -54.28 59.73
C CYS H 134 -35.60 -52.77 59.77
N PHE H 135 -36.62 -52.04 60.26
CA PHE H 135 -36.58 -50.58 60.36
C PHE H 135 -36.15 -50.16 61.76
N LEU H 136 -35.36 -49.08 61.83
CA LEU H 136 -34.85 -48.53 63.08
C LEU H 136 -35.02 -47.01 62.99
N ASN H 137 -36.16 -46.51 63.49
CA ASN H 137 -36.57 -45.13 63.28
C ASN H 137 -36.30 -44.28 64.52
N ASN H 138 -35.99 -43.00 64.27
CA ASN H 138 -35.90 -41.96 65.29
C ASN H 138 -34.94 -42.32 66.42
N PHE H 139 -33.67 -41.94 66.29
CA PHE H 139 -32.70 -42.20 67.34
C PHE H 139 -31.58 -41.17 67.27
N TYR H 140 -30.74 -41.17 68.30
CA TYR H 140 -29.59 -40.28 68.39
C TYR H 140 -28.67 -40.83 69.47
N PRO H 141 -27.35 -40.83 69.27
CA PRO H 141 -26.62 -40.34 68.09
C PRO H 141 -26.71 -41.28 66.89
N LYS H 142 -25.94 -40.99 65.85
CA LYS H 142 -26.00 -41.78 64.62
C LYS H 142 -25.28 -43.11 64.73
N ASP H 143 -24.39 -43.26 65.70
CA ASP H 143 -23.52 -44.45 65.78
C ASP H 143 -24.36 -45.66 66.18
N ILE H 144 -24.49 -46.62 65.27
CA ILE H 144 -25.37 -47.77 65.46
C ILE H 144 -24.84 -48.95 64.66
N ASN H 145 -25.11 -50.16 65.16
CA ASN H 145 -24.60 -51.40 64.57
C ASN H 145 -25.72 -52.42 64.51
N VAL H 146 -26.12 -52.81 63.30
CA VAL H 146 -27.18 -53.80 63.10
C VAL H 146 -26.54 -55.17 62.86
N LYS H 147 -27.24 -56.22 63.30
CA LYS H 147 -26.75 -57.58 63.18
C LYS H 147 -27.93 -58.50 62.89
N TRP H 148 -27.77 -59.37 61.87
CA TRP H 148 -28.80 -60.29 61.45
C TRP H 148 -28.49 -61.69 61.94
N LYS H 149 -29.50 -62.38 62.46
CA LYS H 149 -29.35 -63.72 63.03
C LYS H 149 -30.41 -64.65 62.46
N ILE H 150 -29.97 -65.73 61.83
CA ILE H 150 -30.83 -66.79 61.31
C ILE H 150 -30.68 -68.00 62.21
N ASP H 151 -31.76 -68.38 62.89
CA ASP H 151 -31.73 -69.45 63.89
C ASP H 151 -30.67 -69.15 64.96
N GLY H 152 -30.59 -67.89 65.36
CA GLY H 152 -29.64 -67.45 66.37
C GLY H 152 -28.21 -67.24 65.88
N SER H 153 -27.89 -67.63 64.65
CA SER H 153 -26.54 -67.54 64.14
C SER H 153 -26.40 -66.35 63.20
N GLU H 154 -25.25 -65.69 63.25
CA GLU H 154 -25.05 -64.44 62.54
C GLU H 154 -25.02 -64.67 61.02
N ARG H 155 -25.49 -63.66 60.28
CA ARG H 155 -25.50 -63.70 58.83
C ARG H 155 -25.08 -62.34 58.30
N GLN H 156 -24.07 -62.34 57.42
CA GLN H 156 -23.55 -61.10 56.85
C GLN H 156 -23.64 -61.04 55.34
N ASN H 157 -23.97 -62.14 54.67
CA ASN H 157 -23.99 -62.20 53.22
C ASN H 157 -25.41 -61.92 52.72
N GLY H 158 -25.56 -60.87 51.92
CA GLY H 158 -26.85 -60.49 51.39
C GLY H 158 -27.58 -59.39 52.14
N VAL H 159 -26.89 -58.63 52.97
CA VAL H 159 -27.49 -57.53 53.71
C VAL H 159 -27.39 -56.26 52.87
N LEU H 160 -28.33 -55.34 53.07
CA LEU H 160 -28.38 -54.12 52.26
C LEU H 160 -28.96 -53.00 53.14
N ASN H 161 -28.08 -52.22 53.75
CA ASN H 161 -28.48 -51.17 54.68
C ASN H 161 -28.68 -49.84 53.96
N SER H 162 -29.31 -48.90 54.66
CA SER H 162 -29.55 -47.56 54.16
C SER H 162 -29.93 -46.65 55.32
N TRP H 163 -29.37 -45.44 55.31
CA TRP H 163 -29.58 -44.45 56.37
C TRP H 163 -30.24 -43.20 55.79
N THR H 164 -30.78 -42.37 56.68
CA THR H 164 -31.31 -41.08 56.29
C THR H 164 -30.48 -39.96 56.89
N ASP H 165 -30.57 -38.77 56.28
CA ASP H 165 -29.98 -37.59 56.88
C ASP H 165 -30.76 -37.18 58.12
N GLN H 166 -30.14 -36.35 58.94
CA GLN H 166 -30.77 -35.90 60.18
C GLN H 166 -32.11 -35.26 59.90
N ASP H 167 -33.14 -35.75 60.57
CA ASP H 167 -34.51 -35.30 60.30
C ASP H 167 -34.67 -33.82 60.63
N SER H 168 -35.47 -33.13 59.81
CA SER H 168 -35.62 -31.69 59.96
C SER H 168 -36.43 -31.33 61.20
N LYS H 169 -37.38 -32.17 61.60
CA LYS H 169 -38.25 -31.85 62.74
C LYS H 169 -37.55 -32.14 64.07
N ASP H 170 -37.30 -33.40 64.38
CA ASP H 170 -36.84 -33.84 65.68
C ASP H 170 -35.32 -34.03 65.75
N SER H 171 -34.61 -33.85 64.64
CA SER H 171 -33.15 -34.01 64.60
C SER H 171 -32.74 -35.43 65.01
N THR H 172 -33.39 -36.42 64.42
CA THR H 172 -33.08 -37.82 64.67
C THR H 172 -32.84 -38.55 63.36
N TYR H 173 -31.96 -39.55 63.40
CA TYR H 173 -31.64 -40.35 62.23
C TYR H 173 -32.49 -41.61 62.21
N SER H 174 -32.45 -42.30 61.07
CA SER H 174 -33.20 -43.54 60.89
C SER H 174 -32.43 -44.44 59.93
N MET H 175 -32.72 -45.73 60.00
CA MET H 175 -31.98 -46.75 59.27
C MET H 175 -32.93 -47.80 58.73
N SER H 176 -32.51 -48.49 57.67
CA SER H 176 -33.30 -49.55 57.03
C SER H 176 -32.37 -50.66 56.58
N SER H 177 -32.52 -51.84 57.17
CA SER H 177 -31.74 -53.02 56.82
C SER H 177 -32.61 -54.03 56.09
N THR H 178 -32.06 -54.64 55.05
CA THR H 178 -32.83 -55.54 54.18
C THR H 178 -32.01 -56.79 53.89
N LEU H 179 -32.36 -57.89 54.54
CA LEU H 179 -31.75 -59.18 54.24
C LEU H 179 -32.50 -59.84 53.09
N THR H 180 -31.76 -60.26 52.07
CA THR H 180 -32.36 -60.81 50.85
C THR H 180 -31.87 -62.23 50.65
N LEU H 181 -32.80 -63.18 50.61
CA LEU H 181 -32.51 -64.58 50.41
C LEU H 181 -33.38 -65.13 49.29
N THR H 182 -32.98 -66.28 48.76
CA THR H 182 -33.84 -67.00 47.84
C THR H 182 -35.01 -67.62 48.61
N LYS H 183 -36.09 -67.92 47.88
CA LYS H 183 -37.25 -68.56 48.50
C LYS H 183 -36.89 -69.92 49.08
N ASP H 184 -36.10 -70.70 48.34
CA ASP H 184 -35.66 -72.01 48.82
C ASP H 184 -34.87 -71.89 50.12
N GLU H 185 -33.91 -70.96 50.17
CA GLU H 185 -33.07 -70.83 51.35
C GLU H 185 -33.79 -70.15 52.51
N TYR H 186 -34.80 -69.33 52.23
CA TYR H 186 -35.56 -68.70 53.30
C TYR H 186 -36.28 -69.73 54.16
N GLU H 187 -36.69 -70.85 53.56
CA GLU H 187 -37.49 -71.85 54.27
C GLU H 187 -36.64 -72.94 54.91
N ARG H 188 -35.33 -73.00 54.63
CA ARG H 188 -34.46 -73.92 55.34
C ARG H 188 -34.36 -73.62 56.83
N HIS H 189 -34.82 -72.45 57.25
CA HIS H 189 -34.69 -72.00 58.64
C HIS H 189 -36.03 -71.46 59.11
N ASN H 190 -36.13 -71.23 60.42
CA ASN H 190 -37.39 -70.87 61.05
C ASN H 190 -37.37 -69.52 61.74
N SER H 191 -36.32 -69.21 62.49
CA SER H 191 -36.25 -67.97 63.26
C SER H 191 -35.47 -66.91 62.50
N TYR H 192 -35.91 -65.65 62.64
CA TYR H 192 -35.26 -64.51 62.00
C TYR H 192 -35.22 -63.35 62.97
N THR H 193 -34.04 -62.75 63.13
CA THR H 193 -33.81 -61.74 64.16
C THR H 193 -32.88 -60.66 63.62
N CYS H 194 -33.11 -59.42 64.04
CA CYS H 194 -32.17 -58.32 63.81
C CYS H 194 -31.91 -57.61 65.14
N GLU H 195 -30.66 -57.70 65.62
CA GLU H 195 -30.28 -57.07 66.87
C GLU H 195 -29.73 -55.66 66.62
N ALA H 196 -30.01 -54.76 67.55
CA ALA H 196 -29.64 -53.36 67.43
C ALA H 196 -28.79 -52.95 68.62
N THR H 197 -27.57 -52.50 68.34
CA THR H 197 -26.61 -52.11 69.37
C THR H 197 -26.43 -50.60 69.36
N HIS H 198 -26.92 -49.94 70.41
CA HIS H 198 -26.83 -48.50 70.55
C HIS H 198 -26.17 -48.16 71.89
N LYS H 199 -25.77 -46.91 72.05
CA LYS H 199 -25.27 -46.47 73.34
C LYS H 199 -26.39 -46.22 74.35
N THR H 200 -27.65 -46.19 73.90
CA THR H 200 -28.80 -46.01 74.77
C THR H 200 -29.16 -47.27 75.56
N SER H 201 -28.48 -48.39 75.31
CA SER H 201 -28.83 -49.65 75.98
C SER H 201 -27.63 -50.58 75.92
N THR H 202 -27.07 -50.90 77.09
CA THR H 202 -26.02 -51.92 77.13
C THR H 202 -26.50 -53.23 76.54
N SER H 203 -27.76 -53.58 76.78
CA SER H 203 -28.34 -54.77 76.18
C SER H 203 -28.86 -54.42 74.78
N PRO H 204 -28.56 -55.23 73.77
CA PRO H 204 -29.06 -54.92 72.41
C PRO H 204 -30.56 -55.07 72.32
N ILE H 205 -31.19 -54.13 71.63
CA ILE H 205 -32.63 -54.17 71.41
C ILE H 205 -32.92 -55.19 70.31
N VAL H 206 -33.75 -56.17 70.63
CA VAL H 206 -33.98 -57.33 69.77
C VAL H 206 -35.44 -57.34 69.30
N LYS H 207 -35.64 -57.72 68.05
CA LYS H 207 -36.98 -57.99 67.52
C LYS H 207 -36.87 -59.12 66.51
N SER H 208 -37.82 -60.04 66.54
CA SER H 208 -37.71 -61.26 65.75
C SER H 208 -39.08 -61.86 65.52
N PHE H 209 -39.15 -62.76 64.53
CA PHE H 209 -40.35 -63.53 64.23
C PHE H 209 -39.93 -64.93 63.80
N ASN H 210 -40.90 -65.84 63.75
CA ASN H 210 -40.68 -67.21 63.31
C ASN H 210 -41.51 -67.48 62.06
N ARG H 211 -40.90 -68.17 61.09
CA ARG H 211 -41.60 -68.54 59.88
C ARG H 211 -42.78 -69.46 60.21
N ASN H 212 -43.76 -69.48 59.31
CA ASN H 212 -44.99 -70.26 59.47
C ASN H 212 -45.81 -69.76 60.66
N GLU H 213 -45.22 -69.80 61.86
CA GLU H 213 -45.91 -69.37 63.06
C GLU H 213 -46.28 -67.88 62.98
N CYS H 214 -47.49 -67.56 63.44
CA CYS H 214 -47.94 -66.18 63.58
C CYS H 214 -49.12 -66.09 64.54
C1 NAG I . 10.01 8.85 4.48
C2 NAG I . 8.86 7.96 4.91
C3 NAG I . 7.83 7.82 3.79
C4 NAG I . 7.42 9.17 3.23
C5 NAG I . 8.64 10.03 2.90
C6 NAG I . 8.29 11.47 2.56
C7 NAG I . 9.58 6.28 6.56
C8 NAG I . 10.08 4.89 6.77
N2 NAG I . 9.36 6.65 5.29
O3 NAG I . 6.68 7.15 4.28
O4 NAG I . 6.66 8.99 2.04
O5 NAG I . 9.51 10.10 4.04
O6 NAG I . 9.40 12.16 1.99
O7 NAG I . 9.36 7.05 7.50
C1 NAG I . 5.41 9.66 2.24
C2 NAG I . 4.82 9.97 0.87
C3 NAG I . 3.50 10.71 1.05
C4 NAG I . 2.57 9.89 1.91
C5 NAG I . 3.22 9.48 3.23
C6 NAG I . 2.39 8.48 4.02
C7 NAG I . 6.52 10.18 -0.89
C8 NAG I . 7.42 11.13 -1.63
N2 NAG I . 5.75 10.74 0.06
O3 NAG I . 2.93 10.97 -0.22
O4 NAG I . 1.39 10.64 2.20
O5 NAG I . 4.49 8.85 2.98
O6 NAG I . 2.14 7.30 3.28
O7 NAG I . 6.50 8.99 -1.13
C1 BMA I . 0.31 10.21 1.35
C2 BMA I . -0.97 10.35 2.17
C3 BMA I . -2.19 10.07 1.28
C4 BMA I . -2.14 10.88 -0.03
C5 BMA I . -0.79 10.64 -0.76
C6 BMA I . -0.64 11.46 -2.06
O2 BMA I . -1.11 11.68 2.66
O3 BMA I . -3.40 10.35 1.98
O4 BMA I . -3.22 10.50 -0.86
O5 BMA I . 0.27 10.98 0.15
O6 BMA I . 0.64 11.21 -2.64
C1 MAN I . -4.19 9.15 2.13
C2 MAN I . -5.56 9.58 2.70
C3 MAN I . -5.33 10.19 4.07
C4 MAN I . -4.64 9.19 4.98
C5 MAN I . -3.31 8.71 4.35
C6 MAN I . -2.64 7.59 5.12
O2 MAN I . -6.39 8.45 2.93
O3 MAN I . -6.55 10.64 4.65
O4 MAN I . -4.36 9.79 6.24
O5 MAN I . -3.56 8.23 3.00
O6 MAN I . -1.34 7.39 4.55
C1 MAN I . 0.69 11.81 -3.95
C2 MAN I . 0.52 10.69 -5.00
C3 MAN I . 1.73 9.76 -4.95
C4 MAN I . 3.01 10.55 -5.18
C5 MAN I . 3.14 11.72 -4.17
C6 MAN I . 4.30 12.65 -4.49
O2 MAN I . 0.49 11.21 -6.32
O3 MAN I . 1.62 8.69 -5.87
O4 MAN I . 4.15 9.68 -5.05
O5 MAN I . 1.92 12.52 -4.15
O6 MAN I . 5.42 11.87 -4.89
C1 NAG J . 25.71 37.94 -11.45
C2 NAG J . 26.43 39.27 -11.23
C3 NAG J . 25.48 40.44 -11.48
C4 NAG J . 24.74 40.28 -12.79
C5 NAG J . 24.13 38.89 -12.92
C6 NAG J . 23.50 38.64 -14.27
C7 NAG J . 28.29 39.23 -9.64
C8 NAG J . 28.69 39.31 -8.20
N2 NAG J . 26.99 39.33 -9.89
O3 NAG J . 26.26 41.64 -11.51
O4 NAG J . 23.70 41.25 -12.87
O5 NAG J . 25.15 37.90 -12.75
O6 NAG J . 22.95 37.32 -14.32
O7 NAG J . 29.12 39.07 -10.53
C1 NAG J . 23.96 42.13 -13.99
C2 NAG J . 22.94 43.27 -13.92
C3 NAG J . 23.24 44.34 -14.99
C4 NAG J . 24.70 44.74 -14.98
C5 NAG J . 25.58 43.50 -15.05
C6 NAG J . 27.06 43.80 -14.98
C7 NAG J . 20.73 42.57 -13.07
C8 NAG J . 21.24 42.93 -11.71
N2 NAG J . 21.59 42.76 -14.08
O3 NAG J . 22.42 45.47 -14.72
O4 NAG J . 24.99 45.60 -16.08
O5 NAG J . 25.28 42.65 -13.94
O6 NAG J . 27.48 44.64 -16.06
O7 NAG J . 19.60 42.13 -13.23
C1 NAG K . -18.44 -5.41 -7.40
C2 NAG K . -18.03 -4.17 -8.22
C3 NAG K . -18.75 -2.93 -7.72
C4 NAG K . -20.25 -3.16 -7.66
C5 NAG K . -20.55 -4.40 -6.83
C6 NAG K . -22.01 -4.77 -6.80
C7 NAG K . -15.90 -3.28 -9.06
C8 NAG K . -14.42 -3.19 -8.83
N2 NAG K . -16.58 -3.98 -8.16
O3 NAG K . -18.48 -1.85 -8.60
O4 NAG K . -20.90 -2.02 -7.11
O5 NAG K . -19.86 -5.53 -7.39
O6 NAG K . -22.53 -4.89 -8.12
O7 NAG K . -16.44 -2.73 -10.02
C1 NAG K . -21.91 -1.61 -8.05
C2 NAG K . -22.99 -0.85 -7.25
C3 NAG K . -24.04 -0.25 -8.19
C4 NAG K . -23.36 0.57 -9.28
C5 NAG K . -22.36 -0.32 -10.01
C6 NAG K . -21.64 0.38 -11.13
C7 NAG K . -23.36 -1.71 -4.98
C8 NAG K . -24.11 -2.70 -4.14
N2 NAG K . -23.63 -1.74 -6.29
O3 NAG K . -24.93 0.56 -7.44
O4 NAG K . -24.32 1.11 -10.19
O5 NAG K . -21.38 -0.75 -9.08
O6 NAG K . -21.38 -0.51 -12.22
O7 NAG K . -22.58 -0.90 -4.49
C1 BMA K . -24.48 2.51 -9.88
C2 BMA K . -25.33 3.14 -10.98
C3 BMA K . -25.47 4.62 -10.66
C4 BMA K . -26.10 4.83 -9.26
C5 BMA K . -25.24 4.09 -8.20
C6 BMA K . -25.85 4.12 -6.81
O2 BMA K . -26.64 2.59 -10.98
O3 BMA K . -26.20 5.32 -11.67
O4 BMA K . -26.14 6.21 -8.95
O5 BMA K . -25.10 2.70 -8.60
O6 BMA K . -25.65 5.41 -6.25
C1 MAN K . -25.30 6.25 -12.33
C2 MAN K . -26.11 7.10 -13.34
C3 MAN K . -26.57 6.25 -14.52
C4 MAN K . -25.42 5.46 -15.15
C5 MAN K . -24.62 4.68 -14.09
C6 MAN K . -23.35 4.07 -14.63
O2 MAN K . -25.32 8.15 -13.90
O3 MAN K . -27.20 7.04 -15.52
O4 MAN K . -25.92 4.53 -16.11
O5 MAN K . -24.23 5.56 -12.99
O6 MAN K . -22.55 3.66 -13.52
C1 NAG L . -40.13 -30.45 5.47
C2 NAG L . -40.80 -31.81 5.75
C3 NAG L . -42.30 -31.79 5.43
C4 NAG L . -42.96 -30.51 5.92
C5 NAG L . -42.15 -29.30 5.51
C6 NAG L . -42.75 -27.99 5.98
C7 NAG L . -39.11 -33.57 5.45
C8 NAG L . -38.53 -34.59 4.51
N2 NAG L . -40.13 -32.86 4.98
O3 NAG L . -42.88 -32.90 6.10
O4 NAG L . -44.25 -30.40 5.30
O5 NAG L . -40.85 -29.41 6.08
O6 NAG L . -42.62 -27.83 7.40
O7 NAG L . -38.66 -33.38 6.57
C1 NAG L . -45.29 -30.80 6.21
C2 NAG L . -46.58 -30.44 5.49
C3 NAG L . -47.78 -30.84 6.34
C4 NAG L . -47.70 -32.31 6.71
C5 NAG L . -46.36 -32.62 7.37
C6 NAG L . -46.15 -34.09 7.66
C7 NAG L . -46.37 -28.53 3.94
C8 NAG L . -46.06 -29.55 2.87
N2 NAG L . -46.61 -29.02 5.16
O3 NAG L . -48.97 -30.57 5.61
O4 NAG L . -48.76 -32.68 7.59
O5 NAG L . -45.28 -32.20 6.51
O6 NAG L . -47.24 -34.65 8.37
O7 NAG L . -46.40 -27.32 3.70
S SO4 M . 0.15 -15.80 24.67
O1 SO4 M . 1.43 -15.34 24.13
O2 SO4 M . -0.04 -15.28 26.03
O3 SO4 M . -0.93 -15.35 23.80
O4 SO4 M . 0.13 -17.26 24.74
S SO4 N . 15.06 28.29 46.02
O1 SO4 N . 15.74 29.57 46.11
O2 SO4 N . 14.65 27.84 47.35
O3 SO4 N . 13.88 28.42 45.18
O4 SO4 N . 15.97 27.29 45.44
S SO4 O . -1.96 37.74 19.77
O1 SO4 O . -2.62 38.76 20.59
O2 SO4 O . -1.01 37.01 20.60
O3 SO4 O . -1.24 38.40 18.67
O4 SO4 O . -2.96 36.83 19.23
C1 GOL P . -5.33 0.16 12.66
O1 GOL P . -5.12 -1.20 12.99
C2 GOL P . -5.81 0.26 11.22
O2 GOL P . -6.22 -1.01 10.76
C3 GOL P . -4.71 0.80 10.31
O3 GOL P . -4.57 2.18 10.53
CA CA Q . -18.52 10.86 24.59
CA CA R . -13.54 24.21 22.02
CA CA S . -8.64 33.10 30.23
CA CA T . -5.68 30.72 43.79
S SO4 U . -5.07 8.68 8.96
O1 SO4 U . -4.88 10.13 9.07
O2 SO4 U . -5.88 8.19 10.06
O3 SO4 U . -3.76 8.03 8.97
O4 SO4 U . -5.77 8.34 7.71
MN MN V . 19.65 -5.90 16.01
MN MN W . 21.06 -8.92 9.52
MN MN X . 17.46 -2.59 20.64
C1 NAG Y . 34.28 42.73 -11.20
C2 NAG Y . 35.47 41.82 -11.48
C3 NAG Y . 36.15 42.22 -12.78
C4 NAG Y . 35.15 42.28 -13.93
C5 NAG Y . 34.00 43.20 -13.56
C6 NAG Y . 32.91 43.23 -14.61
C7 NAG Y . 37.08 40.76 -9.96
C8 NAG Y . 38.02 40.96 -8.82
N2 NAG Y . 36.42 41.84 -10.38
O3 NAG Y . 37.18 41.29 -13.09
O4 NAG Y . 35.78 42.77 -15.10
O5 NAG Y . 33.39 42.76 -12.35
O6 NAG Y . 32.44 41.91 -14.91
O7 NAG Y . 36.93 39.66 -10.49
C01 MWX Z . 16.01 -8.37 18.26
C02 MWX Z . 17.19 -8.99 17.49
C03 MWX Z . 16.53 -10.18 16.97
C06 MWX Z . 15.16 -9.55 18.75
C07 MWX Z . 13.62 -9.19 18.84
C09 MWX Z . 11.59 -9.01 17.62
C10 MWX Z . 10.70 -9.62 18.51
C11 MWX Z . 9.31 -9.35 18.55
C12 MWX Z . 8.65 -8.43 17.71
C13 MWX Z . 9.57 -7.81 16.83
C14 MWX Z . 10.96 -8.08 16.77
C15 MWX Z . 7.17 -8.16 17.81
C16 MWX Z . 6.30 -8.88 18.66
C17 MWX Z . 4.92 -8.64 18.80
C18 MWX Z . 4.28 -7.64 18.08
C19 MWX Z . 5.12 -6.89 17.24
C20 MWX Z . 6.52 -7.13 17.10
C21 MWX Z . 2.81 -7.39 18.26
C24 MWX Z . 18.45 -9.34 18.19
C25 MWX Z . 19.56 -8.25 18.20
N05 MWX Z . 15.38 -10.52 17.69
N22 MWX Z . 2.26 -7.18 19.44
N23 MWX Z . 1.92 -7.33 17.17
O04 MWX Z . 16.93 -10.87 16.03
O08 MWX Z . 12.91 -9.28 17.60
O26 MWX Z . 20.60 -8.51 18.83
O27 MWX Z . 19.34 -7.20 17.57
CL CL AA . 37.27 17.81 1.45
S SO4 BA . -38.73 -16.09 -33.08
O1 SO4 BA . -39.93 -15.27 -33.18
O2 SO4 BA . -37.73 -15.37 -32.31
O3 SO4 BA . -38.22 -16.35 -34.43
O4 SO4 BA . -39.05 -17.36 -32.42
S SO4 CA . -15.15 10.42 -18.46
O1 SO4 CA . -14.00 9.65 -18.92
O2 SO4 CA . -14.71 11.41 -17.49
O3 SO4 CA . -16.12 9.51 -17.84
O4 SO4 CA . -15.76 11.08 -19.60
CL CL DA . -11.56 -29.87 -45.70
CA CA EA . -23.02 11.23 -38.30
CA CA FA . -32.50 -0.37 -37.19
CA CA GA . -33.00 -11.09 -44.55
CA CA HA . -23.39 -14.88 -54.02
S SO4 IA . -22.89 5.90 -18.17
O1 SO4 IA . -23.33 7.04 -17.36
O2 SO4 IA . -21.78 5.23 -17.49
O3 SO4 IA . -22.46 6.38 -19.49
O4 SO4 IA . -24.00 4.97 -18.34
CL CL JA . 9.91 -9.52 -30.58
MN MN KA . 3.08 -6.28 -9.30
MN MN LA . 4.15 -4.81 -1.33
MN MN MA . 1.65 -7.29 -15.18
C1 NAG NA . -40.47 -39.49 7.83
C2 NAG NA . -39.44 -39.88 8.92
C3 NAG NA . -40.12 -40.06 10.29
C4 NAG NA . -40.97 -38.84 10.63
C5 NAG NA . -41.96 -38.59 9.52
C6 NAG NA . -42.81 -37.36 9.74
C7 NAG NA . -37.43 -41.30 8.87
C8 NAG NA . -36.85 -42.61 8.41
N2 NAG NA . -38.71 -41.08 8.56
O3 NAG NA . -39.12 -40.24 11.29
O4 NAG NA . -41.66 -39.04 11.86
O5 NAG NA . -41.26 -38.37 8.29
O6 NAG NA . -42.12 -36.17 9.34
O7 NAG NA . -36.76 -40.50 9.51
C01 MWX OA . 4.25 -2.41 -12.52
C02 MWX OA . 4.79 -2.73 -11.12
C03 MWX OA . 5.04 -1.35 -10.64
C06 MWX OA . 4.80 -1.06 -12.96
C07 MWX OA . 3.76 -0.22 -13.81
C09 MWX OA . 2.00 1.41 -13.72
C10 MWX OA . 2.51 2.40 -14.57
C11 MWX OA . 1.70 3.34 -15.25
C12 MWX OA . 0.29 3.40 -15.14
C13 MWX OA . -0.19 2.39 -14.29
C14 MWX OA . 0.61 1.44 -13.59
C15 MWX OA . -0.57 4.41 -15.90
C16 MWX OA . -0.15 5.00 -17.11
C17 MWX OA . -0.89 5.92 -17.87
C18 MWX OA . -2.15 6.33 -17.47
C19 MWX OA . -2.61 5.76 -16.26
C20 MWX OA . -1.84 4.83 -15.50
C21 MWX OA . -2.92 7.32 -18.32
C24 MWX OA . 5.99 -3.61 -10.95
C25 MWX OA . 5.68 -5.16 -10.77
N05 MWX OA . 5.05 -0.41 -11.67
N22 MWX OA . -2.54 7.65 -19.53
N23 MWX OA . -4.09 7.94 -17.88
O04 MWX OA . 5.23 -1.03 -9.47
O08 MWX OA . 2.78 0.50 -13.06
O26 MWX OA . 6.65 -5.93 -10.76
O27 MWX OA . 4.49 -5.48 -10.67
CL CL PA . -13.62 -31.18 4.91
S SO4 QA . 3.69 -19.67 55.91
O1 SO4 QA . 4.29 -18.70 55.00
O2 SO4 QA . 4.26 -19.50 57.25
O3 SO4 QA . 2.25 -19.45 55.98
O4 SO4 QA . 3.95 -21.03 55.43
#